data_6VST
#
_entry.id   6VST
#
_cell.length_a   83.672
_cell.length_b   166.074
_cell.length_c   150.875
_cell.angle_alpha   90.000
_cell.angle_beta   94.500
_cell.angle_gamma   90.000
#
_symmetry.space_group_name_H-M   'P 1 21 1'
#
loop_
_entity.id
_entity.type
_entity.pdbx_description
1 polymer Arginase
2 non-polymer 'MANGANESE (II) ION'
3 non-polymer L-ornithine
4 water water
#
_entity_poly.entity_id   1
_entity_poly.type   'polypeptide(L)'
_entity_poly.pdbx_seq_one_letter_code
;SNAMSTIARRGFHYMQRLNSANVSPALLEKAQNRVIDAALTFIRERAKFKGELMRSLGGVAATSSLLGVPLGHHSSFHEG
SAFAPPRIREAIWCDSTNSTTEEGKNLRDPRVITNVGDVPIEEIRDCGVDDKRLANVISESVKLVMDEDPLRPLVLGGDH
SISFPVVRAVSEKLGGAVDILHFDAHPDLYHDFEGNYYSHASPFARIMEGGYARRLVQVGIRSITNDVREQVKKYGVETH
EMRTLSRDRPILENLKLGEGVKGVYVSIDVDSLDPSIAPGVSHHEPGGLLFRDILNILQNLQGDIVGGDVVEYNPQRDTY
DGITALVAAKLVRELAAKMSK
;
_entity_poly.pdbx_strand_id   A,B,C,D,E,F,G,H,I,J,K,L
#
# COMPACT_ATOMS: atom_id res chain seq x y z
N PRO A 25 21.27 -83.54 -33.78
CA PRO A 25 22.12 -83.97 -34.90
C PRO A 25 21.69 -83.35 -36.22
N ALA A 26 21.36 -84.21 -37.20
CA ALA A 26 20.76 -83.72 -38.44
C ALA A 26 19.34 -83.21 -38.19
N LEU A 27 18.67 -83.72 -37.15
CA LEU A 27 17.35 -83.22 -36.78
C LEU A 27 17.44 -81.82 -36.19
N LEU A 28 18.50 -81.55 -35.42
CA LEU A 28 18.63 -80.25 -34.79
C LEU A 28 18.71 -79.14 -35.82
N GLU A 29 19.41 -79.39 -36.93
CA GLU A 29 19.60 -78.31 -37.90
C GLU A 29 18.30 -78.02 -38.65
N LYS A 30 17.46 -79.02 -38.86
CA LYS A 30 16.17 -78.78 -39.49
C LYS A 30 15.27 -77.95 -38.60
N ALA A 31 15.36 -78.15 -37.29
CA ALA A 31 14.54 -77.37 -36.36
C ALA A 31 14.99 -75.91 -36.32
N GLN A 32 16.30 -75.67 -36.23
CA GLN A 32 16.81 -74.30 -36.32
C GLN A 32 16.39 -73.65 -37.64
N ASN A 33 16.41 -74.43 -38.73
CA ASN A 33 16.09 -73.88 -40.04
C ASN A 33 14.65 -73.42 -40.11
N ARG A 34 13.74 -74.10 -39.41
CA ARG A 34 12.34 -73.65 -39.38
C ARG A 34 12.20 -72.32 -38.63
N VAL A 35 12.95 -72.15 -37.54
CA VAL A 35 12.94 -70.87 -36.82
C VAL A 35 13.49 -69.77 -37.71
N ILE A 36 14.63 -70.04 -38.37
CA ILE A 36 15.26 -69.02 -39.20
C ILE A 36 14.36 -68.61 -40.36
N ASP A 37 13.76 -69.60 -41.04
CA ASP A 37 12.88 -69.31 -42.16
C ASP A 37 11.66 -68.50 -41.71
N ALA A 38 11.12 -68.80 -40.53
CA ALA A 38 10.03 -67.98 -40.01
C ALA A 38 10.48 -66.55 -39.72
N ALA A 39 11.68 -66.38 -39.17
CA ALA A 39 12.20 -65.02 -38.94
C ALA A 39 12.38 -64.28 -40.26
N LEU A 40 12.93 -64.96 -41.28
CA LEU A 40 13.13 -64.30 -42.57
C LEU A 40 11.80 -64.01 -43.25
N THR A 41 10.79 -64.86 -43.05
CA THR A 41 9.49 -64.58 -43.65
C THR A 41 8.85 -63.36 -43.00
N PHE A 42 9.02 -63.19 -41.69
CA PHE A 42 8.57 -61.96 -41.06
C PHE A 42 9.21 -60.74 -41.71
N ILE A 43 10.54 -60.74 -41.84
CA ILE A 43 11.20 -59.61 -42.49
C ILE A 43 10.67 -59.42 -43.91
N ARG A 44 10.55 -60.52 -44.66
CA ARG A 44 10.12 -60.43 -46.05
C ARG A 44 8.76 -59.76 -46.16
N GLU A 45 7.82 -60.11 -45.26
CA GLU A 45 6.49 -59.54 -45.38
C GLU A 45 6.48 -58.06 -45.02
N ARG A 46 7.35 -57.66 -44.08
CA ARG A 46 7.44 -56.25 -43.70
C ARG A 46 8.02 -55.43 -44.85
N ALA A 47 9.09 -55.93 -45.46
CA ALA A 47 9.65 -55.27 -46.62
C ALA A 47 8.67 -55.25 -47.78
N LYS A 48 7.95 -56.37 -47.98
CA LYS A 48 6.89 -56.43 -48.99
C LYS A 48 5.87 -55.31 -48.77
N PHE A 49 5.36 -55.18 -47.56
CA PHE A 49 4.47 -54.07 -47.21
C PHE A 49 5.08 -52.73 -47.57
N LYS A 50 6.26 -52.40 -47.03
CA LYS A 50 6.80 -51.06 -47.25
C LYS A 50 7.14 -50.85 -48.72
N GLY A 51 7.66 -51.87 -49.40
CA GLY A 51 7.89 -51.75 -50.84
C GLY A 51 6.63 -51.44 -51.62
N GLU A 52 5.55 -52.19 -51.36
CA GLU A 52 4.28 -51.90 -52.03
C GLU A 52 3.81 -50.47 -51.73
N LEU A 53 4.01 -50.01 -50.50
CA LEU A 53 3.53 -48.68 -50.12
C LEU A 53 4.23 -47.61 -50.95
N MET A 54 5.57 -47.67 -51.03
CA MET A 54 6.29 -46.67 -51.81
C MET A 54 5.87 -46.70 -53.27
N ARG A 55 5.78 -47.89 -53.87
CA ARG A 55 5.43 -47.97 -55.29
C ARG A 55 4.04 -47.42 -55.56
N SER A 56 3.11 -47.53 -54.59
CA SER A 56 1.77 -46.99 -54.83
C SER A 56 1.73 -45.48 -54.64
N LEU A 57 2.59 -44.93 -53.79
CA LEU A 57 2.68 -43.49 -53.64
C LEU A 57 3.30 -42.83 -54.88
N GLY A 58 4.31 -43.47 -55.47
CA GLY A 58 4.97 -42.93 -56.65
C GLY A 58 5.87 -41.75 -56.33
N GLY A 59 6.57 -41.23 -57.34
CA GLY A 59 7.45 -40.09 -57.11
C GLY A 59 8.57 -40.39 -56.15
N VAL A 60 9.21 -41.55 -56.31
CA VAL A 60 10.27 -41.96 -55.39
C VAL A 60 11.20 -42.90 -56.12
N ALA A 61 12.51 -42.66 -55.98
CA ALA A 61 13.54 -43.51 -56.56
C ALA A 61 14.29 -44.33 -55.54
N ALA A 62 14.26 -43.94 -54.26
CA ALA A 62 14.98 -44.64 -53.21
C ALA A 62 14.39 -44.24 -51.86
N THR A 63 14.13 -45.23 -51.01
CA THR A 63 13.58 -44.98 -49.68
C THR A 63 14.47 -45.67 -48.64
N SER A 64 15.04 -44.86 -47.73
CA SER A 64 15.83 -45.39 -46.62
C SER A 64 14.97 -46.22 -45.71
N SER A 65 15.33 -47.50 -45.54
CA SER A 65 14.51 -48.48 -44.85
C SER A 65 15.27 -49.04 -43.67
N LEU A 66 14.71 -48.88 -42.48
CA LEU A 66 15.45 -49.21 -41.28
C LEU A 66 15.31 -50.70 -41.00
N LEU A 67 16.45 -51.36 -40.85
CA LEU A 67 16.52 -52.76 -40.47
C LEU A 67 17.36 -52.85 -39.22
N GLY A 68 16.78 -53.30 -38.13
CA GLY A 68 17.53 -53.41 -36.89
C GLY A 68 18.30 -54.72 -36.85
N VAL A 69 19.56 -54.64 -36.38
CA VAL A 69 20.35 -55.84 -36.12
C VAL A 69 20.79 -55.78 -34.67
N PRO A 70 19.95 -56.25 -33.71
CA PRO A 70 20.26 -56.09 -32.28
C PRO A 70 21.27 -57.12 -31.79
N LEU A 71 22.52 -56.95 -32.22
CA LEU A 71 23.58 -57.90 -31.94
C LEU A 71 24.68 -57.18 -31.17
N GLY A 72 24.99 -57.68 -29.97
CA GLY A 72 26.09 -57.11 -29.22
C GLY A 72 27.16 -58.10 -28.83
N HIS A 73 27.03 -59.39 -29.17
CA HIS A 73 27.90 -60.38 -28.55
C HIS A 73 29.25 -60.55 -29.26
N HIS A 74 29.50 -59.84 -30.35
CA HIS A 74 30.83 -59.75 -30.93
C HIS A 74 31.61 -58.53 -30.42
N SER A 75 31.13 -57.88 -29.36
CA SER A 75 31.81 -56.74 -28.73
C SER A 75 32.91 -57.22 -27.79
N SER A 76 33.97 -56.43 -27.69
CA SER A 76 35.11 -56.79 -26.86
C SER A 76 35.05 -56.24 -25.43
N PHE A 77 34.08 -55.39 -25.07
CA PHE A 77 34.11 -54.75 -23.76
C PHE A 77 32.71 -54.72 -23.15
N HIS A 78 31.71 -54.27 -23.92
CA HIS A 78 30.34 -54.16 -23.42
C HIS A 78 29.37 -54.44 -24.57
N GLU A 79 28.31 -55.21 -24.28
CA GLU A 79 27.40 -55.70 -25.32
C GLU A 79 26.11 -54.87 -25.44
N GLY A 80 26.05 -53.70 -24.81
CA GLY A 80 24.80 -52.97 -24.67
C GLY A 80 24.21 -52.45 -25.97
N SER A 81 25.04 -52.29 -27.02
CA SER A 81 24.51 -51.83 -28.29
C SER A 81 23.49 -52.80 -28.87
N ALA A 82 23.41 -54.02 -28.33
CA ALA A 82 22.36 -54.95 -28.72
C ALA A 82 20.96 -54.36 -28.51
N PHE A 83 20.81 -53.42 -27.57
CA PHE A 83 19.51 -52.84 -27.26
C PHE A 83 19.23 -51.54 -28.00
N ALA A 84 20.12 -51.13 -28.90
CA ALA A 84 20.01 -49.79 -29.51
C ALA A 84 18.84 -49.63 -30.48
N PRO A 85 18.58 -50.53 -31.43
CA PRO A 85 17.66 -50.20 -32.55
C PRO A 85 16.34 -49.61 -32.08
N PRO A 86 15.61 -50.23 -31.14
CA PRO A 86 14.32 -49.65 -30.75
C PRO A 86 14.46 -48.28 -30.07
N ARG A 87 15.54 -48.06 -29.32
CA ARG A 87 15.76 -46.76 -28.70
C ARG A 87 15.97 -45.68 -29.75
N ILE A 88 16.75 -46.01 -30.80
CA ILE A 88 17.00 -45.07 -31.88
C ILE A 88 15.70 -44.73 -32.61
N ARG A 89 14.92 -45.76 -32.96
CA ARG A 89 13.66 -45.50 -33.67
C ARG A 89 12.76 -44.60 -32.84
N GLU A 90 12.67 -44.86 -31.53
CA GLU A 90 11.85 -43.99 -30.69
C GLU A 90 12.34 -42.55 -30.75
N ALA A 91 13.67 -42.34 -30.77
CA ALA A 91 14.19 -40.97 -30.76
C ALA A 91 14.04 -40.28 -32.11
N ILE A 92 13.91 -41.04 -33.21
CA ILE A 92 13.65 -40.43 -34.50
C ILE A 92 12.28 -39.77 -34.51
N TRP A 93 11.25 -40.50 -34.09
CA TRP A 93 9.86 -40.08 -34.20
C TRP A 93 9.25 -39.71 -32.87
N CYS A 94 9.97 -39.00 -32.00
CA CYS A 94 9.57 -38.86 -30.61
C CYS A 94 8.97 -37.48 -30.30
N ASP A 95 8.88 -37.17 -29.02
CA ASP A 95 8.26 -35.96 -28.50
C ASP A 95 9.31 -34.88 -28.24
N SER A 96 8.88 -33.63 -28.42
CA SER A 96 9.74 -32.45 -28.32
C SER A 96 10.87 -32.45 -29.35
N THR A 97 10.71 -33.22 -30.43
CA THR A 97 11.60 -33.17 -31.58
C THR A 97 10.75 -33.11 -32.84
N ASN A 98 10.97 -32.07 -33.65
CA ASN A 98 10.27 -31.91 -34.91
C ASN A 98 10.74 -32.97 -35.91
N SER A 99 10.18 -32.88 -37.11
CA SER A 99 10.18 -33.96 -38.08
C SER A 99 10.74 -33.54 -39.43
N THR A 100 11.62 -32.55 -39.44
CA THR A 100 12.28 -32.07 -40.65
C THR A 100 13.78 -32.22 -40.50
N THR A 101 14.45 -32.73 -41.54
CA THR A 101 15.91 -32.81 -41.52
C THR A 101 16.54 -31.46 -41.87
N GLU A 102 17.86 -31.38 -41.67
CA GLU A 102 18.56 -30.10 -41.73
C GLU A 102 18.36 -29.41 -43.07
N GLU A 103 18.48 -30.16 -44.17
CA GLU A 103 18.36 -29.57 -45.49
C GLU A 103 16.95 -29.66 -46.05
N GLY A 104 15.98 -30.10 -45.25
CA GLY A 104 14.58 -29.83 -45.55
C GLY A 104 13.67 -31.01 -45.87
N LYS A 105 14.08 -32.25 -45.61
CA LYS A 105 13.24 -33.38 -45.98
C LYS A 105 12.26 -33.72 -44.85
N ASN A 106 11.09 -34.25 -45.26
CA ASN A 106 9.97 -34.50 -44.35
C ASN A 106 10.02 -35.95 -43.87
N LEU A 107 10.30 -36.15 -42.58
CA LEU A 107 10.41 -37.49 -42.05
C LEU A 107 9.07 -38.18 -41.85
N ARG A 108 7.96 -37.45 -41.97
CA ARG A 108 6.65 -38.08 -41.93
C ARG A 108 6.26 -38.66 -43.28
N ASP A 109 6.98 -38.30 -44.33
CA ASP A 109 6.84 -38.85 -45.67
C ASP A 109 7.50 -40.23 -45.69
N PRO A 110 6.69 -41.29 -45.81
CA PRO A 110 7.28 -42.65 -45.84
C PRO A 110 8.33 -42.83 -46.92
N ARG A 111 8.29 -42.02 -47.98
CA ARG A 111 9.28 -42.15 -49.03
C ARG A 111 10.65 -41.67 -48.59
N VAL A 112 10.72 -40.92 -47.49
CA VAL A 112 11.99 -40.42 -46.99
C VAL A 112 12.63 -41.40 -46.01
N ILE A 113 11.82 -42.01 -45.15
CA ILE A 113 12.32 -43.00 -44.20
C ILE A 113 11.17 -43.89 -43.79
N THR A 114 11.46 -45.17 -43.54
CA THR A 114 10.43 -46.09 -43.09
C THR A 114 11.11 -47.21 -42.31
N ASN A 115 10.37 -47.82 -41.39
CA ASN A 115 10.88 -48.93 -40.60
C ASN A 115 10.50 -50.27 -41.22
N VAL A 116 11.48 -51.17 -41.35
CA VAL A 116 11.16 -52.54 -41.75
C VAL A 116 10.94 -53.37 -40.50
N GLY A 117 11.96 -53.49 -39.66
CA GLY A 117 11.86 -54.24 -38.42
C GLY A 117 13.24 -54.72 -37.98
N ASP A 118 13.25 -55.59 -36.98
CA ASP A 118 14.48 -56.10 -36.38
C ASP A 118 14.69 -57.58 -36.70
N VAL A 119 15.91 -57.93 -37.08
CA VAL A 119 16.28 -59.36 -37.13
C VAL A 119 16.22 -59.93 -35.72
N PRO A 120 15.52 -61.04 -35.48
CA PRO A 120 15.47 -61.52 -34.08
C PRO A 120 16.72 -62.32 -33.70
N ILE A 121 17.80 -61.58 -33.46
CA ILE A 121 19.10 -62.16 -33.15
C ILE A 121 19.00 -63.06 -31.92
N GLU A 122 18.40 -62.56 -30.85
CA GLU A 122 18.36 -63.30 -29.60
C GLU A 122 17.71 -64.67 -29.78
N GLU A 123 16.54 -64.71 -30.43
CA GLU A 123 15.82 -65.98 -30.58
C GLU A 123 16.59 -66.94 -31.46
N ILE A 124 17.24 -66.45 -32.52
CA ILE A 124 17.99 -67.34 -33.40
C ILE A 124 19.18 -67.92 -32.67
N ARG A 125 19.88 -67.07 -31.90
CA ARG A 125 21.01 -67.50 -31.07
C ARG A 125 20.59 -68.57 -30.08
N ASP A 126 19.46 -68.35 -29.42
CA ASP A 126 18.88 -69.28 -28.46
C ASP A 126 18.50 -70.62 -29.07
N CYS A 127 18.59 -70.77 -30.39
CA CYS A 127 18.37 -72.07 -31.03
C CYS A 127 19.66 -72.86 -31.21
N GLY A 128 20.79 -72.33 -30.74
CA GLY A 128 22.07 -72.98 -30.94
C GLY A 128 22.72 -72.69 -32.26
N VAL A 129 22.21 -71.72 -33.02
CA VAL A 129 22.77 -71.40 -34.33
C VAL A 129 24.14 -70.75 -34.15
N ASP A 130 25.10 -71.17 -34.98
CA ASP A 130 26.46 -70.67 -34.84
C ASP A 130 26.61 -69.30 -35.51
N ASP A 131 27.79 -68.71 -35.34
CA ASP A 131 27.99 -67.32 -35.74
C ASP A 131 28.03 -67.14 -37.25
N LYS A 132 28.52 -68.15 -37.98
CA LYS A 132 28.55 -68.09 -39.44
C LYS A 132 27.13 -68.07 -39.99
N ARG A 133 26.29 -68.96 -39.48
CA ARG A 133 24.88 -68.99 -39.90
C ARG A 133 24.14 -67.72 -39.48
N LEU A 134 24.41 -67.22 -38.27
CA LEU A 134 23.78 -65.97 -37.85
C LEU A 134 24.15 -64.82 -38.77
N ALA A 135 25.44 -64.70 -39.14
CA ALA A 135 25.85 -63.68 -40.10
C ALA A 135 25.14 -63.88 -41.43
N ASN A 136 24.92 -65.15 -41.84
CA ASN A 136 24.18 -65.39 -43.08
C ASN A 136 22.74 -64.89 -42.98
N VAL A 137 22.09 -65.12 -41.85
CA VAL A 137 20.74 -64.57 -41.65
C VAL A 137 20.74 -63.05 -41.83
N ILE A 138 21.77 -62.38 -41.30
CA ILE A 138 21.85 -60.92 -41.42
C ILE A 138 21.97 -60.50 -42.88
N SER A 139 22.83 -61.18 -43.64
CA SER A 139 22.97 -60.88 -45.06
C SER A 139 21.65 -61.08 -45.80
N GLU A 140 20.96 -62.18 -45.52
CA GLU A 140 19.73 -62.46 -46.25
C GLU A 140 18.63 -61.47 -45.89
N SER A 141 18.61 -61.00 -44.64
CA SER A 141 17.64 -59.98 -44.25
C SER A 141 17.87 -58.70 -45.04
N VAL A 142 19.13 -58.29 -45.17
CA VAL A 142 19.45 -57.12 -45.97
C VAL A 142 18.96 -57.31 -47.40
N LYS A 143 19.17 -58.51 -47.96
CA LYS A 143 18.79 -58.75 -49.35
C LYS A 143 17.28 -58.77 -49.52
N LEU A 144 16.52 -59.24 -48.53
CA LEU A 144 15.06 -59.13 -48.62
C LEU A 144 14.62 -57.68 -48.74
N VAL A 145 15.29 -56.77 -48.02
CA VAL A 145 14.99 -55.35 -48.14
C VAL A 145 15.30 -54.86 -49.54
N MET A 146 16.52 -55.15 -50.02
CA MET A 146 16.94 -54.69 -51.34
C MET A 146 16.04 -55.23 -52.43
N ASP A 147 15.44 -56.40 -52.20
CA ASP A 147 14.56 -57.03 -53.19
C ASP A 147 13.31 -56.21 -53.45
N GLU A 148 12.88 -55.38 -52.51
CA GLU A 148 11.61 -54.67 -52.62
C GLU A 148 11.89 -53.24 -53.04
N ASP A 149 12.02 -53.03 -54.34
CA ASP A 149 12.25 -51.68 -54.85
C ASP A 149 11.11 -50.77 -54.42
N PRO A 150 11.39 -49.51 -54.04
CA PRO A 150 12.68 -48.83 -54.05
C PRO A 150 13.44 -48.76 -52.71
N LEU A 151 13.21 -49.71 -51.81
CA LEU A 151 13.82 -49.60 -50.49
C LEU A 151 15.34 -49.78 -50.60
N ARG A 152 16.08 -49.00 -49.79
CA ARG A 152 17.51 -49.22 -49.63
C ARG A 152 17.81 -49.36 -48.14
N PRO A 153 18.72 -50.27 -47.78
CA PRO A 153 18.87 -50.67 -46.38
C PRO A 153 19.65 -49.63 -45.58
N LEU A 154 19.07 -49.20 -44.47
CA LEU A 154 19.76 -48.37 -43.49
C LEU A 154 19.72 -49.17 -42.19
N VAL A 155 20.85 -49.79 -41.85
CA VAL A 155 20.89 -50.77 -40.77
C VAL A 155 21.18 -50.06 -39.45
N LEU A 156 20.44 -50.43 -38.40
CA LEU A 156 20.68 -49.95 -37.06
C LEU A 156 21.36 -51.06 -36.28
N GLY A 157 22.63 -50.81 -35.85
CA GLY A 157 23.27 -51.69 -34.88
C GLY A 157 22.78 -51.44 -33.46
N GLY A 158 23.25 -52.27 -32.52
CA GLY A 158 24.16 -53.38 -32.75
C GLY A 158 25.63 -52.96 -32.82
N ASP A 159 26.55 -53.87 -32.56
CA ASP A 159 27.97 -53.49 -32.59
C ASP A 159 28.45 -53.51 -34.04
N HIS A 160 29.69 -53.05 -34.23
CA HIS A 160 30.13 -52.79 -35.60
C HIS A 160 30.39 -54.07 -36.41
N SER A 161 30.39 -55.25 -35.79
CA SER A 161 30.58 -56.50 -36.54
C SER A 161 29.53 -56.66 -37.64
N ILE A 162 28.36 -56.05 -37.48
CA ILE A 162 27.31 -56.26 -38.47
C ILE A 162 27.62 -55.60 -39.79
N SER A 163 28.56 -54.66 -39.85
CA SER A 163 28.82 -54.04 -41.15
C SER A 163 29.34 -55.07 -42.16
N PHE A 164 30.01 -56.14 -41.71
CA PHE A 164 30.52 -57.13 -42.66
C PHE A 164 29.38 -57.85 -43.36
N PRO A 165 28.48 -58.55 -42.66
CA PRO A 165 27.42 -59.25 -43.39
C PRO A 165 26.51 -58.32 -44.16
N VAL A 166 26.34 -57.07 -43.70
CA VAL A 166 25.50 -56.11 -44.44
C VAL A 166 26.18 -55.72 -45.75
N VAL A 167 27.43 -55.25 -45.67
CA VAL A 167 28.13 -54.83 -46.88
C VAL A 167 28.32 -56.00 -47.86
N ARG A 168 28.57 -57.20 -47.31
CA ARG A 168 28.66 -58.38 -48.18
C ARG A 168 27.36 -58.58 -48.96
N ALA A 169 26.21 -58.47 -48.28
CA ALA A 169 24.92 -58.60 -48.94
C ALA A 169 24.71 -57.52 -49.99
N VAL A 170 24.95 -56.24 -49.63
CA VAL A 170 24.79 -55.13 -50.58
C VAL A 170 25.63 -55.38 -51.83
N SER A 171 26.90 -55.74 -51.63
CA SER A 171 27.81 -55.93 -52.76
C SER A 171 27.43 -57.16 -53.59
N GLU A 172 27.12 -58.28 -52.93
CA GLU A 172 26.69 -59.47 -53.66
C GLU A 172 25.41 -59.19 -54.45
N LYS A 173 24.48 -58.45 -53.86
CA LYS A 173 23.20 -58.21 -54.50
C LYS A 173 23.35 -57.27 -55.69
N LEU A 174 24.20 -56.26 -55.57
CA LEU A 174 24.46 -55.33 -56.67
C LEU A 174 25.44 -55.88 -57.69
N GLY A 175 26.08 -57.02 -57.41
CA GLY A 175 27.03 -57.60 -58.34
C GLY A 175 28.31 -56.81 -58.53
N GLY A 176 28.81 -56.18 -57.49
CA GLY A 176 30.07 -55.47 -57.64
C GLY A 176 30.44 -54.75 -56.36
N ALA A 177 31.56 -54.04 -56.44
CA ALA A 177 32.14 -53.35 -55.30
C ALA A 177 31.42 -52.04 -55.01
N VAL A 178 31.57 -51.57 -53.78
CA VAL A 178 31.10 -50.25 -53.36
C VAL A 178 32.28 -49.47 -52.80
N ASP A 179 32.23 -48.15 -52.91
CA ASP A 179 33.11 -47.28 -52.12
C ASP A 179 32.48 -47.08 -50.76
N ILE A 180 33.31 -47.02 -49.71
CA ILE A 180 32.81 -46.93 -48.34
C ILE A 180 33.32 -45.65 -47.68
N LEU A 181 32.38 -44.89 -47.10
CA LEU A 181 32.69 -43.82 -46.17
C LEU A 181 32.42 -44.31 -44.76
N HIS A 182 33.44 -44.27 -43.90
CA HIS A 182 33.42 -44.94 -42.61
C HIS A 182 33.85 -43.94 -41.53
N PHE A 183 32.93 -43.61 -40.62
CA PHE A 183 33.21 -42.74 -39.48
C PHE A 183 33.45 -43.59 -38.25
N ASP A 184 34.59 -43.37 -37.59
CA ASP A 184 34.94 -44.26 -36.50
C ASP A 184 36.13 -43.68 -35.74
N ALA A 185 36.18 -43.93 -34.42
CA ALA A 185 37.41 -43.72 -33.67
C ALA A 185 38.46 -44.79 -33.97
N HIS A 186 38.02 -45.95 -34.50
CA HIS A 186 38.81 -47.16 -34.69
C HIS A 186 38.75 -47.63 -36.13
N PRO A 187 39.90 -48.04 -36.71
CA PRO A 187 39.88 -48.54 -38.09
C PRO A 187 39.09 -49.82 -38.27
N ASP A 188 38.90 -50.62 -37.19
CA ASP A 188 38.17 -51.89 -37.25
C ASP A 188 38.74 -52.82 -38.33
N LEU A 189 40.07 -52.85 -38.43
CA LEU A 189 40.75 -53.58 -39.50
C LEU A 189 41.68 -54.66 -38.97
N TYR A 190 41.51 -55.10 -37.73
CA TYR A 190 42.32 -56.19 -37.21
C TYR A 190 42.08 -57.45 -38.03
N HIS A 191 43.15 -58.08 -38.52
CA HIS A 191 42.98 -59.38 -39.14
C HIS A 191 42.47 -60.40 -38.13
N ASP A 192 42.97 -60.33 -36.90
CA ASP A 192 42.64 -61.31 -35.86
C ASP A 192 42.54 -60.55 -34.54
N PHE A 193 41.31 -60.29 -34.07
CA PHE A 193 41.11 -59.67 -32.77
C PHE A 193 40.65 -60.74 -31.77
N GLU A 194 41.56 -61.14 -30.88
CA GLU A 194 41.27 -62.06 -29.78
C GLU A 194 40.63 -63.36 -30.27
N GLY A 195 41.05 -63.84 -31.45
CA GLY A 195 40.57 -65.09 -31.98
C GLY A 195 39.13 -65.13 -32.48
N ASN A 196 38.42 -64.00 -32.52
CA ASN A 196 37.04 -63.96 -32.99
C ASN A 196 37.00 -63.35 -34.39
N TYR A 197 36.77 -64.20 -35.39
CA TYR A 197 36.68 -63.77 -36.78
C TYR A 197 35.57 -62.73 -36.98
N TYR A 198 34.49 -62.82 -36.19
CA TYR A 198 33.39 -61.87 -36.28
C TYR A 198 33.50 -60.70 -35.28
N SER A 199 34.67 -60.47 -34.68
CA SER A 199 34.86 -59.34 -33.76
C SER A 199 34.39 -58.03 -34.36
N HIS A 200 33.78 -57.18 -33.52
CA HIS A 200 33.42 -55.84 -33.96
C HIS A 200 34.64 -54.98 -34.29
N ALA A 201 35.83 -55.45 -33.95
CA ALA A 201 37.07 -54.77 -34.28
C ALA A 201 37.65 -55.24 -35.61
N SER A 202 36.95 -56.13 -36.32
CA SER A 202 37.43 -56.67 -37.59
C SER A 202 36.53 -56.56 -38.82
N PRO A 203 35.32 -55.98 -38.77
CA PRO A 203 34.45 -56.09 -39.97
C PRO A 203 35.06 -55.49 -41.23
N PHE A 204 35.93 -54.48 -41.10
CA PHE A 204 36.46 -53.92 -42.33
C PHE A 204 37.67 -54.71 -42.83
N ALA A 205 38.33 -55.47 -41.96
CA ALA A 205 39.20 -56.54 -42.43
C ALA A 205 38.41 -57.55 -43.25
N ARG A 206 37.26 -58.00 -42.73
CA ARG A 206 36.44 -58.97 -43.45
C ARG A 206 35.94 -58.40 -44.78
N ILE A 207 35.54 -57.13 -44.77
CA ILE A 207 35.07 -56.48 -45.99
C ILE A 207 36.18 -56.39 -47.03
N MET A 208 37.37 -55.95 -46.62
CA MET A 208 38.46 -55.81 -47.58
C MET A 208 38.88 -57.18 -48.11
N GLU A 209 38.95 -58.18 -47.23
CA GLU A 209 39.28 -59.54 -47.64
C GLU A 209 38.27 -60.07 -48.66
N GLY A 210 36.99 -59.76 -48.45
CA GLY A 210 35.94 -60.28 -49.30
C GLY A 210 35.82 -59.63 -50.65
N GLY A 211 36.58 -58.57 -50.92
CA GLY A 211 36.50 -57.90 -52.20
C GLY A 211 35.22 -57.15 -52.44
N TYR A 212 34.51 -56.77 -51.38
CA TYR A 212 33.25 -56.06 -51.52
C TYR A 212 33.42 -54.55 -51.68
N ALA A 213 34.60 -54.02 -51.42
CA ALA A 213 34.84 -52.59 -51.39
C ALA A 213 36.01 -52.24 -52.29
N ARG A 214 35.89 -51.09 -52.97
CA ARG A 214 37.04 -50.52 -53.67
C ARG A 214 37.74 -49.54 -52.72
N ARG A 215 37.24 -48.31 -52.60
CA ARG A 215 37.80 -47.34 -51.67
C ARG A 215 37.18 -47.49 -50.29
N LEU A 216 38.00 -47.24 -49.27
CA LEU A 216 37.54 -47.18 -47.88
C LEU A 216 38.11 -45.90 -47.28
N VAL A 217 37.23 -44.93 -47.06
CA VAL A 217 37.61 -43.62 -46.51
C VAL A 217 37.15 -43.60 -45.07
N GLN A 218 38.12 -43.58 -44.14
CA GLN A 218 37.86 -43.58 -42.71
C GLN A 218 38.14 -42.20 -42.12
N VAL A 219 37.24 -41.75 -41.26
CA VAL A 219 37.26 -40.39 -40.70
C VAL A 219 36.99 -40.48 -39.21
N GLY A 220 37.79 -39.77 -38.41
CA GLY A 220 37.68 -39.75 -36.97
C GLY A 220 38.69 -40.61 -36.24
N ILE A 221 39.65 -41.20 -36.94
CA ILE A 221 40.48 -42.23 -36.34
C ILE A 221 41.45 -41.62 -35.34
N ARG A 222 41.47 -42.20 -34.13
CA ARG A 222 42.40 -41.75 -33.11
C ARG A 222 42.86 -42.89 -32.22
N SER A 223 42.53 -44.13 -32.58
CA SER A 223 42.99 -45.31 -31.85
C SER A 223 43.34 -46.38 -32.88
N ILE A 224 44.63 -46.60 -33.13
CA ILE A 224 45.09 -47.47 -34.23
C ILE A 224 46.45 -48.08 -33.83
N THR A 225 46.55 -49.40 -33.90
CA THR A 225 47.81 -50.06 -33.58
C THR A 225 48.71 -50.11 -34.82
N ASN A 226 49.99 -50.41 -34.60
CA ASN A 226 50.93 -50.42 -35.72
C ASN A 226 50.68 -51.60 -36.65
N ASP A 227 50.21 -52.73 -36.12
CA ASP A 227 49.77 -53.82 -37.00
C ASP A 227 48.63 -53.37 -37.90
N VAL A 228 47.71 -52.55 -37.39
CA VAL A 228 46.59 -52.13 -38.23
C VAL A 228 47.05 -51.08 -39.24
N ARG A 229 48.04 -50.25 -38.89
CA ARG A 229 48.59 -49.35 -39.89
C ARG A 229 49.12 -50.13 -41.09
N GLU A 230 49.63 -51.34 -40.87
CA GLU A 230 50.07 -52.18 -41.98
C GLU A 230 48.88 -52.65 -42.83
N GLN A 231 47.76 -52.99 -42.18
CA GLN A 231 46.54 -53.33 -42.90
C GLN A 231 46.09 -52.19 -43.80
N VAL A 232 46.01 -50.97 -43.23
CA VAL A 232 45.65 -49.77 -43.98
C VAL A 232 46.53 -49.63 -45.23
N LYS A 233 47.85 -49.69 -45.04
CA LYS A 233 48.77 -49.58 -46.17
C LYS A 233 48.53 -50.69 -47.18
N LYS A 234 48.39 -51.93 -46.70
CA LYS A 234 48.33 -53.07 -47.61
C LYS A 234 47.13 -52.98 -48.53
N TYR A 235 45.95 -52.65 -47.98
CA TYR A 235 44.73 -52.56 -48.76
C TYR A 235 44.49 -51.19 -49.38
N GLY A 236 45.42 -50.25 -49.24
CA GLY A 236 45.18 -48.93 -49.78
C GLY A 236 44.02 -48.19 -49.15
N VAL A 237 43.81 -48.37 -47.86
CA VAL A 237 42.74 -47.70 -47.13
C VAL A 237 43.10 -46.23 -46.94
N GLU A 238 42.12 -45.33 -47.06
CA GLU A 238 42.35 -43.90 -46.85
C GLU A 238 41.92 -43.55 -45.42
N THR A 239 42.88 -43.62 -44.50
CA THR A 239 42.62 -43.51 -43.07
C THR A 239 43.01 -42.11 -42.60
N HIS A 240 42.00 -41.30 -42.26
CA HIS A 240 42.21 -39.92 -41.84
C HIS A 240 42.13 -39.86 -40.31
N GLU A 241 43.24 -39.48 -39.69
CA GLU A 241 43.35 -39.42 -38.25
C GLU A 241 42.99 -38.03 -37.73
N MET A 242 42.51 -37.98 -36.48
CA MET A 242 42.10 -36.70 -35.90
C MET A 242 43.25 -35.70 -35.88
N ARG A 243 44.48 -36.18 -35.66
CA ARG A 243 45.61 -35.25 -35.58
C ARG A 243 45.88 -34.50 -36.88
N THR A 244 45.32 -34.93 -38.01
CA THR A 244 45.47 -34.16 -39.25
C THR A 244 44.13 -33.64 -39.79
N LEU A 245 43.10 -33.60 -38.95
CA LEU A 245 41.75 -33.27 -39.41
C LEU A 245 41.68 -31.88 -40.03
N SER A 246 42.33 -30.89 -39.41
CA SER A 246 42.20 -29.50 -39.88
C SER A 246 42.71 -29.36 -41.31
N ARG A 247 43.87 -29.93 -41.62
CA ARG A 247 44.39 -29.80 -42.97
C ARG A 247 43.70 -30.76 -43.94
N ASP A 248 43.03 -31.81 -43.46
CA ASP A 248 42.28 -32.71 -44.32
C ASP A 248 40.87 -32.21 -44.63
N ARG A 249 40.42 -31.17 -43.93
CA ARG A 249 39.03 -30.74 -44.02
C ARG A 249 38.58 -30.37 -45.42
N PRO A 250 39.37 -29.64 -46.25
CA PRO A 250 38.91 -29.38 -47.63
C PRO A 250 38.66 -30.64 -48.45
N ILE A 251 39.59 -31.60 -48.40
CA ILE A 251 39.43 -32.84 -49.14
C ILE A 251 38.20 -33.60 -48.64
N LEU A 252 38.00 -33.64 -47.32
CA LEU A 252 36.96 -34.47 -46.75
C LEU A 252 35.56 -33.92 -46.98
N GLU A 253 35.43 -32.61 -47.18
CA GLU A 253 34.12 -32.00 -47.34
C GLU A 253 33.74 -31.83 -48.80
N ASN A 254 34.45 -32.51 -49.70
CA ASN A 254 34.11 -32.57 -51.12
C ASN A 254 34.35 -33.96 -51.66
N LEU A 255 33.87 -34.97 -50.93
CA LEU A 255 34.08 -36.35 -51.35
C LEU A 255 33.21 -36.68 -52.54
N LYS A 256 33.77 -37.43 -53.48
CA LYS A 256 33.05 -37.99 -54.62
C LYS A 256 33.40 -39.47 -54.68
N LEU A 257 32.45 -40.32 -54.30
CA LEU A 257 32.65 -41.75 -54.21
C LEU A 257 31.72 -42.49 -55.17
N GLY A 258 32.09 -43.72 -55.52
CA GLY A 258 31.21 -44.62 -56.25
C GLY A 258 31.34 -44.61 -57.76
N GLU A 259 32.03 -43.64 -58.34
CA GLU A 259 32.12 -43.52 -59.78
C GLU A 259 32.89 -44.72 -60.35
N GLY A 260 32.20 -45.56 -61.12
CA GLY A 260 32.81 -46.71 -61.75
C GLY A 260 32.55 -48.03 -61.05
N VAL A 261 31.98 -48.02 -59.84
CA VAL A 261 31.60 -49.23 -59.15
C VAL A 261 30.09 -49.18 -58.90
N LYS A 262 29.58 -49.95 -57.94
CA LYS A 262 28.14 -50.10 -57.84
C LYS A 262 27.46 -49.08 -56.91
N GLY A 263 28.20 -48.30 -56.16
CA GLY A 263 27.61 -47.26 -55.35
C GLY A 263 28.46 -46.98 -54.14
N VAL A 264 27.86 -46.29 -53.17
CA VAL A 264 28.53 -45.87 -51.95
C VAL A 264 27.77 -46.44 -50.75
N TYR A 265 28.50 -46.90 -49.74
CA TYR A 265 27.97 -47.36 -48.46
C TYR A 265 28.57 -46.49 -47.36
N VAL A 266 27.73 -46.05 -46.42
CA VAL A 266 28.15 -45.13 -45.35
C VAL A 266 27.98 -45.83 -44.01
N SER A 267 29.07 -46.10 -43.31
CA SER A 267 29.03 -46.73 -41.99
C SER A 267 29.39 -45.69 -40.93
N ILE A 268 28.47 -45.44 -40.00
CA ILE A 268 28.64 -44.41 -38.98
C ILE A 268 28.72 -45.10 -37.63
N ASP A 269 29.92 -45.15 -37.04
CA ASP A 269 30.09 -45.63 -35.69
C ASP A 269 29.93 -44.45 -34.74
N VAL A 270 28.96 -44.52 -33.82
CA VAL A 270 28.69 -43.39 -32.94
C VAL A 270 29.92 -43.04 -32.10
N ASP A 271 30.85 -43.97 -31.86
CA ASP A 271 32.01 -43.58 -31.06
C ASP A 271 33.03 -42.75 -31.85
N SER A 272 32.77 -42.45 -33.12
CA SER A 272 33.58 -41.45 -33.81
C SER A 272 33.41 -40.08 -33.18
N LEU A 273 32.23 -39.79 -32.63
CA LEU A 273 32.01 -38.54 -31.94
C LEU A 273 32.73 -38.53 -30.60
N ASP A 274 33.17 -37.33 -30.19
CA ASP A 274 33.80 -37.20 -28.88
C ASP A 274 32.88 -37.75 -27.79
N PRO A 275 33.42 -38.47 -26.81
CA PRO A 275 32.56 -39.04 -25.75
C PRO A 275 31.82 -37.98 -24.95
N SER A 276 32.24 -36.72 -24.97
CA SER A 276 31.44 -35.70 -24.33
C SER A 276 30.11 -35.50 -25.03
N ILE A 277 30.02 -35.82 -26.32
CA ILE A 277 28.82 -35.56 -27.10
C ILE A 277 28.04 -36.87 -27.25
N ALA A 278 28.76 -37.98 -27.31
CA ALA A 278 28.18 -39.30 -27.49
C ALA A 278 28.69 -40.23 -26.39
N PRO A 279 28.23 -40.01 -25.14
CA PRO A 279 28.70 -40.88 -24.05
C PRO A 279 28.13 -42.29 -24.12
N GLY A 280 27.02 -42.52 -24.84
CA GLY A 280 26.40 -43.82 -24.87
C GLY A 280 27.03 -44.75 -25.89
N VAL A 281 28.28 -45.14 -25.64
CA VAL A 281 29.02 -46.05 -26.50
C VAL A 281 29.90 -46.90 -25.59
N SER A 282 30.37 -48.04 -26.11
CA SER A 282 31.22 -48.91 -25.31
C SER A 282 32.66 -48.43 -25.23
N HIS A 283 33.18 -47.80 -26.28
CA HIS A 283 34.59 -47.41 -26.35
C HIS A 283 34.74 -45.89 -26.36
N HIS A 284 34.90 -45.32 -25.18
CA HIS A 284 35.21 -43.90 -25.03
C HIS A 284 36.62 -43.61 -25.50
N GLU A 285 36.76 -42.74 -26.49
CA GLU A 285 38.07 -42.33 -26.96
C GLU A 285 38.11 -40.79 -27.03
N PRO A 286 38.70 -40.13 -26.03
CA PRO A 286 38.66 -38.65 -25.99
C PRO A 286 39.34 -38.02 -27.20
N GLY A 287 38.85 -36.85 -27.58
CA GLY A 287 39.35 -36.11 -28.73
C GLY A 287 38.69 -36.52 -30.05
N GLY A 288 37.36 -36.65 -30.07
CA GLY A 288 36.66 -37.13 -31.23
C GLY A 288 36.17 -36.04 -32.16
N LEU A 289 35.31 -36.44 -33.10
CA LEU A 289 34.67 -35.52 -34.04
C LEU A 289 33.59 -34.68 -33.36
N LEU A 290 33.34 -33.51 -33.95
CA LEU A 290 32.14 -32.77 -33.60
C LEU A 290 31.00 -33.20 -34.50
N PHE A 291 29.77 -33.05 -33.98
CA PHE A 291 28.58 -33.40 -34.75
C PHE A 291 28.61 -32.73 -36.13
N ARG A 292 29.12 -31.50 -36.19
CA ARG A 292 29.16 -30.76 -37.45
C ARG A 292 30.18 -31.33 -38.43
N ASP A 293 31.25 -31.93 -37.92
CA ASP A 293 32.25 -32.55 -38.79
C ASP A 293 31.62 -33.64 -39.64
N ILE A 294 30.86 -34.53 -39.01
CA ILE A 294 30.21 -35.62 -39.74
C ILE A 294 29.20 -35.07 -40.73
N LEU A 295 28.38 -34.12 -40.29
CA LEU A 295 27.31 -33.61 -41.14
C LEU A 295 27.85 -32.84 -42.33
N ASN A 296 28.93 -32.08 -42.14
CA ASN A 296 29.55 -31.39 -43.27
C ASN A 296 30.01 -32.39 -44.33
N ILE A 297 30.72 -33.43 -43.91
CA ILE A 297 31.18 -34.44 -44.86
C ILE A 297 30.00 -35.15 -45.49
N LEU A 298 29.06 -35.61 -44.65
CA LEU A 298 27.96 -36.43 -45.15
C LEU A 298 27.09 -35.66 -46.13
N GLN A 299 26.74 -34.42 -45.80
CA GLN A 299 25.82 -33.65 -46.65
C GLN A 299 26.46 -33.24 -47.98
N ASN A 300 27.78 -33.08 -48.04
CA ASN A 300 28.45 -32.71 -49.28
C ASN A 300 28.90 -33.90 -50.12
N LEU A 301 28.72 -35.11 -49.61
CA LEU A 301 29.15 -36.31 -50.31
C LEU A 301 28.38 -36.47 -51.62
N GLN A 302 29.12 -36.61 -52.73
CA GLN A 302 28.54 -36.92 -54.03
C GLN A 302 28.69 -38.40 -54.30
N GLY A 303 27.69 -38.98 -54.95
CA GLY A 303 27.73 -40.40 -55.25
C GLY A 303 26.45 -41.11 -54.88
N ASP A 304 26.20 -42.24 -55.53
CA ASP A 304 24.95 -42.99 -55.38
C ASP A 304 25.03 -43.85 -54.11
N ILE A 305 24.35 -43.43 -53.05
CA ILE A 305 24.41 -44.16 -51.77
C ILE A 305 23.43 -45.33 -51.84
N VAL A 306 23.97 -46.55 -51.68
CA VAL A 306 23.17 -47.76 -51.82
C VAL A 306 22.88 -48.43 -50.50
N GLY A 307 23.46 -47.96 -49.40
CA GLY A 307 23.18 -48.53 -48.10
C GLY A 307 24.01 -47.82 -47.05
N GLY A 308 23.68 -48.08 -45.80
CA GLY A 308 24.43 -47.50 -44.71
C GLY A 308 24.06 -48.13 -43.40
N ASP A 309 24.80 -47.73 -42.36
CA ASP A 309 24.50 -48.22 -41.03
C ASP A 309 24.91 -47.18 -39.98
N VAL A 310 24.25 -47.24 -38.84
CA VAL A 310 24.60 -46.47 -37.66
C VAL A 310 24.72 -47.46 -36.51
N VAL A 311 25.93 -47.58 -35.96
CA VAL A 311 26.26 -48.68 -35.05
C VAL A 311 26.88 -48.14 -33.76
N GLU A 312 26.88 -49.01 -32.75
CA GLU A 312 27.60 -48.90 -31.48
C GLU A 312 26.96 -47.91 -30.51
N TYR A 313 25.78 -47.35 -30.81
CA TYR A 313 25.03 -46.71 -29.74
C TYR A 313 24.74 -47.74 -28.65
N ASN A 314 25.11 -47.42 -27.42
CA ASN A 314 24.95 -48.31 -26.28
C ASN A 314 24.05 -47.66 -25.24
N PRO A 315 22.76 -47.99 -25.21
CA PRO A 315 21.85 -47.32 -24.25
C PRO A 315 22.20 -47.58 -22.80
N GLN A 316 22.89 -48.68 -22.51
CA GLN A 316 23.22 -48.94 -21.11
C GLN A 316 24.37 -48.09 -20.61
N ARG A 317 25.03 -47.34 -21.48
CA ARG A 317 26.05 -46.39 -21.06
C ARG A 317 25.67 -44.94 -21.38
N ASP A 318 24.42 -44.68 -21.77
CA ASP A 318 23.94 -43.34 -22.04
C ASP A 318 23.59 -42.61 -20.75
N THR A 319 23.39 -41.29 -20.85
CA THR A 319 22.91 -40.52 -19.70
C THR A 319 21.46 -40.86 -19.41
N TYR A 320 20.99 -40.47 -18.21
CA TYR A 320 19.60 -40.77 -17.85
CA TYR A 320 19.61 -40.69 -17.81
C TYR A 320 18.63 -40.09 -18.81
N ASP A 321 19.05 -39.05 -19.52
CA ASP A 321 18.20 -38.36 -20.48
C ASP A 321 18.30 -38.92 -21.90
N GLY A 322 19.17 -39.89 -22.14
CA GLY A 322 19.26 -40.49 -23.46
C GLY A 322 19.76 -39.56 -24.54
N ILE A 323 20.75 -38.73 -24.23
CA ILE A 323 21.26 -37.79 -25.24
C ILE A 323 21.89 -38.51 -26.42
N THR A 324 22.49 -39.68 -26.20
CA THR A 324 23.14 -40.36 -27.32
C THR A 324 22.11 -41.02 -28.25
N ALA A 325 20.97 -41.45 -27.72
CA ALA A 325 19.88 -41.88 -28.59
C ALA A 325 19.49 -40.76 -29.53
N LEU A 326 19.42 -39.53 -28.99
CA LEU A 326 19.10 -38.34 -29.81
C LEU A 326 20.21 -38.12 -30.85
N VAL A 327 21.48 -38.21 -30.42
CA VAL A 327 22.59 -38.12 -31.37
C VAL A 327 22.47 -39.17 -32.46
N ALA A 328 22.23 -40.42 -32.08
CA ALA A 328 22.17 -41.49 -33.08
C ALA A 328 21.00 -41.30 -34.02
N ALA A 329 19.84 -40.88 -33.48
CA ALA A 329 18.67 -40.63 -34.31
C ALA A 329 18.94 -39.55 -35.36
N LYS A 330 19.64 -38.49 -34.96
CA LYS A 330 19.94 -37.41 -35.89
C LYS A 330 20.90 -37.87 -36.98
N LEU A 331 21.88 -38.70 -36.62
CA LEU A 331 22.73 -39.34 -37.63
C LEU A 331 21.90 -40.16 -38.61
N VAL A 332 20.92 -40.91 -38.10
CA VAL A 332 20.09 -41.74 -38.99
C VAL A 332 19.24 -40.87 -39.89
N ARG A 333 18.71 -39.76 -39.36
CA ARG A 333 17.85 -38.86 -40.13
C ARG A 333 18.63 -38.21 -41.27
N GLU A 334 19.90 -37.84 -41.03
CA GLU A 334 20.70 -37.18 -42.04
C GLU A 334 21.27 -38.17 -43.06
N LEU A 335 21.59 -39.39 -42.66
CA LEU A 335 21.90 -40.43 -43.64
C LEU A 335 20.68 -40.76 -44.50
N ALA A 336 19.49 -40.86 -43.89
CA ALA A 336 18.29 -41.14 -44.66
C ALA A 336 18.02 -40.06 -45.70
N ALA A 337 18.24 -38.79 -45.34
CA ALA A 337 17.99 -37.71 -46.30
C ALA A 337 18.90 -37.83 -47.51
N LYS A 338 20.17 -38.23 -47.28
CA LYS A 338 21.11 -38.39 -48.38
C LYS A 338 20.85 -39.64 -49.20
N MET A 339 20.37 -40.71 -48.57
CA MET A 339 20.17 -41.95 -49.31
C MET A 339 18.84 -41.92 -50.05
N SER A 340 17.80 -41.36 -49.43
CA SER A 340 16.50 -41.27 -50.09
C SER A 340 16.53 -40.24 -51.20
N LYS A 341 15.82 -40.53 -52.30
CA LYS A 341 15.74 -39.60 -53.41
C LYS A 341 14.55 -39.89 -54.32
N SER B 24 54.33 -36.87 23.33
CA SER B 24 55.65 -36.30 23.62
C SER B 24 56.38 -35.83 22.36
N PRO B 25 56.87 -34.58 22.38
CA PRO B 25 57.46 -33.98 21.17
C PRO B 25 58.72 -34.68 20.64
N ALA B 26 59.74 -34.85 21.49
CA ALA B 26 60.99 -35.45 21.01
C ALA B 26 60.79 -36.89 20.55
N LEU B 27 59.87 -37.61 21.19
CA LEU B 27 59.55 -38.96 20.76
C LEU B 27 58.70 -38.95 19.50
N LEU B 28 57.69 -38.07 19.46
CA LEU B 28 56.84 -37.98 18.27
C LEU B 28 57.66 -37.65 17.03
N GLU B 29 58.64 -36.76 17.17
CA GLU B 29 59.50 -36.43 16.04
C GLU B 29 60.32 -37.64 15.59
N LYS B 30 60.81 -38.44 16.52
CA LYS B 30 61.59 -39.61 16.12
C LYS B 30 60.71 -40.63 15.42
N ALA B 31 59.43 -40.70 15.78
CA ALA B 31 58.50 -41.59 15.11
C ALA B 31 58.17 -41.09 13.70
N GLN B 32 57.90 -39.80 13.56
CA GLN B 32 57.74 -39.23 12.24
C GLN B 32 58.93 -39.55 11.35
N ASN B 33 60.15 -39.32 11.87
CA ASN B 33 61.35 -39.53 11.09
C ASN B 33 61.45 -40.97 10.58
N ARG B 34 61.16 -41.95 11.45
CA ARG B 34 61.28 -43.35 11.04
C ARG B 34 60.19 -43.71 10.02
N VAL B 35 59.00 -43.16 10.18
CA VAL B 35 57.95 -43.45 9.21
C VAL B 35 58.28 -42.80 7.87
N ILE B 36 58.74 -41.55 7.88
CA ILE B 36 59.12 -40.92 6.61
C ILE B 36 60.28 -41.69 5.97
N ASP B 37 61.22 -42.17 6.76
CA ASP B 37 62.35 -42.90 6.19
C ASP B 37 61.92 -44.19 5.53
N ALA B 38 61.03 -44.94 6.17
CA ALA B 38 60.55 -46.18 5.57
C ALA B 38 59.79 -45.89 4.27
N ALA B 39 59.04 -44.78 4.22
CA ALA B 39 58.33 -44.44 2.99
C ALA B 39 59.30 -44.12 1.85
N LEU B 40 60.29 -43.29 2.13
CA LEU B 40 61.29 -42.97 1.11
C LEU B 40 62.07 -44.21 0.67
N THR B 41 62.37 -45.11 1.62
CA THR B 41 63.04 -46.35 1.25
C THR B 41 62.19 -47.19 0.30
N PHE B 42 60.86 -47.19 0.50
CA PHE B 42 59.99 -47.94 -0.41
C PHE B 42 60.05 -47.36 -1.83
N ILE B 43 59.95 -46.03 -1.94
CA ILE B 43 60.05 -45.38 -3.26
C ILE B 43 61.43 -45.67 -3.87
N ARG B 44 62.48 -45.61 -3.07
CA ARG B 44 63.83 -45.85 -3.58
C ARG B 44 63.99 -47.26 -4.14
N GLU B 45 63.47 -48.27 -3.44
CA GLU B 45 63.59 -49.64 -3.94
C GLU B 45 62.76 -49.84 -5.20
N ARG B 46 61.60 -49.16 -5.29
CA ARG B 46 60.80 -49.23 -6.51
C ARG B 46 61.49 -48.53 -7.68
N ALA B 47 62.09 -47.37 -7.44
CA ALA B 47 62.82 -46.70 -8.51
C ALA B 47 64.04 -47.50 -8.93
N LYS B 48 64.79 -48.00 -7.94
CA LYS B 48 65.93 -48.85 -8.22
C LYS B 48 65.52 -50.06 -9.07
N PHE B 49 64.40 -50.68 -8.70
CA PHE B 49 63.92 -51.83 -9.46
C PHE B 49 63.61 -51.45 -10.90
N LYS B 50 62.81 -50.41 -11.11
CA LYS B 50 62.49 -50.03 -12.49
C LYS B 50 63.72 -49.52 -13.24
N GLY B 51 64.60 -48.77 -12.55
CA GLY B 51 65.82 -48.31 -13.19
C GLY B 51 66.68 -49.45 -13.72
N GLU B 52 66.90 -50.48 -12.89
CA GLU B 52 67.70 -51.62 -13.34
C GLU B 52 67.00 -52.35 -14.49
N LEU B 53 65.66 -52.35 -14.49
CA LEU B 53 64.94 -53.00 -15.58
C LEU B 53 65.20 -52.29 -16.91
N MET B 54 65.01 -50.97 -16.95
CA MET B 54 65.24 -50.24 -18.20
C MET B 54 66.68 -50.41 -18.71
N ARG B 55 67.67 -50.32 -17.80
CA ARG B 55 69.06 -50.36 -18.26
C ARG B 55 69.40 -51.73 -18.85
N SER B 56 68.85 -52.80 -18.29
CA SER B 56 69.11 -54.12 -18.85
C SER B 56 68.40 -54.32 -20.19
N LEU B 57 67.29 -53.61 -20.43
CA LEU B 57 66.64 -53.68 -21.73
C LEU B 57 67.43 -52.95 -22.80
N GLY B 58 68.00 -51.79 -22.45
CA GLY B 58 68.80 -51.04 -23.40
C GLY B 58 67.91 -50.35 -24.43
N GLY B 59 68.55 -49.63 -25.35
CA GLY B 59 67.81 -48.89 -26.36
C GLY B 59 66.83 -47.89 -25.80
N VAL B 60 67.21 -47.16 -24.76
CA VAL B 60 66.32 -46.21 -24.10
C VAL B 60 67.14 -45.04 -23.57
N ALA B 61 66.66 -43.82 -23.80
CA ALA B 61 67.26 -42.61 -23.26
C ALA B 61 66.42 -41.98 -22.16
N ALA B 62 65.11 -42.11 -22.22
CA ALA B 62 64.24 -41.58 -21.18
C ALA B 62 63.00 -42.45 -21.08
N THR B 63 62.59 -42.75 -19.84
CA THR B 63 61.36 -43.50 -19.57
C THR B 63 60.49 -42.71 -18.61
N SER B 64 59.30 -42.33 -19.09
CA SER B 64 58.34 -41.67 -18.24
C SER B 64 57.93 -42.60 -17.12
N SER B 65 58.06 -42.12 -15.88
CA SER B 65 57.94 -42.95 -14.70
C SER B 65 56.93 -42.33 -13.74
N LEU B 66 55.84 -43.06 -13.48
CA LEU B 66 54.69 -42.52 -12.76
C LEU B 66 54.96 -42.50 -11.26
N LEU B 67 54.88 -41.31 -10.68
CA LEU B 67 54.96 -41.13 -9.23
C LEU B 67 53.64 -40.54 -8.78
N GLY B 68 52.87 -41.27 -7.98
CA GLY B 68 51.59 -40.75 -7.51
C GLY B 68 51.79 -39.92 -6.25
N VAL B 69 51.10 -38.78 -6.19
CA VAL B 69 51.13 -37.94 -4.99
C VAL B 69 49.68 -37.73 -4.57
N PRO B 70 49.11 -38.64 -3.80
CA PRO B 70 47.67 -38.59 -3.47
C PRO B 70 47.37 -37.56 -2.40
N LEU B 71 47.46 -36.29 -2.77
CA LEU B 71 47.33 -35.18 -1.83
C LEU B 71 46.18 -34.30 -2.28
N GLY B 72 45.20 -34.12 -1.41
CA GLY B 72 44.12 -33.21 -1.77
C GLY B 72 43.82 -32.17 -0.70
N HIS B 73 44.57 -32.16 0.40
CA HIS B 73 44.15 -31.30 1.50
C HIS B 73 44.59 -29.85 1.35
N HIS B 74 45.27 -29.49 0.26
CA HIS B 74 45.55 -28.11 -0.09
C HIS B 74 44.53 -27.54 -1.07
N SER B 75 43.46 -28.28 -1.33
CA SER B 75 42.39 -27.82 -2.18
C SER B 75 41.49 -26.86 -1.42
N SER B 76 40.88 -25.95 -2.16
CA SER B 76 40.01 -24.93 -1.60
C SER B 76 38.54 -25.29 -1.60
N PHE B 77 38.14 -26.35 -2.30
CA PHE B 77 36.72 -26.63 -2.40
C PHE B 77 36.38 -28.11 -2.20
N HIS B 78 37.17 -29.01 -2.78
CA HIS B 78 36.89 -30.45 -2.66
C HIS B 78 38.22 -31.20 -2.77
N GLU B 79 38.44 -32.16 -1.89
CA GLU B 79 39.73 -32.83 -1.80
C GLU B 79 39.79 -34.16 -2.55
N GLY B 80 38.79 -34.46 -3.38
CA GLY B 80 38.69 -35.79 -3.97
C GLY B 80 39.84 -36.19 -4.90
N SER B 81 40.59 -35.24 -5.43
CA SER B 81 41.72 -35.60 -6.28
C SER B 81 42.80 -36.35 -5.50
N ALA B 82 42.72 -36.36 -4.16
CA ALA B 82 43.57 -37.25 -3.37
C ALA B 82 43.47 -38.71 -3.82
N PHE B 83 42.33 -39.13 -4.36
CA PHE B 83 42.08 -40.52 -4.73
C PHE B 83 42.43 -40.84 -6.18
N ALA B 84 42.95 -39.86 -6.94
CA ALA B 84 43.07 -40.02 -8.39
C ALA B 84 44.16 -41.01 -8.84
N PRO B 85 45.38 -40.99 -8.32
CA PRO B 85 46.49 -41.72 -9.01
C PRO B 85 46.16 -43.18 -9.30
N PRO B 86 45.62 -43.96 -8.36
CA PRO B 86 45.34 -45.37 -8.69
C PRO B 86 44.26 -45.52 -9.76
N ARG B 87 43.30 -44.60 -9.82
CA ARG B 87 42.27 -44.68 -10.85
C ARG B 87 42.87 -44.36 -12.22
N ILE B 88 43.81 -43.43 -12.27
CA ILE B 88 44.45 -43.10 -13.54
C ILE B 88 45.25 -44.28 -14.06
N ARG B 89 46.04 -44.91 -13.18
CA ARG B 89 46.84 -46.05 -13.62
C ARG B 89 45.95 -47.17 -14.17
N GLU B 90 44.82 -47.44 -13.50
CA GLU B 90 43.92 -48.48 -14.00
C GLU B 90 43.37 -48.12 -15.37
N ALA B 91 42.98 -46.85 -15.55
CA ALA B 91 42.41 -46.41 -16.81
C ALA B 91 43.41 -46.44 -17.95
N ILE B 92 44.70 -46.27 -17.65
CA ILE B 92 45.72 -46.40 -18.69
C ILE B 92 45.60 -47.77 -19.37
N TRP B 93 45.18 -48.80 -18.62
CA TRP B 93 45.06 -50.16 -19.12
C TRP B 93 43.61 -50.62 -19.23
N CYS B 94 42.66 -49.68 -19.33
CA CYS B 94 41.25 -50.06 -19.47
C CYS B 94 41.08 -51.08 -20.60
N ASP B 95 40.25 -52.08 -20.34
CA ASP B 95 39.97 -53.11 -21.34
C ASP B 95 39.27 -52.57 -22.58
N SER B 96 38.71 -51.35 -22.55
CA SER B 96 38.09 -50.80 -23.74
C SER B 96 39.08 -50.10 -24.67
N THR B 97 40.33 -49.91 -24.23
CA THR B 97 41.35 -49.21 -25.01
C THR B 97 42.40 -50.20 -25.51
N ASN B 98 43.23 -49.77 -26.46
CA ASN B 98 44.42 -50.54 -26.76
C ASN B 98 45.64 -49.76 -26.23
N SER B 99 46.81 -50.40 -26.32
CA SER B 99 47.99 -49.91 -25.62
C SER B 99 48.90 -49.07 -26.51
N THR B 100 48.41 -48.62 -27.67
CA THR B 100 49.20 -47.78 -28.57
C THR B 100 48.75 -46.32 -28.45
N THR B 101 49.72 -45.40 -28.39
CA THR B 101 49.39 -43.98 -28.33
C THR B 101 49.04 -43.47 -29.73
N GLU B 102 48.51 -42.24 -29.80
CA GLU B 102 47.97 -41.75 -31.07
C GLU B 102 49.03 -41.74 -32.17
N GLU B 103 50.27 -41.43 -31.82
CA GLU B 103 51.34 -41.34 -32.80
C GLU B 103 52.20 -42.60 -32.84
N GLY B 104 51.77 -43.69 -32.19
CA GLY B 104 52.32 -45.00 -32.49
C GLY B 104 53.25 -45.61 -31.47
N LYS B 105 53.38 -45.03 -30.28
CA LYS B 105 54.21 -45.64 -29.27
C LYS B 105 53.41 -46.70 -28.52
N ASN B 106 54.10 -47.77 -28.12
CA ASN B 106 53.47 -48.92 -27.50
C ASN B 106 53.69 -48.88 -25.99
N LEU B 107 52.60 -48.75 -25.23
CA LEU B 107 52.71 -48.64 -23.79
C LEU B 107 53.08 -49.94 -23.10
N ARG B 108 52.99 -51.07 -23.81
CA ARG B 108 53.42 -52.35 -23.26
C ARG B 108 54.93 -52.45 -23.14
N ASP B 109 55.66 -51.65 -23.89
CA ASP B 109 57.11 -51.48 -23.73
C ASP B 109 57.38 -50.80 -22.39
N PRO B 110 58.00 -51.47 -21.42
CA PRO B 110 58.33 -50.80 -20.15
C PRO B 110 59.19 -49.56 -20.34
N ARG B 111 59.93 -49.48 -21.45
CA ARG B 111 60.76 -48.31 -21.74
C ARG B 111 59.92 -47.07 -22.06
N VAL B 112 58.66 -47.25 -22.46
CA VAL B 112 57.79 -46.13 -22.83
C VAL B 112 57.07 -45.57 -21.61
N ILE B 113 56.66 -46.44 -20.68
CA ILE B 113 56.01 -45.97 -19.47
C ILE B 113 56.19 -47.04 -18.40
N THR B 114 56.37 -46.61 -17.16
CA THR B 114 56.41 -47.55 -16.06
C THR B 114 55.92 -46.86 -14.80
N ASN B 115 55.55 -47.65 -13.80
CA ASN B 115 55.04 -47.14 -12.54
C ASN B 115 56.09 -47.28 -11.45
N VAL B 116 56.30 -46.21 -10.68
CA VAL B 116 57.20 -46.30 -9.53
C VAL B 116 56.38 -46.57 -8.27
N GLY B 117 55.43 -45.72 -7.97
CA GLY B 117 54.62 -45.90 -6.78
C GLY B 117 53.96 -44.61 -6.36
N ASP B 118 53.29 -44.67 -5.22
CA ASP B 118 52.58 -43.54 -4.63
C ASP B 118 53.31 -43.08 -3.38
N VAL B 119 53.52 -41.78 -3.25
CA VAL B 119 53.98 -41.29 -1.94
C VAL B 119 52.85 -41.50 -0.93
N PRO B 120 53.10 -42.15 0.20
CA PRO B 120 51.98 -42.41 1.15
C PRO B 120 51.64 -41.19 2.01
N ILE B 121 50.98 -40.23 1.35
CA ILE B 121 50.69 -38.93 1.95
C ILE B 121 49.82 -39.08 3.19
N GLU B 122 48.74 -39.87 3.07
CA GLU B 122 47.81 -40.02 4.20
C GLU B 122 48.55 -40.49 5.44
N GLU B 123 49.35 -41.55 5.31
CA GLU B 123 49.99 -42.14 6.48
C GLU B 123 51.05 -41.22 7.09
N ILE B 124 51.74 -40.45 6.27
CA ILE B 124 52.71 -39.49 6.80
C ILE B 124 52.00 -38.33 7.47
N ARG B 125 51.01 -37.73 6.79
CA ARG B 125 50.16 -36.73 7.45
C ARG B 125 49.69 -37.21 8.81
N ASP B 126 49.29 -38.48 8.90
CA ASP B 126 48.75 -39.06 10.13
C ASP B 126 49.78 -39.18 11.24
N CYS B 127 51.06 -38.96 10.96
CA CYS B 127 52.07 -38.88 12.00
C CYS B 127 52.21 -37.48 12.58
N GLY B 128 51.45 -36.51 12.08
CA GLY B 128 51.58 -35.15 12.56
C GLY B 128 52.58 -34.31 11.80
N VAL B 129 53.09 -34.81 10.68
CA VAL B 129 54.05 -34.07 9.87
C VAL B 129 53.38 -32.82 9.33
N ASP B 130 54.12 -31.71 9.37
CA ASP B 130 53.55 -30.45 8.93
C ASP B 130 53.75 -30.29 7.43
N ASP B 131 53.20 -29.20 6.88
CA ASP B 131 53.08 -29.11 5.43
C ASP B 131 54.42 -28.87 4.75
N LYS B 132 55.33 -28.13 5.40
CA LYS B 132 56.67 -27.93 4.85
C LYS B 132 57.42 -29.25 4.71
N ARG B 133 57.39 -30.09 5.74
CA ARG B 133 58.04 -31.37 5.67
C ARG B 133 57.38 -32.27 4.63
N LEU B 134 56.05 -32.23 4.58
CA LEU B 134 55.33 -32.99 3.57
C LEU B 134 55.78 -32.59 2.17
N ALA B 135 55.86 -31.28 1.89
CA ALA B 135 56.36 -30.85 0.59
C ALA B 135 57.79 -31.34 0.35
N ASN B 136 58.61 -31.39 1.39
CA ASN B 136 59.99 -31.85 1.23
C ASN B 136 60.04 -33.34 0.91
N VAL B 137 59.18 -34.15 1.55
CA VAL B 137 59.10 -35.57 1.24
C VAL B 137 58.70 -35.76 -0.23
N ILE B 138 57.74 -34.97 -0.70
CA ILE B 138 57.37 -34.99 -2.11
C ILE B 138 58.59 -34.68 -2.97
N SER B 139 59.32 -33.63 -2.63
CA SER B 139 60.49 -33.25 -3.42
C SER B 139 61.53 -34.36 -3.45
N GLU B 140 61.79 -35.00 -2.30
CA GLU B 140 62.81 -36.04 -2.27
C GLU B 140 62.36 -37.27 -3.05
N SER B 141 61.07 -37.60 -3.01
CA SER B 141 60.54 -38.72 -3.80
C SER B 141 60.81 -38.51 -5.30
N VAL B 142 60.54 -37.30 -5.80
CA VAL B 142 60.83 -36.98 -7.18
C VAL B 142 62.33 -37.18 -7.48
N LYS B 143 63.19 -36.71 -6.56
CA LYS B 143 64.63 -36.87 -6.78
C LYS B 143 65.04 -38.35 -6.78
N LEU B 144 64.38 -39.19 -5.98
CA LEU B 144 64.73 -40.61 -5.98
C LEU B 144 64.44 -41.24 -7.34
N VAL B 145 63.39 -40.78 -8.01
CA VAL B 145 63.11 -41.24 -9.36
C VAL B 145 64.19 -40.76 -10.31
N MET B 146 64.48 -39.47 -10.28
CA MET B 146 65.46 -38.89 -11.19
C MET B 146 66.85 -39.46 -11.00
N ASP B 147 67.14 -40.01 -9.82
CA ASP B 147 68.44 -40.62 -9.53
C ASP B 147 68.70 -41.88 -10.34
N GLU B 148 67.66 -42.55 -10.79
CA GLU B 148 67.78 -43.82 -11.49
C GLU B 148 67.68 -43.54 -12.99
N ASP B 149 68.82 -43.41 -13.64
CA ASP B 149 68.83 -43.29 -15.09
C ASP B 149 68.13 -44.53 -15.69
N PRO B 150 67.28 -44.36 -16.71
CA PRO B 150 66.87 -43.14 -17.41
C PRO B 150 65.46 -42.70 -17.05
N LEU B 151 65.02 -42.98 -15.83
CA LEU B 151 63.68 -42.60 -15.43
C LEU B 151 63.56 -41.07 -15.40
N ARG B 152 62.40 -40.57 -15.87
CA ARG B 152 61.98 -39.18 -15.76
C ARG B 152 60.61 -39.13 -15.10
N PRO B 153 60.39 -38.18 -14.19
CA PRO B 153 59.16 -38.17 -13.37
C PRO B 153 57.95 -37.66 -14.14
N LEU B 154 56.88 -38.45 -14.13
CA LEU B 154 55.57 -38.00 -14.58
C LEU B 154 54.69 -38.16 -13.36
N VAL B 155 54.33 -37.05 -12.75
CA VAL B 155 53.70 -37.09 -11.44
C VAL B 155 52.18 -37.11 -11.63
N LEU B 156 51.50 -37.97 -10.86
CA LEU B 156 50.04 -38.01 -10.85
C LEU B 156 49.54 -37.39 -9.55
N GLY B 157 48.87 -36.24 -9.64
CA GLY B 157 48.13 -35.71 -8.51
C GLY B 157 46.80 -36.43 -8.31
N GLY B 158 46.10 -36.06 -7.21
CA GLY B 158 46.50 -35.00 -6.30
C GLY B 158 46.10 -33.64 -6.81
N ASP B 159 45.99 -32.65 -5.92
CA ASP B 159 45.65 -31.31 -6.38
C ASP B 159 46.90 -30.60 -6.91
N HIS B 160 46.70 -29.41 -7.47
CA HIS B 160 47.78 -28.74 -8.17
C HIS B 160 48.87 -28.18 -7.25
N SER B 161 48.66 -28.15 -5.92
CA SER B 161 49.74 -27.72 -5.04
C SER B 161 51.00 -28.53 -5.24
N ILE B 162 50.88 -29.78 -5.70
CA ILE B 162 52.08 -30.63 -5.79
C ILE B 162 53.07 -30.12 -6.84
N SER B 163 52.64 -29.30 -7.78
CA SER B 163 53.56 -28.87 -8.83
C SER B 163 54.74 -28.09 -8.27
N PHE B 164 54.56 -27.38 -7.13
CA PHE B 164 55.69 -26.63 -6.59
C PHE B 164 56.79 -27.54 -6.06
N PRO B 165 56.53 -28.44 -5.10
CA PRO B 165 57.63 -29.31 -4.66
C PRO B 165 58.17 -30.19 -5.77
N VAL B 166 57.37 -30.51 -6.79
CA VAL B 166 57.87 -31.34 -7.89
C VAL B 166 58.81 -30.54 -8.78
N VAL B 167 58.37 -29.37 -9.24
CA VAL B 167 59.21 -28.53 -10.09
C VAL B 167 60.45 -28.08 -9.33
N ARG B 168 60.30 -27.72 -8.05
CA ARG B 168 61.47 -27.41 -7.22
C ARG B 168 62.50 -28.52 -7.26
N ALA B 169 62.04 -29.77 -7.10
CA ALA B 169 62.97 -30.91 -7.09
C ALA B 169 63.62 -31.10 -8.46
N VAL B 170 62.83 -30.96 -9.53
CA VAL B 170 63.37 -31.12 -10.87
C VAL B 170 64.43 -30.07 -11.14
N SER B 171 64.10 -28.80 -10.86
CA SER B 171 65.03 -27.69 -11.05
C SER B 171 66.30 -27.87 -10.21
N GLU B 172 66.16 -28.24 -8.93
CA GLU B 172 67.35 -28.39 -8.10
C GLU B 172 68.23 -29.52 -8.60
N LYS B 173 67.63 -30.65 -8.94
CA LYS B 173 68.39 -31.82 -9.37
C LYS B 173 69.09 -31.56 -10.70
N LEU B 174 68.43 -30.89 -11.64
CA LEU B 174 69.07 -30.53 -12.90
C LEU B 174 70.00 -29.34 -12.75
N GLY B 175 69.86 -28.55 -11.69
CA GLY B 175 70.79 -27.45 -11.47
C GLY B 175 70.48 -26.20 -12.24
N GLY B 176 69.21 -25.92 -12.52
CA GLY B 176 68.87 -24.70 -13.21
C GLY B 176 67.38 -24.62 -13.49
N ALA B 177 67.01 -23.59 -14.23
CA ALA B 177 65.62 -23.32 -14.54
C ALA B 177 65.12 -24.22 -15.65
N VAL B 178 63.82 -24.44 -15.67
CA VAL B 178 63.14 -25.08 -16.80
C VAL B 178 62.11 -24.09 -17.34
N ASP B 179 61.68 -24.34 -18.58
CA ASP B 179 60.49 -23.70 -19.12
C ASP B 179 59.29 -24.60 -18.86
N ILE B 180 58.13 -23.99 -18.58
CA ILE B 180 56.94 -24.73 -18.19
C ILE B 180 55.81 -24.46 -19.17
N LEU B 181 55.20 -25.52 -19.67
CA LEU B 181 53.93 -25.46 -20.38
C LEU B 181 52.84 -25.91 -19.41
N HIS B 182 51.84 -25.07 -19.21
CA HIS B 182 50.90 -25.23 -18.10
C HIS B 182 49.48 -25.10 -18.66
N PHE B 183 48.73 -26.20 -18.62
CA PHE B 183 47.33 -26.20 -19.04
C PHE B 183 46.45 -26.04 -17.81
N ASP B 184 45.55 -25.07 -17.85
CA ASP B 184 44.78 -24.78 -16.65
C ASP B 184 43.67 -23.80 -17.02
N ALA B 185 42.52 -23.96 -16.35
CA ALA B 185 41.52 -22.89 -16.33
C ALA B 185 41.98 -21.71 -15.48
N HIS B 186 42.86 -21.98 -14.51
CA HIS B 186 43.23 -21.00 -13.49
C HIS B 186 44.74 -20.74 -13.54
N PRO B 187 45.18 -19.49 -13.34
CA PRO B 187 46.64 -19.24 -13.37
C PRO B 187 47.39 -19.87 -12.20
N ASP B 188 46.72 -20.15 -11.09
CA ASP B 188 47.37 -20.71 -9.89
C ASP B 188 48.56 -19.85 -9.48
N LEU B 189 48.37 -18.52 -9.49
CA LEU B 189 49.44 -17.57 -9.21
C LEU B 189 49.13 -16.66 -8.03
N TYR B 190 48.18 -17.03 -7.18
CA TYR B 190 47.85 -16.21 -6.02
C TYR B 190 49.05 -16.07 -5.08
N HIS B 191 49.35 -14.84 -4.69
CA HIS B 191 50.39 -14.64 -3.68
C HIS B 191 50.00 -15.29 -2.36
N ASP B 192 48.76 -15.12 -1.94
CA ASP B 192 48.29 -15.67 -0.67
C ASP B 192 46.82 -16.04 -0.87
N PHE B 193 46.56 -17.34 -1.08
CA PHE B 193 45.20 -17.84 -1.17
C PHE B 193 44.77 -18.35 0.21
N GLU B 194 43.96 -17.55 0.91
CA GLU B 194 43.29 -17.95 2.14
C GLU B 194 44.26 -18.41 3.23
N GLY B 195 45.44 -17.78 3.27
CA GLY B 195 46.42 -18.04 4.30
C GLY B 195 47.19 -19.33 4.17
N ASN B 196 47.00 -20.10 3.11
CA ASN B 196 47.71 -21.36 2.91
C ASN B 196 48.81 -21.11 1.86
N TYR B 197 50.05 -21.00 2.33
CA TYR B 197 51.21 -20.92 1.43
C TYR B 197 51.24 -22.06 0.42
N TYR B 198 50.79 -23.25 0.81
CA TYR B 198 50.81 -24.42 -0.09
C TYR B 198 49.49 -24.64 -0.80
N SER B 199 48.63 -23.62 -0.89
CA SER B 199 47.35 -23.75 -1.58
C SER B 199 47.55 -24.23 -3.01
N HIS B 200 46.58 -25.04 -3.51
CA HIS B 200 46.60 -25.44 -4.91
C HIS B 200 46.37 -24.27 -5.86
N ALA B 201 45.98 -23.11 -5.34
CA ALA B 201 45.85 -21.90 -6.15
C ALA B 201 47.12 -21.05 -6.16
N SER B 202 48.20 -21.50 -5.53
CA SER B 202 49.44 -20.74 -5.49
C SER B 202 50.72 -21.44 -5.98
N PRO B 203 50.70 -22.67 -6.52
CA PRO B 203 51.99 -23.35 -6.73
C PRO B 203 52.88 -22.62 -7.71
N PHE B 204 52.32 -21.95 -8.71
CA PHE B 204 53.18 -21.26 -9.68
C PHE B 204 53.62 -19.91 -9.17
N ALA B 205 52.93 -19.33 -8.20
CA ALA B 205 53.54 -18.23 -7.46
C ALA B 205 54.80 -18.72 -6.74
N ARG B 206 54.73 -19.87 -6.08
CA ARG B 206 55.89 -20.38 -5.38
C ARG B 206 57.02 -20.71 -6.35
N ILE B 207 56.67 -21.23 -7.53
CA ILE B 207 57.67 -21.57 -8.53
C ILE B 207 58.35 -20.32 -9.07
N MET B 208 57.55 -19.30 -9.43
CA MET B 208 58.17 -18.08 -9.96
C MET B 208 58.98 -17.36 -8.89
N GLU B 209 58.51 -17.35 -7.63
CA GLU B 209 59.28 -16.70 -6.57
C GLU B 209 60.65 -17.36 -6.40
N GLY B 210 60.71 -18.69 -6.41
CA GLY B 210 61.97 -19.40 -6.23
C GLY B 210 62.90 -19.37 -7.43
N GLY B 211 62.42 -18.92 -8.59
CA GLY B 211 63.27 -18.91 -9.77
C GLY B 211 63.43 -20.24 -10.45
N TYR B 212 62.55 -21.22 -10.19
CA TYR B 212 62.70 -22.54 -10.78
C TYR B 212 62.25 -22.61 -12.24
N ALA B 213 61.50 -21.62 -12.72
CA ALA B 213 61.05 -21.57 -14.11
C ALA B 213 61.51 -20.28 -14.76
N ARG B 214 61.85 -20.36 -16.05
CA ARG B 214 62.12 -19.16 -16.86
C ARG B 214 60.82 -18.71 -17.53
N ARG B 215 60.40 -19.43 -18.56
CA ARG B 215 59.10 -19.20 -19.19
C ARG B 215 58.04 -20.05 -18.52
N LEU B 216 56.85 -19.47 -18.36
CA LEU B 216 55.67 -20.16 -17.89
C LEU B 216 54.58 -19.86 -18.92
N VAL B 217 54.24 -20.84 -19.76
CA VAL B 217 53.29 -20.63 -20.84
C VAL B 217 51.98 -21.30 -20.44
N GLN B 218 50.96 -20.51 -20.14
CA GLN B 218 49.69 -21.01 -19.62
C GLN B 218 48.64 -21.03 -20.72
N VAL B 219 47.89 -22.13 -20.79
CA VAL B 219 46.90 -22.34 -21.85
C VAL B 219 45.59 -22.78 -21.24
N GLY B 220 44.49 -22.20 -21.70
CA GLY B 220 43.17 -22.50 -21.20
C GLY B 220 42.60 -21.51 -20.20
N ILE B 221 43.35 -20.46 -19.85
CA ILE B 221 42.99 -19.62 -18.72
C ILE B 221 41.64 -18.95 -18.96
N ARG B 222 40.75 -19.09 -18.00
CA ARG B 222 39.45 -18.42 -18.11
C ARG B 222 38.90 -17.97 -16.76
N SER B 223 39.65 -18.11 -15.67
CA SER B 223 39.21 -17.69 -14.35
C SER B 223 40.43 -17.06 -13.70
N ILE B 224 40.42 -15.73 -13.61
CA ILE B 224 41.61 -14.97 -13.24
C ILE B 224 41.14 -13.66 -12.62
N THR B 225 41.66 -13.35 -11.44
CA THR B 225 41.34 -12.12 -10.75
C THR B 225 42.32 -11.02 -11.15
N ASN B 226 41.93 -9.78 -10.86
CA ASN B 226 42.77 -8.66 -11.26
C ASN B 226 44.08 -8.61 -10.47
N ASP B 227 44.09 -9.10 -9.22
CA ASP B 227 45.37 -9.18 -8.49
C ASP B 227 46.30 -10.21 -9.10
N VAL B 228 45.76 -11.25 -9.72
CA VAL B 228 46.60 -12.26 -10.34
C VAL B 228 47.07 -11.79 -11.71
N ARG B 229 46.29 -10.93 -12.38
CA ARG B 229 46.79 -10.29 -13.61
C ARG B 229 48.06 -9.49 -13.34
N GLU B 230 48.16 -8.86 -12.14
CA GLU B 230 49.40 -8.19 -11.73
C GLU B 230 50.53 -9.18 -11.50
N GLN B 231 50.24 -10.34 -10.90
CA GLN B 231 51.25 -11.40 -10.76
C GLN B 231 51.77 -11.84 -12.13
N VAL B 232 50.86 -11.97 -13.10
CA VAL B 232 51.24 -12.38 -14.45
C VAL B 232 52.27 -11.40 -15.03
N LYS B 233 51.99 -10.09 -14.89
CA LYS B 233 52.91 -9.09 -15.41
C LYS B 233 54.23 -9.11 -14.64
N LYS B 234 54.15 -9.23 -13.32
CA LYS B 234 55.34 -9.16 -12.46
C LYS B 234 56.35 -10.27 -12.75
N TYR B 235 55.89 -11.45 -13.17
CA TYR B 235 56.82 -12.55 -13.40
C TYR B 235 57.03 -12.84 -14.88
N GLY B 236 56.57 -11.97 -15.77
CA GLY B 236 56.70 -12.23 -17.20
C GLY B 236 55.97 -13.47 -17.67
N VAL B 237 54.87 -13.84 -17.01
CA VAL B 237 54.13 -15.04 -17.38
C VAL B 237 53.38 -14.79 -18.69
N GLU B 238 53.34 -15.82 -19.53
CA GLU B 238 52.67 -15.75 -20.83
C GLU B 238 51.32 -16.43 -20.70
N THR B 239 50.31 -15.68 -20.30
CA THR B 239 49.02 -16.23 -19.94
C THR B 239 48.08 -16.13 -21.14
N HIS B 240 47.76 -17.27 -21.74
CA HIS B 240 46.90 -17.31 -22.91
C HIS B 240 45.47 -17.62 -22.44
N GLU B 241 44.58 -16.65 -22.62
CA GLU B 241 43.20 -16.80 -22.19
C GLU B 241 42.34 -17.37 -23.31
N MET B 242 41.30 -18.11 -22.91
CA MET B 242 40.41 -18.72 -23.88
C MET B 242 39.83 -17.70 -24.85
N ARG B 243 39.61 -16.46 -24.40
CA ARG B 243 39.00 -15.48 -25.30
C ARG B 243 39.88 -15.13 -26.50
N THR B 244 41.13 -15.62 -26.55
CA THR B 244 41.99 -15.40 -27.72
C THR B 244 42.55 -16.71 -28.29
N LEU B 245 41.90 -17.85 -28.02
CA LEU B 245 42.44 -19.15 -28.42
C LEU B 245 42.60 -19.26 -29.94
N SER B 246 41.56 -18.89 -30.70
CA SER B 246 41.67 -19.02 -32.15
C SER B 246 42.83 -18.20 -32.69
N ARG B 247 43.01 -16.98 -32.17
CA ARG B 247 44.10 -16.14 -32.64
C ARG B 247 45.44 -16.71 -32.21
N ASP B 248 45.53 -17.27 -31.00
CA ASP B 248 46.78 -17.81 -30.50
C ASP B 248 47.13 -19.19 -31.08
N ARG B 249 46.20 -19.82 -31.81
CA ARG B 249 46.39 -21.22 -32.17
C ARG B 249 47.66 -21.51 -32.98
N PRO B 250 48.08 -20.70 -33.97
CA PRO B 250 49.34 -20.99 -34.66
C PRO B 250 50.57 -20.88 -33.77
N ILE B 251 50.54 -20.01 -32.76
CA ILE B 251 51.65 -19.96 -31.80
C ILE B 251 51.67 -21.21 -30.94
N LEU B 252 50.53 -21.53 -30.31
CA LEU B 252 50.49 -22.57 -29.29
C LEU B 252 50.66 -23.97 -29.87
N GLU B 253 50.38 -24.17 -31.15
CA GLU B 253 50.51 -25.48 -31.78
C GLU B 253 51.86 -25.66 -32.48
N ASN B 254 52.78 -24.71 -32.30
CA ASN B 254 54.17 -24.80 -32.76
C ASN B 254 55.12 -24.27 -31.68
N LEU B 255 54.93 -24.71 -30.44
CA LEU B 255 55.75 -24.24 -29.33
C LEU B 255 57.15 -24.87 -29.36
N LYS B 256 58.13 -24.07 -28.95
CA LYS B 256 59.51 -24.55 -28.78
C LYS B 256 60.01 -23.99 -27.45
N LEU B 257 60.16 -24.84 -26.46
CA LEU B 257 60.51 -24.42 -25.12
C LEU B 257 61.83 -25.05 -24.71
N GLY B 258 62.43 -24.50 -23.65
CA GLY B 258 63.54 -25.12 -22.96
C GLY B 258 64.92 -24.85 -23.51
N GLU B 259 65.04 -24.15 -24.63
CA GLU B 259 66.36 -23.94 -25.22
C GLU B 259 67.09 -22.85 -24.45
N GLY B 260 68.27 -23.18 -23.94
CA GLY B 260 69.04 -22.28 -23.11
C GLY B 260 68.88 -22.54 -21.63
N VAL B 261 67.89 -23.34 -21.22
CA VAL B 261 67.72 -23.75 -19.84
C VAL B 261 67.78 -25.27 -19.76
N LYS B 262 67.41 -25.83 -18.61
CA LYS B 262 67.66 -27.25 -18.35
C LYS B 262 66.61 -28.18 -18.96
N GLY B 263 65.54 -27.68 -19.54
CA GLY B 263 64.55 -28.53 -20.17
C GLY B 263 63.16 -27.93 -20.06
N VAL B 264 62.16 -28.78 -20.35
CA VAL B 264 60.77 -28.38 -20.38
C VAL B 264 59.99 -29.26 -19.42
N TYR B 265 59.09 -28.63 -18.65
CA TYR B 265 58.19 -29.30 -17.72
C TYR B 265 56.74 -29.01 -18.14
N VAL B 266 55.91 -30.04 -18.18
CA VAL B 266 54.53 -29.92 -18.64
C VAL B 266 53.60 -30.22 -17.47
N SER B 267 52.85 -29.21 -17.03
CA SER B 267 51.83 -29.38 -16.00
C SER B 267 50.45 -29.37 -16.66
N ILE B 268 49.69 -30.44 -16.45
CA ILE B 268 48.37 -30.57 -17.08
C ILE B 268 47.33 -30.63 -15.97
N ASP B 269 46.63 -29.52 -15.77
CA ASP B 269 45.50 -29.52 -14.86
C ASP B 269 44.28 -29.97 -15.68
N VAL B 270 43.61 -31.02 -15.20
CA VAL B 270 42.50 -31.58 -15.96
C VAL B 270 41.35 -30.57 -16.08
N ASP B 271 41.22 -29.61 -15.14
CA ASP B 271 40.10 -28.68 -15.26
C ASP B 271 40.34 -27.62 -16.34
N SER B 272 41.48 -27.68 -17.04
CA SER B 272 41.66 -26.87 -18.23
C SER B 272 40.69 -27.28 -19.32
N LEU B 273 40.25 -28.54 -19.31
CA LEU B 273 39.26 -29.02 -20.26
C LEU B 273 37.87 -28.53 -19.88
N ASP B 274 37.05 -28.30 -20.89
CA ASP B 274 35.66 -27.95 -20.61
C ASP B 274 35.05 -29.00 -19.69
N PRO B 275 34.22 -28.61 -18.71
CA PRO B 275 33.57 -29.59 -17.82
C PRO B 275 32.70 -30.62 -18.54
N SER B 276 32.25 -30.35 -19.75
CA SER B 276 31.50 -31.36 -20.50
C SER B 276 32.39 -32.53 -20.91
N ILE B 277 33.69 -32.30 -21.00
CA ILE B 277 34.69 -33.32 -21.32
C ILE B 277 35.25 -33.95 -20.07
N ALA B 278 35.53 -33.13 -19.05
CA ALA B 278 36.15 -33.58 -17.81
C ALA B 278 35.29 -33.13 -16.62
N PRO B 279 34.15 -33.77 -16.40
CA PRO B 279 33.33 -33.39 -15.23
C PRO B 279 33.99 -33.73 -13.92
N GLY B 280 34.96 -34.64 -13.92
CA GLY B 280 35.51 -35.12 -12.67
C GLY B 280 36.67 -34.27 -12.24
N VAL B 281 36.35 -33.05 -11.79
CA VAL B 281 37.32 -32.08 -11.30
C VAL B 281 36.61 -31.30 -10.21
N SER B 282 37.39 -30.65 -9.34
CA SER B 282 36.78 -29.88 -8.26
C SER B 282 36.20 -28.56 -8.75
N HIS B 283 36.79 -27.95 -9.78
CA HIS B 283 36.45 -26.61 -10.21
C HIS B 283 35.92 -26.63 -11.64
N HIS B 284 34.61 -26.79 -11.78
CA HIS B 284 33.98 -26.63 -13.09
C HIS B 284 34.06 -25.18 -13.53
N GLU B 285 34.62 -24.95 -14.71
CA GLU B 285 34.66 -23.61 -15.30
C GLU B 285 34.24 -23.71 -16.76
N PRO B 286 32.96 -23.42 -17.08
CA PRO B 286 32.46 -23.59 -18.45
C PRO B 286 33.24 -22.77 -19.46
N GLY B 287 33.40 -23.34 -20.66
CA GLY B 287 34.06 -22.66 -21.77
C GLY B 287 35.53 -23.01 -21.90
N GLY B 288 35.90 -24.25 -21.61
CA GLY B 288 37.29 -24.66 -21.60
C GLY B 288 37.78 -25.29 -22.90
N LEU B 289 38.97 -25.87 -22.82
CA LEU B 289 39.59 -26.48 -23.99
C LEU B 289 38.86 -27.75 -24.40
N LEU B 290 38.91 -28.04 -25.70
CA LEU B 290 38.58 -29.38 -26.17
C LEU B 290 39.80 -30.28 -25.98
N PHE B 291 39.55 -31.58 -25.91
CA PHE B 291 40.67 -32.50 -25.70
C PHE B 291 41.67 -32.41 -26.84
N ARG B 292 41.18 -32.27 -28.07
CA ARG B 292 42.07 -32.15 -29.22
C ARG B 292 42.92 -30.88 -29.15
N ASP B 293 42.44 -29.81 -28.49
CA ASP B 293 43.27 -28.61 -28.26
C ASP B 293 44.53 -28.96 -27.49
N ILE B 294 44.41 -29.68 -26.37
CA ILE B 294 45.59 -30.11 -25.63
C ILE B 294 46.47 -31.00 -26.50
N LEU B 295 45.86 -31.93 -27.25
CA LEU B 295 46.67 -32.87 -28.03
C LEU B 295 47.46 -32.15 -29.11
N ASN B 296 46.82 -31.21 -29.82
CA ASN B 296 47.51 -30.50 -30.88
C ASN B 296 48.74 -29.77 -30.34
N ILE B 297 48.63 -29.21 -29.15
CA ILE B 297 49.73 -28.46 -28.56
C ILE B 297 50.80 -29.40 -28.03
N LEU B 298 50.39 -30.42 -27.29
CA LEU B 298 51.35 -31.34 -26.68
C LEU B 298 52.04 -32.20 -27.73
N GLN B 299 51.31 -32.68 -28.74
CA GLN B 299 51.95 -33.55 -29.73
C GLN B 299 52.95 -32.79 -30.59
N ASN B 300 52.80 -31.49 -30.74
CA ASN B 300 53.72 -30.74 -31.58
C ASN B 300 54.78 -29.98 -30.79
N LEU B 301 54.74 -30.06 -29.45
CA LEU B 301 55.70 -29.37 -28.62
C LEU B 301 57.12 -29.84 -28.91
N GLN B 302 58.01 -28.89 -29.20
CA GLN B 302 59.44 -29.19 -29.31
C GLN B 302 60.17 -28.79 -28.04
N GLY B 303 61.12 -29.61 -27.63
CA GLY B 303 61.91 -29.36 -26.45
C GLY B 303 62.15 -30.63 -25.65
N ASP B 304 63.20 -30.60 -24.84
CA ASP B 304 63.63 -31.72 -24.02
C ASP B 304 62.75 -31.78 -22.76
N ILE B 305 61.69 -32.59 -22.82
CA ILE B 305 60.79 -32.67 -21.66
C ILE B 305 61.50 -33.42 -20.54
N VAL B 306 61.64 -32.77 -19.38
CA VAL B 306 62.34 -33.35 -18.25
C VAL B 306 61.41 -33.80 -17.13
N GLY B 307 60.14 -33.43 -17.17
CA GLY B 307 59.19 -33.91 -16.21
C GLY B 307 57.83 -33.36 -16.54
N GLY B 308 56.84 -33.83 -15.81
CA GLY B 308 55.52 -33.24 -15.95
C GLY B 308 54.57 -33.84 -14.94
N ASP B 309 53.33 -33.33 -14.96
CA ASP B 309 52.30 -33.86 -14.08
C ASP B 309 50.92 -33.76 -14.73
N VAL B 310 50.00 -34.54 -14.17
CA VAL B 310 48.58 -34.52 -14.55
C VAL B 310 47.83 -34.47 -13.23
N VAL B 311 47.14 -33.36 -12.99
CA VAL B 311 46.65 -33.05 -11.65
C VAL B 311 45.17 -32.71 -11.74
N GLU B 312 44.50 -32.83 -10.60
CA GLU B 312 43.15 -32.32 -10.29
C GLU B 312 42.05 -33.21 -10.87
N TYR B 313 42.38 -34.38 -11.42
CA TYR B 313 41.32 -35.37 -11.63
C TYR B 313 40.71 -35.74 -10.27
N ASN B 314 39.40 -35.66 -10.16
CA ASN B 314 38.67 -35.92 -8.92
C ASN B 314 37.69 -37.06 -9.16
N PRO B 315 38.02 -38.30 -8.80
CA PRO B 315 37.06 -39.39 -9.10
C PRO B 315 35.74 -39.26 -8.35
N GLN B 316 35.71 -38.54 -7.23
CA GLN B 316 34.44 -38.40 -6.52
C GLN B 316 33.46 -37.50 -7.25
N ARG B 317 33.89 -36.76 -8.27
CA ARG B 317 32.95 -35.96 -9.05
C ARG B 317 32.85 -36.45 -10.49
N ASP B 318 33.43 -37.61 -10.79
CA ASP B 318 33.35 -38.19 -12.11
C ASP B 318 31.97 -38.80 -12.34
N THR B 319 31.65 -39.07 -13.54
CA THR B 319 30.45 -39.77 -13.95
C THR B 319 30.61 -41.27 -13.72
N TYR B 320 29.47 -41.96 -13.67
CA TYR B 320 29.46 -43.38 -13.29
CA TYR B 320 29.47 -43.37 -13.29
C TYR B 320 30.31 -44.22 -14.23
N ASP B 321 30.49 -43.72 -15.46
CA ASP B 321 31.29 -44.45 -16.49
C ASP B 321 32.78 -44.19 -16.28
N GLY B 322 33.12 -43.24 -15.40
CA GLY B 322 34.50 -42.84 -15.21
C GLY B 322 35.18 -42.22 -16.41
N ILE B 323 34.47 -41.37 -17.15
CA ILE B 323 35.04 -40.81 -18.37
C ILE B 323 36.27 -39.96 -18.06
N THR B 324 36.28 -39.23 -16.94
CA THR B 324 37.41 -38.34 -16.68
C THR B 324 38.66 -39.15 -16.33
N ALA B 325 38.50 -40.34 -15.73
CA ALA B 325 39.65 -41.22 -15.51
C ALA B 325 40.33 -41.57 -16.84
N LEU B 326 39.50 -41.85 -17.87
CA LEU B 326 39.98 -42.14 -19.25
C LEU B 326 40.62 -40.88 -19.85
N VAL B 327 39.98 -39.72 -19.67
CA VAL B 327 40.54 -38.44 -20.12
C VAL B 327 41.92 -38.23 -19.49
N ALA B 328 42.02 -38.41 -18.17
CA ALA B 328 43.30 -38.21 -17.50
C ALA B 328 44.32 -39.25 -17.93
N ALA B 329 43.89 -40.52 -18.11
CA ALA B 329 44.81 -41.55 -18.58
C ALA B 329 45.36 -41.22 -19.95
N LYS B 330 44.52 -40.72 -20.86
CA LYS B 330 45.00 -40.39 -22.19
C LYS B 330 45.98 -39.23 -22.16
N LEU B 331 45.75 -38.24 -21.30
CA LEU B 331 46.73 -37.16 -21.11
C LEU B 331 48.06 -37.71 -20.62
N VAL B 332 48.02 -38.59 -19.61
CA VAL B 332 49.25 -39.26 -19.16
C VAL B 332 49.90 -40.01 -20.31
N ARG B 333 49.11 -40.76 -21.07
CA ARG B 333 49.64 -41.59 -22.16
C ARG B 333 50.31 -40.73 -23.20
N GLU B 334 49.69 -39.61 -23.56
CA GLU B 334 50.27 -38.76 -24.60
C GLU B 334 51.46 -37.98 -24.08
N LEU B 335 51.41 -37.52 -22.83
CA LEU B 335 52.58 -36.87 -22.24
C LEU B 335 53.75 -37.85 -22.18
N ALA B 336 53.50 -39.09 -21.75
CA ALA B 336 54.56 -40.07 -21.71
C ALA B 336 55.12 -40.38 -23.11
N ALA B 337 54.28 -40.32 -24.14
CA ALA B 337 54.80 -40.54 -25.49
C ALA B 337 55.84 -39.48 -25.86
N LYS B 338 55.61 -38.24 -25.43
CA LYS B 338 56.51 -37.14 -25.74
C LYS B 338 57.74 -37.13 -24.85
N MET B 339 57.60 -37.56 -23.59
CA MET B 339 58.73 -37.52 -22.66
C MET B 339 59.68 -38.70 -22.85
N SER B 340 59.15 -39.89 -23.09
CA SER B 340 59.99 -41.05 -23.32
C SER B 340 60.63 -40.99 -24.70
N LYS B 341 61.86 -41.48 -24.78
CA LYS B 341 62.59 -41.40 -26.02
C LYS B 341 63.80 -42.33 -26.01
N SER C 24 -17.28 -17.30 -5.04
CA SER C 24 -17.62 -15.91 -4.77
C SER C 24 -16.79 -14.98 -5.64
N PRO C 25 -17.44 -14.31 -6.61
CA PRO C 25 -16.67 -13.56 -7.61
C PRO C 25 -16.03 -12.30 -7.05
N ALA C 26 -16.69 -11.61 -6.11
CA ALA C 26 -16.15 -10.38 -5.53
C ALA C 26 -14.94 -10.66 -4.66
N LEU C 27 -15.03 -11.74 -3.88
CA LEU C 27 -13.91 -12.16 -2.99
C LEU C 27 -12.70 -12.45 -3.89
N LEU C 28 -12.96 -13.01 -5.08
CA LEU C 28 -11.88 -13.38 -6.03
C LEU C 28 -11.17 -12.18 -6.68
N GLU C 29 -11.92 -11.19 -7.21
CA GLU C 29 -11.25 -10.02 -7.77
C GLU C 29 -10.48 -9.26 -6.70
N LYS C 30 -11.09 -9.09 -5.53
CA LYS C 30 -10.46 -8.28 -4.49
C LYS C 30 -9.17 -8.93 -3.99
N ALA C 31 -9.21 -10.24 -3.73
CA ALA C 31 -7.99 -10.92 -3.32
C ALA C 31 -6.92 -10.87 -4.40
N GLN C 32 -7.32 -10.97 -5.67
CA GLN C 32 -6.35 -10.89 -6.74
C GLN C 32 -5.69 -9.52 -6.76
N ASN C 33 -6.50 -8.46 -6.67
CA ASN C 33 -5.96 -7.11 -6.61
C ASN C 33 -5.01 -6.96 -5.43
N ARG C 34 -5.39 -7.49 -4.27
CA ARG C 34 -4.61 -7.21 -3.06
C ARG C 34 -3.36 -8.07 -2.99
N VAL C 35 -3.42 -9.33 -3.46
CA VAL C 35 -2.19 -10.13 -3.52
C VAL C 35 -1.23 -9.56 -4.54
N ILE C 36 -1.73 -9.23 -5.73
CA ILE C 36 -0.85 -8.68 -6.76
C ILE C 36 -0.21 -7.39 -6.28
N ASP C 37 -1.00 -6.53 -5.64
CA ASP C 37 -0.49 -5.24 -5.15
C ASP C 37 0.62 -5.42 -4.12
N ALA C 38 0.44 -6.38 -3.21
CA ALA C 38 1.45 -6.64 -2.20
C ALA C 38 2.71 -7.23 -2.83
N ALA C 39 2.56 -8.11 -3.83
CA ALA C 39 3.71 -8.62 -4.58
C ALA C 39 4.48 -7.50 -5.26
N LEU C 40 3.77 -6.59 -5.94
CA LEU C 40 4.43 -5.49 -6.62
C LEU C 40 5.09 -4.53 -5.63
N THR C 41 4.47 -4.34 -4.46
CA THR C 41 5.09 -3.48 -3.44
C THR C 41 6.41 -4.07 -2.95
N PHE C 42 6.47 -5.40 -2.82
CA PHE C 42 7.71 -6.06 -2.43
C PHE C 42 8.82 -5.82 -3.46
N ILE C 43 8.50 -6.01 -4.74
CA ILE C 43 9.47 -5.74 -5.80
C ILE C 43 9.86 -4.28 -5.81
N ARG C 44 8.88 -3.37 -5.65
CA ARG C 44 9.18 -1.94 -5.66
C ARG C 44 10.11 -1.58 -4.51
N GLU C 45 9.87 -2.13 -3.32
CA GLU C 45 10.69 -1.76 -2.17
C GLU C 45 12.11 -2.32 -2.31
N ARG C 46 12.25 -3.50 -2.89
CA ARG C 46 13.56 -4.06 -3.15
C ARG C 46 14.32 -3.23 -4.18
N ALA C 47 13.63 -2.80 -5.24
CA ALA C 47 14.27 -1.97 -6.25
C ALA C 47 14.61 -0.57 -5.71
N LYS C 48 13.72 0.01 -4.89
CA LYS C 48 14.02 1.30 -4.27
C LYS C 48 15.29 1.21 -3.44
N PHE C 49 15.41 0.16 -2.62
CA PHE C 49 16.60 -0.08 -1.82
C PHE C 49 17.85 -0.15 -2.70
N LYS C 50 17.82 -0.97 -3.76
CA LYS C 50 19.05 -1.18 -4.54
C LYS C 50 19.39 0.04 -5.38
N GLY C 51 18.38 0.76 -5.87
CA GLY C 51 18.65 2.00 -6.58
C GLY C 51 19.31 3.04 -5.69
N GLU C 52 18.74 3.25 -4.50
CA GLU C 52 19.35 4.18 -3.55
C GLU C 52 20.76 3.75 -3.17
N LEU C 53 20.99 2.44 -3.05
CA LEU C 53 22.33 1.94 -2.78
C LEU C 53 23.31 2.35 -3.89
N MET C 54 22.97 2.07 -5.15
CA MET C 54 23.93 2.38 -6.21
C MET C 54 24.14 3.87 -6.31
N ARG C 55 23.08 4.67 -6.19
CA ARG C 55 23.22 6.11 -6.31
C ARG C 55 24.08 6.69 -5.20
N SER C 56 24.03 6.11 -4.00
CA SER C 56 24.93 6.57 -2.94
C SER C 56 26.37 6.17 -3.21
N LEU C 57 26.60 5.02 -3.86
CA LEU C 57 27.97 4.62 -4.17
C LEU C 57 28.60 5.55 -5.21
N GLY C 58 27.82 5.98 -6.20
CA GLY C 58 28.33 6.83 -7.26
C GLY C 58 29.21 6.07 -8.23
N GLY C 59 29.58 6.74 -9.31
CA GLY C 59 30.44 6.12 -10.32
C GLY C 59 29.80 4.94 -11.00
N VAL C 60 28.54 5.06 -11.39
CA VAL C 60 27.81 3.96 -11.99
C VAL C 60 26.78 4.53 -12.96
N ALA C 61 26.83 4.07 -14.22
CA ALA C 61 25.82 4.42 -15.20
C ALA C 61 24.74 3.35 -15.34
N ALA C 62 25.07 2.08 -15.10
CA ALA C 62 24.09 1.00 -15.22
C ALA C 62 24.50 -0.15 -14.31
N THR C 63 23.52 -0.72 -13.61
CA THR C 63 23.74 -1.88 -12.74
C THR C 63 22.77 -2.98 -13.13
N SER C 64 23.31 -4.11 -13.63
CA SER C 64 22.50 -5.28 -13.92
C SER C 64 21.81 -5.77 -12.67
N SER C 65 20.49 -5.91 -12.72
CA SER C 65 19.69 -6.19 -11.53
C SER C 65 18.83 -7.41 -11.79
N LEU C 66 19.01 -8.44 -10.96
CA LEU C 66 18.38 -9.73 -11.21
C LEU C 66 16.92 -9.69 -10.78
N LEU C 67 16.04 -10.06 -11.70
CA LEU C 67 14.61 -10.22 -11.44
C LEU C 67 14.25 -11.65 -11.83
N GLY C 68 13.89 -12.48 -10.84
CA GLY C 68 13.46 -13.84 -11.16
C GLY C 68 11.99 -13.91 -11.59
N VAL C 69 11.72 -14.73 -12.60
CA VAL C 69 10.35 -15.01 -13.02
C VAL C 69 10.17 -16.52 -13.05
N PRO C 70 9.88 -17.13 -11.91
CA PRO C 70 9.80 -18.60 -11.76
C PRO C 70 8.50 -19.15 -12.35
N LEU C 71 8.40 -19.09 -13.67
CA LEU C 71 7.23 -19.53 -14.41
C LEU C 71 7.63 -20.65 -15.36
N GLY C 72 7.06 -21.82 -15.19
CA GLY C 72 7.37 -22.92 -16.09
C GLY C 72 6.18 -23.58 -16.77
N HIS C 73 4.97 -23.07 -16.54
CA HIS C 73 3.77 -23.82 -16.92
C HIS C 73 3.34 -23.57 -18.36
N HIS C 74 3.95 -22.60 -19.04
CA HIS C 74 3.81 -22.44 -20.48
C HIS C 74 4.79 -23.32 -21.24
N SER C 75 5.44 -24.26 -20.55
CA SER C 75 6.34 -25.18 -21.22
C SER C 75 5.56 -26.29 -21.88
N SER C 76 6.12 -26.86 -22.94
CA SER C 76 5.46 -27.90 -23.73
C SER C 76 5.88 -29.31 -23.36
N PHE C 77 6.77 -29.49 -22.38
CA PHE C 77 7.29 -30.82 -22.08
C PHE C 77 7.56 -31.01 -20.59
N HIS C 78 8.23 -30.04 -19.98
CA HIS C 78 8.67 -30.14 -18.60
C HIS C 78 8.70 -28.73 -18.03
N GLU C 79 8.15 -28.53 -16.83
CA GLU C 79 7.94 -27.22 -16.22
C GLU C 79 8.97 -26.89 -15.13
N GLY C 80 10.08 -27.63 -15.09
CA GLY C 80 11.07 -27.45 -14.04
C GLY C 80 11.83 -26.13 -14.09
N SER C 81 11.81 -25.41 -15.21
CA SER C 81 12.51 -24.14 -15.18
C SER C 81 11.85 -23.13 -14.26
N ALA C 82 10.62 -23.40 -13.79
CA ALA C 82 10.06 -22.61 -12.70
C ALA C 82 11.01 -22.54 -11.51
N PHE C 83 11.78 -23.59 -11.27
CA PHE C 83 12.64 -23.63 -10.09
C PHE C 83 14.03 -23.02 -10.32
N ALA C 84 14.30 -22.45 -11.48
CA ALA C 84 15.67 -22.05 -11.81
C ALA C 84 16.20 -20.81 -11.06
N PRO C 85 15.44 -19.72 -10.89
CA PRO C 85 16.08 -18.46 -10.47
C PRO C 85 16.88 -18.60 -9.18
N PRO C 86 16.36 -19.23 -8.11
CA PRO C 86 17.19 -19.34 -6.90
C PRO C 86 18.43 -20.20 -7.08
N ARG C 87 18.40 -21.22 -7.94
CA ARG C 87 19.58 -22.05 -8.15
C ARG C 87 20.66 -21.27 -8.88
N ILE C 88 20.26 -20.41 -9.83
CA ILE C 88 21.22 -19.62 -10.57
C ILE C 88 21.92 -18.65 -9.64
N ARG C 89 21.15 -17.94 -8.80
CA ARG C 89 21.73 -16.95 -7.90
C ARG C 89 22.72 -17.59 -6.97
N GLU C 90 22.42 -18.80 -6.47
CA GLU C 90 23.36 -19.48 -5.61
C GLU C 90 24.65 -19.82 -6.35
N ALA C 91 24.54 -20.32 -7.59
CA ALA C 91 25.73 -20.74 -8.31
C ALA C 91 26.60 -19.55 -8.73
N ILE C 92 26.03 -18.35 -8.82
CA ILE C 92 26.84 -17.17 -9.09
C ILE C 92 27.91 -17.01 -8.01
N TRP C 93 27.64 -17.50 -6.80
CA TRP C 93 28.54 -17.37 -5.66
C TRP C 93 29.04 -18.72 -5.17
N CYS C 94 29.04 -19.73 -6.05
CA CYS C 94 29.54 -21.04 -5.69
C CYS C 94 30.94 -20.94 -5.11
N ASP C 95 31.20 -21.71 -4.05
CA ASP C 95 32.49 -21.67 -3.39
C ASP C 95 33.64 -22.10 -4.28
N SER C 96 33.36 -22.80 -5.40
CA SER C 96 34.46 -23.22 -6.27
C SER C 96 34.87 -22.13 -7.25
N THR C 97 34.14 -21.01 -7.31
CA THR C 97 34.47 -19.97 -8.26
C THR C 97 35.04 -18.75 -7.53
N ASN C 98 35.70 -17.89 -8.27
CA ASN C 98 35.96 -16.56 -7.73
C ASN C 98 34.92 -15.59 -8.29
N SER C 99 34.95 -14.37 -7.79
CA SER C 99 33.92 -13.38 -8.06
C SER C 99 34.27 -12.42 -9.20
N THR C 100 35.23 -12.75 -10.05
CA THR C 100 35.65 -11.88 -11.15
C THR C 100 35.22 -12.49 -12.49
N THR C 101 34.70 -11.65 -13.38
CA THR C 101 34.30 -12.14 -14.70
C THR C 101 35.53 -12.31 -15.60
N GLU C 102 35.34 -12.98 -16.75
CA GLU C 102 36.48 -13.32 -17.59
C GLU C 102 37.27 -12.08 -18.03
N GLU C 103 36.60 -10.95 -18.19
CA GLU C 103 37.27 -9.74 -18.65
C GLU C 103 37.47 -8.72 -17.53
N GLY C 104 37.31 -9.12 -16.27
CA GLY C 104 37.88 -8.37 -15.16
C GLY C 104 36.94 -7.57 -14.29
N LYS C 105 35.63 -7.73 -14.40
CA LYS C 105 34.71 -7.04 -13.51
C LYS C 105 34.52 -7.82 -12.22
N ASN C 106 34.37 -7.11 -11.10
CA ASN C 106 34.26 -7.74 -9.79
C ASN C 106 32.79 -7.81 -9.39
N LEU C 107 32.26 -9.02 -9.30
CA LEU C 107 30.87 -9.22 -8.90
C LEU C 107 30.60 -8.87 -7.45
N ARG C 108 31.64 -8.72 -6.61
CA ARG C 108 31.37 -8.26 -5.25
C ARG C 108 31.03 -6.77 -5.22
N ASP C 109 31.26 -6.05 -6.31
CA ASP C 109 30.87 -4.65 -6.41
C ASP C 109 29.37 -4.59 -6.65
N PRO C 110 28.58 -4.05 -5.73
CA PRO C 110 27.12 -4.01 -5.95
C PRO C 110 26.72 -3.28 -7.20
N ARG C 111 27.60 -2.41 -7.72
CA ARG C 111 27.34 -1.70 -8.97
C ARG C 111 27.46 -2.60 -10.19
N VAL C 112 28.08 -3.77 -10.06
CA VAL C 112 28.24 -4.68 -11.19
C VAL C 112 27.05 -5.63 -11.31
N ILE C 113 26.54 -6.11 -10.19
CA ILE C 113 25.38 -7.01 -10.20
C ILE C 113 24.71 -6.90 -8.85
N THR C 114 23.36 -6.93 -8.85
CA THR C 114 22.60 -6.90 -7.62
C THR C 114 21.31 -7.69 -7.83
N ASN C 115 20.78 -8.25 -6.76
CA ASN C 115 19.53 -8.99 -6.82
C ASN C 115 18.36 -8.12 -6.37
N VAL C 116 17.26 -8.15 -7.14
CA VAL C 116 16.05 -7.45 -6.71
C VAL C 116 15.14 -8.44 -6.00
N GLY C 117 14.70 -9.46 -6.72
CA GLY C 117 13.86 -10.48 -6.12
C GLY C 117 13.16 -11.30 -7.19
N ASP C 118 12.28 -12.18 -6.73
CA ASP C 118 11.47 -13.05 -7.59
C ASP C 118 10.01 -12.55 -7.57
N VAL C 119 9.41 -12.44 -8.75
CA VAL C 119 7.95 -12.31 -8.83
C VAL C 119 7.31 -13.57 -8.27
N PRO C 120 6.38 -13.47 -7.31
CA PRO C 120 5.78 -14.72 -6.75
C PRO C 120 4.70 -15.30 -7.66
N ILE C 121 5.16 -15.90 -8.76
CA ILE C 121 4.25 -16.43 -9.79
C ILE C 121 3.29 -17.45 -9.17
N GLU C 122 3.83 -18.43 -8.46
CA GLU C 122 3.01 -19.50 -7.89
C GLU C 122 1.86 -18.96 -7.05
N GLU C 123 2.18 -18.08 -6.09
CA GLU C 123 1.14 -17.52 -5.23
C GLU C 123 0.14 -16.69 -6.03
N ILE C 124 0.61 -15.98 -7.05
CA ILE C 124 -0.33 -15.14 -7.80
C ILE C 124 -1.24 -16.00 -8.67
N ARG C 125 -0.65 -16.99 -9.35
CA ARG C 125 -1.45 -17.92 -10.13
C ARG C 125 -2.41 -18.71 -9.25
N ASP C 126 -2.04 -18.94 -7.99
CA ASP C 126 -2.93 -19.64 -7.08
C ASP C 126 -4.13 -18.78 -6.65
N CYS C 127 -4.14 -17.49 -6.96
CA CYS C 127 -5.33 -16.67 -6.77
C CYS C 127 -6.30 -16.77 -7.93
N GLY C 128 -6.04 -17.66 -8.89
CA GLY C 128 -6.92 -17.78 -10.02
C GLY C 128 -6.71 -16.71 -11.07
N VAL C 129 -5.57 -16.03 -11.04
CA VAL C 129 -5.30 -15.00 -12.04
C VAL C 129 -5.01 -15.68 -13.38
N ASP C 130 -5.56 -15.11 -14.46
CA ASP C 130 -5.36 -15.70 -15.77
C ASP C 130 -4.02 -15.27 -16.35
N ASP C 131 -3.70 -15.79 -17.53
CA ASP C 131 -2.36 -15.65 -18.08
C ASP C 131 -2.09 -14.25 -18.58
N LYS C 132 -3.09 -13.54 -19.09
CA LYS C 132 -2.88 -12.16 -19.51
C LYS C 132 -2.50 -11.28 -18.31
N ARG C 133 -3.24 -11.42 -17.20
CA ARG C 133 -2.92 -10.64 -16.01
C ARG C 133 -1.57 -11.07 -15.43
N LEU C 134 -1.28 -12.37 -15.45
CA LEU C 134 0.05 -12.82 -15.05
C LEU C 134 1.14 -12.14 -15.87
N ALA C 135 0.99 -12.16 -17.20
CA ALA C 135 1.96 -11.49 -18.06
C ALA C 135 2.07 -10.02 -17.70
N ASN C 136 0.94 -9.41 -17.35
CA ASN C 136 0.95 -8.00 -16.98
C ASN C 136 1.74 -7.76 -15.69
N VAL C 137 1.66 -8.70 -14.74
CA VAL C 137 2.39 -8.53 -13.48
C VAL C 137 3.90 -8.62 -13.73
N ILE C 138 4.32 -9.49 -14.65
CA ILE C 138 5.73 -9.58 -15.04
C ILE C 138 6.18 -8.26 -15.67
N SER C 139 5.37 -7.69 -16.56
CA SER C 139 5.75 -6.44 -17.20
C SER C 139 5.88 -5.31 -16.19
N GLU C 140 4.91 -5.18 -15.27
CA GLU C 140 4.99 -4.12 -14.27
C GLU C 140 6.19 -4.31 -13.35
N SER C 141 6.51 -5.56 -13.01
CA SER C 141 7.68 -5.81 -12.17
C SER C 141 8.96 -5.35 -12.85
N VAL C 142 9.08 -5.62 -14.14
CA VAL C 142 10.24 -5.17 -14.90
C VAL C 142 10.34 -3.65 -14.86
N LYS C 143 9.22 -2.99 -15.12
CA LYS C 143 9.20 -1.53 -15.12
C LYS C 143 9.56 -0.97 -13.75
N LEU C 144 9.23 -1.69 -12.67
CA LEU C 144 9.60 -1.20 -11.34
C LEU C 144 11.12 -1.19 -11.19
N VAL C 145 11.81 -2.16 -11.80
CA VAL C 145 13.26 -2.17 -11.77
C VAL C 145 13.79 -1.00 -12.58
N MET C 146 13.24 -0.79 -13.77
CA MET C 146 13.77 0.25 -14.64
C MET C 146 13.53 1.64 -14.05
N ASP C 147 12.48 1.79 -13.22
CA ASP C 147 12.16 3.05 -12.59
C ASP C 147 13.26 3.55 -11.65
N GLU C 148 14.14 2.68 -11.18
CA GLU C 148 15.13 3.07 -10.19
C GLU C 148 16.47 3.18 -10.90
N ASP C 149 16.80 4.40 -11.29
CA ASP C 149 18.14 4.68 -11.80
C ASP C 149 19.17 4.23 -10.76
N PRO C 150 20.24 3.52 -11.17
CA PRO C 150 20.59 3.10 -12.53
C PRO C 150 20.32 1.63 -12.84
N LEU C 151 19.32 1.02 -12.21
CA LEU C 151 19.13 -0.42 -12.39
C LEU C 151 18.66 -0.73 -13.81
N ARG C 152 19.19 -1.81 -14.37
CA ARG C 152 18.71 -2.36 -15.64
C ARG C 152 18.35 -3.83 -15.46
N PRO C 153 17.23 -4.27 -16.04
CA PRO C 153 16.69 -5.58 -15.66
C PRO C 153 17.42 -6.71 -16.38
N LEU C 154 17.87 -7.69 -15.59
CA LEU C 154 18.41 -8.94 -16.12
C LEU C 154 17.51 -10.02 -15.54
N VAL C 155 16.61 -10.55 -16.35
CA VAL C 155 15.57 -11.44 -15.87
C VAL C 155 16.09 -12.88 -15.83
N LEU C 156 15.77 -13.60 -14.77
CA LEU C 156 16.08 -15.03 -14.67
C LEU C 156 14.80 -15.84 -14.86
N GLY C 157 14.74 -16.66 -15.92
CA GLY C 157 13.62 -17.58 -16.10
C GLY C 157 13.84 -18.86 -15.31
N GLY C 158 12.80 -19.71 -15.27
CA GLY C 158 11.55 -19.53 -16.01
C GLY C 158 11.68 -20.00 -17.48
N ASP C 159 10.57 -20.42 -18.08
CA ASP C 159 10.64 -20.85 -19.47
C ASP C 159 10.65 -19.63 -20.38
N HIS C 160 10.87 -19.86 -21.66
CA HIS C 160 11.14 -18.73 -22.56
C HIS C 160 9.90 -17.87 -22.84
N SER C 161 8.70 -18.25 -22.39
CA SER C 161 7.57 -17.37 -22.63
C SER C 161 7.73 -16.00 -21.97
N ILE C 162 8.55 -15.90 -20.92
CA ILE C 162 8.63 -14.66 -20.18
C ILE C 162 9.29 -13.57 -21.01
N SER C 163 9.99 -13.91 -22.08
CA SER C 163 10.67 -12.88 -22.85
C SER C 163 9.68 -11.89 -23.45
N PHE C 164 8.45 -12.34 -23.76
CA PHE C 164 7.48 -11.41 -24.33
C PHE C 164 7.07 -10.32 -23.35
N PRO C 165 6.53 -10.63 -22.16
CA PRO C 165 6.15 -9.52 -21.26
C PRO C 165 7.34 -8.70 -20.79
N VAL C 166 8.54 -9.26 -20.80
CA VAL C 166 9.71 -8.51 -20.37
C VAL C 166 10.12 -7.51 -21.44
N VAL C 167 10.21 -7.97 -22.70
CA VAL C 167 10.61 -7.08 -23.79
C VAL C 167 9.54 -6.02 -24.04
N ARG C 168 8.26 -6.41 -23.95
CA ARG C 168 7.17 -5.44 -24.04
C ARG C 168 7.38 -4.32 -23.02
N ALA C 169 7.63 -4.69 -21.75
CA ALA C 169 7.88 -3.70 -20.71
C ALA C 169 9.08 -2.82 -21.06
N VAL C 170 10.19 -3.44 -21.43
CA VAL C 170 11.39 -2.68 -21.75
C VAL C 170 11.11 -1.68 -22.85
N SER C 171 10.43 -2.11 -23.91
CA SER C 171 10.17 -1.24 -25.07
C SER C 171 9.17 -0.13 -24.75
N GLU C 172 8.11 -0.43 -23.99
CA GLU C 172 7.19 0.62 -23.57
C GLU C 172 7.89 1.63 -22.69
N LYS C 173 8.67 1.16 -21.72
CA LYS C 173 9.31 2.07 -20.79
C LYS C 173 10.33 2.97 -21.48
N LEU C 174 11.03 2.46 -22.50
CA LEU C 174 12.01 3.24 -23.23
C LEU C 174 11.41 4.06 -24.37
N GLY C 175 10.14 3.83 -24.71
CA GLY C 175 9.47 4.59 -25.75
C GLY C 175 9.79 4.20 -27.18
N GLY C 176 10.22 2.98 -27.44
CA GLY C 176 10.48 2.59 -28.82
C GLY C 176 10.94 1.15 -28.93
N ALA C 177 11.47 0.82 -30.10
CA ALA C 177 11.91 -0.53 -30.38
C ALA C 177 13.35 -0.75 -29.89
N VAL C 178 13.66 -2.00 -29.59
CA VAL C 178 15.03 -2.44 -29.33
C VAL C 178 15.44 -3.40 -30.45
N ASP C 179 16.75 -3.68 -30.51
CA ASP C 179 17.27 -4.79 -31.28
C ASP C 179 17.50 -5.93 -30.30
N ILE C 180 17.39 -7.17 -30.77
CA ILE C 180 17.50 -8.33 -29.91
C ILE C 180 18.58 -9.26 -30.44
N LEU C 181 19.45 -9.71 -29.54
CA LEU C 181 20.33 -10.85 -29.77
C LEU C 181 19.72 -12.01 -29.00
N HIS C 182 19.44 -13.11 -29.70
CA HIS C 182 18.65 -14.21 -29.14
C HIS C 182 19.39 -15.51 -29.41
N PHE C 183 19.83 -16.18 -28.35
CA PHE C 183 20.50 -17.48 -28.46
C PHE C 183 19.46 -18.56 -28.22
N ASP C 184 19.31 -19.46 -29.19
CA ASP C 184 18.30 -20.51 -29.07
C ASP C 184 18.61 -21.66 -30.02
N ALA C 185 18.17 -22.86 -29.62
CA ALA C 185 18.16 -23.97 -30.57
C ALA C 185 16.92 -23.92 -31.47
N HIS C 186 15.85 -23.25 -31.01
CA HIS C 186 14.56 -23.12 -31.66
C HIS C 186 14.25 -21.64 -31.90
N PRO C 187 13.65 -21.30 -33.04
CA PRO C 187 13.35 -19.88 -33.30
C PRO C 187 12.35 -19.27 -32.32
N ASP C 188 11.51 -20.08 -31.66
CA ASP C 188 10.46 -19.58 -30.78
C ASP C 188 9.55 -18.58 -31.50
N LEU C 189 9.19 -18.91 -32.75
CA LEU C 189 8.41 -18.03 -33.62
C LEU C 189 7.10 -18.67 -34.10
N TYR C 190 6.62 -19.71 -33.43
CA TYR C 190 5.34 -20.31 -33.81
C TYR C 190 4.21 -19.29 -33.63
N HIS C 191 3.40 -19.11 -34.67
CA HIS C 191 2.20 -18.30 -34.52
C HIS C 191 1.25 -18.89 -33.48
N ASP C 192 1.03 -20.19 -33.53
CA ASP C 192 0.06 -20.88 -32.67
C ASP C 192 0.67 -22.22 -32.29
N PHE C 193 1.08 -22.37 -31.03
CA PHE C 193 1.66 -23.61 -30.53
C PHE C 193 0.67 -24.26 -29.56
N GLU C 194 -0.04 -25.28 -30.05
CA GLU C 194 -0.96 -26.09 -29.25
C GLU C 194 -2.00 -25.25 -28.50
N GLY C 195 -2.42 -24.13 -29.10
CA GLY C 195 -3.49 -23.31 -28.56
C GLY C 195 -3.10 -22.41 -27.40
N ASN C 196 -1.83 -22.27 -27.11
CA ASN C 196 -1.37 -21.44 -26.01
C ASN C 196 -0.70 -20.19 -26.61
N TYR C 197 -1.37 -19.04 -26.44
CA TYR C 197 -0.83 -17.76 -26.87
C TYR C 197 0.49 -17.44 -26.17
N TYR C 198 0.61 -17.80 -24.89
CA TYR C 198 1.81 -17.53 -24.11
C TYR C 198 2.78 -18.72 -24.08
N SER C 199 2.70 -19.61 -25.08
CA SER C 199 3.60 -20.77 -25.13
C SER C 199 5.05 -20.32 -25.16
N HIS C 200 5.93 -21.10 -24.51
CA HIS C 200 7.35 -20.78 -24.55
C HIS C 200 7.96 -20.92 -25.94
N ALA C 201 7.21 -21.44 -26.93
CA ALA C 201 7.67 -21.55 -28.30
C ALA C 201 7.15 -20.44 -29.20
N SER C 202 6.47 -19.42 -28.63
CA SER C 202 5.88 -18.28 -29.36
C SER C 202 6.29 -16.85 -28.93
N PRO C 203 7.14 -16.63 -27.92
CA PRO C 203 7.27 -15.25 -27.42
C PRO C 203 7.83 -14.27 -28.45
N PHE C 204 8.66 -14.73 -29.37
CA PHE C 204 9.25 -13.79 -30.33
C PHE C 204 8.32 -13.48 -31.49
N ALA C 205 7.39 -14.37 -31.80
CA ALA C 205 6.27 -13.98 -32.67
C ALA C 205 5.49 -12.84 -32.04
N ARG C 206 5.15 -12.98 -30.75
CA ARG C 206 4.44 -11.92 -30.05
C ARG C 206 5.26 -10.62 -30.06
N ILE C 207 6.57 -10.72 -29.85
CA ILE C 207 7.41 -9.52 -29.82
C ILE C 207 7.40 -8.82 -31.17
N MET C 208 7.57 -9.57 -32.26
CA MET C 208 7.62 -8.97 -33.59
C MET C 208 6.27 -8.40 -33.98
N GLU C 209 5.17 -9.08 -33.61
CA GLU C 209 3.84 -8.59 -33.93
C GLU C 209 3.59 -7.22 -33.31
N GLY C 210 4.06 -7.01 -32.09
CA GLY C 210 3.91 -5.74 -31.41
C GLY C 210 4.85 -4.64 -31.83
N GLY C 211 5.82 -4.93 -32.70
CA GLY C 211 6.79 -3.90 -33.06
C GLY C 211 7.74 -3.53 -31.94
N TYR C 212 7.82 -4.34 -30.89
CA TYR C 212 8.72 -4.04 -29.79
C TYR C 212 10.18 -4.21 -30.19
N ALA C 213 10.45 -4.90 -31.28
CA ALA C 213 11.82 -5.15 -31.70
C ALA C 213 11.96 -4.85 -33.19
N ARG C 214 13.12 -4.29 -33.55
CA ARG C 214 13.44 -4.02 -34.95
C ARG C 214 14.23 -5.21 -35.50
N ARG C 215 15.50 -5.31 -35.17
CA ARG C 215 16.30 -6.47 -35.58
C ARG C 215 16.18 -7.57 -34.55
N LEU C 216 16.06 -8.80 -35.04
CA LEU C 216 16.12 -9.99 -34.20
C LEU C 216 17.18 -10.89 -34.80
N VAL C 217 18.26 -11.10 -34.05
CA VAL C 217 19.39 -11.89 -34.49
C VAL C 217 19.41 -13.15 -33.63
N GLN C 218 19.10 -14.29 -34.24
CA GLN C 218 19.01 -15.57 -33.56
C GLN C 218 20.25 -16.40 -33.87
N VAL C 219 20.84 -16.98 -32.83
CA VAL C 219 22.09 -17.73 -32.94
C VAL C 219 21.93 -19.09 -32.27
N GLY C 220 22.40 -20.14 -32.93
CA GLY C 220 22.32 -21.50 -32.42
C GLY C 220 21.17 -22.34 -32.94
N ILE C 221 20.43 -21.84 -33.94
CA ILE C 221 19.24 -22.52 -34.43
C ILE C 221 19.62 -23.85 -35.07
N ARG C 222 18.99 -24.92 -34.61
CA ARG C 222 19.14 -26.21 -35.25
C ARG C 222 17.85 -27.02 -35.22
N SER C 223 16.72 -26.42 -34.87
CA SER C 223 15.43 -27.10 -34.83
C SER C 223 14.38 -26.08 -35.25
N ILE C 224 13.99 -26.12 -36.53
CA ILE C 224 13.11 -25.11 -37.12
C ILE C 224 12.24 -25.78 -38.18
N THR C 225 10.93 -25.60 -38.05
CA THR C 225 9.98 -26.18 -38.99
C THR C 225 9.86 -25.30 -40.23
N ASN C 226 9.38 -25.90 -41.33
CA ASN C 226 9.18 -25.13 -42.55
C ASN C 226 8.11 -24.06 -42.38
N ASP C 227 7.17 -24.27 -41.44
CA ASP C 227 6.17 -23.25 -41.12
C ASP C 227 6.79 -22.05 -40.39
N VAL C 228 7.74 -22.30 -39.49
CA VAL C 228 8.42 -21.20 -38.82
C VAL C 228 9.43 -20.51 -39.76
N ARG C 229 9.88 -21.21 -40.82
CA ARG C 229 10.78 -20.57 -41.78
C ARG C 229 10.11 -19.41 -42.51
N GLU C 230 8.79 -19.48 -42.70
CA GLU C 230 8.01 -18.37 -43.26
C GLU C 230 7.73 -17.26 -42.25
N GLN C 231 7.80 -17.56 -40.95
CA GLN C 231 7.77 -16.50 -39.93
C GLN C 231 9.05 -15.68 -39.89
N VAL C 232 10.19 -16.30 -40.23
CA VAL C 232 11.46 -15.56 -40.28
C VAL C 232 11.49 -14.60 -41.47
N LYS C 233 10.99 -15.04 -42.63
CA LYS C 233 10.87 -14.16 -43.78
C LYS C 233 9.95 -12.99 -43.49
N LYS C 234 8.76 -13.28 -42.95
CA LYS C 234 7.74 -12.27 -42.71
C LYS C 234 8.27 -11.08 -41.91
N TYR C 235 9.01 -11.36 -40.84
CA TYR C 235 9.41 -10.32 -39.91
C TYR C 235 10.85 -9.85 -40.12
N GLY C 236 11.53 -10.34 -41.15
CA GLY C 236 12.92 -9.94 -41.37
C GLY C 236 13.86 -10.37 -40.26
N VAL C 237 13.58 -11.50 -39.61
CA VAL C 237 14.49 -12.05 -38.61
C VAL C 237 15.78 -12.49 -39.28
N GLU C 238 16.90 -12.28 -38.60
CA GLU C 238 18.21 -12.77 -39.04
C GLU C 238 18.50 -14.06 -38.30
N THR C 239 18.20 -15.21 -38.91
CA THR C 239 18.35 -16.49 -38.26
C THR C 239 19.67 -17.13 -38.66
N HIS C 240 20.53 -17.36 -37.69
CA HIS C 240 21.82 -18.01 -37.91
C HIS C 240 21.73 -19.46 -37.45
N GLU C 241 21.83 -20.38 -38.40
CA GLU C 241 21.74 -21.81 -38.12
C GLU C 241 23.11 -22.41 -37.85
N MET C 242 23.13 -23.47 -37.04
CA MET C 242 24.40 -24.12 -36.68
C MET C 242 25.18 -24.55 -37.91
N ARG C 243 24.48 -25.02 -38.95
CA ARG C 243 25.18 -25.58 -40.10
C ARG C 243 26.05 -24.55 -40.81
N THR C 244 25.79 -23.26 -40.65
CA THR C 244 26.65 -22.23 -41.22
C THR C 244 27.38 -21.42 -40.16
N LEU C 245 27.50 -21.97 -38.94
CA LEU C 245 28.17 -21.25 -37.86
C LEU C 245 29.59 -20.89 -38.24
N SER C 246 30.31 -21.84 -38.87
CA SER C 246 31.70 -21.63 -39.19
C SER C 246 31.87 -20.46 -40.16
N ARG C 247 31.05 -20.45 -41.22
CA ARG C 247 31.07 -19.32 -42.15
C ARG C 247 30.60 -18.03 -41.48
N ASP C 248 29.67 -18.11 -40.54
CA ASP C 248 29.12 -16.91 -39.95
C ASP C 248 29.98 -16.33 -38.85
N ARG C 249 31.11 -16.96 -38.53
CA ARG C 249 31.82 -16.60 -37.31
C ARG C 249 32.31 -15.16 -37.31
N PRO C 250 32.93 -14.62 -38.38
CA PRO C 250 33.30 -13.19 -38.33
C PRO C 250 32.14 -12.26 -38.04
N ILE C 251 30.97 -12.51 -38.65
CA ILE C 251 29.82 -11.64 -38.43
C ILE C 251 29.36 -11.71 -36.98
N LEU C 252 29.27 -12.92 -36.44
CA LEU C 252 28.73 -13.08 -35.08
C LEU C 252 29.67 -12.55 -34.01
N GLU C 253 30.96 -12.57 -34.24
CA GLU C 253 31.92 -12.06 -33.27
C GLU C 253 32.14 -10.56 -33.40
N ASN C 254 31.39 -9.89 -34.26
CA ASN C 254 31.48 -8.43 -34.42
C ASN C 254 30.09 -7.82 -34.54
N LEU C 255 29.13 -8.31 -33.75
CA LEU C 255 27.78 -7.77 -33.84
C LEU C 255 27.73 -6.36 -33.28
N LYS C 256 26.96 -5.49 -33.94
CA LYS C 256 26.71 -4.11 -33.48
C LYS C 256 25.22 -3.87 -33.62
N LEU C 257 24.52 -3.84 -32.49
CA LEU C 257 23.06 -3.73 -32.46
C LEU C 257 22.64 -2.46 -31.74
N GLY C 258 21.40 -2.04 -32.00
CA GLY C 258 20.78 -0.96 -31.26
C GLY C 258 20.89 0.42 -31.88
N GLU C 259 21.81 0.62 -32.82
CA GLU C 259 22.05 1.95 -33.38
C GLU C 259 20.83 2.41 -34.15
N GLY C 260 20.25 3.53 -33.73
CA GLY C 260 19.06 4.05 -34.37
C GLY C 260 17.77 3.73 -33.64
N VAL C 261 17.81 2.85 -32.64
CA VAL C 261 16.65 2.54 -31.81
C VAL C 261 17.05 2.70 -30.35
N LYS C 262 16.31 2.07 -29.44
CA LYS C 262 16.40 2.41 -28.02
C LYS C 262 17.43 1.60 -27.24
N GLY C 263 18.02 0.58 -27.83
CA GLY C 263 19.00 -0.24 -27.14
C GLY C 263 18.97 -1.66 -27.66
N VAL C 264 19.70 -2.52 -26.94
CA VAL C 264 19.87 -3.93 -27.28
C VAL C 264 19.36 -4.77 -26.10
N TYR C 265 18.55 -5.78 -26.40
CA TYR C 265 18.10 -6.76 -25.43
C TYR C 265 18.67 -8.13 -25.76
N VAL C 266 19.31 -8.79 -24.79
CA VAL C 266 19.98 -10.08 -25.01
C VAL C 266 19.19 -11.17 -24.31
N SER C 267 18.61 -12.08 -25.09
CA SER C 267 17.89 -13.24 -24.53
C SER C 267 18.71 -14.50 -24.75
N ILE C 268 19.04 -15.21 -23.67
CA ILE C 268 19.87 -16.41 -23.77
C ILE C 268 19.05 -17.60 -23.30
N ASP C 269 18.61 -18.44 -24.25
CA ASP C 269 18.01 -19.73 -23.93
C ASP C 269 19.13 -20.73 -23.70
N VAL C 270 19.15 -21.34 -22.52
CA VAL C 270 20.25 -22.23 -22.13
C VAL C 270 20.32 -23.44 -23.05
N ASP C 271 19.19 -23.84 -23.65
CA ASP C 271 19.23 -24.99 -24.53
C ASP C 271 19.76 -24.67 -25.92
N SER C 272 20.18 -23.42 -26.17
CA SER C 272 21.00 -23.14 -27.35
C SER C 272 22.34 -23.86 -27.28
N LEU C 273 22.80 -24.15 -26.06
CA LEU C 273 24.04 -24.87 -25.82
C LEU C 273 23.86 -26.37 -26.09
N ASP C 274 24.92 -27.00 -26.54
CA ASP C 274 24.87 -28.44 -26.74
C ASP C 274 24.47 -29.15 -25.44
N PRO C 275 23.66 -30.21 -25.51
CA PRO C 275 23.28 -30.92 -24.29
C PRO C 275 24.45 -31.49 -23.49
N SER C 276 25.60 -31.72 -24.13
CA SER C 276 26.77 -32.15 -23.36
C SER C 276 27.20 -31.10 -22.35
N ILE C 277 26.96 -29.83 -22.66
CA ILE C 277 27.35 -28.71 -21.80
C ILE C 277 26.23 -28.31 -20.86
N ALA C 278 25.00 -28.34 -21.36
CA ALA C 278 23.83 -27.88 -20.62
C ALA C 278 22.79 -28.99 -20.63
N PRO C 279 23.02 -30.06 -19.86
CA PRO C 279 22.01 -31.12 -19.78
C PRO C 279 20.74 -30.68 -19.07
N GLY C 280 20.82 -29.66 -18.21
CA GLY C 280 19.68 -29.27 -17.40
C GLY C 280 18.76 -28.32 -18.13
N VAL C 281 18.06 -28.83 -19.16
CA VAL C 281 17.09 -28.08 -19.94
C VAL C 281 15.94 -29.04 -20.27
N SER C 282 14.81 -28.47 -20.71
CA SER C 282 13.68 -29.33 -21.02
C SER C 282 13.80 -30.01 -22.38
N HIS C 283 14.39 -29.34 -23.37
CA HIS C 283 14.44 -29.80 -24.76
C HIS C 283 15.88 -29.93 -25.24
N HIS C 284 16.41 -31.14 -25.23
CA HIS C 284 17.73 -31.41 -25.79
C HIS C 284 17.70 -31.40 -27.30
N GLU C 285 18.61 -30.64 -27.91
CA GLU C 285 18.80 -30.68 -29.36
C GLU C 285 20.29 -30.90 -29.62
N PRO C 286 20.69 -32.06 -30.13
CA PRO C 286 22.12 -32.32 -30.34
C PRO C 286 22.71 -31.34 -31.35
N GLY C 287 24.03 -31.21 -31.29
CA GLY C 287 24.75 -30.30 -32.19
C GLY C 287 24.63 -28.82 -31.88
N GLY C 288 24.63 -28.44 -30.61
CA GLY C 288 24.41 -27.06 -30.21
C GLY C 288 25.69 -26.24 -30.06
N LEU C 289 25.52 -25.03 -29.52
CA LEU C 289 26.64 -24.13 -29.29
C LEU C 289 27.58 -24.67 -28.20
N LEU C 290 28.86 -24.41 -28.37
CA LEU C 290 29.77 -24.57 -27.24
C LEU C 290 29.66 -23.33 -26.37
N PHE C 291 29.97 -23.47 -25.07
CA PHE C 291 29.87 -22.32 -24.18
C PHE C 291 30.75 -21.16 -24.68
N ARG C 292 31.92 -21.48 -25.21
CA ARG C 292 32.83 -20.47 -25.71
C ARG C 292 32.26 -19.74 -26.91
N ASP C 293 31.38 -20.38 -27.70
CA ASP C 293 30.72 -19.70 -28.81
C ASP C 293 29.84 -18.56 -28.33
N ILE C 294 29.05 -18.80 -27.27
CA ILE C 294 28.23 -17.72 -26.72
C ILE C 294 29.10 -16.61 -26.17
N LEU C 295 30.19 -16.97 -25.48
CA LEU C 295 31.03 -15.94 -24.88
C LEU C 295 31.75 -15.12 -25.95
N ASN C 296 32.22 -15.76 -27.03
CA ASN C 296 32.85 -15.03 -28.13
C ASN C 296 31.90 -13.97 -28.68
N ILE C 297 30.61 -14.30 -28.77
CA ILE C 297 29.64 -13.38 -29.35
C ILE C 297 29.27 -12.30 -28.34
N LEU C 298 28.95 -12.71 -27.11
CA LEU C 298 28.48 -11.79 -26.09
C LEU C 298 29.57 -10.80 -25.67
N GLN C 299 30.79 -11.30 -25.45
CA GLN C 299 31.85 -10.41 -24.97
C GLN C 299 32.25 -9.38 -26.01
N ASN C 300 32.03 -9.68 -27.31
CA ASN C 300 32.36 -8.74 -28.39
C ASN C 300 31.19 -7.87 -28.83
N LEU C 301 29.99 -8.12 -28.33
CA LEU C 301 28.80 -7.38 -28.76
C LEU C 301 28.95 -5.90 -28.49
N GLN C 302 28.80 -5.09 -29.52
CA GLN C 302 28.75 -3.64 -29.37
C GLN C 302 27.29 -3.19 -29.31
N GLY C 303 27.03 -2.16 -28.50
CA GLY C 303 25.70 -1.62 -28.41
C GLY C 303 25.22 -1.42 -26.98
N ASP C 304 24.27 -0.50 -26.79
CA ASP C 304 23.71 -0.15 -25.49
C ASP C 304 22.78 -1.26 -25.01
N ILE C 305 23.26 -2.14 -24.14
CA ILE C 305 22.40 -3.20 -23.63
C ILE C 305 21.46 -2.60 -22.58
N VAL C 306 20.16 -2.71 -22.81
CA VAL C 306 19.17 -2.16 -21.88
C VAL C 306 18.46 -3.23 -21.07
N GLY C 307 18.67 -4.50 -21.38
CA GLY C 307 18.12 -5.58 -20.58
C GLY C 307 18.48 -6.90 -21.21
N GLY C 308 18.12 -7.97 -20.50
CA GLY C 308 18.27 -9.30 -21.05
C GLY C 308 17.72 -10.33 -20.09
N ASP C 309 17.82 -11.60 -20.50
CA ASP C 309 17.28 -12.70 -19.72
C ASP C 309 18.12 -13.95 -19.98
N VAL C 310 18.06 -14.87 -19.02
CA VAL C 310 18.67 -16.20 -19.14
C VAL C 310 17.58 -17.19 -18.74
N VAL C 311 17.11 -17.99 -19.69
CA VAL C 311 15.89 -18.77 -19.50
C VAL C 311 16.13 -20.26 -19.81
N GLU C 312 15.19 -21.08 -19.35
CA GLU C 312 15.07 -22.50 -19.68
C GLU C 312 16.11 -23.39 -19.01
N TYR C 313 16.88 -22.88 -18.05
CA TYR C 313 17.59 -23.77 -17.13
C TYR C 313 16.55 -24.54 -16.32
N ASN C 314 16.65 -25.87 -16.34
CA ASN C 314 15.70 -26.74 -15.67
C ASN C 314 16.44 -27.56 -14.61
N PRO C 315 16.40 -27.15 -13.33
CA PRO C 315 17.12 -27.89 -12.28
C PRO C 315 16.74 -29.35 -12.17
N GLN C 316 15.50 -29.72 -12.49
CA GLN C 316 15.08 -31.12 -12.36
C GLN C 316 15.65 -32.03 -13.44
N ARG C 317 16.26 -31.48 -14.50
CA ARG C 317 16.92 -32.29 -15.52
C ARG C 317 18.44 -32.15 -15.48
N ASP C 318 18.98 -31.48 -14.47
CA ASP C 318 20.41 -31.26 -14.34
C ASP C 318 21.10 -32.51 -13.79
N THR C 319 22.43 -32.54 -13.87
CA THR C 319 23.16 -33.65 -13.30
C THR C 319 23.41 -33.39 -11.80
N TYR C 320 23.83 -34.45 -11.07
CA TYR C 320 23.93 -34.33 -9.62
C TYR C 320 24.89 -33.21 -9.20
N ASP C 321 25.93 -32.95 -9.99
CA ASP C 321 26.89 -31.90 -9.72
C ASP C 321 26.34 -30.49 -9.96
N GLY C 322 25.16 -30.38 -10.56
CA GLY C 322 24.61 -29.06 -10.84
C GLY C 322 25.32 -28.27 -11.90
N ILE C 323 25.96 -28.94 -12.89
CA ILE C 323 26.77 -28.21 -13.88
C ILE C 323 25.96 -27.15 -14.64
N THR C 324 24.68 -27.41 -14.89
CA THR C 324 23.93 -26.42 -15.68
C THR C 324 23.60 -25.18 -14.85
N ALA C 325 23.46 -25.31 -13.53
CA ALA C 325 23.34 -24.12 -12.68
C ALA C 325 24.56 -23.21 -12.85
N LEU C 326 25.76 -23.82 -12.82
CA LEU C 326 27.04 -23.09 -13.02
C LEU C 326 27.08 -22.48 -14.43
N VAL C 327 26.64 -23.24 -15.44
CA VAL C 327 26.58 -22.73 -16.81
C VAL C 327 25.67 -21.51 -16.87
N ALA C 328 24.47 -21.62 -16.29
CA ALA C 328 23.55 -20.50 -16.32
C ALA C 328 24.09 -19.32 -15.51
N ALA C 329 24.67 -19.60 -14.33
CA ALA C 329 25.28 -18.52 -13.55
C ALA C 329 26.37 -17.80 -14.34
N LYS C 330 27.17 -18.54 -15.12
CA LYS C 330 28.26 -17.87 -15.83
C LYS C 330 27.72 -17.05 -17.00
N LEU C 331 26.66 -17.52 -17.65
CA LEU C 331 25.97 -16.68 -18.63
C LEU C 331 25.47 -15.38 -17.98
N VAL C 332 24.86 -15.48 -16.79
CA VAL C 332 24.38 -14.27 -16.10
C VAL C 332 25.55 -13.37 -15.77
N ARG C 333 26.65 -13.96 -15.27
CA ARG C 333 27.81 -13.17 -14.87
C ARG C 333 28.37 -12.40 -16.06
N GLU C 334 28.43 -13.04 -17.23
CA GLU C 334 29.06 -12.42 -18.39
C GLU C 334 28.12 -11.43 -19.08
N LEU C 335 26.81 -11.71 -19.05
CA LEU C 335 25.84 -10.72 -19.49
C LEU C 335 25.89 -9.48 -18.60
N ALA C 336 25.84 -9.67 -17.29
CA ALA C 336 25.96 -8.56 -16.34
C ALA C 336 27.23 -7.74 -16.58
N ALA C 337 28.37 -8.40 -16.86
CA ALA C 337 29.59 -7.64 -17.13
C ALA C 337 29.42 -6.70 -18.33
N LYS C 338 28.67 -7.15 -19.35
CA LYS C 338 28.44 -6.33 -20.53
C LYS C 338 27.34 -5.27 -20.29
N MET C 339 26.34 -5.59 -19.47
CA MET C 339 25.23 -4.64 -19.29
C MET C 339 25.57 -3.56 -18.26
N SER C 340 26.22 -3.91 -17.16
CA SER C 340 26.65 -2.90 -16.20
C SER C 340 27.73 -2.03 -16.80
N LYS C 341 27.69 -0.74 -16.49
CA LYS C 341 28.77 0.17 -16.84
C LYS C 341 28.79 1.40 -15.91
N ASN D 22 -5.01 -41.35 -46.87
CA ASN D 22 -5.17 -41.60 -48.29
C ASN D 22 -4.27 -42.76 -48.74
N VAL D 23 -3.87 -43.59 -47.79
CA VAL D 23 -3.09 -44.80 -48.06
C VAL D 23 -4.05 -45.98 -48.25
N SER D 24 -3.92 -46.67 -49.39
CA SER D 24 -4.87 -47.66 -49.84
C SER D 24 -5.20 -48.68 -48.74
N PRO D 25 -6.48 -48.79 -48.33
CA PRO D 25 -6.81 -49.74 -47.26
C PRO D 25 -6.65 -51.20 -47.65
N ALA D 26 -6.85 -51.55 -48.93
CA ALA D 26 -6.57 -52.92 -49.36
C ALA D 26 -5.11 -53.27 -49.12
N LEU D 27 -4.21 -52.32 -49.34
CA LEU D 27 -2.79 -52.56 -49.11
C LEU D 27 -2.50 -52.73 -47.61
N LEU D 28 -3.04 -51.83 -46.79
CA LEU D 28 -2.81 -51.91 -45.35
C LEU D 28 -3.35 -53.22 -44.77
N GLU D 29 -4.59 -53.56 -45.12
CA GLU D 29 -5.21 -54.74 -44.53
C GLU D 29 -4.45 -56.00 -44.93
N LYS D 30 -3.98 -56.05 -46.17
CA LYS D 30 -3.16 -57.17 -46.61
C LYS D 30 -1.87 -57.25 -45.80
N ALA D 31 -1.25 -56.11 -45.53
CA ALA D 31 -0.04 -56.12 -44.71
C ALA D 31 -0.34 -56.57 -43.29
N GLN D 32 -1.45 -56.08 -42.73
CA GLN D 32 -1.81 -56.45 -41.36
C GLN D 32 -1.95 -57.96 -41.20
N ASN D 33 -2.71 -58.60 -42.10
CA ASN D 33 -2.92 -60.03 -42.01
C ASN D 33 -1.63 -60.82 -42.22
N ARG D 34 -0.83 -60.43 -43.22
CA ARG D 34 0.39 -61.17 -43.53
C ARG D 34 1.47 -60.97 -42.47
N VAL D 35 1.62 -59.75 -41.94
CA VAL D 35 2.63 -59.51 -40.90
C VAL D 35 2.25 -60.21 -39.60
N ILE D 36 0.98 -60.11 -39.20
CA ILE D 36 0.49 -60.81 -38.01
C ILE D 36 0.65 -62.32 -38.18
N ASP D 37 0.34 -62.86 -39.36
CA ASP D 37 0.54 -64.28 -39.60
C ASP D 37 2.01 -64.67 -39.47
N ALA D 38 2.89 -63.89 -40.09
CA ALA D 38 4.32 -64.17 -39.95
C ALA D 38 4.75 -64.15 -38.48
N ALA D 39 4.21 -63.19 -37.72
CA ALA D 39 4.61 -63.04 -36.32
C ALA D 39 4.14 -64.22 -35.47
N LEU D 40 2.88 -64.61 -35.64
CA LEU D 40 2.37 -65.77 -34.91
C LEU D 40 3.07 -67.06 -35.33
N THR D 41 3.41 -67.19 -36.61
CA THR D 41 4.14 -68.37 -37.05
C THR D 41 5.52 -68.42 -36.41
N PHE D 42 6.15 -67.27 -36.17
CA PHE D 42 7.43 -67.27 -35.48
C PHE D 42 7.28 -67.80 -34.06
N ILE D 43 6.30 -67.30 -33.32
CA ILE D 43 6.04 -67.79 -31.97
C ILE D 43 5.71 -69.28 -32.00
N ARG D 44 4.89 -69.71 -32.97
CA ARG D 44 4.53 -71.13 -33.05
C ARG D 44 5.78 -71.99 -33.21
N GLU D 45 6.66 -71.63 -34.14
CA GLU D 45 7.85 -72.45 -34.37
C GLU D 45 8.78 -72.46 -33.17
N ARG D 46 8.94 -71.30 -32.51
CA ARG D 46 9.74 -71.24 -31.31
C ARG D 46 9.15 -72.11 -30.20
N ALA D 47 7.84 -72.00 -29.99
CA ALA D 47 7.17 -72.83 -29.00
C ALA D 47 7.33 -74.31 -29.34
N LYS D 48 7.20 -74.67 -30.62
CA LYS D 48 7.36 -76.05 -31.05
C LYS D 48 8.79 -76.55 -30.81
N PHE D 49 9.77 -75.70 -31.09
CA PHE D 49 11.17 -76.01 -30.81
C PHE D 49 11.37 -76.33 -29.33
N LYS D 50 10.94 -75.42 -28.46
CA LYS D 50 11.13 -75.63 -27.02
C LYS D 50 10.28 -76.79 -26.50
N GLY D 51 9.03 -76.91 -26.95
CA GLY D 51 8.19 -78.01 -26.50
C GLY D 51 8.78 -79.37 -26.87
N GLU D 52 9.24 -79.51 -28.11
CA GLU D 52 9.88 -80.75 -28.52
C GLU D 52 11.11 -81.05 -27.65
N LEU D 53 11.94 -80.03 -27.41
CA LEU D 53 13.13 -80.22 -26.58
C LEU D 53 12.76 -80.77 -25.20
N MET D 54 11.76 -80.16 -24.54
CA MET D 54 11.35 -80.61 -23.21
C MET D 54 10.82 -82.04 -23.25
N ARG D 55 10.03 -82.37 -24.27
CA ARG D 55 9.49 -83.72 -24.36
C ARG D 55 10.60 -84.75 -24.54
N SER D 56 11.66 -84.41 -25.29
CA SER D 56 12.77 -85.33 -25.47
C SER D 56 13.64 -85.46 -24.23
N LEU D 57 13.57 -84.50 -23.30
CA LEU D 57 14.38 -84.59 -22.09
C LEU D 57 13.70 -85.44 -21.01
N GLY D 58 12.36 -85.48 -20.98
CA GLY D 58 11.64 -86.24 -19.99
C GLY D 58 11.69 -85.63 -18.60
N GLY D 59 10.93 -86.21 -17.67
CA GLY D 59 11.00 -85.77 -16.28
C GLY D 59 10.57 -84.33 -16.06
N VAL D 60 9.52 -83.91 -16.77
CA VAL D 60 9.04 -82.53 -16.66
C VAL D 60 7.54 -82.53 -16.78
N ALA D 61 6.86 -81.79 -15.90
CA ALA D 61 5.43 -81.60 -16.00
C ALA D 61 5.05 -80.17 -16.37
N ALA D 62 5.93 -79.20 -16.13
CA ALA D 62 5.66 -77.81 -16.46
C ALA D 62 6.98 -77.09 -16.62
N THR D 63 7.12 -76.35 -17.72
CA THR D 63 8.30 -75.53 -17.97
C THR D 63 7.85 -74.09 -18.17
N SER D 64 8.29 -73.20 -17.26
CA SER D 64 8.07 -71.78 -17.42
C SER D 64 8.74 -71.29 -18.69
N SER D 65 7.95 -70.68 -19.57
CA SER D 65 8.43 -70.27 -20.89
C SER D 65 8.19 -68.78 -21.05
N LEU D 66 9.24 -68.02 -21.32
CA LEU D 66 9.16 -66.57 -21.34
C LEU D 66 8.60 -66.10 -22.68
N LEU D 67 7.57 -65.26 -22.61
CA LEU D 67 7.00 -64.60 -23.78
C LEU D 67 7.01 -63.10 -23.51
N GLY D 68 7.73 -62.36 -24.34
CA GLY D 68 7.84 -60.91 -24.15
C GLY D 68 6.69 -60.21 -24.85
N VAL D 69 6.14 -59.19 -24.20
CA VAL D 69 5.13 -58.33 -24.81
C VAL D 69 5.62 -56.89 -24.65
N PRO D 70 6.50 -56.40 -25.55
CA PRO D 70 7.14 -55.07 -25.42
C PRO D 70 6.19 -53.95 -25.80
N LEU D 71 5.18 -53.76 -24.96
CA LEU D 71 4.13 -52.79 -25.22
C LEU D 71 4.11 -51.78 -24.09
N GLY D 72 4.19 -50.49 -24.45
CA GLY D 72 4.14 -49.44 -23.45
C GLY D 72 3.14 -48.35 -23.77
N HIS D 73 2.45 -48.44 -24.91
CA HIS D 73 1.65 -47.31 -25.35
C HIS D 73 0.29 -47.23 -24.66
N HIS D 74 -0.03 -48.14 -23.74
CA HIS D 74 -1.21 -48.00 -22.90
C HIS D 74 -0.88 -47.39 -21.54
N SER D 75 0.36 -46.94 -21.36
CA SER D 75 0.77 -46.32 -20.11
C SER D 75 0.28 -44.88 -20.04
N SER D 76 0.02 -44.42 -18.81
CA SER D 76 -0.53 -43.09 -18.58
C SER D 76 0.52 -42.02 -18.33
N PHE D 77 1.79 -42.38 -18.13
CA PHE D 77 2.81 -41.40 -17.75
C PHE D 77 4.10 -41.56 -18.54
N HIS D 78 4.57 -42.80 -18.74
CA HIS D 78 5.83 -43.07 -19.42
C HIS D 78 5.76 -44.46 -20.03
N GLU D 79 6.20 -44.59 -21.28
CA GLU D 79 6.04 -45.82 -22.06
C GLU D 79 7.28 -46.70 -22.07
N GLY D 80 8.27 -46.41 -21.21
CA GLY D 80 9.57 -47.09 -21.29
C GLY D 80 9.55 -48.58 -21.01
N SER D 81 8.54 -49.08 -20.31
CA SER D 81 8.49 -50.53 -20.07
C SER D 81 8.38 -51.34 -21.36
N ALA D 82 8.09 -50.70 -22.49
CA ALA D 82 8.13 -51.42 -23.76
C ALA D 82 9.50 -52.01 -24.05
N PHE D 83 10.56 -51.44 -23.47
CA PHE D 83 11.91 -51.90 -23.72
C PHE D 83 12.37 -52.96 -22.72
N ALA D 84 11.51 -53.37 -21.79
CA ALA D 84 11.95 -54.21 -20.67
C ALA D 84 12.33 -55.65 -21.04
N PRO D 85 11.56 -56.38 -21.86
CA PRO D 85 11.76 -57.84 -21.94
C PRO D 85 13.18 -58.25 -22.28
N PRO D 86 13.83 -57.64 -23.28
CA PRO D 86 15.21 -58.07 -23.55
C PRO D 86 16.17 -57.76 -22.41
N ARG D 87 15.95 -56.66 -21.67
CA ARG D 87 16.81 -56.35 -20.54
CA ARG D 87 16.82 -56.35 -20.54
C ARG D 87 16.62 -57.35 -19.42
N ILE D 88 15.37 -57.77 -19.18
CA ILE D 88 15.11 -58.75 -18.13
C ILE D 88 15.80 -60.06 -18.45
N ARG D 89 15.72 -60.50 -19.71
CA ARG D 89 16.33 -61.78 -20.09
C ARG D 89 17.85 -61.71 -19.97
N GLU D 90 18.47 -60.59 -20.36
CA GLU D 90 19.90 -60.44 -20.14
C GLU D 90 20.25 -60.53 -18.66
N ALA D 91 19.48 -59.83 -17.80
CA ALA D 91 19.81 -59.86 -16.38
C ALA D 91 19.60 -61.25 -15.74
N ILE D 92 18.77 -62.11 -16.33
CA ILE D 92 18.66 -63.47 -15.77
C ILE D 92 20.01 -64.19 -15.83
N TRP D 93 20.87 -63.83 -16.79
CA TRP D 93 22.19 -64.45 -16.98
C TRP D 93 23.34 -63.47 -16.76
N CYS D 94 23.12 -62.39 -16.01
CA CYS D 94 24.21 -61.48 -15.65
C CYS D 94 25.42 -62.26 -15.13
N ASP D 95 26.61 -61.89 -15.61
CA ASP D 95 27.85 -62.50 -15.15
C ASP D 95 28.10 -62.32 -13.64
N SER D 96 27.39 -61.41 -12.96
CA SER D 96 27.60 -61.26 -11.53
C SER D 96 26.81 -62.26 -10.70
N THR D 97 25.87 -62.96 -11.31
CA THR D 97 25.01 -63.91 -10.62
C THR D 97 25.42 -65.33 -10.97
N ASN D 98 24.87 -66.29 -10.24
CA ASN D 98 24.89 -67.69 -10.63
C ASN D 98 23.46 -68.09 -11.00
N SER D 99 23.35 -69.30 -11.56
CA SER D 99 22.09 -69.74 -12.18
C SER D 99 21.24 -70.62 -11.27
N THR D 100 21.41 -70.53 -9.96
CA THR D 100 20.61 -71.31 -9.02
C THR D 100 19.64 -70.37 -8.31
N THR D 101 18.36 -70.75 -8.24
CA THR D 101 17.40 -69.91 -7.54
C THR D 101 17.59 -70.08 -6.04
N GLU D 102 16.87 -69.25 -5.26
CA GLU D 102 17.05 -69.25 -3.81
C GLU D 102 16.75 -70.60 -3.20
N GLU D 103 15.79 -71.34 -3.74
CA GLU D 103 15.42 -72.62 -3.17
C GLU D 103 15.96 -73.80 -3.95
N GLY D 104 16.96 -73.58 -4.80
CA GLY D 104 17.80 -74.65 -5.29
C GLY D 104 17.59 -75.11 -6.71
N LYS D 105 16.73 -74.44 -7.48
CA LYS D 105 16.46 -74.87 -8.84
C LYS D 105 17.47 -74.26 -9.79
N ASN D 106 17.86 -75.05 -10.81
CA ASN D 106 18.97 -74.69 -11.71
C ASN D 106 18.41 -74.15 -13.01
N LEU D 107 18.60 -72.85 -13.23
CA LEU D 107 18.09 -72.22 -14.44
C LEU D 107 18.80 -72.67 -15.70
N ARG D 108 19.96 -73.33 -15.57
CA ARG D 108 20.62 -73.83 -16.77
C ARG D 108 19.90 -75.04 -17.35
N ASP D 109 18.97 -75.66 -16.60
CA ASP D 109 18.10 -76.77 -17.01
C ASP D 109 16.92 -76.22 -17.78
N PRO D 110 16.84 -76.45 -19.09
CA PRO D 110 15.73 -75.90 -19.88
C PRO D 110 14.34 -76.24 -19.34
N ARG D 111 14.20 -77.38 -18.65
CA ARG D 111 12.91 -77.73 -18.06
C ARG D 111 12.47 -76.74 -17.01
N VAL D 112 13.40 -75.93 -16.48
CA VAL D 112 13.09 -75.02 -15.39
C VAL D 112 12.69 -73.65 -15.93
N ILE D 113 13.35 -73.19 -16.98
CA ILE D 113 13.05 -71.92 -17.61
C ILE D 113 13.51 -71.99 -19.06
N THR D 114 12.74 -71.39 -19.95
CA THR D 114 13.14 -71.34 -21.35
C THR D 114 12.57 -70.09 -21.98
N ASN D 115 13.19 -69.66 -23.07
CA ASN D 115 12.74 -68.47 -23.80
C ASN D 115 11.93 -68.87 -25.03
N VAL D 116 10.78 -68.24 -25.22
CA VAL D 116 10.01 -68.43 -26.45
C VAL D 116 10.26 -67.28 -27.44
N GLY D 117 10.10 -66.05 -27.00
CA GLY D 117 10.31 -64.93 -27.89
C GLY D 117 9.43 -63.75 -27.51
N ASP D 118 9.57 -62.68 -28.30
CA ASP D 118 8.81 -61.46 -28.11
C ASP D 118 7.73 -61.39 -29.17
N VAL D 119 6.53 -61.00 -28.76
CA VAL D 119 5.53 -60.52 -29.72
C VAL D 119 6.04 -59.21 -30.33
N PRO D 120 6.06 -59.07 -31.65
CA PRO D 120 6.62 -57.83 -32.24
C PRO D 120 5.61 -56.69 -32.29
N ILE D 121 5.37 -56.08 -31.13
CA ILE D 121 4.31 -55.07 -30.98
C ILE D 121 4.55 -53.89 -31.92
N GLU D 122 5.79 -53.41 -31.99
CA GLU D 122 6.10 -52.20 -32.76
C GLU D 122 5.83 -52.41 -34.25
N GLU D 123 6.25 -53.56 -34.79
CA GLU D 123 6.07 -53.81 -36.21
C GLU D 123 4.60 -54.03 -36.55
N ILE D 124 3.83 -54.64 -35.64
CA ILE D 124 2.40 -54.84 -35.90
C ILE D 124 1.66 -53.51 -35.84
N ARG D 125 1.90 -52.71 -34.80
CA ARG D 125 1.33 -51.35 -34.72
C ARG D 125 1.63 -50.54 -35.97
N ASP D 126 2.88 -50.58 -36.45
CA ASP D 126 3.26 -49.87 -37.67
C ASP D 126 2.46 -50.31 -38.89
N CYS D 127 1.67 -51.38 -38.79
CA CYS D 127 0.76 -51.74 -39.87
C CYS D 127 -0.62 -51.10 -39.72
N GLY D 128 -0.83 -50.28 -38.69
CA GLY D 128 -2.13 -49.67 -38.47
C GLY D 128 -3.11 -50.54 -37.72
N VAL D 129 -2.64 -51.64 -37.13
CA VAL D 129 -3.52 -52.51 -36.34
C VAL D 129 -4.03 -51.75 -35.13
N ASP D 130 -5.35 -51.85 -34.87
CA ASP D 130 -5.97 -51.16 -33.75
C ASP D 130 -5.71 -51.93 -32.46
N ASP D 131 -6.19 -51.37 -31.33
CA ASP D 131 -5.83 -51.92 -30.03
C ASP D 131 -6.56 -53.22 -29.70
N LYS D 132 -7.78 -53.40 -30.21
CA LYS D 132 -8.48 -54.66 -30.00
C LYS D 132 -7.77 -55.81 -30.71
N ARG D 133 -7.42 -55.61 -31.98
CA ARG D 133 -6.71 -56.63 -32.73
C ARG D 133 -5.35 -56.93 -32.12
N LEU D 134 -4.70 -55.92 -31.55
CA LEU D 134 -3.39 -56.14 -30.95
C LEU D 134 -3.51 -56.94 -29.66
N ALA D 135 -4.53 -56.64 -28.85
CA ALA D 135 -4.81 -57.50 -27.69
C ALA D 135 -5.11 -58.93 -28.13
N ASN D 136 -5.77 -59.07 -29.28
CA ASN D 136 -6.05 -60.40 -29.82
C ASN D 136 -4.78 -61.12 -30.23
N VAL D 137 -3.84 -60.41 -30.87
CA VAL D 137 -2.56 -61.02 -31.19
C VAL D 137 -1.87 -61.50 -29.92
N ILE D 138 -1.91 -60.71 -28.85
CA ILE D 138 -1.25 -61.10 -27.61
C ILE D 138 -1.87 -62.36 -27.03
N SER D 139 -3.21 -62.46 -27.10
CA SER D 139 -3.90 -63.65 -26.58
C SER D 139 -3.52 -64.90 -27.36
N GLU D 140 -3.51 -64.81 -28.69
CA GLU D 140 -3.18 -65.96 -29.52
C GLU D 140 -1.72 -66.39 -29.34
N SER D 141 -0.83 -65.44 -29.08
CA SER D 141 0.55 -65.79 -28.79
C SER D 141 0.65 -66.62 -27.52
N VAL D 142 -0.08 -66.21 -26.48
CA VAL D 142 -0.09 -66.96 -25.22
C VAL D 142 -0.64 -68.36 -25.44
N LYS D 143 -1.71 -68.49 -26.23
CA LYS D 143 -2.27 -69.81 -26.52
C LYS D 143 -1.31 -70.67 -27.33
N LEU D 144 -0.48 -70.04 -28.16
CA LEU D 144 0.53 -70.79 -28.91
C LEU D 144 1.53 -71.44 -27.96
N VAL D 145 1.87 -70.74 -26.87
CA VAL D 145 2.78 -71.32 -25.88
C VAL D 145 2.10 -72.48 -25.16
N MET D 146 0.84 -72.28 -24.78
CA MET D 146 0.14 -73.30 -24.00
C MET D 146 -0.14 -74.55 -24.81
N ASP D 147 -0.19 -74.44 -26.15
CA ASP D 147 -0.42 -75.61 -26.99
C ASP D 147 0.68 -76.65 -26.86
N GLU D 148 1.90 -76.22 -26.56
CA GLU D 148 3.07 -77.10 -26.53
C GLU D 148 3.29 -77.60 -25.11
N ASP D 149 2.77 -78.80 -24.83
CA ASP D 149 3.12 -79.51 -23.61
C ASP D 149 4.63 -79.62 -23.48
N PRO D 150 5.21 -79.28 -22.31
CA PRO D 150 4.57 -78.83 -21.07
C PRO D 150 4.85 -77.35 -20.78
N LEU D 151 4.95 -76.52 -21.81
CA LEU D 151 5.24 -75.11 -21.63
C LEU D 151 4.07 -74.42 -20.93
N ARG D 152 4.39 -73.48 -20.03
CA ARG D 152 3.43 -72.62 -19.36
C ARG D 152 3.90 -71.18 -19.48
N PRO D 153 2.99 -70.23 -19.73
CA PRO D 153 3.42 -68.89 -20.11
C PRO D 153 3.81 -68.04 -18.90
N LEU D 154 5.00 -67.47 -18.95
CA LEU D 154 5.44 -66.44 -18.01
C LEU D 154 5.75 -65.22 -18.86
N VAL D 155 4.87 -64.23 -18.81
CA VAL D 155 4.88 -63.12 -19.76
C VAL D 155 5.72 -61.98 -19.19
N LEU D 156 6.62 -61.43 -20.02
CA LEU D 156 7.44 -60.28 -19.64
C LEU D 156 6.85 -59.03 -20.30
N GLY D 157 6.41 -58.08 -19.48
CA GLY D 157 5.96 -56.79 -19.99
C GLY D 157 7.12 -55.81 -20.14
N GLY D 158 6.81 -54.62 -20.68
CA GLY D 158 5.46 -54.23 -21.02
C GLY D 158 4.66 -53.63 -19.87
N ASP D 159 3.73 -52.73 -20.17
CA ASP D 159 2.95 -52.14 -19.09
C ASP D 159 1.86 -53.11 -18.63
N HIS D 160 1.11 -52.74 -17.60
CA HIS D 160 0.22 -53.72 -17.01
C HIS D 160 -1.04 -53.98 -17.83
N SER D 161 -1.26 -53.24 -18.91
CA SER D 161 -2.40 -53.54 -19.76
C SER D 161 -2.32 -54.95 -20.32
N ILE D 162 -1.12 -55.52 -20.46
CA ILE D 162 -1.03 -56.84 -21.09
C ILE D 162 -1.65 -57.94 -20.23
N SER D 163 -1.90 -57.71 -18.94
CA SER D 163 -2.45 -58.78 -18.12
C SER D 163 -3.85 -59.16 -18.55
N PHE D 164 -4.60 -58.23 -19.16
CA PHE D 164 -5.96 -58.57 -19.56
C PHE D 164 -5.95 -59.56 -20.72
N PRO D 165 -5.33 -59.28 -21.86
CA PRO D 165 -5.31 -60.30 -22.94
C PRO D 165 -4.58 -61.57 -22.55
N VAL D 166 -3.67 -61.53 -21.58
CA VAL D 166 -2.96 -62.74 -21.19
C VAL D 166 -3.86 -63.64 -20.34
N VAL D 167 -4.49 -63.07 -19.31
CA VAL D 167 -5.41 -63.85 -18.47
C VAL D 167 -6.63 -64.31 -19.27
N ARG D 168 -7.11 -63.47 -20.19
CA ARG D 168 -8.19 -63.92 -21.08
C ARG D 168 -7.79 -65.18 -21.81
N ALA D 169 -6.59 -65.20 -22.39
CA ALA D 169 -6.14 -66.35 -23.14
C ALA D 169 -5.95 -67.56 -22.24
N VAL D 170 -5.29 -67.37 -21.09
CA VAL D 170 -5.08 -68.50 -20.18
C VAL D 170 -6.42 -69.10 -19.77
N SER D 171 -7.39 -68.25 -19.45
CA SER D 171 -8.71 -68.74 -19.03
C SER D 171 -9.40 -69.49 -20.16
N GLU D 172 -9.42 -68.90 -21.37
CA GLU D 172 -10.07 -69.56 -22.49
C GLU D 172 -9.42 -70.90 -22.80
N LYS D 173 -8.09 -70.94 -22.85
CA LYS D 173 -7.39 -72.19 -23.16
C LYS D 173 -7.69 -73.27 -22.14
N LEU D 174 -7.79 -72.90 -20.86
CA LEU D 174 -8.05 -73.86 -19.79
C LEU D 174 -9.53 -74.08 -19.54
N GLY D 175 -10.41 -73.25 -20.10
CA GLY D 175 -11.84 -73.48 -20.05
C GLY D 175 -12.54 -73.05 -18.79
N GLY D 176 -11.91 -72.24 -17.94
CA GLY D 176 -12.55 -71.85 -16.70
C GLY D 176 -11.82 -70.69 -16.08
N ALA D 177 -12.26 -70.33 -14.87
CA ALA D 177 -11.67 -69.20 -14.17
C ALA D 177 -10.38 -69.62 -13.47
N VAL D 178 -9.59 -68.62 -13.07
CA VAL D 178 -8.42 -68.83 -12.23
C VAL D 178 -8.51 -67.92 -11.02
N ASP D 179 -7.74 -68.26 -9.99
CA ASP D 179 -7.44 -67.32 -8.91
C ASP D 179 -6.16 -66.56 -9.25
N ILE D 180 -6.05 -65.33 -8.78
CA ILE D 180 -4.93 -64.47 -9.15
C ILE D 180 -4.25 -63.93 -7.91
N LEU D 181 -2.92 -64.03 -7.87
CA LEU D 181 -2.10 -63.31 -6.92
C LEU D 181 -1.51 -62.10 -7.63
N HIS D 182 -1.87 -60.91 -7.17
CA HIS D 182 -1.57 -59.66 -7.85
C HIS D 182 -0.74 -58.77 -6.93
N PHE D 183 0.51 -58.47 -7.33
CA PHE D 183 1.37 -57.55 -6.59
C PHE D 183 1.34 -56.18 -7.25
N ASP D 184 0.98 -55.14 -6.50
CA ASP D 184 0.89 -53.84 -7.17
C ASP D 184 0.80 -52.74 -6.13
N ALA D 185 1.28 -51.55 -6.50
CA ALA D 185 0.93 -50.36 -5.72
C ALA D 185 -0.48 -49.89 -6.01
N HIS D 186 -1.03 -50.25 -7.17
CA HIS D 186 -2.32 -49.77 -7.64
C HIS D 186 -3.26 -50.94 -7.92
N PRO D 187 -4.56 -50.77 -7.67
CA PRO D 187 -5.51 -51.87 -7.95
C PRO D 187 -5.70 -52.16 -9.44
N ASP D 188 -5.37 -51.22 -10.32
CA ASP D 188 -5.61 -51.34 -11.76
C ASP D 188 -7.05 -51.75 -12.06
N LEU D 189 -8.00 -51.13 -11.36
CA LEU D 189 -9.42 -51.49 -11.49
C LEU D 189 -10.27 -50.34 -12.00
N TYR D 190 -9.66 -49.32 -12.61
CA TYR D 190 -10.43 -48.19 -13.11
C TYR D 190 -11.40 -48.64 -14.21
N HIS D 191 -12.67 -48.28 -14.05
CA HIS D 191 -13.62 -48.62 -15.12
C HIS D 191 -13.28 -47.88 -16.41
N ASP D 192 -12.98 -46.59 -16.31
CA ASP D 192 -12.74 -45.75 -17.49
C ASP D 192 -11.60 -44.80 -17.14
N PHE D 193 -10.38 -45.18 -17.49
CA PHE D 193 -9.21 -44.35 -17.25
C PHE D 193 -8.90 -43.59 -18.54
N GLU D 194 -9.29 -42.31 -18.56
CA GLU D 194 -8.92 -41.41 -19.66
C GLU D 194 -9.37 -41.94 -21.01
N GLY D 195 -10.55 -42.56 -21.03
CA GLY D 195 -11.12 -43.02 -22.28
C GLY D 195 -10.38 -44.15 -22.97
N ASN D 196 -9.45 -44.81 -22.28
CA ASN D 196 -8.70 -45.91 -22.87
C ASN D 196 -9.18 -47.21 -22.22
N TYR D 197 -9.94 -47.99 -22.98
CA TYR D 197 -10.44 -49.27 -22.49
C TYR D 197 -9.30 -50.20 -22.11
N TYR D 198 -8.20 -50.13 -22.85
CA TYR D 198 -7.04 -50.99 -22.63
C TYR D 198 -5.97 -50.31 -21.78
N SER D 199 -6.36 -49.35 -20.94
CA SER D 199 -5.39 -48.65 -20.10
C SER D 199 -4.66 -49.63 -19.20
N HIS D 200 -3.40 -49.33 -18.92
CA HIS D 200 -2.66 -50.12 -17.93
C HIS D 200 -3.21 -49.95 -16.52
N ALA D 201 -4.09 -48.97 -16.30
CA ALA D 201 -4.77 -48.81 -15.02
C ALA D 201 -6.13 -49.50 -14.98
N SER D 202 -6.49 -50.26 -16.02
CA SER D 202 -7.77 -50.98 -16.01
C SER D 202 -7.73 -52.49 -16.30
N PRO D 203 -6.57 -53.17 -16.38
CA PRO D 203 -6.63 -54.57 -16.86
C PRO D 203 -7.42 -55.47 -15.95
N PHE D 204 -7.43 -55.20 -14.64
CA PHE D 204 -8.17 -56.07 -13.75
C PHE D 204 -9.67 -55.75 -13.70
N ALA D 205 -10.07 -54.53 -14.08
CA ALA D 205 -11.49 -54.33 -14.34
C ALA D 205 -11.95 -55.16 -15.56
N ARG D 206 -11.15 -55.17 -16.63
CA ARG D 206 -11.48 -55.97 -17.80
C ARG D 206 -11.50 -57.45 -17.46
N ILE D 207 -10.53 -57.91 -16.67
CA ILE D 207 -10.49 -59.32 -16.25
C ILE D 207 -11.76 -59.66 -15.48
N MET D 208 -12.16 -58.78 -14.55
CA MET D 208 -13.31 -59.10 -13.71
C MET D 208 -14.61 -58.98 -14.48
N GLU D 209 -14.75 -57.97 -15.35
CA GLU D 209 -15.91 -57.92 -16.22
C GLU D 209 -16.05 -59.20 -17.04
N GLY D 210 -14.93 -59.76 -17.47
CA GLY D 210 -15.00 -60.98 -18.26
C GLY D 210 -15.24 -62.24 -17.47
N GLY D 211 -15.14 -62.18 -16.15
CA GLY D 211 -15.26 -63.38 -15.34
C GLY D 211 -14.15 -64.39 -15.49
N TYR D 212 -12.97 -63.98 -15.95
CA TYR D 212 -11.84 -64.89 -16.08
C TYR D 212 -11.18 -65.21 -14.75
N ALA D 213 -11.48 -64.44 -13.70
CA ALA D 213 -10.90 -64.62 -12.38
C ALA D 213 -11.99 -64.86 -11.36
N ARG D 214 -11.76 -65.84 -10.48
CA ARG D 214 -12.62 -66.02 -9.30
C ARG D 214 -12.11 -65.12 -8.18
N ARG D 215 -11.00 -65.49 -7.55
CA ARG D 215 -10.39 -64.67 -6.51
C ARG D 215 -9.31 -63.78 -7.12
N LEU D 216 -9.24 -62.54 -6.63
CA LEU D 216 -8.17 -61.62 -6.97
C LEU D 216 -7.61 -61.10 -5.65
N VAL D 217 -6.41 -61.56 -5.31
CA VAL D 217 -5.75 -61.20 -4.05
C VAL D 217 -4.67 -60.19 -4.39
N GLN D 218 -4.83 -58.96 -3.92
CA GLN D 218 -3.91 -57.87 -4.24
C GLN D 218 -3.04 -57.54 -3.04
N VAL D 219 -1.76 -57.27 -3.30
CA VAL D 219 -0.77 -57.06 -2.24
C VAL D 219 0.12 -55.89 -2.62
N GLY D 220 0.37 -55.00 -1.65
CA GLY D 220 1.21 -53.83 -1.86
C GLY D 220 0.44 -52.55 -2.11
N ILE D 221 -0.89 -52.59 -2.04
CA ILE D 221 -1.73 -51.50 -2.50
C ILE D 221 -1.53 -50.27 -1.61
N ARG D 222 -1.23 -49.14 -2.24
CA ARG D 222 -1.07 -47.92 -1.45
C ARG D 222 -1.52 -46.69 -2.23
N SER D 223 -2.16 -46.87 -3.39
CA SER D 223 -2.69 -45.75 -4.16
C SER D 223 -4.03 -46.20 -4.73
N ILE D 224 -5.11 -45.80 -4.06
CA ILE D 224 -6.44 -46.25 -4.42
C ILE D 224 -7.42 -45.12 -4.20
N THR D 225 -8.21 -44.81 -5.21
CA THR D 225 -9.21 -43.76 -5.11
C THR D 225 -10.53 -44.36 -4.61
N ASN D 226 -11.42 -43.47 -4.16
CA ASN D 226 -12.70 -43.92 -3.61
C ASN D 226 -13.56 -44.60 -4.69
N ASP D 227 -13.53 -44.09 -5.92
CA ASP D 227 -14.21 -44.79 -7.02
C ASP D 227 -13.73 -46.22 -7.14
N VAL D 228 -12.41 -46.43 -7.15
CA VAL D 228 -11.89 -47.78 -7.30
C VAL D 228 -12.19 -48.61 -6.06
N ARG D 229 -12.30 -47.97 -4.89
CA ARG D 229 -12.73 -48.69 -3.70
C ARG D 229 -14.11 -49.33 -3.90
N GLU D 230 -14.98 -48.66 -4.66
CA GLU D 230 -16.27 -49.25 -5.03
C GLU D 230 -16.09 -50.42 -5.99
N GLN D 231 -15.14 -50.31 -6.92
CA GLN D 231 -14.87 -51.42 -7.83
C GLN D 231 -14.41 -52.66 -7.07
N VAL D 232 -13.55 -52.49 -6.07
CA VAL D 232 -13.13 -53.61 -5.23
C VAL D 232 -14.34 -54.26 -4.57
N LYS D 233 -15.29 -53.46 -4.09
CA LYS D 233 -16.50 -54.00 -3.47
C LYS D 233 -17.33 -54.79 -4.47
N LYS D 234 -17.49 -54.25 -5.67
CA LYS D 234 -18.40 -54.82 -6.66
C LYS D 234 -17.95 -56.20 -7.14
N TYR D 235 -16.65 -56.44 -7.20
CA TYR D 235 -16.13 -57.70 -7.70
C TYR D 235 -15.61 -58.62 -6.60
N GLY D 236 -15.82 -58.27 -5.33
CA GLY D 236 -15.32 -59.09 -4.25
C GLY D 236 -13.82 -59.23 -4.24
N VAL D 237 -13.09 -58.20 -4.68
CA VAL D 237 -11.64 -58.25 -4.68
C VAL D 237 -11.11 -58.22 -3.25
N GLU D 238 -9.99 -58.91 -3.02
CA GLU D 238 -9.33 -58.96 -1.71
C GLU D 238 -8.10 -58.08 -1.77
N THR D 239 -8.28 -56.79 -1.44
CA THR D 239 -7.28 -55.74 -1.62
C THR D 239 -6.55 -55.48 -0.31
N HIS D 240 -5.32 -55.99 -0.19
CA HIS D 240 -4.53 -55.79 1.02
C HIS D 240 -3.64 -54.57 0.85
N GLU D 241 -3.97 -53.50 1.58
CA GLU D 241 -3.23 -52.25 1.55
C GLU D 241 -2.02 -52.31 2.50
N MET D 242 -0.97 -51.56 2.14
CA MET D 242 0.23 -51.50 2.96
C MET D 242 -0.09 -51.12 4.41
N ARG D 243 -1.11 -50.29 4.60
CA ARG D 243 -1.55 -49.88 5.93
C ARG D 243 -1.68 -51.05 6.90
N THR D 244 -2.13 -52.22 6.42
CA THR D 244 -2.38 -53.36 7.29
C THR D 244 -1.42 -54.53 7.07
N LEU D 245 -0.29 -54.30 6.39
CA LEU D 245 0.60 -55.40 6.01
C LEU D 245 1.03 -56.26 7.20
N SER D 246 1.30 -55.63 8.35
CA SER D 246 1.80 -56.38 9.50
C SER D 246 0.75 -57.35 10.03
N ARG D 247 -0.49 -56.89 10.13
CA ARG D 247 -1.58 -57.78 10.55
C ARG D 247 -1.80 -58.89 9.52
N ASP D 248 -1.66 -58.58 8.24
CA ASP D 248 -2.03 -59.53 7.19
C ASP D 248 -0.93 -60.52 6.88
N ARG D 249 0.29 -60.25 7.32
CA ARG D 249 1.46 -61.07 6.97
C ARG D 249 1.25 -62.56 7.20
N PRO D 250 0.69 -63.02 8.34
CA PRO D 250 0.45 -64.48 8.47
C PRO D 250 -0.46 -65.03 7.38
N ILE D 251 -1.44 -64.26 6.94
CA ILE D 251 -2.34 -64.76 5.89
C ILE D 251 -1.63 -64.77 4.53
N LEU D 252 -0.91 -63.69 4.22
CA LEU D 252 -0.35 -63.55 2.89
C LEU D 252 0.85 -64.46 2.67
N GLU D 253 1.55 -64.83 3.75
CA GLU D 253 2.69 -65.73 3.66
C GLU D 253 2.29 -67.18 3.83
N ASN D 254 1.00 -67.48 3.69
CA ASN D 254 0.48 -68.85 3.73
C ASN D 254 -0.71 -68.96 2.79
N LEU D 255 -0.52 -68.58 1.52
CA LEU D 255 -1.61 -68.49 0.57
C LEU D 255 -1.87 -69.85 -0.09
N LYS D 256 -3.15 -70.23 -0.18
CA LYS D 256 -3.56 -71.45 -0.86
C LYS D 256 -4.61 -71.05 -1.91
N LEU D 257 -4.18 -70.97 -3.17
CA LEU D 257 -5.04 -70.53 -4.26
C LEU D 257 -5.29 -71.66 -5.25
N GLY D 258 -6.38 -71.52 -6.01
CA GLY D 258 -6.66 -72.36 -7.16
C GLY D 258 -7.61 -73.51 -6.91
N GLU D 259 -7.82 -73.91 -5.65
CA GLU D 259 -8.69 -75.05 -5.37
C GLU D 259 -10.11 -74.77 -5.87
N GLY D 260 -10.67 -75.73 -6.60
CA GLY D 260 -11.99 -75.56 -7.14
C GLY D 260 -12.08 -74.84 -8.46
N VAL D 261 -10.96 -74.31 -8.98
CA VAL D 261 -10.95 -73.70 -10.30
C VAL D 261 -9.78 -74.25 -11.11
N LYS D 262 -9.42 -73.57 -12.20
CA LYS D 262 -8.49 -74.13 -13.17
C LYS D 262 -7.02 -73.91 -12.81
N GLY D 263 -6.71 -72.95 -11.95
CA GLY D 263 -5.32 -72.72 -11.58
C GLY D 263 -5.15 -71.34 -10.99
N VAL D 264 -3.88 -70.95 -10.86
CA VAL D 264 -3.47 -69.71 -10.21
C VAL D 264 -2.62 -68.92 -11.20
N TYR D 265 -2.98 -67.66 -11.41
CA TYR D 265 -2.19 -66.74 -12.22
C TYR D 265 -1.52 -65.72 -11.29
N VAL D 266 -0.22 -65.50 -11.48
CA VAL D 266 0.53 -64.57 -10.63
C VAL D 266 0.96 -63.38 -11.47
N SER D 267 0.45 -62.19 -11.15
CA SER D 267 0.84 -60.97 -11.84
C SER D 267 1.67 -60.10 -10.90
N ILE D 268 2.93 -59.88 -11.25
CA ILE D 268 3.84 -59.05 -10.44
C ILE D 268 4.09 -57.74 -11.17
N ASP D 269 3.55 -56.65 -10.63
CA ASP D 269 3.87 -55.30 -11.08
C ASP D 269 5.08 -54.84 -10.28
N VAL D 270 6.19 -54.51 -10.98
CA VAL D 270 7.43 -54.16 -10.30
C VAL D 270 7.28 -52.95 -9.40
N ASP D 271 6.30 -52.08 -9.66
CA ASP D 271 6.17 -50.92 -8.79
C ASP D 271 5.41 -51.23 -7.50
N SER D 272 5.03 -52.50 -7.28
CA SER D 272 4.63 -52.90 -5.93
C SER D 272 5.76 -52.69 -4.93
N LEU D 273 7.00 -52.85 -5.39
CA LEU D 273 8.18 -52.66 -4.54
C LEU D 273 8.45 -51.17 -4.30
N ASP D 274 8.97 -50.88 -3.10
CA ASP D 274 9.34 -49.53 -2.76
C ASP D 274 10.27 -48.95 -3.84
N PRO D 275 10.12 -47.67 -4.19
CA PRO D 275 11.02 -47.07 -5.18
C PRO D 275 12.50 -47.15 -4.80
N SER D 276 12.83 -47.29 -3.51
CA SER D 276 14.23 -47.47 -3.14
C SER D 276 14.79 -48.76 -3.71
N ILE D 277 13.95 -49.75 -3.95
CA ILE D 277 14.38 -51.04 -4.50
C ILE D 277 14.22 -51.05 -6.02
N ALA D 278 13.14 -50.47 -6.52
CA ALA D 278 12.77 -50.57 -7.93
C ALA D 278 12.55 -49.18 -8.48
N PRO D 279 13.63 -48.41 -8.65
CA PRO D 279 13.48 -47.07 -9.21
C PRO D 279 13.05 -47.08 -10.66
N GLY D 280 13.33 -48.17 -11.37
CA GLY D 280 13.06 -48.25 -12.79
C GLY D 280 11.64 -48.69 -13.08
N VAL D 281 10.68 -47.86 -12.68
CA VAL D 281 9.25 -48.03 -12.98
C VAL D 281 8.71 -46.65 -13.34
N SER D 282 7.51 -46.63 -13.92
CA SER D 282 6.95 -45.33 -14.28
C SER D 282 6.31 -44.62 -13.10
N HIS D 283 5.73 -45.34 -12.14
CA HIS D 283 4.94 -44.72 -11.06
C HIS D 283 5.56 -45.04 -9.71
N HIS D 284 6.27 -44.06 -9.17
CA HIS D 284 6.89 -44.17 -7.86
C HIS D 284 5.87 -43.93 -6.78
N GLU D 285 5.78 -44.84 -5.81
CA GLU D 285 4.81 -44.73 -4.72
C GLU D 285 5.50 -45.17 -3.43
N PRO D 286 5.90 -44.23 -2.58
CA PRO D 286 6.73 -44.56 -1.41
C PRO D 286 5.98 -45.41 -0.40
N GLY D 287 6.76 -46.12 0.41
CA GLY D 287 6.17 -47.01 1.39
C GLY D 287 5.68 -48.31 0.81
N GLY D 288 6.41 -48.89 -0.14
CA GLY D 288 6.02 -50.11 -0.80
C GLY D 288 6.71 -51.33 -0.22
N LEU D 289 6.55 -52.44 -0.94
CA LEU D 289 7.07 -53.71 -0.46
C LEU D 289 8.60 -53.75 -0.51
N LEU D 290 9.17 -54.44 0.46
CA LEU D 290 10.54 -54.88 0.34
C LEU D 290 10.58 -56.11 -0.57
N PHE D 291 11.72 -56.29 -1.24
CA PHE D 291 11.86 -57.42 -2.15
C PHE D 291 11.61 -58.73 -1.42
N ARG D 292 12.10 -58.83 -0.18
CA ARG D 292 11.88 -60.03 0.62
C ARG D 292 10.40 -60.26 0.92
N ASP D 293 9.56 -59.21 0.86
CA ASP D 293 8.13 -59.38 1.10
C ASP D 293 7.49 -60.19 -0.02
N ILE D 294 7.81 -59.85 -1.27
CA ILE D 294 7.26 -60.60 -2.41
C ILE D 294 7.74 -62.05 -2.35
N LEU D 295 9.05 -62.25 -2.13
CA LEU D 295 9.60 -63.61 -2.07
C LEU D 295 8.95 -64.43 -0.96
N ASN D 296 8.79 -63.86 0.24
CA ASN D 296 8.14 -64.59 1.32
C ASN D 296 6.75 -65.08 0.91
N ILE D 297 6.01 -64.24 0.18
CA ILE D 297 4.66 -64.62 -0.23
C ILE D 297 4.71 -65.62 -1.39
N LEU D 298 5.58 -65.36 -2.38
CA LEU D 298 5.59 -66.18 -3.59
C LEU D 298 6.19 -67.56 -3.33
N GLN D 299 7.29 -67.63 -2.57
CA GLN D 299 7.94 -68.91 -2.30
C GLN D 299 7.05 -69.84 -1.47
N ASN D 300 6.14 -69.28 -0.67
CA ASN D 300 5.25 -70.08 0.16
C ASN D 300 3.88 -70.29 -0.47
N LEU D 301 3.63 -69.75 -1.67
CA LEU D 301 2.32 -69.87 -2.31
C LEU D 301 2.02 -71.31 -2.71
N GLN D 302 0.88 -71.82 -2.26
CA GLN D 302 0.41 -73.15 -2.65
C GLN D 302 -0.66 -73.01 -3.72
N GLY D 303 -0.63 -73.91 -4.69
CA GLY D 303 -1.60 -73.94 -5.77
C GLY D 303 -0.93 -74.23 -7.10
N ASP D 304 -1.74 -74.62 -8.07
CA ASP D 304 -1.28 -75.02 -9.41
C ASP D 304 -1.07 -73.77 -10.24
N ILE D 305 0.15 -73.24 -10.29
CA ILE D 305 0.39 -72.00 -11.02
C ILE D 305 0.32 -72.31 -12.51
N VAL D 306 -0.57 -71.63 -13.23
CA VAL D 306 -0.80 -71.89 -14.64
C VAL D 306 -0.29 -70.77 -15.54
N GLY D 307 0.19 -69.68 -14.97
CA GLY D 307 0.73 -68.59 -15.75
C GLY D 307 1.11 -67.44 -14.85
N GLY D 308 1.83 -66.49 -15.42
CA GLY D 308 2.21 -65.33 -14.66
C GLY D 308 2.74 -64.26 -15.58
N ASP D 309 3.05 -63.10 -14.97
CA ASP D 309 3.70 -62.04 -15.72
C ASP D 309 4.49 -61.16 -14.76
N VAL D 310 5.51 -60.49 -15.30
CA VAL D 310 6.28 -59.47 -14.60
C VAL D 310 6.25 -58.23 -15.48
N VAL D 311 5.63 -57.16 -14.99
CA VAL D 311 5.29 -56.00 -15.80
C VAL D 311 5.79 -54.72 -15.13
N GLU D 312 5.88 -53.68 -15.96
CA GLU D 312 6.14 -52.28 -15.62
C GLU D 312 7.61 -51.98 -15.28
N TYR D 313 8.54 -52.92 -15.39
CA TYR D 313 9.95 -52.52 -15.36
C TYR D 313 10.21 -51.55 -16.51
N ASN D 314 10.80 -50.40 -16.18
CA ASN D 314 11.03 -49.31 -17.13
C ASN D 314 12.52 -49.03 -17.19
N PRO D 315 13.25 -49.63 -18.14
CA PRO D 315 14.71 -49.39 -18.18
C PRO D 315 15.08 -47.93 -18.34
N GLN D 316 14.21 -47.12 -18.95
CA GLN D 316 14.58 -45.72 -19.11
C GLN D 316 14.54 -44.95 -17.80
N ARG D 317 13.93 -45.47 -16.75
CA ARG D 317 13.91 -44.78 -15.46
C ARG D 317 14.76 -45.49 -14.42
N ASP D 318 15.52 -46.50 -14.83
CA ASP D 318 16.42 -47.24 -13.94
C ASP D 318 17.70 -46.44 -13.68
N THR D 319 18.46 -46.86 -12.68
CA THR D 319 19.77 -46.25 -12.47
C THR D 319 20.81 -46.91 -13.39
N TYR D 320 21.98 -46.24 -13.51
CA TYR D 320 22.95 -46.65 -14.53
CA TYR D 320 22.98 -46.64 -14.50
C TYR D 320 23.47 -48.06 -14.28
N ASP D 321 23.44 -48.54 -13.04
CA ASP D 321 23.83 -49.91 -12.74
C ASP D 321 22.77 -50.93 -13.17
N GLY D 322 21.57 -50.48 -13.52
CA GLY D 322 20.55 -51.40 -13.97
C GLY D 322 20.00 -52.27 -12.88
N ILE D 323 19.89 -51.71 -11.65
CA ILE D 323 19.48 -52.52 -10.51
C ILE D 323 18.06 -53.07 -10.69
N THR D 324 17.17 -52.31 -11.34
CA THR D 324 15.79 -52.78 -11.45
C THR D 324 15.67 -53.91 -12.47
N ALA D 325 16.57 -53.98 -13.46
CA ALA D 325 16.65 -55.14 -14.34
C ALA D 325 16.93 -56.42 -13.56
N LEU D 326 17.89 -56.33 -12.62
CA LEU D 326 18.23 -57.47 -11.74
C LEU D 326 17.03 -57.79 -10.85
N VAL D 327 16.37 -56.76 -10.30
CA VAL D 327 15.19 -56.96 -9.48
C VAL D 327 14.13 -57.71 -10.28
N ALA D 328 13.84 -57.23 -11.49
CA ALA D 328 12.85 -57.91 -12.31
C ALA D 328 13.30 -59.31 -12.67
N ALA D 329 14.59 -59.49 -13.00
CA ALA D 329 15.08 -60.81 -13.37
C ALA D 329 14.91 -61.78 -12.22
N LYS D 330 15.20 -61.35 -11.00
CA LYS D 330 15.07 -62.24 -9.86
C LYS D 330 13.60 -62.61 -9.63
N LEU D 331 12.69 -61.68 -9.88
CA LEU D 331 11.27 -61.99 -9.76
C LEU D 331 10.86 -63.05 -10.80
N VAL D 332 11.34 -62.90 -12.05
CA VAL D 332 11.09 -63.93 -13.06
C VAL D 332 11.69 -65.26 -12.62
N ARG D 333 12.94 -65.22 -12.14
CA ARG D 333 13.63 -66.43 -11.70
C ARG D 333 12.85 -67.15 -10.60
N GLU D 334 12.33 -66.42 -9.62
CA GLU D 334 11.63 -67.03 -8.51
C GLU D 334 10.20 -67.43 -8.86
N LEU D 335 9.54 -66.69 -9.75
CA LEU D 335 8.25 -67.15 -10.25
C LEU D 335 8.41 -68.42 -11.07
N ALA D 336 9.47 -68.50 -11.89
CA ALA D 336 9.69 -69.70 -12.69
C ALA D 336 9.94 -70.91 -11.79
N ALA D 337 10.65 -70.72 -10.69
CA ALA D 337 10.91 -71.82 -9.78
C ALA D 337 9.62 -72.39 -9.20
N LYS D 338 8.65 -71.52 -8.94
CA LYS D 338 7.36 -71.97 -8.39
C LYS D 338 6.43 -72.52 -9.45
N MET D 339 6.52 -72.06 -10.70
CA MET D 339 5.66 -72.54 -11.77
C MET D 339 6.19 -73.81 -12.44
N SER D 340 7.50 -73.88 -12.65
CA SER D 340 8.08 -75.07 -13.25
C SER D 340 8.07 -76.23 -12.24
N LYS D 341 7.89 -77.44 -12.77
CA LYS D 341 7.79 -78.63 -11.93
C LYS D 341 7.86 -79.91 -12.74
N VAL E 23 63.34 -60.60 -19.13
CA VAL E 23 63.83 -60.06 -17.86
C VAL E 23 64.55 -61.15 -17.07
N SER E 24 65.69 -60.79 -16.49
CA SER E 24 66.55 -61.75 -15.81
C SER E 24 65.83 -62.36 -14.60
N PRO E 25 66.21 -63.58 -14.19
CA PRO E 25 65.64 -64.13 -12.95
C PRO E 25 66.19 -63.49 -11.69
N ALA E 26 67.48 -63.13 -11.67
CA ALA E 26 68.10 -62.55 -10.48
C ALA E 26 67.53 -61.17 -10.17
N LEU E 27 67.45 -60.31 -11.18
CA LEU E 27 66.82 -59.00 -11.00
C LEU E 27 65.42 -59.14 -10.43
N LEU E 28 64.71 -60.22 -10.78
CA LEU E 28 63.36 -60.43 -10.29
C LEU E 28 63.35 -60.89 -8.83
N GLU E 29 64.01 -62.02 -8.57
CA GLU E 29 64.02 -62.61 -7.21
C GLU E 29 64.48 -61.59 -6.17
N LYS E 30 65.56 -60.87 -6.46
CA LYS E 30 66.14 -59.97 -5.43
C LYS E 30 65.24 -58.78 -5.18
N ALA E 31 64.90 -58.06 -6.25
CA ALA E 31 64.06 -56.85 -6.19
C ALA E 31 62.75 -57.15 -5.48
N GLN E 32 62.10 -58.27 -5.83
CA GLN E 32 60.85 -58.66 -5.18
C GLN E 32 61.04 -58.66 -3.66
N ASN E 33 62.07 -59.32 -3.17
CA ASN E 33 62.34 -59.37 -1.72
C ASN E 33 62.67 -57.97 -1.20
N ARG E 34 63.41 -57.18 -1.96
CA ARG E 34 63.78 -55.84 -1.46
C ARG E 34 62.53 -54.98 -1.33
N VAL E 35 61.70 -54.98 -2.37
CA VAL E 35 60.45 -54.17 -2.39
C VAL E 35 59.52 -54.70 -1.31
N ILE E 36 59.37 -56.01 -1.20
CA ILE E 36 58.48 -56.57 -0.14
C ILE E 36 59.05 -56.24 1.23
N ASP E 37 60.35 -56.34 1.43
CA ASP E 37 60.91 -56.02 2.76
C ASP E 37 60.60 -54.57 3.08
N ALA E 38 60.82 -53.66 2.14
CA ALA E 38 60.54 -52.25 2.38
C ALA E 38 59.08 -52.00 2.71
N ALA E 39 58.17 -52.67 2.00
CA ALA E 39 56.75 -52.49 2.28
C ALA E 39 56.39 -52.96 3.67
N LEU E 40 56.92 -54.12 4.08
CA LEU E 40 56.64 -54.62 5.43
C LEU E 40 57.24 -53.73 6.49
N THR E 41 58.44 -53.19 6.24
CA THR E 41 59.07 -52.27 7.19
C THR E 41 58.20 -51.03 7.43
N PHE E 42 57.56 -50.51 6.38
CA PHE E 42 56.68 -49.36 6.54
C PHE E 42 55.51 -49.71 7.44
N ILE E 43 54.86 -50.84 7.19
CA ILE E 43 53.76 -51.26 8.05
C ILE E 43 54.26 -51.46 9.47
N ARG E 44 55.43 -52.08 9.63
CA ARG E 44 55.96 -52.31 10.96
C ARG E 44 56.23 -51.00 11.69
N GLU E 45 56.73 -49.98 10.98
CA GLU E 45 57.00 -48.70 11.65
C GLU E 45 55.70 -47.98 12.02
N ARG E 46 54.69 -48.06 11.14
CA ARG E 46 53.41 -47.44 11.47
C ARG E 46 52.76 -48.14 12.66
N ALA E 47 52.77 -49.47 12.66
CA ALA E 47 52.24 -50.23 13.80
C ALA E 47 53.01 -49.93 15.09
N LYS E 48 54.33 -49.77 15.01
CA LYS E 48 55.07 -49.40 16.21
C LYS E 48 54.68 -48.01 16.70
N PHE E 49 54.47 -47.09 15.75
CA PHE E 49 54.06 -45.75 16.13
C PHE E 49 52.74 -45.77 16.90
N LYS E 50 51.74 -46.49 16.38
CA LYS E 50 50.43 -46.49 17.02
C LYS E 50 50.43 -47.30 18.32
N GLY E 51 51.18 -48.40 18.35
CA GLY E 51 51.27 -49.18 19.59
C GLY E 51 51.91 -48.39 20.72
N GLU E 52 53.04 -47.75 20.46
CA GLU E 52 53.66 -46.88 21.45
C GLU E 52 52.69 -45.81 21.93
N LEU E 53 51.93 -45.22 20.99
CA LEU E 53 50.95 -44.20 21.35
C LEU E 53 49.92 -44.75 22.33
N MET E 54 49.27 -45.86 21.99
CA MET E 54 48.27 -46.43 22.88
C MET E 54 48.88 -46.77 24.24
N ARG E 55 50.09 -47.32 24.24
CA ARG E 55 50.70 -47.69 25.51
C ARG E 55 51.02 -46.47 26.36
N SER E 56 51.38 -45.34 25.74
CA SER E 56 51.65 -44.17 26.57
C SER E 56 50.37 -43.51 27.07
N LEU E 57 49.22 -43.87 26.50
CA LEU E 57 47.95 -43.32 26.98
C LEU E 57 47.43 -44.09 28.19
N GLY E 58 47.66 -45.41 28.22
CA GLY E 58 47.13 -46.23 29.29
C GLY E 58 45.62 -46.38 29.19
N GLY E 59 45.09 -47.18 30.10
CA GLY E 59 43.64 -47.36 30.16
C GLY E 59 43.06 -47.95 28.90
N VAL E 60 43.76 -48.92 28.31
CA VAL E 60 43.32 -49.49 27.03
C VAL E 60 43.73 -50.96 26.98
N ALA E 61 42.76 -51.82 26.68
CA ALA E 61 43.02 -53.25 26.56
C ALA E 61 43.03 -53.72 25.11
N ALA E 62 42.30 -53.06 24.22
CA ALA E 62 42.32 -53.40 22.81
C ALA E 62 41.93 -52.16 22.01
N THR E 63 42.63 -51.94 20.90
CA THR E 63 42.35 -50.81 20.01
C THR E 63 42.18 -51.33 18.60
N SER E 64 40.99 -51.13 18.03
CA SER E 64 40.74 -51.50 16.64
C SER E 64 41.67 -50.69 15.72
N SER E 65 42.45 -51.40 14.90
CA SER E 65 43.50 -50.77 14.10
C SER E 65 43.29 -51.12 12.62
N LEU E 66 43.03 -50.10 11.81
CA LEU E 66 42.69 -50.29 10.40
C LEU E 66 43.94 -50.61 9.59
N LEU E 67 43.86 -51.70 8.84
CA LEU E 67 44.86 -52.11 7.88
C LEU E 67 44.15 -52.27 6.55
N GLY E 68 44.51 -51.43 5.58
CA GLY E 68 43.89 -51.54 4.27
C GLY E 68 44.57 -52.63 3.45
N VAL E 69 43.76 -53.36 2.67
CA VAL E 69 44.30 -54.33 1.73
C VAL E 69 43.65 -54.07 0.38
N PRO E 70 44.17 -53.15 -0.39
CA PRO E 70 43.50 -52.68 -1.63
C PRO E 70 43.67 -53.66 -2.78
N LEU E 71 43.04 -54.81 -2.65
CA LEU E 71 43.18 -55.90 -3.61
C LEU E 71 41.84 -56.18 -4.27
N GLY E 72 41.78 -56.08 -5.59
CA GLY E 72 40.58 -56.45 -6.34
C GLY E 72 40.69 -57.57 -7.37
N HIS E 73 41.90 -58.01 -7.71
CA HIS E 73 42.08 -58.87 -8.87
C HIS E 73 41.70 -60.34 -8.63
N HIS E 74 41.21 -60.70 -7.45
CA HIS E 74 40.59 -62.00 -7.23
C HIS E 74 39.07 -61.93 -7.39
N SER E 75 38.55 -60.80 -7.83
CA SER E 75 37.12 -60.66 -8.08
C SER E 75 36.72 -61.34 -9.36
N SER E 76 35.50 -61.83 -9.40
CA SER E 76 35.02 -62.55 -10.58
C SER E 76 34.30 -61.65 -11.57
N PHE E 77 33.97 -60.41 -11.21
CA PHE E 77 33.10 -59.60 -12.06
C PHE E 77 33.62 -58.17 -12.21
N HIS E 78 34.00 -57.56 -11.08
CA HIS E 78 34.45 -56.17 -11.08
C HIS E 78 35.46 -55.97 -9.95
N GLU E 79 36.58 -55.31 -10.26
CA GLU E 79 37.72 -55.20 -9.34
C GLU E 79 37.74 -53.88 -8.54
N GLY E 80 36.64 -53.10 -8.57
CA GLY E 80 36.64 -51.77 -8.00
C GLY E 80 36.87 -51.71 -6.50
N SER E 81 36.64 -52.81 -5.78
CA SER E 81 36.84 -52.75 -4.33
C SER E 81 38.30 -52.56 -3.98
N ALA E 82 39.21 -52.75 -4.93
CA ALA E 82 40.61 -52.40 -4.71
C ALA E 82 40.79 -50.95 -4.27
N PHE E 83 39.86 -50.06 -4.64
CA PHE E 83 39.98 -48.64 -4.35
C PHE E 83 39.31 -48.24 -3.04
N ALA E 84 38.75 -49.20 -2.31
CA ALA E 84 37.85 -48.88 -1.20
C ALA E 84 38.54 -48.30 0.04
N PRO E 85 39.64 -48.84 0.54
CA PRO E 85 40.10 -48.47 1.92
C PRO E 85 40.26 -46.97 2.13
N PRO E 86 40.92 -46.23 1.24
CA PRO E 86 41.01 -44.77 1.49
C PRO E 86 39.65 -44.08 1.53
N ARG E 87 38.68 -44.58 0.78
CA ARG E 87 37.36 -43.96 0.77
C ARG E 87 36.60 -44.25 2.05
N ILE E 88 36.74 -45.46 2.58
CA ILE E 88 36.15 -45.78 3.88
C ILE E 88 36.73 -44.88 4.97
N ARG E 89 38.07 -44.73 4.99
CA ARG E 89 38.68 -43.94 6.06
C ARG E 89 38.18 -42.50 6.03
N GLU E 90 38.07 -41.92 4.84
CA GLU E 90 37.57 -40.57 4.73
C GLU E 90 36.13 -40.48 5.25
N ALA E 91 35.29 -41.44 4.86
CA ALA E 91 33.89 -41.41 5.27
C ALA E 91 33.72 -41.54 6.78
N ILE E 92 34.64 -42.25 7.45
CA ILE E 92 34.62 -42.32 8.91
C ILE E 92 34.61 -40.93 9.54
N TRP E 93 35.21 -39.95 8.85
CA TRP E 93 35.32 -38.58 9.35
C TRP E 93 34.54 -37.59 8.50
N CYS E 94 33.49 -38.05 7.81
CA CYS E 94 32.66 -37.15 7.03
C CYS E 94 32.12 -36.00 7.89
N ASP E 95 32.17 -34.80 7.33
CA ASP E 95 31.68 -33.62 8.03
C ASP E 95 30.18 -33.69 8.32
N SER E 96 29.44 -34.54 7.61
CA SER E 96 28.02 -34.68 7.89
C SER E 96 27.73 -35.49 9.15
N THR E 97 28.71 -36.19 9.69
CA THR E 97 28.53 -37.07 10.84
C THR E 97 29.23 -36.50 12.06
N ASN E 98 28.88 -37.00 13.24
CA ASN E 98 29.69 -36.77 14.43
C ASN E 98 30.52 -38.01 14.72
N SER E 99 31.39 -37.91 15.71
CA SER E 99 32.41 -38.90 16.00
C SER E 99 32.01 -39.90 17.08
N THR E 100 30.74 -39.95 17.48
CA THR E 100 30.27 -40.88 18.49
C THR E 100 29.56 -42.06 17.81
N THR E 101 29.76 -43.27 18.35
CA THR E 101 29.08 -44.43 17.79
C THR E 101 27.69 -44.57 18.41
N GLU E 102 26.88 -45.45 17.83
CA GLU E 102 25.48 -45.56 18.24
C GLU E 102 25.34 -45.87 19.72
N GLU E 103 26.27 -46.63 20.29
CA GLU E 103 26.22 -46.94 21.72
C GLU E 103 27.24 -46.13 22.51
N GLY E 104 27.72 -45.04 21.97
CA GLY E 104 28.31 -43.99 22.77
C GLY E 104 29.82 -43.97 22.89
N LYS E 105 30.55 -44.67 22.04
CA LYS E 105 32.00 -44.55 22.10
C LYS E 105 32.45 -43.42 21.20
N ASN E 106 33.56 -42.79 21.59
CA ASN E 106 34.06 -41.61 20.90
C ASN E 106 35.22 -41.99 20.00
N LEU E 107 35.02 -41.86 18.69
CA LEU E 107 36.04 -42.22 17.73
C LEU E 107 37.21 -41.24 17.73
N ARG E 108 37.03 -40.05 18.31
CA ARG E 108 38.15 -39.13 18.48
C ARG E 108 39.18 -39.63 19.48
N ASP E 109 38.83 -40.63 20.28
CA ASP E 109 39.76 -41.24 21.21
C ASP E 109 40.67 -42.20 20.46
N PRO E 110 41.99 -41.98 20.41
CA PRO E 110 42.87 -42.88 19.65
C PRO E 110 42.80 -44.33 20.11
N ARG E 111 42.41 -44.58 21.36
CA ARG E 111 42.31 -45.96 21.81
C ARG E 111 41.06 -46.67 21.28
N VAL E 112 40.13 -45.94 20.68
CA VAL E 112 38.91 -46.54 20.15
C VAL E 112 39.09 -46.99 18.69
N ILE E 113 39.89 -46.26 17.92
CA ILE E 113 40.16 -46.60 16.52
C ILE E 113 41.40 -45.83 16.07
N THR E 114 42.27 -46.49 15.33
CA THR E 114 43.44 -45.83 14.77
C THR E 114 43.73 -46.46 13.41
N ASN E 115 44.47 -45.73 12.58
CA ASN E 115 44.84 -46.17 11.24
C ASN E 115 46.30 -46.63 11.23
N VAL E 116 46.54 -47.83 10.70
CA VAL E 116 47.92 -48.30 10.56
C VAL E 116 48.42 -47.92 9.17
N GLY E 117 47.76 -48.42 8.15
CA GLY E 117 48.13 -48.12 6.79
C GLY E 117 47.59 -49.18 5.84
N ASP E 118 48.02 -49.05 4.58
CA ASP E 118 47.57 -49.89 3.48
C ASP E 118 48.73 -50.78 3.02
N VAL E 119 48.48 -52.07 2.87
CA VAL E 119 49.47 -52.91 2.18
C VAL E 119 49.59 -52.43 0.74
N PRO E 120 50.78 -52.14 0.23
CA PRO E 120 50.86 -51.61 -1.17
C PRO E 120 50.76 -52.73 -2.21
N ILE E 121 49.53 -53.22 -2.40
CA ILE E 121 49.29 -54.41 -3.23
C ILE E 121 49.73 -54.18 -4.67
N GLU E 122 49.36 -53.04 -5.24
CA GLU E 122 49.60 -52.79 -6.66
C GLU E 122 51.09 -52.77 -6.98
N GLU E 123 51.88 -52.14 -6.10
CA GLU E 123 53.31 -52.05 -6.33
C GLU E 123 53.99 -53.41 -6.17
N ILE E 124 53.54 -54.21 -5.22
CA ILE E 124 54.12 -55.53 -5.01
C ILE E 124 53.74 -56.46 -6.16
N ARG E 125 52.48 -56.42 -6.56
CA ARG E 125 52.02 -57.16 -7.72
C ARG E 125 52.82 -56.76 -8.96
N ASP E 126 53.04 -55.45 -9.14
CA ASP E 126 53.83 -54.94 -10.25
C ASP E 126 55.27 -55.45 -10.25
N CYS E 127 55.75 -56.04 -9.16
CA CYS E 127 57.08 -56.63 -9.18
C CYS E 127 57.09 -58.05 -9.73
N GLY E 128 55.93 -58.57 -10.15
CA GLY E 128 55.84 -59.93 -10.63
C GLY E 128 55.67 -60.97 -9.54
N VAL E 129 55.30 -60.54 -8.34
CA VAL E 129 55.06 -61.47 -7.24
C VAL E 129 53.80 -62.28 -7.52
N ASP E 130 53.83 -63.57 -7.18
CA ASP E 130 52.69 -64.43 -7.45
C ASP E 130 51.65 -64.33 -6.32
N ASP E 131 50.51 -64.98 -6.52
CA ASP E 131 49.39 -64.84 -5.60
C ASP E 131 49.67 -65.48 -4.25
N LYS E 132 50.42 -66.57 -4.20
CA LYS E 132 50.75 -67.19 -2.92
C LYS E 132 51.60 -66.25 -2.06
N ARG E 133 52.60 -65.66 -2.68
CA ARG E 133 53.50 -64.74 -1.96
C ARG E 133 52.72 -63.48 -1.56
N LEU E 134 51.86 -63.01 -2.44
CA LEU E 134 51.04 -61.85 -2.14
C LEU E 134 50.19 -62.13 -0.91
N ALA E 135 49.51 -63.29 -0.90
CA ALA E 135 48.70 -63.66 0.27
C ALA E 135 49.57 -63.79 1.51
N ASN E 136 50.83 -64.20 1.35
CA ASN E 136 51.73 -64.26 2.49
C ASN E 136 52.10 -62.87 3.01
N VAL E 137 52.27 -61.90 2.11
CA VAL E 137 52.54 -60.53 2.55
C VAL E 137 51.37 -59.98 3.35
N ILE E 138 50.15 -60.30 2.92
CA ILE E 138 48.97 -59.87 3.65
C ILE E 138 48.97 -60.48 5.05
N SER E 139 49.29 -61.78 5.16
CA SER E 139 49.30 -62.42 6.47
C SER E 139 50.39 -61.82 7.37
N GLU E 140 51.57 -61.55 6.81
CA GLU E 140 52.62 -60.95 7.62
C GLU E 140 52.23 -59.55 8.08
N SER E 141 51.56 -58.77 7.22
CA SER E 141 51.12 -57.43 7.60
C SER E 141 50.13 -57.48 8.76
N VAL E 142 49.26 -58.47 8.76
CA VAL E 142 48.33 -58.63 9.88
C VAL E 142 49.09 -58.93 11.16
N LYS E 143 50.11 -59.80 11.09
CA LYS E 143 50.86 -60.17 12.28
C LYS E 143 51.70 -59.02 12.81
N LEU E 144 52.15 -58.13 11.93
CA LEU E 144 52.85 -56.92 12.39
C LEU E 144 51.95 -56.08 13.29
N VAL E 145 50.67 -55.93 12.92
CA VAL E 145 49.74 -55.18 13.75
C VAL E 145 49.52 -55.88 15.09
N MET E 146 49.20 -57.19 15.04
CA MET E 146 48.95 -57.96 16.26
C MET E 146 50.14 -57.96 17.21
N ASP E 147 51.35 -57.75 16.67
CA ASP E 147 52.57 -57.77 17.47
C ASP E 147 52.73 -56.53 18.35
N GLU E 148 51.91 -55.50 18.17
CA GLU E 148 52.00 -54.28 18.95
C GLU E 148 50.79 -54.21 19.87
N ASP E 149 50.99 -54.52 21.15
CA ASP E 149 49.92 -54.43 22.11
C ASP E 149 49.53 -52.97 22.31
N PRO E 150 48.22 -52.65 22.35
CA PRO E 150 47.04 -53.50 22.28
C PRO E 150 46.30 -53.47 20.96
N LEU E 151 47.00 -53.36 19.83
CA LEU E 151 46.34 -53.25 18.54
C LEU E 151 45.70 -54.58 18.14
N ARG E 152 44.49 -54.49 17.58
CA ARG E 152 43.82 -55.63 16.99
C ARG E 152 43.40 -55.28 15.57
N PRO E 153 43.56 -56.22 14.63
CA PRO E 153 43.41 -55.88 13.20
C PRO E 153 41.95 -55.75 12.80
N LEU E 154 41.62 -54.62 12.19
CA LEU E 154 40.35 -54.40 11.51
C LEU E 154 40.70 -54.09 10.06
N VAL E 155 40.48 -55.05 9.17
CA VAL E 155 41.04 -55.00 7.83
C VAL E 155 40.01 -54.37 6.89
N LEU E 156 40.46 -53.40 6.10
CA LEU E 156 39.60 -52.79 5.08
C LEU E 156 39.95 -53.42 3.74
N GLY E 157 38.96 -54.12 3.13
CA GLY E 157 39.11 -54.56 1.76
C GLY E 157 38.75 -53.47 0.77
N GLY E 158 39.00 -53.73 -0.52
CA GLY E 158 39.44 -55.03 -1.00
C GLY E 158 38.31 -56.06 -1.16
N ASP E 159 38.50 -57.05 -2.06
CA ASP E 159 37.49 -58.07 -2.25
C ASP E 159 37.62 -59.15 -1.16
N HIS E 160 36.66 -60.08 -1.15
CA HIS E 160 36.58 -61.00 -0.01
C HIS E 160 37.70 -62.02 0.04
N SER E 161 38.54 -62.13 -0.99
CA SER E 161 39.65 -63.10 -0.91
C SER E 161 40.57 -62.82 0.27
N ILE E 162 40.66 -61.56 0.70
CA ILE E 162 41.62 -61.22 1.74
C ILE E 162 41.30 -61.88 3.08
N SER E 163 40.06 -62.33 3.31
CA SER E 163 39.73 -62.89 4.62
C SER E 163 40.51 -64.18 4.90
N PHE E 164 40.89 -64.93 3.84
CA PHE E 164 41.68 -66.15 4.08
C PHE E 164 43.05 -65.80 4.65
N PRO E 165 43.91 -65.04 3.95
CA PRO E 165 45.21 -64.70 4.57
C PRO E 165 45.10 -63.94 5.88
N VAL E 166 44.04 -63.14 6.10
CA VAL E 166 43.88 -62.45 7.38
C VAL E 166 43.55 -63.45 8.49
N VAL E 167 42.51 -64.27 8.29
CA VAL E 167 42.12 -65.22 9.33
C VAL E 167 43.21 -66.25 9.58
N ARG E 168 43.90 -66.68 8.52
CA ARG E 168 45.06 -67.56 8.70
C ARG E 168 46.08 -66.93 9.64
N ALA E 169 46.36 -65.64 9.44
CA ALA E 169 47.35 -64.95 10.28
C ALA E 169 46.85 -64.82 11.72
N VAL E 170 45.60 -64.39 11.90
CA VAL E 170 45.03 -64.25 13.24
C VAL E 170 45.10 -65.59 13.99
N SER E 171 44.65 -66.66 13.34
CA SER E 171 44.65 -67.98 13.98
C SER E 171 46.06 -68.47 14.28
N GLU E 172 46.99 -68.28 13.34
CA GLU E 172 48.39 -68.64 13.60
C GLU E 172 48.96 -67.82 14.75
N LYS E 173 48.70 -66.51 14.75
CA LYS E 173 49.27 -65.66 15.80
C LYS E 173 48.71 -66.03 17.17
N LEU E 174 47.42 -66.35 17.23
CA LEU E 174 46.77 -66.71 18.49
C LEU E 174 46.98 -68.18 18.87
N GLY E 175 47.41 -69.03 17.94
CA GLY E 175 47.66 -70.43 18.25
C GLY E 175 46.43 -71.29 18.39
N GLY E 176 45.42 -71.09 17.55
CA GLY E 176 44.20 -71.88 17.67
C GLY E 176 43.10 -71.29 16.83
N ALA E 177 41.95 -71.96 16.85
CA ALA E 177 40.84 -71.57 16.01
C ALA E 177 40.07 -70.38 16.59
N VAL E 178 39.29 -69.72 15.72
CA VAL E 178 38.34 -68.70 16.12
C VAL E 178 36.97 -69.11 15.62
N ASP E 179 35.93 -68.57 16.27
CA ASP E 179 34.59 -68.56 15.71
C ASP E 179 34.46 -67.34 14.80
N ILE E 180 33.67 -67.48 13.73
CA ILE E 180 33.55 -66.43 12.72
C ILE E 180 32.08 -66.06 12.53
N LEU E 181 31.78 -64.77 12.68
CA LEU E 181 30.51 -64.21 12.25
C LEU E 181 30.73 -63.57 10.87
N HIS E 182 29.94 -64.01 9.89
CA HIS E 182 30.19 -63.71 8.48
C HIS E 182 28.88 -63.17 7.89
N PHE E 183 28.88 -61.90 7.49
CA PHE E 183 27.74 -61.30 6.82
C PHE E 183 27.98 -61.35 5.32
N ASP E 184 27.04 -61.91 4.57
CA ASP E 184 27.29 -62.09 3.15
C ASP E 184 25.99 -62.48 2.44
N ALA E 185 25.83 -61.98 1.21
CA ALA E 185 24.86 -62.57 0.29
C ALA E 185 25.29 -63.95 -0.19
N HIS E 186 26.59 -64.24 -0.17
CA HIS E 186 27.21 -65.42 -0.77
C HIS E 186 27.95 -66.24 0.28
N PRO E 187 27.86 -67.57 0.26
CA PRO E 187 28.61 -68.35 1.27
C PRO E 187 30.12 -68.27 1.07
N ASP E 188 30.61 -68.04 -0.15
CA ASP E 188 32.06 -67.94 -0.43
C ASP E 188 32.78 -69.23 -0.04
N LEU E 189 32.15 -70.38 -0.31
CA LEU E 189 32.67 -71.68 0.09
C LEU E 189 32.98 -72.56 -1.11
N TYR E 190 33.14 -71.98 -2.29
CA TYR E 190 33.47 -72.75 -3.48
C TYR E 190 34.81 -73.44 -3.29
N HIS E 191 34.82 -74.76 -3.51
CA HIS E 191 36.09 -75.47 -3.49
C HIS E 191 37.01 -74.97 -4.59
N ASP E 192 36.46 -74.75 -5.79
CA ASP E 192 37.25 -74.33 -6.96
C ASP E 192 36.38 -73.38 -7.78
N PHE E 193 36.62 -72.08 -7.65
CA PHE E 193 35.92 -71.09 -8.47
C PHE E 193 36.82 -70.71 -9.64
N GLU E 194 36.47 -71.17 -10.84
CA GLU E 194 37.10 -70.76 -12.10
C GLU E 194 38.62 -70.96 -12.08
N GLY E 195 39.08 -72.00 -11.40
CA GLY E 195 40.50 -72.30 -11.36
C GLY E 195 41.34 -71.39 -10.48
N ASN E 196 40.73 -70.53 -9.67
CA ASN E 196 41.47 -69.60 -8.84
C ASN E 196 41.34 -70.01 -7.37
N TYR E 197 42.41 -70.63 -6.85
CA TYR E 197 42.48 -70.97 -5.42
C TYR E 197 42.17 -69.77 -4.54
N TYR E 198 42.59 -68.58 -4.97
CA TYR E 198 42.47 -67.36 -4.19
C TYR E 198 41.23 -66.53 -4.56
N SER E 199 40.25 -67.14 -5.24
CA SER E 199 39.05 -66.42 -5.65
C SER E 199 38.33 -65.81 -4.45
N HIS E 200 37.75 -64.62 -4.65
CA HIS E 200 36.91 -64.03 -3.61
C HIS E 200 35.67 -64.88 -3.32
N ALA E 201 35.38 -65.90 -4.14
CA ALA E 201 34.27 -66.81 -3.90
C ALA E 201 34.68 -68.03 -3.10
N SER E 202 35.93 -68.10 -2.64
CA SER E 202 36.46 -69.28 -1.97
C SER E 202 37.14 -69.09 -0.62
N PRO E 203 37.30 -67.87 -0.07
CA PRO E 203 38.17 -67.73 1.11
C PRO E 203 37.71 -68.57 2.29
N PHE E 204 36.41 -68.83 2.43
CA PHE E 204 35.94 -69.61 3.57
C PHE E 204 36.09 -71.11 3.36
N ALA E 205 36.14 -71.57 2.11
CA ALA E 205 36.62 -72.94 1.89
C ALA E 205 38.08 -73.05 2.30
N ARG E 206 38.90 -72.07 1.89
CA ARG E 206 40.28 -72.01 2.33
C ARG E 206 40.38 -72.02 3.85
N ILE E 207 39.51 -71.26 4.52
CA ILE E 207 39.58 -71.16 5.98
C ILE E 207 39.17 -72.47 6.65
N MET E 208 38.08 -73.09 6.19
CA MET E 208 37.66 -74.35 6.82
C MET E 208 38.62 -75.49 6.50
N GLU E 209 39.26 -75.45 5.32
CA GLU E 209 40.26 -76.48 4.98
C GLU E 209 41.46 -76.40 5.91
N GLY E 210 41.94 -75.19 6.19
CA GLY E 210 43.09 -75.01 7.07
C GLY E 210 42.80 -75.31 8.53
N GLY E 211 41.53 -75.44 8.90
CA GLY E 211 41.20 -75.69 10.30
C GLY E 211 41.29 -74.46 11.17
N TYR E 212 41.18 -73.27 10.59
CA TYR E 212 41.38 -72.03 11.36
C TYR E 212 40.12 -71.55 12.05
N ALA E 213 38.94 -72.09 11.70
CA ALA E 213 37.69 -71.67 12.29
C ALA E 213 36.98 -72.85 12.91
N ARG E 214 36.30 -72.60 14.03
CA ARG E 214 35.40 -73.59 14.61
C ARG E 214 34.00 -73.36 14.04
N ARG E 215 33.23 -72.48 14.68
CA ARG E 215 31.91 -72.12 14.17
C ARG E 215 32.06 -71.09 13.06
N LEU E 216 31.29 -71.28 11.99
CA LEU E 216 31.13 -70.27 10.94
C LEU E 216 29.63 -69.97 10.84
N VAL E 217 29.24 -68.79 11.29
CA VAL E 217 27.86 -68.36 11.34
C VAL E 217 27.69 -67.35 10.22
N GLN E 218 26.93 -67.71 9.19
CA GLN E 218 26.75 -66.88 8.01
C GLN E 218 25.35 -66.28 8.01
N VAL E 219 25.26 -65.00 7.66
CA VAL E 219 24.03 -64.23 7.78
C VAL E 219 23.84 -63.42 6.51
N GLY E 220 22.63 -63.47 5.94
CA GLY E 220 22.30 -62.75 4.75
C GLY E 220 22.33 -63.57 3.48
N ILE E 221 22.60 -64.88 3.60
CA ILE E 221 22.85 -65.71 2.43
C ILE E 221 21.60 -65.78 1.57
N ARG E 222 21.76 -65.51 0.28
CA ARG E 222 20.60 -65.60 -0.61
C ARG E 222 21.01 -66.03 -2.00
N SER E 223 22.28 -66.37 -2.21
CA SER E 223 22.79 -66.82 -3.51
C SER E 223 23.75 -67.97 -3.20
N ILE E 224 23.28 -69.20 -3.41
CA ILE E 224 24.04 -70.38 -3.02
C ILE E 224 23.68 -71.53 -3.95
N THR E 225 24.70 -72.19 -4.48
CA THR E 225 24.53 -73.32 -5.39
C THR E 225 24.46 -74.62 -4.60
N ASN E 226 24.01 -75.67 -5.29
CA ASN E 226 23.84 -76.96 -4.63
C ASN E 226 25.18 -77.59 -4.25
N ASP E 227 26.22 -77.40 -5.06
CA ASP E 227 27.55 -77.88 -4.68
C ASP E 227 28.02 -77.23 -3.39
N VAL E 228 27.78 -75.93 -3.23
CA VAL E 228 28.22 -75.24 -2.02
C VAL E 228 27.38 -75.66 -0.81
N ARG E 229 26.11 -76.04 -1.02
CA ARG E 229 25.31 -76.59 0.06
C ARG E 229 25.96 -77.83 0.65
N GLU E 230 26.67 -78.60 -0.18
CA GLU E 230 27.42 -79.74 0.33
C GLU E 230 28.66 -79.31 1.10
N GLN E 231 29.31 -78.23 0.65
CA GLN E 231 30.39 -77.62 1.43
C GLN E 231 29.91 -77.20 2.81
N VAL E 232 28.72 -76.58 2.88
CA VAL E 232 28.16 -76.16 4.15
C VAL E 232 27.95 -77.37 5.06
N LYS E 233 27.40 -78.44 4.51
CA LYS E 233 27.19 -79.66 5.30
C LYS E 233 28.52 -80.29 5.69
N LYS E 234 29.48 -80.33 4.77
CA LYS E 234 30.77 -80.96 5.05
C LYS E 234 31.49 -80.31 6.22
N TYR E 235 31.46 -78.99 6.31
CA TYR E 235 32.26 -78.28 7.32
C TYR E 235 31.45 -77.85 8.52
N GLY E 236 30.19 -78.29 8.63
CA GLY E 236 29.36 -77.88 9.75
C GLY E 236 29.06 -76.39 9.80
N VAL E 237 28.99 -75.73 8.65
CA VAL E 237 28.75 -74.30 8.63
C VAL E 237 27.30 -74.02 9.01
N GLU E 238 27.08 -72.93 9.75
CA GLU E 238 25.75 -72.46 10.16
C GLU E 238 25.33 -71.36 9.19
N THR E 239 24.72 -71.77 8.06
CA THR E 239 24.39 -70.87 6.96
C THR E 239 22.94 -70.43 7.10
N HIS E 240 22.72 -69.18 7.50
CA HIS E 240 21.39 -68.62 7.68
C HIS E 240 20.96 -67.87 6.43
N GLU E 241 19.92 -68.39 5.78
CA GLU E 241 19.45 -67.83 4.53
C GLU E 241 18.36 -66.79 4.79
N MET E 242 18.32 -65.78 3.91
CA MET E 242 17.33 -64.71 4.03
C MET E 242 15.91 -65.25 4.10
N ARG E 243 15.61 -66.36 3.43
CA ARG E 243 14.23 -66.86 3.39
C ARG E 243 13.76 -67.40 4.74
N THR E 244 14.64 -67.54 5.73
CA THR E 244 14.25 -67.92 7.09
C THR E 244 14.59 -66.85 8.12
N LEU E 245 14.84 -65.60 7.69
CA LEU E 245 15.43 -64.61 8.59
C LEU E 245 14.47 -64.22 9.72
N SER E 246 13.17 -64.10 9.44
CA SER E 246 12.21 -63.78 10.48
C SER E 246 12.30 -64.80 11.61
N ARG E 247 12.35 -66.08 11.25
CA ARG E 247 12.39 -67.14 12.24
C ARG E 247 13.76 -67.20 12.93
N ASP E 248 14.83 -66.93 12.19
CA ASP E 248 16.18 -67.00 12.74
C ASP E 248 16.58 -65.76 13.54
N ARG E 249 15.81 -64.67 13.45
CA ARG E 249 16.21 -63.40 14.07
C ARG E 249 16.56 -63.52 15.55
N PRO E 250 15.76 -64.17 16.42
CA PRO E 250 16.18 -64.29 17.83
C PRO E 250 17.50 -65.04 18.02
N ILE E 251 17.79 -66.04 17.18
CA ILE E 251 19.11 -66.69 17.20
C ILE E 251 20.21 -65.67 16.92
N LEU E 252 20.12 -65.00 15.76
CA LEU E 252 21.22 -64.16 15.31
C LEU E 252 21.45 -62.96 16.22
N GLU E 253 20.39 -62.46 16.85
CA GLU E 253 20.48 -61.32 17.74
C GLU E 253 20.81 -61.73 19.19
N ASN E 254 21.33 -62.95 19.40
CA ASN E 254 21.65 -63.46 20.72
C ASN E 254 22.91 -64.34 20.67
N LEU E 255 23.81 -64.04 19.73
CA LEU E 255 24.99 -64.88 19.47
C LEU E 255 26.05 -64.74 20.56
N LYS E 256 26.64 -65.87 20.93
CA LYS E 256 27.72 -65.95 21.93
C LYS E 256 28.79 -66.85 21.33
N LEU E 257 29.83 -66.25 20.77
CA LEU E 257 30.85 -66.96 20.01
C LEU E 257 32.19 -66.90 20.74
N GLY E 258 33.10 -67.77 20.33
CA GLY E 258 34.47 -67.74 20.80
C GLY E 258 34.76 -68.54 22.07
N GLU E 259 33.76 -68.78 22.92
CA GLU E 259 34.04 -69.43 24.20
C GLU E 259 34.55 -70.85 23.97
N GLY E 260 35.79 -71.11 24.41
CA GLY E 260 36.44 -72.38 24.19
C GLY E 260 37.56 -72.33 23.16
N VAL E 261 37.55 -71.34 22.26
CA VAL E 261 38.63 -71.17 21.30
C VAL E 261 39.31 -69.82 21.55
N LYS E 262 40.01 -69.30 20.55
CA LYS E 262 40.89 -68.15 20.77
C LYS E 262 40.20 -66.80 20.61
N GLY E 263 38.98 -66.76 20.10
CA GLY E 263 38.22 -65.53 20.04
C GLY E 263 37.23 -65.57 18.91
N VAL E 264 36.78 -64.37 18.53
CA VAL E 264 35.76 -64.20 17.50
C VAL E 264 36.31 -63.28 16.42
N TYR E 265 36.11 -63.67 15.16
CA TYR E 265 36.46 -62.87 14.00
C TYR E 265 35.19 -62.52 13.24
N VAL E 266 35.01 -61.23 12.94
CA VAL E 266 33.78 -60.76 12.28
C VAL E 266 34.14 -60.28 10.88
N SER E 267 33.63 -60.96 9.86
CA SER E 267 33.85 -60.55 8.46
C SER E 267 32.55 -59.98 7.88
N ILE E 268 32.60 -58.76 7.37
CA ILE E 268 31.40 -58.08 6.89
C ILE E 268 31.54 -57.79 5.41
N ASP E 269 30.83 -58.54 4.58
CA ASP E 269 30.76 -58.28 3.15
C ASP E 269 29.63 -57.29 2.91
N VAL E 270 29.96 -56.13 2.34
CA VAL E 270 28.98 -55.06 2.19
C VAL E 270 27.81 -55.50 1.32
N ASP E 271 27.99 -56.47 0.43
CA ASP E 271 26.88 -56.92 -0.40
C ASP E 271 25.88 -57.80 0.35
N SER E 272 26.14 -58.11 1.61
CA SER E 272 25.11 -58.72 2.45
C SER E 272 23.89 -57.80 2.61
N LEU E 273 24.08 -56.50 2.45
CA LEU E 273 23.00 -55.53 2.53
C LEU E 273 22.27 -55.47 1.20
N ASP E 274 20.98 -55.19 1.27
CA ASP E 274 20.19 -55.05 0.06
C ASP E 274 20.84 -54.00 -0.86
N PRO E 275 20.83 -54.22 -2.18
CA PRO E 275 21.40 -53.22 -3.08
C PRO E 275 20.76 -51.85 -2.96
N SER E 276 19.54 -51.75 -2.40
CA SER E 276 18.96 -50.42 -2.19
C SER E 276 19.77 -49.64 -1.16
N ILE E 277 20.35 -50.34 -0.16
CA ILE E 277 21.15 -49.74 0.91
C ILE E 277 22.60 -49.53 0.47
N ALA E 278 23.16 -50.54 -0.20
CA ALA E 278 24.58 -50.55 -0.57
C ALA E 278 24.68 -50.82 -2.06
N PRO E 279 24.41 -49.83 -2.91
CA PRO E 279 24.59 -50.04 -4.35
C PRO E 279 26.05 -50.19 -4.74
N GLY E 280 26.97 -49.66 -3.94
CA GLY E 280 28.39 -49.69 -4.28
C GLY E 280 29.09 -50.99 -3.95
N VAL E 281 28.75 -52.06 -4.70
CA VAL E 281 29.33 -53.38 -4.55
C VAL E 281 29.38 -54.03 -5.94
N SER E 282 30.15 -55.10 -6.07
CA SER E 282 30.21 -55.74 -7.38
C SER E 282 29.01 -56.64 -7.64
N HIS E 283 28.47 -57.27 -6.61
CA HIS E 283 27.44 -58.28 -6.81
C HIS E 283 26.14 -57.84 -6.17
N HIS E 284 25.28 -57.22 -6.98
CA HIS E 284 23.91 -56.90 -6.54
C HIS E 284 23.08 -58.16 -6.44
N GLU E 285 22.48 -58.38 -5.27
CA GLU E 285 21.62 -59.54 -5.05
C GLU E 285 20.40 -59.05 -4.26
N PRO E 286 19.28 -58.81 -4.94
CA PRO E 286 18.12 -58.18 -4.27
C PRO E 286 17.54 -59.06 -3.18
N GLY E 287 16.90 -58.43 -2.21
CA GLY E 287 16.33 -59.14 -1.06
C GLY E 287 17.33 -59.35 0.05
N GLY E 288 18.14 -58.34 0.34
CA GLY E 288 19.23 -58.44 1.30
C GLY E 288 18.91 -57.87 2.66
N LEU E 289 19.94 -57.77 3.49
CA LEU E 289 19.74 -57.30 4.85
C LEU E 289 19.47 -55.80 4.87
N LEU E 290 18.66 -55.38 5.84
CA LEU E 290 18.62 -53.97 6.20
C LEU E 290 19.83 -53.65 7.07
N PHE E 291 20.27 -52.39 6.99
CA PHE E 291 21.44 -51.98 7.80
C PHE E 291 21.20 -52.23 9.28
N ARG E 292 19.96 -52.06 9.73
CA ARG E 292 19.64 -52.22 11.14
C ARG E 292 19.67 -53.68 11.54
N ASP E 293 19.48 -54.60 10.58
CA ASP E 293 19.67 -56.02 10.87
C ASP E 293 21.11 -56.30 11.28
N ILE E 294 22.07 -55.74 10.54
CA ILE E 294 23.47 -56.01 10.87
C ILE E 294 23.82 -55.39 12.22
N LEU E 295 23.39 -54.14 12.47
CA LEU E 295 23.70 -53.48 13.74
C LEU E 295 23.11 -54.26 14.91
N ASN E 296 21.85 -54.67 14.81
CA ASN E 296 21.24 -55.49 15.86
C ASN E 296 22.11 -56.70 16.20
N ILE E 297 22.55 -57.43 15.17
CA ILE E 297 23.36 -58.62 15.38
C ILE E 297 24.70 -58.25 15.97
N LEU E 298 25.38 -57.30 15.34
CA LEU E 298 26.73 -56.92 15.75
C LEU E 298 26.73 -56.28 17.14
N GLN E 299 25.77 -55.39 17.42
CA GLN E 299 25.73 -54.74 18.72
C GLN E 299 25.41 -55.72 19.85
N ASN E 300 24.62 -56.77 19.56
CA ASN E 300 24.29 -57.74 20.59
C ASN E 300 25.31 -58.87 20.72
N LEU E 301 26.27 -58.96 19.79
CA LEU E 301 27.22 -60.06 19.79
C LEU E 301 28.06 -60.08 21.07
N GLN E 302 28.13 -61.24 21.71
CA GLN E 302 28.96 -61.46 22.89
C GLN E 302 30.15 -62.34 22.53
N GLY E 303 31.29 -62.06 23.12
CA GLY E 303 32.50 -62.81 22.85
C GLY E 303 33.67 -61.88 22.58
N ASP E 304 34.88 -62.41 22.75
CA ASP E 304 36.13 -61.67 22.61
C ASP E 304 36.45 -61.51 21.12
N ILE E 305 36.13 -60.35 20.55
CA ILE E 305 36.45 -60.10 19.15
C ILE E 305 37.95 -59.86 19.02
N VAL E 306 38.63 -60.66 18.20
CA VAL E 306 40.07 -60.55 18.03
C VAL E 306 40.47 -59.98 16.69
N GLY E 307 39.52 -59.75 15.79
CA GLY E 307 39.83 -59.14 14.52
C GLY E 307 38.60 -59.15 13.64
N GLY E 308 38.72 -58.45 12.51
CA GLY E 308 37.57 -58.40 11.60
C GLY E 308 37.94 -57.76 10.28
N ASP E 309 36.98 -57.79 9.35
CA ASP E 309 37.17 -57.06 8.10
C ASP E 309 35.83 -56.50 7.61
N VAL E 310 35.94 -55.49 6.74
CA VAL E 310 34.82 -54.94 5.99
C VAL E 310 35.28 -54.97 4.54
N VAL E 311 34.60 -55.75 3.70
CA VAL E 311 35.10 -56.09 2.38
C VAL E 311 34.03 -55.75 1.34
N GLU E 312 34.48 -55.61 0.09
CA GLU E 312 33.67 -55.55 -1.12
C GLU E 312 32.91 -54.24 -1.32
N TYR E 313 33.17 -53.20 -0.52
CA TYR E 313 32.73 -51.88 -0.96
C TYR E 313 33.45 -51.55 -2.25
N ASN E 314 32.71 -51.11 -3.26
CA ASN E 314 33.27 -50.82 -4.58
C ASN E 314 32.95 -49.37 -4.94
N PRO E 315 33.89 -48.44 -4.77
CA PRO E 315 33.59 -47.02 -5.05
C PRO E 315 33.15 -46.76 -6.48
N GLN E 316 33.63 -47.54 -7.43
CA GLN E 316 33.29 -47.35 -8.84
C GLN E 316 31.86 -47.72 -9.16
N ARG E 317 31.14 -48.37 -8.26
CA ARG E 317 29.73 -48.70 -8.50
C ARG E 317 28.82 -47.96 -7.51
N ASP E 318 29.36 -47.05 -6.72
CA ASP E 318 28.60 -46.28 -5.75
C ASP E 318 27.81 -45.15 -6.44
N THR E 319 26.85 -44.60 -5.70
CA THR E 319 26.15 -43.41 -6.19
C THR E 319 27.04 -42.17 -6.04
N TYR E 320 26.68 -41.10 -6.75
CA TYR E 320 27.52 -39.90 -6.76
C TYR E 320 27.65 -39.28 -5.37
N ASP E 321 26.69 -39.59 -4.48
CA ASP E 321 26.68 -39.05 -3.10
C ASP E 321 27.51 -39.94 -2.16
N GLY E 322 28.15 -40.98 -2.69
CA GLY E 322 28.95 -41.86 -1.86
C GLY E 322 28.23 -42.52 -0.70
N ILE E 323 26.98 -42.94 -0.89
CA ILE E 323 26.22 -43.49 0.23
C ILE E 323 26.84 -44.79 0.72
N THR E 324 27.46 -45.57 -0.17
CA THR E 324 27.98 -46.86 0.30
C THR E 324 29.29 -46.69 1.07
N ALA E 325 30.06 -45.65 0.76
CA ALA E 325 31.23 -45.33 1.57
C ALA E 325 30.82 -45.03 3.02
N LEU E 326 29.71 -44.29 3.17
CA LEU E 326 29.15 -43.98 4.51
C LEU E 326 28.65 -45.28 5.16
N VAL E 327 27.95 -46.12 4.39
CA VAL E 327 27.52 -47.41 4.87
C VAL E 327 28.70 -48.23 5.37
N ALA E 328 29.75 -48.35 4.55
CA ALA E 328 30.93 -49.12 4.93
C ALA E 328 31.60 -48.49 6.15
N ALA E 329 31.73 -47.16 6.16
CA ALA E 329 32.34 -46.47 7.29
C ALA E 329 31.57 -46.74 8.58
N LYS E 330 30.24 -46.71 8.53
CA LYS E 330 29.50 -46.94 9.76
C LYS E 330 29.65 -48.37 10.24
N LEU E 331 29.77 -49.32 9.31
CA LEU E 331 30.03 -50.70 9.70
C LEU E 331 31.39 -50.82 10.40
N VAL E 332 32.40 -50.10 9.89
CA VAL E 332 33.72 -50.09 10.53
C VAL E 332 33.62 -49.45 11.90
N ARG E 333 32.86 -48.36 12.00
CA ARG E 333 32.71 -47.64 13.27
C ARG E 333 32.06 -48.54 14.31
N GLU E 334 31.02 -49.27 13.91
CA GLU E 334 30.32 -50.08 14.89
C GLU E 334 31.09 -51.37 15.21
N LEU E 335 31.81 -51.93 14.25
CA LEU E 335 32.70 -53.04 14.59
C LEU E 335 33.82 -52.57 15.52
N ALA E 336 34.40 -51.40 15.24
CA ALA E 336 35.47 -50.89 16.10
C ALA E 336 34.97 -50.68 17.52
N ALA E 337 33.72 -50.23 17.69
CA ALA E 337 33.19 -50.04 19.03
C ALA E 337 33.10 -51.36 19.78
N LYS E 338 32.79 -52.45 19.07
CA LYS E 338 32.70 -53.75 19.71
C LYS E 338 34.07 -54.35 19.96
N MET E 339 35.03 -54.11 19.06
CA MET E 339 36.33 -54.75 19.21
C MET E 339 37.26 -53.99 20.17
N SER E 340 37.24 -52.66 20.14
CA SER E 340 38.08 -51.90 21.07
C SER E 340 37.56 -52.07 22.49
N LYS E 341 38.49 -52.07 23.44
CA LYS E 341 38.21 -52.40 24.85
C LYS E 341 39.12 -51.64 25.81
N ASN F 22 31.36 1.44 2.91
CA ASN F 22 30.38 1.15 1.87
C ASN F 22 29.07 1.91 2.06
N VAL F 23 28.02 1.16 2.40
CA VAL F 23 26.64 1.64 2.40
C VAL F 23 26.27 2.15 3.79
N SER F 24 25.52 3.26 3.82
CA SER F 24 25.02 3.83 5.07
C SER F 24 24.25 2.78 5.87
N PRO F 25 24.60 2.56 7.15
CA PRO F 25 23.77 1.68 7.99
C PRO F 25 22.36 2.22 8.16
N ALA F 26 22.19 3.53 8.08
CA ALA F 26 20.85 4.12 8.15
C ALA F 26 20.00 3.67 6.96
N LEU F 27 20.61 3.62 5.78
CA LEU F 27 19.91 3.16 4.56
C LEU F 27 19.54 1.68 4.74
N LEU F 28 20.44 0.88 5.30
CA LEU F 28 20.17 -0.54 5.51
C LEU F 28 19.00 -0.74 6.46
N GLU F 29 18.98 -0.02 7.57
CA GLU F 29 17.92 -0.22 8.56
C GLU F 29 16.56 0.11 7.98
N LYS F 30 16.47 1.18 7.19
CA LYS F 30 15.19 1.55 6.58
C LYS F 30 14.78 0.53 5.53
N ALA F 31 15.73 0.07 4.72
CA ALA F 31 15.43 -0.98 3.76
C ALA F 31 14.93 -2.23 4.48
N GLN F 32 15.60 -2.62 5.57
CA GLN F 32 15.24 -3.84 6.27
C GLN F 32 13.80 -3.77 6.79
N ASN F 33 13.44 -2.67 7.44
CA ASN F 33 12.07 -2.51 7.93
C ASN F 33 11.05 -2.55 6.79
N ARG F 34 11.31 -1.82 5.71
CA ARG F 34 10.33 -1.72 4.63
C ARG F 34 10.19 -3.05 3.87
N VAL F 35 11.30 -3.74 3.61
CA VAL F 35 11.23 -5.03 2.93
C VAL F 35 10.54 -6.07 3.81
N ILE F 36 10.92 -6.15 5.09
CA ILE F 36 10.25 -7.06 6.01
C ILE F 36 8.75 -6.74 6.08
N ASP F 37 8.39 -5.47 6.08
CA ASP F 37 6.97 -5.13 6.19
C ASP F 37 6.22 -5.51 4.93
N ALA F 38 6.85 -5.36 3.76
CA ALA F 38 6.18 -5.74 2.53
C ALA F 38 6.02 -7.25 2.43
N ALA F 39 6.97 -8.00 2.99
CA ALA F 39 6.89 -9.46 2.95
C ALA F 39 5.80 -9.97 3.86
N LEU F 40 5.69 -9.40 5.06
CA LEU F 40 4.63 -9.79 5.98
C LEU F 40 3.27 -9.40 5.43
N THR F 41 3.18 -8.26 4.74
CA THR F 41 1.91 -7.88 4.17
C THR F 41 1.51 -8.85 3.06
N PHE F 42 2.49 -9.34 2.29
CA PHE F 42 2.17 -10.34 1.27
C PHE F 42 1.60 -11.60 1.91
N ILE F 43 2.23 -12.08 2.97
CA ILE F 43 1.77 -13.31 3.62
C ILE F 43 0.39 -13.10 4.24
N ARG F 44 0.18 -11.93 4.84
CA ARG F 44 -1.11 -11.62 5.45
C ARG F 44 -2.23 -11.64 4.43
N GLU F 45 -2.00 -11.07 3.24
CA GLU F 45 -3.06 -11.03 2.25
C GLU F 45 -3.35 -12.42 1.71
N ARG F 46 -2.31 -13.26 1.56
CA ARG F 46 -2.54 -14.63 1.12
C ARG F 46 -3.28 -15.41 2.19
N ALA F 47 -2.90 -15.23 3.45
CA ALA F 47 -3.60 -15.89 4.55
C ALA F 47 -5.05 -15.42 4.64
N LYS F 48 -5.26 -14.11 4.53
CA LYS F 48 -6.63 -13.59 4.60
C LYS F 48 -7.47 -14.12 3.44
N PHE F 49 -6.86 -14.24 2.27
CA PHE F 49 -7.53 -14.87 1.13
C PHE F 49 -7.99 -16.27 1.47
N LYS F 50 -7.07 -17.13 1.92
CA LYS F 50 -7.40 -18.52 2.16
C LYS F 50 -8.33 -18.67 3.35
N GLY F 51 -8.17 -17.83 4.37
CA GLY F 51 -9.15 -17.82 5.45
C GLY F 51 -10.56 -17.57 4.96
N GLU F 52 -10.75 -16.51 4.16
CA GLU F 52 -12.10 -16.19 3.70
C GLU F 52 -12.66 -17.31 2.84
N LEU F 53 -11.79 -18.01 2.10
CA LEU F 53 -12.25 -19.09 1.23
C LEU F 53 -12.76 -20.27 2.03
N MET F 54 -12.06 -20.65 3.10
CA MET F 54 -12.53 -21.76 3.92
C MET F 54 -13.83 -21.39 4.61
N ARG F 55 -13.90 -20.19 5.18
CA ARG F 55 -15.10 -19.83 5.92
C ARG F 55 -16.31 -19.71 5.02
N SER F 56 -16.11 -19.43 3.74
CA SER F 56 -17.22 -19.40 2.80
C SER F 56 -17.70 -20.79 2.40
N LEU F 57 -16.88 -21.82 2.64
CA LEU F 57 -17.22 -23.19 2.28
C LEU F 57 -17.89 -23.96 3.41
N GLY F 58 -17.69 -23.56 4.66
CA GLY F 58 -18.29 -24.26 5.79
C GLY F 58 -17.79 -25.68 5.94
N GLY F 59 -18.29 -26.38 6.95
CA GLY F 59 -17.93 -27.77 7.14
C GLY F 59 -16.45 -28.00 7.39
N VAL F 60 -15.78 -27.03 8.01
CA VAL F 60 -14.35 -27.10 8.21
C VAL F 60 -14.02 -26.52 9.58
N ALA F 61 -13.34 -27.30 10.42
CA ALA F 61 -12.86 -26.79 11.70
C ALA F 61 -11.38 -26.46 11.68
N ALA F 62 -10.61 -27.07 10.77
CA ALA F 62 -9.16 -26.86 10.71
C ALA F 62 -8.68 -27.17 9.31
N THR F 63 -7.89 -26.26 8.72
CA THR F 63 -7.32 -26.47 7.40
C THR F 63 -5.79 -26.36 7.46
N SER F 64 -5.10 -27.45 7.12
CA SER F 64 -3.64 -27.43 7.01
C SER F 64 -3.22 -26.46 5.92
N SER F 65 -2.38 -25.49 6.27
CA SER F 65 -2.05 -24.39 5.38
C SER F 65 -0.54 -24.34 5.24
N LEU F 66 -0.05 -24.51 4.02
CA LEU F 66 1.39 -24.64 3.80
C LEU F 66 2.05 -23.27 3.85
N LEU F 67 3.07 -23.14 4.70
CA LEU F 67 3.92 -21.97 4.76
C LEU F 67 5.35 -22.40 4.50
N GLY F 68 5.95 -21.90 3.43
CA GLY F 68 7.32 -22.27 3.12
C GLY F 68 8.29 -21.35 3.85
N VAL F 69 9.34 -21.95 4.41
CA VAL F 69 10.44 -21.20 5.01
C VAL F 69 11.72 -21.70 4.36
N PRO F 70 12.09 -21.14 3.21
CA PRO F 70 13.24 -21.63 2.41
C PRO F 70 14.56 -21.16 2.98
N LEU F 71 14.94 -21.74 4.11
CA LEU F 71 16.13 -21.34 4.84
C LEU F 71 17.09 -22.50 4.92
N GLY F 72 18.34 -22.29 4.50
CA GLY F 72 19.36 -23.32 4.61
C GLY F 72 20.65 -22.92 5.30
N HIS F 73 20.81 -21.63 5.64
CA HIS F 73 22.13 -21.19 6.06
C HIS F 73 22.42 -21.48 7.52
N HIS F 74 21.52 -22.12 8.26
CA HIS F 74 21.83 -22.60 9.60
C HIS F 74 22.22 -24.07 9.60
N SER F 75 22.45 -24.65 8.42
CA SER F 75 22.89 -26.02 8.26
C SER F 75 24.40 -26.14 8.48
N SER F 76 24.83 -27.29 8.98
CA SER F 76 26.23 -27.52 9.29
C SER F 76 27.01 -28.17 8.15
N PHE F 77 26.35 -28.66 7.10
CA PHE F 77 27.05 -29.42 6.07
C PHE F 77 26.62 -29.01 4.67
N HIS F 78 25.32 -28.91 4.41
CA HIS F 78 24.85 -28.56 3.07
C HIS F 78 23.56 -27.75 3.20
N GLU F 79 23.42 -26.71 2.40
CA GLU F 79 22.31 -25.76 2.58
C GLU F 79 21.17 -25.97 1.60
N GLY F 80 21.18 -27.07 0.83
CA GLY F 80 20.26 -27.26 -0.26
C GLY F 80 18.79 -27.36 0.13
N SER F 81 18.49 -27.64 1.39
CA SER F 81 17.09 -27.66 1.80
C SER F 81 16.43 -26.30 1.68
N ALA F 82 17.19 -25.22 1.50
CA ALA F 82 16.58 -23.92 1.18
C ALA F 82 15.68 -24.00 -0.05
N PHE F 83 15.92 -24.94 -0.94
CA PHE F 83 15.17 -25.05 -2.19
C PHE F 83 13.98 -26.00 -2.10
N ALA F 84 13.75 -26.60 -0.94
CA ALA F 84 12.76 -27.68 -0.86
C ALA F 84 11.32 -27.23 -1.05
N PRO F 85 10.82 -26.15 -0.41
CA PRO F 85 9.36 -25.98 -0.31
C PRO F 85 8.66 -25.99 -1.66
N PRO F 86 9.15 -25.28 -2.70
CA PRO F 86 8.44 -25.36 -4.00
C PRO F 86 8.47 -26.75 -4.61
N ARG F 87 9.55 -27.52 -4.43
CA ARG F 87 9.60 -28.87 -4.99
C ARG F 87 8.63 -29.79 -4.26
N ILE F 88 8.47 -29.62 -2.95
CA ILE F 88 7.51 -30.41 -2.20
C ILE F 88 6.09 -30.11 -2.68
N ARG F 89 5.76 -28.82 -2.82
CA ARG F 89 4.42 -28.44 -3.27
C ARG F 89 4.09 -29.02 -4.65
N GLU F 90 5.08 -29.06 -5.54
CA GLU F 90 4.83 -29.60 -6.87
C GLU F 90 4.64 -31.12 -6.83
N ALA F 91 5.43 -31.82 -6.00
CA ALA F 91 5.32 -33.27 -5.91
C ALA F 91 3.98 -33.70 -5.31
N ILE F 92 3.34 -32.85 -4.51
CA ILE F 92 2.03 -33.18 -4.00
C ILE F 92 1.04 -33.42 -5.14
N TRP F 93 1.30 -32.85 -6.34
CA TRP F 93 0.47 -33.01 -7.53
C TRP F 93 1.27 -33.55 -8.72
N CYS F 94 2.30 -34.35 -8.46
CA CYS F 94 2.99 -35.04 -9.55
C CYS F 94 1.97 -35.78 -10.42
N ASP F 95 2.29 -35.92 -11.71
CA ASP F 95 1.33 -36.50 -12.66
C ASP F 95 1.25 -38.02 -12.58
N SER F 96 2.22 -38.68 -11.95
CA SER F 96 2.19 -40.13 -11.76
C SER F 96 1.39 -40.56 -10.54
N THR F 97 0.80 -39.60 -9.81
CA THR F 97 0.10 -39.84 -8.55
C THR F 97 -1.33 -39.28 -8.61
N ASN F 98 -2.22 -39.89 -7.84
CA ASN F 98 -3.57 -39.37 -7.67
C ASN F 98 -3.68 -38.61 -6.35
N SER F 99 -4.86 -38.04 -6.10
CA SER F 99 -5.08 -36.97 -5.15
C SER F 99 -5.74 -37.44 -3.85
N THR F 100 -5.74 -38.73 -3.56
CA THR F 100 -6.36 -39.25 -2.35
C THR F 100 -5.28 -39.69 -1.36
N THR F 101 -5.48 -39.39 -0.08
CA THR F 101 -4.55 -39.84 0.95
C THR F 101 -4.87 -41.26 1.39
N GLU F 102 -3.92 -41.88 2.10
CA GLU F 102 -4.01 -43.30 2.43
C GLU F 102 -5.32 -43.65 3.11
N GLU F 103 -5.84 -42.75 3.94
CA GLU F 103 -7.07 -42.99 4.67
C GLU F 103 -8.25 -42.21 4.09
N GLY F 104 -8.11 -41.71 2.86
CA GLY F 104 -9.26 -41.38 2.05
C GLY F 104 -9.63 -39.91 1.96
N LYS F 105 -8.78 -39.01 2.45
CA LYS F 105 -9.09 -37.59 2.34
C LYS F 105 -8.69 -37.05 0.98
N ASN F 106 -9.50 -36.12 0.46
CA ASN F 106 -9.35 -35.61 -0.89
C ASN F 106 -8.50 -34.34 -0.87
N LEU F 107 -7.31 -34.41 -1.46
CA LEU F 107 -6.41 -33.28 -1.50
C LEU F 107 -6.90 -32.16 -2.41
N ARG F 108 -7.87 -32.44 -3.30
CA ARG F 108 -8.47 -31.38 -4.09
C ARG F 108 -9.47 -30.54 -3.30
N ASP F 109 -9.83 -30.98 -2.10
CA ASP F 109 -10.69 -30.20 -1.22
C ASP F 109 -9.84 -29.12 -0.57
N PRO F 110 -10.09 -27.83 -0.84
CA PRO F 110 -9.25 -26.78 -0.23
C PRO F 110 -9.27 -26.82 1.28
N ARG F 111 -10.36 -27.32 1.87
CA ARG F 111 -10.43 -27.43 3.31
C ARG F 111 -9.48 -28.49 3.84
N VAL F 112 -9.03 -29.41 2.99
CA VAL F 112 -8.09 -30.43 3.41
C VAL F 112 -6.66 -29.89 3.42
N ILE F 113 -6.31 -29.10 2.40
CA ILE F 113 -4.95 -28.58 2.29
C ILE F 113 -4.99 -27.35 1.39
N THR F 114 -4.18 -26.35 1.74
CA THR F 114 -4.11 -25.13 0.94
C THR F 114 -2.73 -24.53 1.11
N ASN F 115 -2.32 -23.71 0.16
CA ASN F 115 -1.00 -23.10 0.16
C ASN F 115 -1.12 -21.65 0.57
N VAL F 116 -0.31 -21.21 1.52
CA VAL F 116 -0.32 -19.79 1.80
C VAL F 116 0.76 -19.11 0.97
N GLY F 117 2.00 -19.58 1.09
CA GLY F 117 3.09 -18.96 0.36
C GLY F 117 4.39 -19.19 1.09
N ASP F 118 5.44 -18.54 0.59
CA ASP F 118 6.80 -18.69 1.08
C ASP F 118 7.29 -17.40 1.71
N VAL F 119 7.97 -17.52 2.84
CA VAL F 119 8.66 -16.35 3.39
C VAL F 119 9.89 -16.07 2.53
N PRO F 120 10.08 -14.86 2.03
CA PRO F 120 11.22 -14.62 1.12
C PRO F 120 12.51 -14.39 1.89
N ILE F 121 13.03 -15.50 2.44
CA ILE F 121 14.23 -15.48 3.27
C ILE F 121 15.39 -14.83 2.54
N GLU F 122 15.65 -15.25 1.31
CA GLU F 122 16.86 -14.80 0.62
C GLU F 122 16.87 -13.28 0.47
N GLU F 123 15.72 -12.69 0.11
CA GLU F 123 15.66 -11.25 -0.11
C GLU F 123 15.74 -10.46 1.20
N ILE F 124 15.19 -10.99 2.29
CA ILE F 124 15.32 -10.36 3.60
C ILE F 124 16.75 -10.43 4.09
N ARG F 125 17.37 -11.61 3.97
CA ARG F 125 18.78 -11.78 4.31
C ARG F 125 19.66 -10.81 3.52
N ASP F 126 19.38 -10.64 2.22
CA ASP F 126 20.11 -9.72 1.36
C ASP F 126 19.98 -8.26 1.79
N CYS F 127 19.08 -7.94 2.71
CA CYS F 127 19.04 -6.60 3.30
C CYS F 127 19.98 -6.45 4.47
N GLY F 128 20.64 -7.53 4.90
CA GLY F 128 21.51 -7.48 6.05
C GLY F 128 20.83 -7.77 7.37
N VAL F 129 19.58 -8.24 7.33
CA VAL F 129 18.88 -8.65 8.55
C VAL F 129 19.67 -9.73 9.29
N ASP F 130 19.76 -9.59 10.62
CA ASP F 130 20.51 -10.58 11.37
C ASP F 130 19.63 -11.79 11.68
N ASP F 131 20.22 -12.78 12.35
CA ASP F 131 19.53 -14.05 12.51
C ASP F 131 18.39 -13.97 13.52
N LYS F 132 18.53 -13.15 14.57
CA LYS F 132 17.43 -12.98 15.51
C LYS F 132 16.22 -12.35 14.84
N ARG F 133 16.45 -11.33 14.02
CA ARG F 133 15.36 -10.67 13.31
C ARG F 133 14.70 -11.61 12.32
N LEU F 134 15.51 -12.39 11.58
CA LEU F 134 14.97 -13.36 10.64
C LEU F 134 14.12 -14.41 11.34
N ALA F 135 14.60 -14.94 12.48
CA ALA F 135 13.75 -15.83 13.26
C ALA F 135 12.45 -15.15 13.67
N ASN F 136 12.49 -13.84 13.97
CA ASN F 136 11.28 -13.13 14.34
C ASN F 136 10.31 -13.01 13.16
N VAL F 137 10.82 -12.82 11.95
CA VAL F 137 9.97 -12.80 10.75
C VAL F 137 9.29 -14.15 10.56
N ILE F 138 10.02 -15.25 10.74
CA ILE F 138 9.40 -16.56 10.62
C ILE F 138 8.27 -16.72 11.64
N SER F 139 8.53 -16.32 12.90
CA SER F 139 7.49 -16.43 13.92
C SER F 139 6.28 -15.58 13.56
N GLU F 140 6.50 -14.37 13.08
CA GLU F 140 5.37 -13.51 12.77
C GLU F 140 4.60 -14.03 11.57
N SER F 141 5.30 -14.67 10.62
CA SER F 141 4.63 -15.26 9.47
C SER F 141 3.68 -16.37 9.90
N VAL F 142 4.14 -17.23 10.82
CA VAL F 142 3.31 -18.29 11.37
C VAL F 142 2.07 -17.72 12.06
N LYS F 143 2.25 -16.61 12.81
CA LYS F 143 1.09 -16.03 13.49
C LYS F 143 0.10 -15.40 12.51
N LEU F 144 0.58 -14.89 11.38
CA LEU F 144 -0.33 -14.40 10.35
C LEU F 144 -1.24 -15.53 9.85
N VAL F 145 -0.70 -16.74 9.74
CA VAL F 145 -1.50 -17.88 9.32
C VAL F 145 -2.50 -18.26 10.40
N MET F 146 -2.03 -18.37 11.63
CA MET F 146 -2.90 -18.77 12.73
C MET F 146 -4.01 -17.75 12.98
N ASP F 147 -3.77 -16.48 12.63
CA ASP F 147 -4.76 -15.42 12.82
C ASP F 147 -6.01 -15.63 11.98
N GLU F 148 -5.94 -16.45 10.94
CA GLU F 148 -7.05 -16.61 10.01
C GLU F 148 -7.74 -17.95 10.26
N ASP F 149 -8.85 -17.92 11.00
CA ASP F 149 -9.64 -19.13 11.20
C ASP F 149 -10.13 -19.65 9.85
N PRO F 150 -10.04 -20.96 9.57
CA PRO F 150 -9.58 -22.07 10.40
C PRO F 150 -8.19 -22.58 10.06
N LEU F 151 -7.31 -21.71 9.58
CA LEU F 151 -6.02 -22.16 9.10
C LEU F 151 -5.11 -22.59 10.25
N ARG F 152 -4.37 -23.68 10.03
CA ARG F 152 -3.34 -24.16 10.92
C ARG F 152 -2.04 -24.34 10.14
N PRO F 153 -0.91 -23.93 10.72
CA PRO F 153 0.33 -23.86 9.95
C PRO F 153 0.96 -25.24 9.80
N LEU F 154 1.24 -25.60 8.56
CA LEU F 154 2.04 -26.78 8.22
C LEU F 154 3.24 -26.23 7.44
N VAL F 155 4.40 -26.23 8.08
CA VAL F 155 5.55 -25.48 7.59
C VAL F 155 6.46 -26.42 6.79
N LEU F 156 6.87 -25.97 5.59
CA LEU F 156 7.82 -26.67 4.74
C LEU F 156 9.19 -26.01 4.90
N GLY F 157 10.14 -26.72 5.48
CA GLY F 157 11.53 -26.27 5.43
C GLY F 157 12.18 -26.61 4.09
N GLY F 158 13.43 -26.17 3.93
CA GLY F 158 14.19 -25.47 4.95
C GLY F 158 14.85 -26.44 5.93
N ASP F 159 15.93 -26.00 6.58
CA ASP F 159 16.58 -26.90 7.53
C ASP F 159 15.87 -26.86 8.90
N HIS F 160 16.28 -27.74 9.80
CA HIS F 160 15.49 -27.93 11.01
C HIS F 160 15.53 -26.75 11.97
N SER F 161 16.41 -25.77 11.75
CA SER F 161 16.43 -24.62 12.67
C SER F 161 15.09 -23.91 12.69
N ILE F 162 14.27 -24.05 11.64
CA ILE F 162 13.03 -23.28 11.63
C ILE F 162 12.02 -23.77 12.65
N SER F 163 12.22 -24.97 13.22
CA SER F 163 11.23 -25.45 14.17
C SER F 163 11.21 -24.57 15.42
N PHE F 164 12.34 -23.95 15.78
CA PHE F 164 12.32 -23.09 16.97
C PHE F 164 11.40 -21.89 16.78
N PRO F 165 11.62 -21.00 15.80
CA PRO F 165 10.70 -19.85 15.69
C PRO F 165 9.26 -20.25 15.36
N VAL F 166 9.05 -21.37 14.67
CA VAL F 166 7.69 -21.82 14.40
C VAL F 166 7.02 -22.28 15.68
N VAL F 167 7.69 -23.16 16.45
CA VAL F 167 7.08 -23.66 17.68
C VAL F 167 6.88 -22.53 18.67
N ARG F 168 7.85 -21.61 18.76
CA ARG F 168 7.67 -20.44 19.61
C ARG F 168 6.39 -19.70 19.26
N ALA F 169 6.20 -19.40 17.97
CA ALA F 169 4.99 -18.72 17.51
C ALA F 169 3.73 -19.48 17.90
N VAL F 170 3.64 -20.76 17.53
CA VAL F 170 2.46 -21.56 17.89
C VAL F 170 2.18 -21.46 19.38
N SER F 171 3.22 -21.65 20.21
CA SER F 171 3.03 -21.61 21.66
C SER F 171 2.60 -20.23 22.15
N GLU F 172 3.24 -19.17 21.62
CA GLU F 172 2.86 -17.82 22.03
C GLU F 172 1.42 -17.49 21.63
N LYS F 173 1.03 -17.90 20.42
CA LYS F 173 -0.32 -17.58 19.92
C LYS F 173 -1.38 -18.34 20.71
N LEU F 174 -1.14 -19.62 21.00
CA LEU F 174 -2.11 -20.39 21.78
C LEU F 174 -2.02 -20.10 23.28
N GLY F 175 -0.95 -19.48 23.74
CA GLY F 175 -0.86 -19.13 25.15
C GLY F 175 -0.56 -20.29 26.08
N GLY F 176 0.34 -21.19 25.68
CA GLY F 176 0.68 -22.31 26.52
C GLY F 176 1.56 -23.29 25.77
N ALA F 177 1.95 -24.36 26.48
CA ALA F 177 2.81 -25.39 25.92
C ALA F 177 2.05 -26.30 24.97
N VAL F 178 2.80 -26.98 24.12
CA VAL F 178 2.32 -28.09 23.28
C VAL F 178 3.11 -29.33 23.64
N ASP F 179 2.60 -30.48 23.22
CA ASP F 179 3.37 -31.71 23.15
C ASP F 179 3.90 -31.87 21.74
N ILE F 180 5.14 -32.34 21.61
CA ILE F 180 5.79 -32.44 20.31
C ILE F 180 6.14 -33.90 20.01
N LEU F 181 5.68 -34.38 18.86
CA LEU F 181 6.16 -35.61 18.26
C LEU F 181 7.21 -35.24 17.22
N HIS F 182 8.43 -35.76 17.36
CA HIS F 182 9.59 -35.33 16.59
C HIS F 182 10.21 -36.57 15.94
N PHE F 183 10.17 -36.64 14.60
CA PHE F 183 10.82 -37.71 13.85
C PHE F 183 12.20 -37.21 13.39
N ASP F 184 13.26 -37.96 13.71
CA ASP F 184 14.59 -37.43 13.43
C ASP F 184 15.63 -38.51 13.63
N ALA F 185 16.67 -38.46 12.80
CA ALA F 185 17.87 -39.24 13.08
C ALA F 185 18.66 -38.64 14.25
N HIS F 186 18.53 -37.33 14.49
CA HIS F 186 19.31 -36.54 15.45
C HIS F 186 18.40 -35.87 16.49
N PRO F 187 18.83 -35.78 17.76
CA PRO F 187 17.96 -35.14 18.76
C PRO F 187 17.85 -33.64 18.58
N ASP F 188 18.79 -33.01 17.87
CA ASP F 188 18.80 -31.56 17.64
C ASP F 188 18.70 -30.79 18.96
N LEU F 189 19.42 -31.28 19.97
CA LEU F 189 19.38 -30.73 21.31
C LEU F 189 20.74 -30.21 21.76
N TYR F 190 21.65 -29.90 20.83
CA TYR F 190 22.93 -29.32 21.25
C TYR F 190 22.69 -27.99 21.95
N HIS F 191 23.35 -27.82 23.09
CA HIS F 191 23.32 -26.51 23.74
C HIS F 191 24.01 -25.46 22.89
N ASP F 192 25.15 -25.82 22.31
CA ASP F 192 25.95 -24.87 21.55
C ASP F 192 26.60 -25.67 20.42
N PHE F 193 26.07 -25.54 19.21
CA PHE F 193 26.64 -26.22 18.04
C PHE F 193 27.43 -25.19 17.26
N GLU F 194 28.76 -25.24 17.41
CA GLU F 194 29.69 -24.42 16.62
C GLU F 194 29.36 -22.93 16.72
N GLY F 195 28.93 -22.50 17.91
CA GLY F 195 28.71 -21.10 18.15
C GLY F 195 27.52 -20.49 17.46
N ASN F 196 26.61 -21.30 16.93
CA ASN F 196 25.42 -20.77 16.25
C ASN F 196 24.20 -21.14 17.09
N TYR F 197 23.70 -20.15 17.83
CA TYR F 197 22.47 -20.27 18.62
C TYR F 197 21.32 -20.80 17.78
N TYR F 198 21.28 -20.45 16.50
CA TYR F 198 20.20 -20.87 15.60
C TYR F 198 20.56 -22.09 14.74
N SER F 199 21.57 -22.86 15.15
CA SER F 199 21.96 -24.06 14.41
C SER F 199 20.77 -25.01 14.22
N HIS F 200 20.72 -25.64 13.04
CA HIS F 200 19.71 -26.67 12.82
C HIS F 200 19.92 -27.90 13.70
N ALA F 201 21.05 -27.97 14.42
CA ALA F 201 21.30 -29.02 15.40
C ALA F 201 20.88 -28.62 16.81
N SER F 202 20.26 -27.44 16.97
CA SER F 202 19.82 -26.97 18.29
C SER F 202 18.35 -26.56 18.44
N PRO F 203 17.48 -26.64 17.44
CA PRO F 203 16.16 -25.98 17.62
C PRO F 203 15.36 -26.53 18.79
N PHE F 204 15.55 -27.79 19.18
CA PHE F 204 14.80 -28.28 20.33
C PHE F 204 15.46 -27.95 21.67
N ALA F 205 16.77 -27.70 21.70
CA ALA F 205 17.33 -27.08 22.89
C ALA F 205 16.72 -25.71 23.12
N ARG F 206 16.58 -24.91 22.05
CA ARG F 206 15.92 -23.61 22.16
C ARG F 206 14.47 -23.75 22.60
N ILE F 207 13.76 -24.72 22.03
CA ILE F 207 12.35 -24.92 22.35
C ILE F 207 12.18 -25.28 23.81
N MET F 208 13.03 -26.18 24.32
CA MET F 208 12.94 -26.57 25.73
C MET F 208 13.38 -25.44 26.65
N GLU F 209 14.34 -24.61 26.23
CA GLU F 209 14.73 -23.49 27.05
C GLU F 209 13.62 -22.46 27.17
N GLY F 210 12.79 -22.33 26.15
CA GLY F 210 11.65 -21.45 26.26
C GLY F 210 10.43 -22.08 26.89
N GLY F 211 10.49 -23.37 27.25
CA GLY F 211 9.35 -24.04 27.83
C GLY F 211 8.15 -24.16 26.91
N TYR F 212 8.37 -24.16 25.60
CA TYR F 212 7.25 -24.23 24.65
C TYR F 212 6.69 -25.64 24.50
N ALA F 213 7.42 -26.66 24.94
CA ALA F 213 6.95 -28.03 24.85
C ALA F 213 6.97 -28.65 26.24
N ARG F 214 5.91 -29.39 26.56
CA ARG F 214 5.90 -30.23 27.75
C ARG F 214 6.60 -31.55 27.44
N ARG F 215 5.93 -32.45 26.71
CA ARG F 215 6.55 -33.69 26.26
C ARG F 215 7.24 -33.48 24.92
N LEU F 216 8.37 -34.14 24.75
CA LEU F 216 9.08 -34.18 23.48
C LEU F 216 9.38 -35.65 23.20
N VAL F 217 8.64 -36.23 22.26
CA VAL F 217 8.75 -37.63 21.91
C VAL F 217 9.50 -37.69 20.59
N GLN F 218 10.75 -38.14 20.65
CA GLN F 218 11.60 -38.27 19.47
C GLN F 218 11.62 -39.71 19.02
N VAL F 219 11.51 -39.90 17.70
CA VAL F 219 11.48 -41.22 17.07
C VAL F 219 12.46 -41.23 15.89
N GLY F 220 13.28 -42.27 15.80
CA GLY F 220 14.23 -42.45 14.71
C GLY F 220 15.68 -42.25 15.09
N ILE F 221 15.96 -41.91 16.36
CA ILE F 221 17.26 -41.39 16.76
C ILE F 221 18.33 -42.48 16.63
N ARG F 222 19.43 -42.13 15.99
CA ARG F 222 20.53 -43.07 15.81
C ARG F 222 21.89 -42.38 15.76
N SER F 223 21.94 -41.07 15.97
CA SER F 223 23.17 -40.29 16.00
C SER F 223 23.02 -39.30 17.16
N ILE F 224 23.68 -39.59 18.28
CA ILE F 224 23.52 -38.82 19.50
C ILE F 224 24.83 -38.85 20.27
N THR F 225 25.31 -37.67 20.67
CA THR F 225 26.54 -37.58 21.44
C THR F 225 26.24 -37.67 22.93
N ASN F 226 27.27 -38.05 23.70
CA ASN F 226 27.08 -38.21 25.13
C ASN F 226 26.73 -36.89 25.81
N ASP F 227 27.24 -35.76 25.29
CA ASP F 227 26.81 -34.46 25.81
C ASP F 227 25.31 -34.26 25.62
N VAL F 228 24.78 -34.66 24.45
CA VAL F 228 23.37 -34.44 24.20
C VAL F 228 22.51 -35.40 25.02
N ARG F 229 23.04 -36.58 25.37
CA ARG F 229 22.31 -37.46 26.27
C ARG F 229 22.01 -36.79 27.60
N GLU F 230 22.93 -35.92 28.08
CA GLU F 230 22.68 -35.13 29.28
C GLU F 230 21.54 -34.14 29.07
N GLN F 231 21.47 -33.54 27.88
CA GLN F 231 20.35 -32.66 27.54
C GLN F 231 19.03 -33.40 27.62
N VAL F 232 18.98 -34.63 27.07
CA VAL F 232 17.75 -35.43 27.06
C VAL F 232 17.25 -35.65 28.48
N LYS F 233 18.14 -36.01 29.39
CA LYS F 233 17.66 -36.24 30.75
C LYS F 233 17.42 -34.92 31.47
N LYS F 234 18.14 -33.85 31.08
CA LYS F 234 17.97 -32.56 31.73
C LYS F 234 16.60 -31.95 31.49
N TYR F 235 16.00 -32.23 30.33
CA TYR F 235 14.69 -31.71 29.98
C TYR F 235 13.59 -32.77 29.95
N GLY F 236 13.89 -33.98 30.41
CA GLY F 236 12.88 -35.03 30.40
C GLY F 236 12.40 -35.45 29.03
N VAL F 237 13.24 -35.28 28.00
CA VAL F 237 12.86 -35.69 26.66
C VAL F 237 12.72 -37.19 26.60
N GLU F 238 11.71 -37.67 25.85
CA GLU F 238 11.49 -39.09 25.60
C GLU F 238 12.15 -39.45 24.27
N THR F 239 13.39 -39.91 24.33
CA THR F 239 14.20 -40.10 23.13
C THR F 239 14.25 -41.59 22.78
N HIS F 240 13.55 -41.96 21.73
CA HIS F 240 13.47 -43.35 21.32
C HIS F 240 14.50 -43.58 20.22
N GLU F 241 15.47 -44.44 20.52
CA GLU F 241 16.56 -44.75 19.60
C GLU F 241 16.21 -45.97 18.75
N MET F 242 16.84 -46.04 17.56
CA MET F 242 16.56 -47.14 16.62
C MET F 242 16.89 -48.50 17.21
N ARG F 243 17.89 -48.59 18.08
CA ARG F 243 18.26 -49.91 18.57
C ARG F 243 17.22 -50.49 19.54
N THR F 244 16.16 -49.75 19.91
CA THR F 244 15.09 -50.31 20.73
C THR F 244 13.72 -50.22 20.06
N LEU F 245 13.67 -49.93 18.75
CA LEU F 245 12.41 -49.66 18.07
C LEU F 245 11.42 -50.82 18.18
N SER F 246 11.90 -52.06 18.08
CA SER F 246 11.00 -53.22 18.20
C SER F 246 10.35 -53.28 19.58
N ARG F 247 11.15 -53.11 20.64
CA ARG F 247 10.62 -53.01 21.99
C ARG F 247 9.63 -51.84 22.13
N ASP F 248 9.93 -50.70 21.49
CA ASP F 248 9.14 -49.50 21.66
C ASP F 248 7.92 -49.44 20.75
N ARG F 249 7.82 -50.32 19.76
CA ARG F 249 6.80 -50.18 18.72
C ARG F 249 5.36 -50.06 19.23
N PRO F 250 4.89 -50.84 20.21
CA PRO F 250 3.48 -50.71 20.61
C PRO F 250 3.18 -49.41 21.34
N ILE F 251 4.17 -48.83 22.05
CA ILE F 251 3.97 -47.51 22.65
C ILE F 251 3.78 -46.46 21.57
N LEU F 252 4.64 -46.48 20.55
CA LEU F 252 4.68 -45.42 19.56
C LEU F 252 3.52 -45.48 18.57
N GLU F 253 2.97 -46.66 18.31
CA GLU F 253 1.84 -46.79 17.42
C GLU F 253 0.51 -46.61 18.13
N ASN F 254 0.55 -46.10 19.36
CA ASN F 254 -0.62 -45.82 20.17
C ASN F 254 -0.41 -44.56 20.99
N LEU F 255 0.15 -43.52 20.35
CA LEU F 255 0.50 -42.30 21.06
C LEU F 255 -0.73 -41.42 21.29
N LYS F 256 -0.77 -40.82 22.49
CA LYS F 256 -1.86 -39.93 22.88
C LYS F 256 -1.23 -38.71 23.53
N LEU F 257 -1.22 -37.59 22.80
CA LEU F 257 -0.51 -36.39 23.21
C LEU F 257 -1.45 -35.20 23.27
N GLY F 258 -1.05 -34.19 24.02
CA GLY F 258 -1.72 -32.92 24.07
C GLY F 258 -2.65 -32.73 25.25
N GLU F 259 -3.11 -33.82 25.86
CA GLU F 259 -4.11 -33.74 26.93
C GLU F 259 -3.59 -32.89 28.09
N GLY F 260 -4.28 -31.80 28.38
CA GLY F 260 -3.89 -30.90 29.44
C GLY F 260 -3.16 -29.66 28.98
N VAL F 261 -2.62 -29.64 27.76
CA VAL F 261 -1.97 -28.44 27.23
C VAL F 261 -2.66 -28.00 25.95
N LYS F 262 -1.99 -27.16 25.16
CA LYS F 262 -2.69 -26.48 24.08
C LYS F 262 -2.82 -27.31 22.80
N GLY F 263 -2.14 -28.44 22.70
CA GLY F 263 -2.30 -29.32 21.55
C GLY F 263 -1.00 -30.02 21.22
N VAL F 264 -0.94 -30.55 20.01
CA VAL F 264 0.16 -31.39 19.55
C VAL F 264 0.83 -30.73 18.35
N TYR F 265 2.16 -30.71 18.35
CA TYR F 265 2.95 -30.24 17.22
C TYR F 265 3.82 -31.39 16.71
N VAL F 266 3.86 -31.58 15.40
CA VAL F 266 4.57 -32.70 14.78
C VAL F 266 5.66 -32.15 13.88
N SER F 267 6.91 -32.46 14.20
CA SER F 267 8.05 -32.06 13.38
C SER F 267 8.64 -33.30 12.71
N ILE F 268 8.61 -33.33 11.38
CA ILE F 268 9.12 -34.47 10.62
C ILE F 268 10.40 -34.06 9.90
N ASP F 269 11.53 -34.57 10.37
CA ASP F 269 12.80 -34.41 9.66
C ASP F 269 12.91 -35.56 8.67
N VAL F 270 13.08 -35.24 7.39
CA VAL F 270 13.11 -36.29 6.36
C VAL F 270 14.28 -37.25 6.58
N ASP F 271 15.38 -36.76 7.20
CA ASP F 271 16.51 -37.67 7.41
C ASP F 271 16.25 -38.69 8.50
N SER F 272 15.08 -38.63 9.14
CA SER F 272 14.68 -39.74 10.01
C SER F 272 14.52 -41.03 9.22
N LEU F 273 14.16 -40.93 7.96
CA LEU F 273 14.02 -42.11 7.10
C LEU F 273 15.39 -42.63 6.70
N ASP F 274 15.46 -43.94 6.43
CA ASP F 274 16.73 -44.51 6.00
C ASP F 274 17.20 -43.82 4.72
N PRO F 275 18.51 -43.58 4.57
CA PRO F 275 19.01 -42.92 3.35
C PRO F 275 18.67 -43.68 2.06
N SER F 276 18.40 -44.98 2.12
CA SER F 276 18.02 -45.69 0.90
C SER F 276 16.66 -45.24 0.41
N ILE F 277 15.80 -44.80 1.32
CA ILE F 277 14.45 -44.33 1.02
C ILE F 277 14.43 -42.83 0.75
N ALA F 278 15.21 -42.06 1.50
CA ALA F 278 15.22 -40.61 1.36
C ALA F 278 16.66 -40.12 1.17
N PRO F 279 17.26 -40.37 -0.01
CA PRO F 279 18.63 -39.91 -0.21
C PRO F 279 18.76 -38.39 -0.28
N GLY F 280 17.68 -37.67 -0.58
CA GLY F 280 17.75 -36.23 -0.72
C GLY F 280 17.72 -35.49 0.60
N VAL F 281 18.79 -35.67 1.38
CA VAL F 281 18.96 -34.98 2.65
C VAL F 281 20.44 -34.67 2.79
N SER F 282 20.74 -33.74 3.71
CA SER F 282 22.13 -33.37 3.96
C SER F 282 22.87 -34.43 4.77
N HIS F 283 22.19 -35.07 5.72
CA HIS F 283 22.83 -35.94 6.69
C HIS F 283 22.34 -37.37 6.51
N HIS F 284 23.10 -38.15 5.75
CA HIS F 284 22.84 -39.58 5.60
C HIS F 284 23.24 -40.30 6.86
N GLU F 285 22.32 -41.06 7.43
CA GLU F 285 22.60 -41.86 8.62
C GLU F 285 22.00 -43.25 8.39
N PRO F 286 22.81 -44.22 7.93
CA PRO F 286 22.28 -45.56 7.64
C PRO F 286 21.61 -46.21 8.86
N GLY F 287 20.58 -47.01 8.59
CA GLY F 287 19.82 -47.70 9.61
C GLY F 287 18.67 -46.87 10.17
N GLY F 288 17.88 -46.23 9.29
CA GLY F 288 16.79 -45.38 9.70
C GLY F 288 15.41 -46.02 9.59
N LEU F 289 14.39 -45.17 9.72
CA LEU F 289 13.01 -45.62 9.68
C LEU F 289 12.60 -46.01 8.26
N LEU F 290 11.72 -47.00 8.16
CA LEU F 290 11.03 -47.24 6.90
C LEU F 290 9.87 -46.26 6.81
N PHE F 291 9.54 -45.87 5.57
CA PHE F 291 8.44 -44.95 5.35
C PHE F 291 7.18 -45.39 6.09
N ARG F 292 6.93 -46.70 6.12
CA ARG F 292 5.76 -47.23 6.82
C ARG F 292 5.82 -47.00 8.32
N ASP F 293 7.03 -46.90 8.88
CA ASP F 293 7.18 -46.64 10.31
C ASP F 293 6.56 -45.30 10.70
N ILE F 294 6.87 -44.26 9.93
CA ILE F 294 6.33 -42.94 10.25
C ILE F 294 4.81 -42.92 10.08
N LEU F 295 4.31 -43.54 9.01
CA LEU F 295 2.87 -43.53 8.76
C LEU F 295 2.10 -44.24 9.88
N ASN F 296 2.59 -45.41 10.33
CA ASN F 296 1.93 -46.11 11.43
C ASN F 296 1.83 -45.23 12.66
N ILE F 297 2.91 -44.53 13.01
CA ILE F 297 2.88 -43.67 14.19
C ILE F 297 1.97 -42.48 13.94
N LEU F 298 2.13 -41.83 12.79
CA LEU F 298 1.39 -40.60 12.50
C LEU F 298 -0.10 -40.87 12.37
N GLN F 299 -0.49 -41.87 11.56
CA GLN F 299 -1.90 -42.12 11.33
C GLN F 299 -2.62 -42.56 12.60
N ASN F 300 -1.88 -43.12 13.56
CA ASN F 300 -2.47 -43.61 14.80
C ASN F 300 -2.39 -42.61 15.94
N LEU F 301 -1.68 -41.50 15.74
CA LEU F 301 -1.52 -40.51 16.79
C LEU F 301 -2.85 -39.90 17.20
N GLN F 302 -3.08 -39.79 18.51
CA GLN F 302 -4.27 -39.17 19.06
C GLN F 302 -3.93 -37.83 19.70
N GLY F 303 -4.77 -36.84 19.50
CA GLY F 303 -4.56 -35.51 20.04
C GLY F 303 -4.84 -34.43 19.01
N ASP F 304 -5.01 -33.20 19.51
CA ASP F 304 -5.40 -32.02 18.74
C ASP F 304 -4.16 -31.42 18.08
N ILE F 305 -3.92 -31.79 16.83
CA ILE F 305 -2.73 -31.30 16.12
C ILE F 305 -2.94 -29.84 15.73
N VAL F 306 -2.10 -28.96 16.26
CA VAL F 306 -2.22 -27.52 16.06
C VAL F 306 -1.17 -26.97 15.11
N GLY F 307 -0.19 -27.76 14.72
CA GLY F 307 0.80 -27.32 13.74
C GLY F 307 1.79 -28.43 13.48
N GLY F 308 2.66 -28.18 12.51
CA GLY F 308 3.69 -29.15 12.24
C GLY F 308 4.60 -28.68 11.14
N ASP F 309 5.65 -29.47 10.89
CA ASP F 309 6.60 -29.12 9.85
C ASP F 309 7.21 -30.37 9.23
N VAL F 310 7.69 -30.21 8.01
CA VAL F 310 8.45 -31.21 7.29
C VAL F 310 9.71 -30.53 6.79
N VAL F 311 10.87 -30.96 7.28
CA VAL F 311 12.12 -30.22 7.13
C VAL F 311 13.20 -31.13 6.58
N GLU F 312 14.25 -30.50 6.06
CA GLU F 312 15.53 -31.09 5.67
C GLU F 312 15.50 -31.90 4.37
N TYR F 313 14.39 -31.91 3.63
CA TYR F 313 14.45 -32.36 2.25
C TYR F 313 15.40 -31.46 1.47
N ASN F 314 16.36 -32.05 0.76
CA ASN F 314 17.41 -31.32 0.06
C ASN F 314 17.38 -31.73 -1.41
N PRO F 315 16.72 -30.95 -2.28
CA PRO F 315 16.64 -31.35 -3.70
C PRO F 315 18.00 -31.53 -4.36
N GLN F 316 19.00 -30.79 -3.89
CA GLN F 316 20.31 -30.88 -4.53
C GLN F 316 21.01 -32.21 -4.27
N ARG F 317 20.50 -33.02 -3.35
CA ARG F 317 21.08 -34.34 -3.10
C ARG F 317 20.10 -35.47 -3.41
N ASP F 318 19.00 -35.17 -4.12
CA ASP F 318 18.00 -36.15 -4.48
C ASP F 318 18.43 -36.92 -5.72
N THR F 319 17.75 -38.04 -5.98
CA THR F 319 17.98 -38.77 -7.21
C THR F 319 17.44 -37.98 -8.39
N TYR F 320 17.83 -38.42 -9.60
CA TYR F 320 17.48 -37.67 -10.80
C TYR F 320 15.95 -37.59 -10.97
N ASP F 321 15.20 -38.59 -10.52
CA ASP F 321 13.74 -38.56 -10.68
C ASP F 321 13.01 -37.94 -9.50
N GLY F 322 13.74 -37.38 -8.53
CA GLY F 322 13.12 -36.69 -7.41
C GLY F 322 12.38 -37.58 -6.43
N ILE F 323 12.89 -38.79 -6.19
CA ILE F 323 12.18 -39.71 -5.30
C ILE F 323 11.92 -39.08 -3.94
N THR F 324 12.89 -38.32 -3.40
CA THR F 324 12.75 -37.78 -2.05
C THR F 324 11.73 -36.65 -2.01
N ALA F 325 11.58 -35.91 -3.11
CA ALA F 325 10.48 -34.94 -3.18
C ALA F 325 9.14 -35.65 -3.01
N LEU F 326 9.01 -36.82 -3.64
CA LEU F 326 7.77 -37.64 -3.55
C LEU F 326 7.58 -38.09 -2.10
N VAL F 327 8.66 -38.52 -1.45
CA VAL F 327 8.63 -38.95 -0.06
C VAL F 327 8.16 -37.80 0.83
N ALA F 328 8.77 -36.63 0.66
CA ALA F 328 8.44 -35.49 1.52
C ALA F 328 6.99 -35.05 1.30
N ALA F 329 6.54 -35.02 0.04
CA ALA F 329 5.15 -34.68 -0.26
C ALA F 329 4.18 -35.64 0.43
N LYS F 330 4.48 -36.94 0.43
CA LYS F 330 3.57 -37.89 1.06
C LYS F 330 3.51 -37.69 2.57
N LEU F 331 4.64 -37.35 3.18
CA LEU F 331 4.64 -36.95 4.59
C LEU F 331 3.76 -35.74 4.83
N VAL F 332 3.90 -34.71 3.97
CA VAL F 332 3.02 -33.54 4.05
C VAL F 332 1.56 -33.94 3.87
N ARG F 333 1.30 -34.78 2.86
CA ARG F 333 -0.07 -35.23 2.60
C ARG F 333 -0.66 -35.91 3.82
N GLU F 334 0.12 -36.78 4.47
CA GLU F 334 -0.44 -37.56 5.57
C GLU F 334 -0.56 -36.74 6.84
N LEU F 335 0.37 -35.81 7.07
CA LEU F 335 0.24 -34.93 8.24
C LEU F 335 -0.94 -33.98 8.07
N ALA F 336 -1.19 -33.52 6.84
CA ALA F 336 -2.34 -32.67 6.58
C ALA F 336 -3.65 -33.41 6.82
N ALA F 337 -3.71 -34.68 6.42
CA ALA F 337 -4.92 -35.46 6.65
C ALA F 337 -5.24 -35.55 8.13
N LYS F 338 -4.20 -35.60 8.97
CA LYS F 338 -4.39 -35.71 10.42
C LYS F 338 -4.66 -34.36 11.07
N MET F 339 -4.16 -33.27 10.49
CA MET F 339 -4.35 -31.95 11.09
C MET F 339 -5.64 -31.26 10.63
N SER F 340 -6.00 -31.44 9.36
CA SER F 340 -7.23 -30.84 8.84
C SER F 340 -8.45 -31.56 9.39
N LYS F 341 -9.50 -30.79 9.63
CA LYS F 341 -10.79 -31.34 10.02
C LYS F 341 -11.85 -30.25 9.93
N ASN G 22 4.25 6.35 13.24
CA ASN G 22 3.23 5.31 13.26
C ASN G 22 3.16 4.58 11.92
N VAL G 23 2.81 5.32 10.87
CA VAL G 23 2.46 4.73 9.58
C VAL G 23 3.70 4.18 8.89
N SER G 24 3.59 2.95 8.37
CA SER G 24 4.63 2.32 7.57
C SER G 24 5.03 3.24 6.41
N PRO G 25 6.31 3.61 6.29
CA PRO G 25 6.69 4.61 5.28
C PRO G 25 6.36 4.20 3.85
N ALA G 26 6.50 2.91 3.51
CA ALA G 26 6.15 2.46 2.17
C ALA G 26 4.67 2.68 1.88
N LEU G 27 3.80 2.42 2.86
CA LEU G 27 2.37 2.66 2.66
C LEU G 27 2.09 4.13 2.38
N LEU G 28 2.75 5.03 3.12
CA LEU G 28 2.53 6.46 2.92
C LEU G 28 3.03 6.92 1.57
N GLU G 29 4.23 6.48 1.18
CA GLU G 29 4.80 6.97 -0.07
C GLU G 29 4.03 6.47 -1.28
N LYS G 30 3.50 5.26 -1.18
CA LYS G 30 2.67 4.70 -2.24
C LYS G 30 1.39 5.52 -2.41
N ALA G 31 0.71 5.81 -1.29
CA ALA G 31 -0.49 6.64 -1.33
C ALA G 31 -0.20 8.03 -1.88
N GLN G 32 0.86 8.67 -1.38
CA GLN G 32 1.24 9.99 -1.88
C GLN G 32 1.37 9.97 -3.40
N ASN G 33 2.13 9.03 -3.94
CA ASN G 33 2.34 8.93 -5.38
C ASN G 33 1.02 8.68 -6.11
N ARG G 34 0.22 7.73 -5.62
CA ARG G 34 -1.01 7.39 -6.32
C ARG G 34 -2.07 8.47 -6.16
N VAL G 35 -2.17 9.11 -5.01
CA VAL G 35 -3.17 10.17 -4.85
C VAL G 35 -2.81 11.40 -5.67
N ILE G 36 -1.53 11.81 -5.61
CA ILE G 36 -1.09 12.93 -6.45
C ILE G 36 -1.32 12.63 -7.92
N ASP G 37 -0.99 11.42 -8.38
CA ASP G 37 -1.18 11.10 -9.77
C ASP G 37 -2.65 11.20 -10.19
N ALA G 38 -3.56 10.69 -9.36
CA ALA G 38 -4.98 10.79 -9.67
C ALA G 38 -5.43 12.25 -9.69
N ALA G 39 -4.90 13.08 -8.78
CA ALA G 39 -5.30 14.48 -8.76
C ALA G 39 -4.84 15.19 -10.04
N LEU G 40 -3.60 14.95 -10.46
CA LEU G 40 -3.12 15.57 -11.70
C LEU G 40 -3.89 15.03 -12.92
N THR G 41 -4.17 13.73 -12.94
CA THR G 41 -4.97 13.17 -14.05
C THR G 41 -6.34 13.83 -14.12
N PHE G 42 -6.94 14.14 -12.97
CA PHE G 42 -8.25 14.79 -12.98
C PHE G 42 -8.15 16.20 -13.58
N ILE G 43 -7.16 16.97 -13.17
CA ILE G 43 -6.95 18.30 -13.75
C ILE G 43 -6.66 18.19 -15.25
N ARG G 44 -5.88 17.18 -15.65
CA ARG G 44 -5.56 16.99 -17.07
C ARG G 44 -6.81 16.69 -17.89
N GLU G 45 -7.66 15.79 -17.39
CA GLU G 45 -8.88 15.47 -18.13
C GLU G 45 -9.82 16.67 -18.18
N ARG G 46 -9.91 17.42 -17.09
CA ARG G 46 -10.72 18.64 -17.13
C ARG G 46 -10.15 19.64 -18.13
N ALA G 47 -8.81 19.82 -18.13
CA ALA G 47 -8.19 20.76 -19.04
C ALA G 47 -8.38 20.32 -20.48
N LYS G 48 -8.21 19.02 -20.75
CA LYS G 48 -8.45 18.47 -22.07
C LYS G 48 -9.90 18.71 -22.51
N PHE G 49 -10.85 18.53 -21.59
CA PHE G 49 -12.26 18.78 -21.87
C PHE G 49 -12.47 20.20 -22.40
N LYS G 50 -11.98 21.19 -21.65
CA LYS G 50 -12.25 22.58 -22.02
C LYS G 50 -11.41 23.03 -23.21
N GLY G 51 -10.17 22.54 -23.32
CA GLY G 51 -9.38 22.82 -24.51
C GLY G 51 -10.07 22.35 -25.78
N GLU G 52 -10.52 21.10 -25.79
CA GLU G 52 -11.21 20.58 -26.96
C GLU G 52 -12.50 21.35 -27.25
N LEU G 53 -13.17 21.85 -26.21
CA LEU G 53 -14.35 22.69 -26.40
C LEU G 53 -14.00 23.99 -27.12
N MET G 54 -12.98 24.70 -26.64
CA MET G 54 -12.57 25.94 -27.29
C MET G 54 -12.14 25.68 -28.73
N ARG G 55 -11.29 24.67 -28.94
CA ARG G 55 -10.81 24.40 -30.30
C ARG G 55 -11.96 24.08 -31.24
N SER G 56 -13.01 23.42 -30.75
CA SER G 56 -14.18 23.18 -31.58
C SER G 56 -14.92 24.46 -31.91
N LEU G 57 -14.93 25.42 -30.98
CA LEU G 57 -15.66 26.67 -31.19
C LEU G 57 -14.96 27.60 -32.18
N GLY G 58 -13.62 27.58 -32.19
CA GLY G 58 -12.88 28.48 -33.04
C GLY G 58 -13.04 29.94 -32.65
N GLY G 59 -12.43 30.85 -33.41
CA GLY G 59 -12.55 32.26 -33.13
C GLY G 59 -12.09 32.65 -31.75
N VAL G 60 -10.99 32.06 -31.30
CA VAL G 60 -10.50 32.27 -29.94
C VAL G 60 -8.99 32.10 -29.95
N ALA G 61 -8.30 33.00 -29.25
CA ALA G 61 -6.84 32.96 -29.13
C ALA G 61 -6.36 32.69 -27.72
N ALA G 62 -7.13 33.08 -26.71
CA ALA G 62 -6.76 32.84 -25.32
C ALA G 62 -8.03 32.78 -24.51
N THR G 63 -8.10 31.83 -23.58
CA THR G 63 -9.28 31.64 -22.75
C THR G 63 -8.86 31.57 -21.29
N SER G 64 -9.34 32.52 -20.49
CA SER G 64 -9.10 32.52 -19.05
C SER G 64 -9.74 31.30 -18.39
N SER G 65 -8.91 30.48 -17.76
CA SER G 65 -9.33 29.18 -17.23
C SER G 65 -9.05 29.14 -15.74
N LEU G 66 -10.09 28.93 -14.94
CA LEU G 66 -9.98 29.06 -13.50
C LEU G 66 -9.40 27.79 -12.90
N LEU G 67 -8.32 27.94 -12.14
CA LEU G 67 -7.72 26.85 -11.38
C LEU G 67 -7.70 27.26 -9.91
N GLY G 68 -8.39 26.50 -9.07
CA GLY G 68 -8.41 26.79 -7.66
C GLY G 68 -7.27 26.09 -6.95
N VAL G 69 -6.66 26.82 -6.01
CA VAL G 69 -5.65 26.28 -5.09
C VAL G 69 -6.15 26.58 -3.68
N PRO G 70 -6.98 25.72 -3.09
CA PRO G 70 -7.58 26.00 -1.76
C PRO G 70 -6.59 25.76 -0.63
N LEU G 71 -5.62 26.66 -0.53
CA LEU G 71 -4.49 26.52 0.39
C LEU G 71 -4.49 27.71 1.32
N GLY G 72 -4.50 27.44 2.62
CA GLY G 72 -4.47 28.51 3.59
C GLY G 72 -3.46 28.30 4.70
N HIS G 73 -2.72 27.19 4.67
CA HIS G 73 -1.88 26.84 5.81
C HIS G 73 -0.52 27.52 5.79
N HIS G 74 -0.23 28.33 4.76
CA HIS G 74 0.95 29.20 4.76
C HIS G 74 0.61 30.60 5.23
N SER G 75 -0.63 30.83 5.66
CA SER G 75 -1.04 32.12 6.18
C SER G 75 -0.47 32.33 7.58
N SER G 76 -0.27 33.60 7.94
CA SER G 76 0.33 33.93 9.22
C SER G 76 -0.68 34.29 10.29
N PHE G 77 -1.96 34.44 9.97
CA PHE G 77 -2.91 34.93 10.97
C PHE G 77 -4.24 34.16 10.94
N HIS G 78 -4.75 33.89 9.74
CA HIS G 78 -6.02 33.18 9.59
C HIS G 78 -5.99 32.42 8.28
N GLU G 79 -6.42 31.15 8.31
CA GLU G 79 -6.28 30.26 7.16
C GLU G 79 -7.55 30.16 6.31
N GLY G 80 -8.53 31.04 6.54
CA GLY G 80 -9.85 30.90 5.92
C GLY G 80 -9.87 31.10 4.42
N SER G 81 -8.86 31.74 3.84
CA SER G 81 -8.85 31.84 2.38
C SER G 81 -8.77 30.47 1.70
N ALA G 82 -8.49 29.40 2.44
CA ALA G 82 -8.51 28.07 1.83
C ALA G 82 -9.89 27.70 1.30
N PHE G 83 -10.94 28.39 1.73
CA PHE G 83 -12.31 28.07 1.34
C PHE G 83 -12.83 28.96 0.23
N ALA G 84 -12.00 29.85 -0.30
CA ALA G 84 -12.43 30.90 -1.22
C ALA G 84 -12.83 30.42 -2.62
N PRO G 85 -12.09 29.52 -3.27
CA PRO G 85 -12.33 29.27 -4.71
C PRO G 85 -13.77 28.89 -5.03
N PRO G 86 -14.37 27.92 -4.32
CA PRO G 86 -15.79 27.63 -4.59
C PRO G 86 -16.71 28.83 -4.39
N ARG G 87 -16.44 29.66 -3.38
CA ARG G 87 -17.28 30.83 -3.12
C ARG G 87 -17.16 31.85 -4.25
N ILE G 88 -15.94 32.03 -4.77
CA ILE G 88 -15.72 32.99 -5.84
C ILE G 88 -16.47 32.55 -7.10
N ARG G 89 -16.33 31.27 -7.47
CA ARG G 89 -17.02 30.78 -8.67
C ARG G 89 -18.54 30.94 -8.55
N GLU G 90 -19.10 30.68 -7.37
CA GLU G 90 -20.53 30.90 -7.19
C GLU G 90 -20.90 32.36 -7.39
N ALA G 91 -20.06 33.28 -6.90
CA ALA G 91 -20.39 34.70 -6.98
C ALA G 91 -20.25 35.24 -8.40
N ILE G 92 -19.39 34.63 -9.23
CA ILE G 92 -19.30 35.00 -10.63
C ILE G 92 -20.66 34.85 -11.32
N TRP G 93 -21.49 33.90 -10.86
CA TRP G 93 -22.79 33.58 -11.45
C TRP G 93 -23.95 33.86 -10.50
N CYS G 94 -23.76 34.78 -9.56
CA CYS G 94 -24.83 35.20 -8.66
C CYS G 94 -26.06 35.67 -9.42
N ASP G 95 -27.24 35.28 -8.91
CA ASP G 95 -28.52 35.72 -9.49
C ASP G 95 -28.71 37.22 -9.45
N SER G 96 -27.96 37.95 -8.60
CA SER G 96 -28.15 39.39 -8.53
C SER G 96 -27.41 40.13 -9.64
N THR G 97 -26.59 39.44 -10.43
CA THR G 97 -25.77 40.05 -11.46
C THR G 97 -26.16 39.51 -12.83
N ASN G 98 -25.71 40.20 -13.87
CA ASN G 98 -25.74 39.66 -15.22
C ASN G 98 -24.35 39.18 -15.63
N SER G 99 -24.30 38.51 -16.76
CA SER G 99 -23.10 37.83 -17.24
C SER G 99 -22.24 38.70 -18.16
N THR G 100 -22.45 40.01 -18.18
CA THR G 100 -21.69 40.91 -19.03
C THR G 100 -20.68 41.68 -18.19
N THR G 101 -19.43 41.73 -18.66
CA THR G 101 -18.42 42.50 -17.95
C THR G 101 -18.61 43.99 -18.21
N GLU G 102 -17.82 44.81 -17.49
CA GLU G 102 -17.98 46.27 -17.57
C GLU G 102 -17.74 46.78 -18.98
N GLU G 103 -16.80 46.18 -19.71
CA GLU G 103 -16.47 46.66 -21.04
C GLU G 103 -17.01 45.75 -22.14
N GLY G 104 -18.01 44.93 -21.82
CA GLY G 104 -18.87 44.36 -22.83
C GLY G 104 -18.66 42.90 -23.18
N LYS G 105 -17.77 42.19 -22.48
CA LYS G 105 -17.56 40.78 -22.77
C LYS G 105 -18.59 39.93 -22.03
N ASN G 106 -19.07 38.89 -22.71
CA ASN G 106 -20.15 38.05 -22.20
C ASN G 106 -19.55 36.77 -21.62
N LEU G 107 -19.65 36.62 -20.29
CA LEU G 107 -19.06 35.51 -19.57
C LEU G 107 -19.76 34.19 -19.83
N ARG G 108 -20.92 34.23 -20.51
CA ARG G 108 -21.60 33.01 -20.89
C ARG G 108 -20.95 32.34 -22.08
N ASP G 109 -20.06 33.05 -22.79
CA ASP G 109 -19.21 32.51 -23.84
C ASP G 109 -18.08 31.75 -23.20
N PRO G 110 -18.04 30.42 -23.34
CA PRO G 110 -16.93 29.65 -22.76
C PRO G 110 -15.56 30.11 -23.22
N ARG G 111 -15.46 30.77 -24.38
CA ARG G 111 -14.17 31.29 -24.83
C ARG G 111 -13.71 32.48 -24.00
N VAL G 112 -14.61 33.09 -23.23
CA VAL G 112 -14.25 34.23 -22.41
C VAL G 112 -13.83 33.79 -21.00
N ILE G 113 -14.47 32.78 -20.44
CA ILE G 113 -14.06 32.26 -19.14
C ILE G 113 -14.58 30.84 -19.02
N THR G 114 -13.80 29.98 -18.37
CA THR G 114 -14.22 28.61 -18.16
C THR G 114 -13.53 28.10 -16.90
N ASN G 115 -14.14 27.12 -16.26
CA ASN G 115 -13.58 26.55 -15.04
C ASN G 115 -12.86 25.23 -15.36
N VAL G 116 -11.70 25.04 -14.76
CA VAL G 116 -10.99 23.77 -14.93
C VAL G 116 -11.28 22.91 -13.70
N GLY G 117 -10.83 23.37 -12.54
CA GLY G 117 -11.07 22.64 -11.31
C GLY G 117 -10.20 23.18 -10.19
N ASP G 118 -10.23 22.46 -9.06
CA ASP G 118 -9.43 22.81 -7.90
C ASP G 118 -8.38 21.74 -7.65
N VAL G 119 -7.18 22.16 -7.28
CA VAL G 119 -6.18 21.21 -6.76
C VAL G 119 -6.66 20.70 -5.41
N PRO G 120 -6.74 19.38 -5.20
CA PRO G 120 -7.30 18.91 -3.92
C PRO G 120 -6.25 18.93 -2.80
N ILE G 121 -5.99 20.16 -2.30
CA ILE G 121 -4.87 20.41 -1.39
C ILE G 121 -5.04 19.62 -0.10
N GLU G 122 -6.25 19.65 0.47
CA GLU G 122 -6.51 19.00 1.76
C GLU G 122 -6.20 17.51 1.71
N GLU G 123 -6.67 16.83 0.65
CA GLU G 123 -6.46 15.39 0.51
C GLU G 123 -4.99 15.05 0.26
N ILE G 124 -4.28 15.90 -0.47
CA ILE G 124 -2.86 15.63 -0.71
C ILE G 124 -2.07 15.86 0.57
N ARG G 125 -2.36 16.94 1.30
CA ARG G 125 -1.73 17.15 2.59
C ARG G 125 -1.97 15.97 3.51
N ASP G 126 -3.20 15.45 3.52
CA ASP G 126 -3.54 14.32 4.38
C ASP G 126 -2.78 13.05 4.03
N CYS G 127 -2.07 13.00 2.90
CA CYS G 127 -1.17 11.88 2.66
C CYS G 127 0.23 12.06 3.25
N GLY G 128 0.53 13.24 3.81
CA GLY G 128 1.84 13.48 4.39
C GLY G 128 2.81 14.19 3.49
N VAL G 129 2.34 14.71 2.36
CA VAL G 129 3.19 15.42 1.41
C VAL G 129 3.75 16.68 2.05
N ASP G 130 5.07 16.87 1.93
CA ASP G 130 5.68 18.07 2.48
C ASP G 130 5.40 19.27 1.60
N ASP G 131 5.80 20.44 2.07
CA ASP G 131 5.41 21.68 1.41
C ASP G 131 6.11 21.87 0.07
N LYS G 132 7.36 21.40 -0.05
CA LYS G 132 8.04 21.45 -1.33
C LYS G 132 7.29 20.66 -2.39
N ARG G 133 6.89 19.44 -2.05
CA ARG G 133 6.20 18.61 -3.02
C ARG G 133 4.82 19.17 -3.34
N LEU G 134 4.12 19.71 -2.35
CA LEU G 134 2.82 20.33 -2.60
C LEU G 134 2.95 21.49 -3.58
N ALA G 135 3.93 22.37 -3.35
CA ALA G 135 4.21 23.43 -4.30
C ALA G 135 4.49 22.87 -5.69
N ASN G 136 5.12 21.71 -5.77
CA ASN G 136 5.36 21.09 -7.07
C ASN G 136 4.05 20.67 -7.74
N VAL G 137 3.12 20.12 -6.96
CA VAL G 137 1.81 19.76 -7.49
C VAL G 137 1.09 20.98 -8.03
N ILE G 138 1.17 22.12 -7.32
CA ILE G 138 0.54 23.33 -7.83
C ILE G 138 1.16 23.73 -9.15
N SER G 139 2.50 23.71 -9.22
CA SER G 139 3.18 24.09 -10.46
C SER G 139 2.81 23.16 -11.60
N GLU G 140 2.73 21.86 -11.33
CA GLU G 140 2.40 20.93 -12.41
C GLU G 140 0.94 21.08 -12.82
N SER G 141 0.06 21.45 -11.88
CA SER G 141 -1.34 21.71 -12.22
C SER G 141 -1.46 22.89 -13.17
N VAL G 142 -0.72 23.96 -12.92
CA VAL G 142 -0.75 25.13 -13.80
C VAL G 142 -0.24 24.77 -15.19
N LYS G 143 0.81 23.96 -15.27
CA LYS G 143 1.31 23.56 -16.58
C LYS G 143 0.31 22.70 -17.34
N LEU G 144 -0.51 21.91 -16.64
CA LEU G 144 -1.52 21.13 -17.34
C LEU G 144 -2.53 22.04 -18.02
N VAL G 145 -2.88 23.16 -17.37
CA VAL G 145 -3.76 24.13 -18.00
C VAL G 145 -3.11 24.71 -19.25
N MET G 146 -1.86 25.16 -19.11
CA MET G 146 -1.15 25.77 -20.24
C MET G 146 -0.90 24.81 -21.39
N ASP G 147 -0.89 23.49 -21.15
CA ASP G 147 -0.66 22.53 -22.22
C ASP G 147 -1.81 22.46 -23.21
N GLU G 148 -3.00 22.94 -22.84
CA GLU G 148 -4.19 22.85 -23.68
C GLU G 148 -4.48 24.19 -24.34
N ASP G 149 -4.10 24.32 -25.61
CA ASP G 149 -4.41 25.52 -26.38
C ASP G 149 -5.92 25.69 -26.51
N PRO G 150 -6.49 26.88 -26.22
CA PRO G 150 -5.85 28.15 -25.86
C PRO G 150 -6.04 28.59 -24.41
N LEU G 151 -6.08 27.65 -23.47
CA LEU G 151 -6.34 28.01 -22.08
C LEU G 151 -5.14 28.73 -21.49
N ARG G 152 -5.43 29.80 -20.73
CA ARG G 152 -4.45 30.49 -19.93
C ARG G 152 -4.90 30.49 -18.47
N PRO G 153 -3.98 30.26 -17.53
CA PRO G 153 -4.41 29.98 -16.15
C PRO G 153 -4.76 31.26 -15.39
N LEU G 154 -5.96 31.29 -14.80
CA LEU G 154 -6.34 32.31 -13.82
C LEU G 154 -6.57 31.59 -12.50
N VAL G 155 -5.66 31.74 -11.58
CA VAL G 155 -5.65 30.93 -10.36
C VAL G 155 -6.45 31.64 -9.28
N LEU G 156 -7.34 30.90 -8.61
CA LEU G 156 -8.07 31.39 -7.47
C LEU G 156 -7.45 30.84 -6.19
N GLY G 157 -6.92 31.74 -5.35
CA GLY G 157 -6.50 31.38 -4.01
C GLY G 157 -7.69 31.28 -3.07
N GLY G 158 -7.41 30.88 -1.83
CA GLY G 158 -6.07 30.56 -1.37
C GLY G 158 -5.24 31.75 -0.90
N ASP G 159 -4.23 31.53 -0.07
CA ASP G 159 -3.43 32.65 0.41
C ASP G 159 -2.35 32.98 -0.62
N HIS G 160 -1.57 34.03 -0.35
CA HIS G 160 -0.70 34.54 -1.42
C HIS G 160 0.53 33.67 -1.67
N SER G 161 0.82 32.67 -0.84
CA SER G 161 1.98 31.83 -1.09
C SER G 161 1.90 31.17 -2.45
N ILE G 162 0.70 30.87 -2.95
CA ILE G 162 0.53 30.12 -4.18
C ILE G 162 1.12 30.85 -5.37
N SER G 163 1.36 32.16 -5.28
CA SER G 163 1.84 32.88 -6.45
C SER G 163 3.24 32.44 -6.84
N PHE G 164 4.06 31.98 -5.88
CA PHE G 164 5.41 31.52 -6.23
C PHE G 164 5.36 30.28 -7.11
N PRO G 165 4.77 29.16 -6.69
CA PRO G 165 4.68 27.99 -7.60
C PRO G 165 3.90 28.27 -8.87
N VAL G 166 2.99 29.24 -8.88
CA VAL G 166 2.23 29.53 -10.09
C VAL G 166 3.09 30.30 -11.10
N VAL G 167 3.73 31.39 -10.66
CA VAL G 167 4.60 32.15 -11.55
C VAL G 167 5.81 31.32 -11.97
N ARG G 168 6.30 30.45 -11.09
CA ARG G 168 7.38 29.55 -11.48
C ARG G 168 6.95 28.70 -12.66
N ALA G 169 5.76 28.10 -12.57
CA ALA G 169 5.24 27.26 -13.63
C ALA G 169 5.09 28.04 -14.93
N VAL G 170 4.45 29.22 -14.87
CA VAL G 170 4.26 30.02 -16.07
C VAL G 170 5.60 30.35 -16.72
N SER G 171 6.59 30.72 -15.90
CA SER G 171 7.88 31.12 -16.43
C SER G 171 8.64 29.94 -17.03
N GLU G 172 8.60 28.78 -16.36
CA GLU G 172 9.22 27.59 -16.91
C GLU G 172 8.55 27.21 -18.24
N LYS G 173 7.22 27.20 -18.25
CA LYS G 173 6.46 26.79 -19.43
C LYS G 173 6.75 27.70 -20.62
N LEU G 174 6.75 29.03 -20.41
CA LEU G 174 7.00 29.95 -21.51
C LEU G 174 8.49 30.12 -21.83
N GLY G 175 9.38 29.75 -20.91
CA GLY G 175 10.81 29.80 -21.17
C GLY G 175 11.49 31.15 -20.96
N GLY G 176 11.06 31.90 -19.95
CA GLY G 176 11.69 33.17 -19.66
C GLY G 176 10.89 33.94 -18.62
N ALA G 177 11.44 35.09 -18.23
CA ALA G 177 10.81 35.91 -17.21
C ALA G 177 9.54 36.58 -17.74
N VAL G 178 8.69 37.04 -16.81
CA VAL G 178 7.52 37.84 -17.12
C VAL G 178 7.59 39.15 -16.35
N ASP G 179 6.75 40.10 -16.76
CA ASP G 179 6.50 41.31 -15.99
C ASP G 179 5.24 41.08 -15.16
N ILE G 180 5.24 41.59 -13.93
CA ILE G 180 4.17 41.31 -12.98
C ILE G 180 3.54 42.61 -12.52
N LEU G 181 2.21 42.70 -12.63
CA LEU G 181 1.42 43.72 -11.97
C LEU G 181 0.81 43.11 -10.71
N HIS G 182 0.96 43.80 -9.58
CA HIS G 182 0.78 43.20 -8.27
C HIS G 182 0.03 44.20 -7.39
N PHE G 183 -1.22 43.89 -7.11
CA PHE G 183 -2.04 44.70 -6.21
C PHE G 183 -1.97 44.10 -4.83
N ASP G 184 -1.67 44.93 -3.83
CA ASP G 184 -1.42 44.37 -2.50
C ASP G 184 -1.26 45.50 -1.50
N ALA G 185 -1.68 45.26 -0.26
CA ALA G 185 -1.29 46.13 0.84
C ALA G 185 0.13 45.82 1.32
N HIS G 186 0.65 44.63 1.03
CA HIS G 186 1.92 44.18 1.54
C HIS G 186 2.87 43.80 0.40
N PRO G 187 4.16 44.15 0.49
CA PRO G 187 5.08 43.77 -0.59
C PRO G 187 5.27 42.27 -0.75
N ASP G 188 5.05 41.47 0.30
CA ASP G 188 5.25 40.02 0.25
C ASP G 188 6.66 39.68 -0.22
N LEU G 189 7.62 40.47 0.25
CA LEU G 189 9.01 40.35 -0.15
C LEU G 189 9.91 39.99 1.03
N TYR G 190 9.32 39.53 2.13
CA TYR G 190 10.13 39.07 3.26
C TYR G 190 11.07 37.94 2.82
N HIS G 191 12.35 38.04 3.19
CA HIS G 191 13.26 36.96 2.86
C HIS G 191 12.96 35.71 3.69
N ASP G 192 12.60 35.90 4.96
CA ASP G 192 12.41 34.77 5.89
C ASP G 192 11.33 35.19 6.90
N PHE G 193 10.08 34.90 6.58
CA PHE G 193 8.96 35.20 7.47
C PHE G 193 8.70 33.99 8.36
N GLU G 194 9.19 34.07 9.60
CA GLU G 194 8.89 33.08 10.64
C GLU G 194 9.32 31.66 10.22
N GLY G 195 10.48 31.55 9.60
CA GLY G 195 11.04 30.25 9.27
C GLY G 195 10.29 29.46 8.23
N ASN G 196 9.30 30.04 7.57
CA ASN G 196 8.51 29.36 6.55
C ASN G 196 8.91 29.92 5.19
N TYR G 197 9.68 29.13 4.45
CA TYR G 197 10.08 29.48 3.09
C TYR G 197 8.87 29.80 2.21
N TYR G 198 7.79 29.02 2.37
CA TYR G 198 6.59 29.15 1.55
C TYR G 198 5.55 30.09 2.18
N SER G 199 5.98 31.02 3.04
CA SER G 199 5.05 31.93 3.71
C SER G 199 4.28 32.77 2.69
N HIS G 200 3.03 33.08 3.03
CA HIS G 200 2.30 33.98 2.15
C HIS G 200 2.85 35.40 2.20
N ALA G 201 3.74 35.72 3.15
CA ALA G 201 4.45 36.98 3.19
C ALA G 201 5.71 36.98 2.34
N SER G 202 6.05 35.85 1.70
CA SER G 202 7.31 35.76 0.95
C SER G 202 7.22 35.33 -0.52
N PRO G 203 6.04 35.16 -1.14
CA PRO G 203 6.05 34.58 -2.49
C PRO G 203 6.84 35.40 -3.49
N PHE G 204 6.93 36.71 -3.30
CA PHE G 204 7.62 37.50 -4.30
C PHE G 204 9.13 37.58 -4.05
N ALA G 205 9.59 37.35 -2.83
CA ALA G 205 11.02 37.10 -2.66
C ALA G 205 11.44 35.86 -3.46
N ARG G 206 10.64 34.78 -3.34
CA ARG G 206 10.94 33.57 -4.08
C ARG G 206 10.94 33.81 -5.58
N ILE G 207 9.96 34.59 -6.08
CA ILE G 207 9.89 34.87 -7.50
C ILE G 207 11.12 35.66 -7.96
N MET G 208 11.49 36.70 -7.20
CA MET G 208 12.69 37.46 -7.56
C MET G 208 13.96 36.62 -7.41
N GLU G 209 14.06 35.84 -6.33
CA GLU G 209 15.23 34.97 -6.15
C GLU G 209 15.43 34.07 -7.36
N GLY G 210 14.35 33.49 -7.88
CA GLY G 210 14.45 32.59 -9.02
C GLY G 210 14.55 33.25 -10.37
N GLY G 211 14.47 34.57 -10.44
CA GLY G 211 14.55 35.25 -11.72
C GLY G 211 13.34 35.11 -12.61
N TYR G 212 12.19 34.74 -12.07
CA TYR G 212 11.02 34.49 -12.91
C TYR G 212 10.30 35.76 -13.32
N ALA G 213 10.60 36.89 -12.68
CA ALA G 213 10.02 38.17 -13.01
C ALA G 213 11.12 39.16 -13.36
N ARG G 214 10.89 39.94 -14.42
CA ARG G 214 11.75 41.08 -14.67
C ARG G 214 11.25 42.25 -13.83
N ARG G 215 10.19 42.91 -14.27
CA ARG G 215 9.59 43.98 -13.47
C ARG G 215 8.54 43.43 -12.53
N LEU G 216 8.45 44.05 -11.37
CA LEU G 216 7.39 43.80 -10.39
C LEU G 216 6.83 45.16 -10.00
N VAL G 217 5.64 45.47 -10.52
CA VAL G 217 4.96 46.74 -10.27
C VAL G 217 3.90 46.51 -9.20
N GLN G 218 4.10 47.07 -8.02
CA GLN G 218 3.20 46.87 -6.88
C GLN G 218 2.34 48.12 -6.67
N VAL G 219 1.03 47.91 -6.51
CA VAL G 219 0.06 48.99 -6.34
C VAL G 219 -0.77 48.70 -5.10
N GLY G 220 -0.98 49.74 -4.29
CA GLY G 220 -1.74 49.61 -3.06
C GLY G 220 -0.92 49.47 -1.79
N ILE G 221 0.42 49.50 -1.89
CA ILE G 221 1.27 49.17 -0.75
C ILE G 221 1.10 50.19 0.36
N ARG G 222 0.88 49.71 1.59
CA ARG G 222 0.73 50.61 2.73
C ARG G 222 1.20 49.98 4.05
N SER G 223 1.84 48.82 4.03
CA SER G 223 2.40 48.18 5.22
C SER G 223 3.72 47.54 4.81
N ILE G 224 4.82 48.23 5.06
CA ILE G 224 6.14 47.78 4.63
C ILE G 224 7.14 48.09 5.74
N THR G 225 7.91 47.09 6.13
CA THR G 225 8.94 47.25 7.13
C THR G 225 10.24 47.73 6.47
N ASN G 226 11.17 48.23 7.29
CA ASN G 226 12.43 48.73 6.76
C ASN G 226 13.27 47.62 6.14
N ASP G 227 13.22 46.42 6.71
CA ASP G 227 13.86 45.26 6.09
C ASP G 227 13.40 45.07 4.65
N VAL G 228 12.08 45.13 4.44
CA VAL G 228 11.53 44.84 3.13
C VAL G 228 11.89 45.94 2.14
N ARG G 229 12.03 47.18 2.61
CA ARG G 229 12.47 48.27 1.73
C ARG G 229 13.84 47.98 1.13
N GLU G 230 14.70 47.26 1.84
CA GLU G 230 15.97 46.82 1.28
C GLU G 230 15.76 45.75 0.23
N GLN G 231 14.77 44.89 0.42
CA GLN G 231 14.43 43.86 -0.57
C GLN G 231 13.90 44.49 -1.85
N VAL G 232 13.04 45.49 -1.71
CA VAL G 232 12.60 46.27 -2.87
C VAL G 232 13.80 46.78 -3.65
N LYS G 233 14.76 47.38 -2.93
CA LYS G 233 15.93 47.97 -3.58
C LYS G 233 16.83 46.90 -4.19
N LYS G 234 17.01 45.78 -3.48
CA LYS G 234 17.89 44.72 -3.95
C LYS G 234 17.42 44.15 -5.29
N TYR G 235 16.11 43.99 -5.47
CA TYR G 235 15.57 43.39 -6.68
C TYR G 235 14.98 44.42 -7.63
N GLY G 236 15.19 45.71 -7.39
CA GLY G 236 14.67 46.73 -8.27
C GLY G 236 13.16 46.70 -8.43
N VAL G 237 12.44 46.30 -7.40
CA VAL G 237 10.98 46.32 -7.44
C VAL G 237 10.49 47.76 -7.53
N GLU G 238 9.38 47.96 -8.25
CA GLU G 238 8.73 49.25 -8.38
C GLU G 238 7.53 49.27 -7.44
N THR G 239 7.74 49.79 -6.23
CA THR G 239 6.74 49.70 -5.17
C THR G 239 6.01 51.04 -5.03
N HIS G 240 4.71 51.04 -5.35
CA HIS G 240 3.89 52.23 -5.30
C HIS G 240 3.08 52.22 -4.02
N GLU G 241 3.45 53.11 -3.09
CA GLU G 241 2.78 53.21 -1.81
C GLU G 241 1.55 54.12 -1.90
N MET G 242 0.53 53.79 -1.12
CA MET G 242 -0.72 54.57 -1.12
C MET G 242 -0.48 56.06 -0.93
N ARG G 243 0.53 56.43 -0.13
CA ARG G 243 0.72 57.85 0.18
C ARG G 243 1.08 58.69 -1.05
N THR G 244 1.49 58.08 -2.17
CA THR G 244 1.82 58.79 -3.40
C THR G 244 0.88 58.45 -4.54
N LEU G 245 -0.29 57.86 -4.24
CA LEU G 245 -1.15 57.32 -5.28
C LEU G 245 -1.67 58.40 -6.23
N SER G 246 -2.03 59.58 -5.71
CA SER G 246 -2.57 60.62 -6.57
C SER G 246 -1.50 61.13 -7.54
N ARG G 247 -0.30 61.37 -7.03
CA ARG G 247 0.86 61.63 -7.89
C ARG G 247 1.04 60.53 -8.94
N ASP G 248 0.92 59.27 -8.52
CA ASP G 248 1.22 58.13 -9.38
C ASP G 248 0.10 57.79 -10.35
N ARG G 249 -1.06 58.43 -10.23
CA ARG G 249 -2.24 57.99 -10.98
C ARG G 249 -2.03 57.98 -12.49
N PRO G 250 -1.53 59.05 -13.13
CA PRO G 250 -1.38 58.99 -14.59
C PRO G 250 -0.48 57.87 -15.07
N ILE G 251 0.53 57.49 -14.28
CA ILE G 251 1.45 56.43 -14.69
C ILE G 251 0.78 55.07 -14.57
N LEU G 252 0.23 54.77 -13.37
CA LEU G 252 -0.35 53.46 -13.11
C LEU G 252 -1.59 53.17 -13.95
N GLU G 253 -2.25 54.19 -14.47
CA GLU G 253 -3.43 54.02 -15.31
C GLU G 253 -3.11 53.97 -16.80
N ASN G 254 -1.83 54.03 -17.17
CA ASN G 254 -1.38 53.88 -18.55
C ASN G 254 -0.20 52.93 -18.62
N LEU G 255 -0.30 51.81 -17.89
CA LEU G 255 0.79 50.84 -17.85
C LEU G 255 0.94 50.11 -19.17
N LYS G 256 2.19 49.97 -19.61
CA LYS G 256 2.54 49.10 -20.73
C LYS G 256 3.59 48.12 -20.22
N LEU G 257 3.22 46.83 -20.15
CA LEU G 257 4.06 45.81 -19.55
C LEU G 257 4.24 44.66 -20.52
N GLY G 258 5.35 43.92 -20.36
CA GLY G 258 5.59 42.67 -21.07
C GLY G 258 6.52 42.77 -22.26
N GLU G 259 6.72 43.96 -22.82
CA GLU G 259 7.55 44.10 -24.00
C GLU G 259 8.97 43.63 -23.73
N GLY G 260 9.45 42.70 -24.56
CA GLY G 260 10.79 42.17 -24.43
C GLY G 260 10.92 40.94 -23.55
N VAL G 261 9.89 40.57 -22.79
CA VAL G 261 9.86 39.31 -22.05
C VAL G 261 8.64 38.50 -22.52
N LYS G 262 8.33 37.43 -21.79
CA LYS G 262 7.37 36.43 -22.27
C LYS G 262 5.92 36.83 -22.07
N GLY G 263 5.64 37.87 -21.30
CA GLY G 263 4.28 38.34 -21.11
C GLY G 263 4.13 39.00 -19.75
N VAL G 264 2.86 39.16 -19.35
CA VAL G 264 2.48 39.86 -18.13
C VAL G 264 1.68 38.92 -17.25
N TYR G 265 2.01 38.90 -15.96
CA TYR G 265 1.26 38.16 -14.96
C TYR G 265 0.66 39.16 -13.97
N VAL G 266 -0.63 39.02 -13.68
CA VAL G 266 -1.32 39.93 -12.77
C VAL G 266 -1.74 39.17 -11.52
N SER G 267 -1.19 39.57 -10.38
CA SER G 267 -1.56 39.00 -9.08
C SER G 267 -2.38 40.04 -8.32
N ILE G 268 -3.60 39.67 -7.94
CA ILE G 268 -4.49 40.58 -7.21
C ILE G 268 -4.73 40.00 -5.82
N ASP G 269 -4.09 40.58 -4.81
CA ASP G 269 -4.41 40.31 -3.41
C ASP G 269 -5.63 41.14 -3.04
N VAL G 270 -6.68 40.48 -2.56
CA VAL G 270 -7.92 41.17 -2.24
C VAL G 270 -7.71 42.23 -1.15
N ASP G 271 -6.77 42.01 -0.23
CA ASP G 271 -6.62 43.00 0.84
C ASP G 271 -5.90 44.28 0.40
N SER G 272 -5.55 44.40 -0.89
CA SER G 272 -5.12 45.68 -1.43
C SER G 272 -6.25 46.69 -1.37
N LEU G 273 -7.49 46.21 -1.46
CA LEU G 273 -8.66 47.06 -1.35
C LEU G 273 -8.87 47.49 0.08
N ASP G 274 -9.36 48.70 0.25
CA ASP G 274 -9.67 49.18 1.59
C ASP G 274 -10.55 48.17 2.31
N PRO G 275 -10.35 47.97 3.61
CA PRO G 275 -11.23 47.05 4.35
C PRO G 275 -12.71 47.42 4.28
N SER G 276 -13.05 48.69 4.08
CA SER G 276 -14.46 49.06 3.93
C SER G 276 -15.08 48.38 2.73
N ILE G 277 -14.28 48.09 1.71
CA ILE G 277 -14.76 47.47 0.50
C ILE G 277 -14.60 45.95 0.55
N ALA G 278 -13.51 45.46 1.11
CA ALA G 278 -13.20 44.03 1.12
C ALA G 278 -12.91 43.59 2.55
N PRO G 279 -13.95 43.51 3.39
CA PRO G 279 -13.73 43.09 4.78
C PRO G 279 -13.36 41.63 4.92
N GLY G 280 -13.70 40.80 3.93
CA GLY G 280 -13.39 39.38 3.99
C GLY G 280 -11.98 39.03 3.57
N VAL G 281 -11.00 39.45 4.37
CA VAL G 281 -9.58 39.13 4.18
C VAL G 281 -8.99 38.89 5.56
N SER G 282 -7.78 38.33 5.58
CA SER G 282 -7.15 38.03 6.87
C SER G 282 -6.48 39.26 7.48
N HIS G 283 -5.96 40.18 6.66
CA HIS G 283 -5.16 41.30 7.15
C HIS G 283 -5.80 42.62 6.74
N HIS G 284 -6.62 43.17 7.63
CA HIS G 284 -7.21 44.49 7.39
C HIS G 284 -6.14 45.57 7.51
N GLU G 285 -6.07 46.42 6.50
CA GLU G 285 -5.14 47.56 6.49
C GLU G 285 -5.90 48.79 6.01
N PRO G 286 -6.29 49.70 6.91
CA PRO G 286 -7.07 50.88 6.51
C PRO G 286 -6.29 51.80 5.58
N GLY G 287 -7.04 52.51 4.72
CA GLY G 287 -6.44 53.41 3.75
C GLY G 287 -6.03 52.70 2.48
N GLY G 288 -6.88 51.80 1.99
CA GLY G 288 -6.57 50.98 0.85
C GLY G 288 -7.14 51.52 -0.45
N LEU G 289 -7.04 50.69 -1.48
CA LEU G 289 -7.53 51.07 -2.80
C LEU G 289 -9.06 51.08 -2.83
N LEU G 290 -9.58 51.97 -3.67
CA LEU G 290 -10.98 51.84 -4.05
C LEU G 290 -11.06 50.77 -5.12
N PHE G 291 -12.25 50.18 -5.24
CA PHE G 291 -12.43 49.14 -6.26
C PHE G 291 -12.19 49.73 -7.64
N ARG G 292 -12.64 50.96 -7.86
CA ARG G 292 -12.44 51.65 -9.12
C ARG G 292 -10.96 51.88 -9.40
N ASP G 293 -10.13 52.02 -8.36
CA ASP G 293 -8.69 52.16 -8.56
C ASP G 293 -8.12 50.96 -9.31
N ILE G 294 -8.40 49.75 -8.81
CA ILE G 294 -7.90 48.55 -9.48
C ILE G 294 -8.46 48.45 -10.89
N LEU G 295 -9.75 48.80 -11.07
CA LEU G 295 -10.36 48.66 -12.40
C LEU G 295 -9.78 49.68 -13.38
N ASN G 296 -9.54 50.92 -12.94
CA ASN G 296 -8.92 51.89 -13.84
C ASN G 296 -7.56 51.41 -14.32
N ILE G 297 -6.77 50.84 -13.42
CA ILE G 297 -5.45 50.33 -13.80
C ILE G 297 -5.60 49.10 -14.67
N LEU G 298 -6.40 48.13 -14.22
CA LEU G 298 -6.52 46.85 -14.92
C LEU G 298 -7.07 47.02 -16.32
N GLN G 299 -8.16 47.79 -16.46
CA GLN G 299 -8.82 47.91 -17.75
C GLN G 299 -7.97 48.65 -18.80
N ASN G 300 -7.05 49.50 -18.36
CA ASN G 300 -6.16 50.20 -19.28
C ASN G 300 -4.82 49.48 -19.47
N LEU G 301 -4.59 48.38 -18.77
CA LEU G 301 -3.31 47.69 -18.85
C LEU G 301 -3.03 47.23 -20.28
N GLN G 302 -1.90 47.66 -20.83
CA GLN G 302 -1.41 47.20 -22.12
C GLN G 302 -0.37 46.11 -21.91
N GLY G 303 -0.41 45.08 -22.77
CA GLY G 303 0.51 43.97 -22.63
C GLY G 303 -0.13 42.60 -22.74
N ASP G 304 0.70 41.59 -23.01
CA ASP G 304 0.23 40.22 -23.30
C ASP G 304 0.10 39.46 -21.99
N ILE G 305 -1.12 39.37 -21.46
CA ILE G 305 -1.36 38.71 -20.19
C ILE G 305 -1.35 37.20 -20.41
N VAL G 306 -0.48 36.49 -19.68
CA VAL G 306 -0.30 35.04 -19.83
C VAL G 306 -0.79 34.27 -18.61
N GLY G 307 -1.21 34.97 -17.56
CA GLY G 307 -1.69 34.31 -16.36
C GLY G 307 -1.97 35.35 -15.29
N GLY G 308 -2.69 34.94 -14.26
CA GLY G 308 -3.03 35.86 -13.19
C GLY G 308 -3.54 35.07 -12.00
N ASP G 309 -3.81 35.79 -10.91
CA ASP G 309 -4.46 35.19 -9.76
C ASP G 309 -5.22 36.23 -8.94
N VAL G 310 -6.21 35.75 -8.19
CA VAL G 310 -6.92 36.53 -7.20
C VAL G 310 -6.85 35.74 -5.90
N VAL G 311 -6.25 36.34 -4.87
CA VAL G 311 -5.91 35.60 -3.66
C VAL G 311 -6.35 36.37 -2.42
N GLU G 312 -6.38 35.64 -1.30
CA GLU G 312 -6.55 36.12 0.05
C GLU G 312 -8.01 36.43 0.39
N TYR G 313 -8.96 36.24 -0.53
CA TYR G 313 -10.36 36.30 -0.12
C TYR G 313 -10.60 35.29 0.99
N ASN G 314 -11.13 35.75 2.12
CA ASN G 314 -11.34 34.91 3.29
C ASN G 314 -12.83 34.87 3.62
N PRO G 315 -13.58 33.86 3.17
CA PRO G 315 -15.02 33.82 3.44
C PRO G 315 -15.38 33.81 4.92
N GLN G 316 -14.51 33.27 5.78
CA GLN G 316 -14.85 33.24 7.19
C GLN G 316 -14.79 34.60 7.86
N ARG G 317 -14.25 35.62 7.20
CA ARG G 317 -14.27 36.98 7.75
C ARG G 317 -15.11 37.93 6.90
N ASP G 318 -15.82 37.39 5.92
CA ASP G 318 -16.74 38.17 5.12
C ASP G 318 -17.97 38.56 5.95
N THR G 319 -18.75 39.50 5.42
CA THR G 319 -20.04 39.85 6.02
C THR G 319 -21.08 38.80 5.63
N TYR G 320 -22.22 38.79 6.35
CA TYR G 320 -23.22 37.76 6.11
CA TYR G 320 -23.24 37.77 6.11
C TYR G 320 -23.77 37.81 4.69
N ASP G 321 -23.76 38.99 4.04
CA ASP G 321 -24.19 39.08 2.65
C ASP G 321 -23.13 38.59 1.64
N GLY G 322 -21.91 38.30 2.07
CA GLY G 322 -20.86 37.86 1.16
C GLY G 322 -20.37 38.93 0.19
N ILE G 323 -20.29 40.18 0.63
CA ILE G 323 -19.89 41.24 -0.30
C ILE G 323 -18.48 41.01 -0.82
N THR G 324 -17.58 40.44 -0.01
CA THR G 324 -16.23 40.26 -0.51
C THR G 324 -16.18 39.17 -1.57
N ALA G 325 -17.07 38.17 -1.50
CA ALA G 325 -17.13 37.19 -2.57
C ALA G 325 -17.50 37.85 -3.89
N LEU G 326 -18.45 38.78 -3.84
CA LEU G 326 -18.86 39.56 -5.04
C LEU G 326 -17.67 40.41 -5.49
N VAL G 327 -16.92 40.98 -4.55
CA VAL G 327 -15.75 41.79 -4.88
C VAL G 327 -14.68 40.93 -5.57
N ALA G 328 -14.33 39.80 -4.97
CA ALA G 328 -13.37 38.89 -5.59
C ALA G 328 -13.86 38.45 -6.97
N ALA G 329 -15.15 38.10 -7.07
CA ALA G 329 -15.68 37.62 -8.33
C ALA G 329 -15.55 38.67 -9.43
N LYS G 330 -15.79 39.94 -9.10
CA LYS G 330 -15.67 40.96 -10.14
C LYS G 330 -14.22 41.16 -10.54
N LEU G 331 -13.29 41.04 -9.60
CA LEU G 331 -11.87 41.09 -9.94
C LEU G 331 -11.52 39.99 -10.94
N VAL G 332 -12.07 38.79 -10.75
CA VAL G 332 -11.82 37.68 -11.66
C VAL G 332 -12.46 37.96 -13.01
N ARG G 333 -13.71 38.42 -13.00
CA ARG G 333 -14.42 38.71 -14.25
C ARG G 333 -13.69 39.75 -15.08
N GLU G 334 -13.14 40.78 -14.42
CA GLU G 334 -12.47 41.84 -15.17
C GLU G 334 -11.07 41.42 -15.60
N LEU G 335 -10.38 40.61 -14.81
CA LEU G 335 -9.11 40.06 -15.26
C LEU G 335 -9.31 39.10 -16.44
N ALA G 336 -10.35 38.27 -16.38
CA ALA G 336 -10.62 37.36 -17.50
C ALA G 336 -10.90 38.14 -18.77
N ALA G 337 -11.61 39.27 -18.65
CA ALA G 337 -11.92 40.09 -19.83
C ALA G 337 -10.64 40.58 -20.50
N LYS G 338 -9.63 40.93 -19.70
CA LYS G 338 -8.38 41.43 -20.25
C LYS G 338 -7.48 40.32 -20.76
N MET G 339 -7.57 39.11 -20.18
CA MET G 339 -6.68 38.03 -20.59
C MET G 339 -7.23 37.23 -21.76
N SER G 340 -8.52 36.94 -21.76
CA SER G 340 -9.12 36.26 -22.89
C SER G 340 -9.15 37.18 -24.11
N LYS G 341 -8.99 36.59 -25.29
CA LYS G 341 -9.06 37.32 -26.54
C LYS G 341 -9.25 36.39 -27.74
N ASN H 22 -29.29 57.37 51.73
CA ASN H 22 -28.99 58.37 52.75
C ASN H 22 -27.54 58.31 53.24
N VAL H 23 -26.62 58.46 52.29
CA VAL H 23 -25.20 58.57 52.61
C VAL H 23 -24.93 59.92 53.28
N SER H 24 -24.07 59.90 54.31
CA SER H 24 -23.59 61.16 54.89
C SER H 24 -22.80 61.94 53.84
N PRO H 25 -23.14 63.20 53.58
CA PRO H 25 -22.38 63.98 52.61
C PRO H 25 -20.94 64.20 53.03
N ALA H 26 -20.67 64.26 54.34
CA ALA H 26 -19.30 64.37 54.81
C ALA H 26 -18.48 63.13 54.41
N LEU H 27 -19.10 61.95 54.49
CA LEU H 27 -18.45 60.73 54.03
C LEU H 27 -18.10 60.81 52.54
N LEU H 28 -19.03 61.30 51.73
CA LEU H 28 -18.78 61.40 50.28
C LEU H 28 -17.66 62.37 49.98
N GLU H 29 -17.66 63.55 50.62
CA GLU H 29 -16.63 64.54 50.31
C GLU H 29 -15.24 63.99 50.58
N LYS H 30 -15.07 63.23 51.67
CA LYS H 30 -13.75 62.70 51.97
C LYS H 30 -13.37 61.58 51.02
N ALA H 31 -14.32 60.70 50.71
CA ALA H 31 -14.05 59.63 49.74
C ALA H 31 -13.66 60.22 48.40
N GLN H 32 -14.42 61.23 47.94
CA GLN H 32 -14.11 61.88 46.68
C GLN H 32 -12.67 62.37 46.66
N ASN H 33 -12.27 63.10 47.71
CA ASN H 33 -10.90 63.62 47.80
C ASN H 33 -9.87 62.49 47.78
N ARG H 34 -10.10 61.43 48.54
CA ARG H 34 -9.11 60.36 48.68
C ARG H 34 -9.03 59.50 47.42
N VAL H 35 -10.17 59.14 46.83
CA VAL H 35 -10.16 58.38 45.59
C VAL H 35 -9.47 59.18 44.48
N ILE H 36 -9.81 60.46 44.35
CA ILE H 36 -9.19 61.29 43.31
C ILE H 36 -7.68 61.38 43.54
N ASP H 37 -7.25 61.59 44.78
CA ASP H 37 -5.81 61.68 45.02
C ASP H 37 -5.12 60.37 44.71
N ALA H 38 -5.75 59.24 45.06
CA ALA H 38 -5.15 57.94 44.79
C ALA H 38 -5.07 57.66 43.30
N ALA H 39 -6.06 58.11 42.52
CA ALA H 39 -6.02 57.93 41.07
C ALA H 39 -4.93 58.80 40.45
N LEU H 40 -4.83 60.06 40.87
CA LEU H 40 -3.77 60.95 40.38
C LEU H 40 -2.39 60.43 40.78
N THR H 41 -2.25 59.91 41.99
CA THR H 41 -0.97 59.34 42.40
C THR H 41 -0.57 58.17 41.51
N PHE H 42 -1.54 57.39 41.02
CA PHE H 42 -1.24 56.27 40.12
C PHE H 42 -0.74 56.78 38.78
N ILE H 43 -1.43 57.77 38.20
CA ILE H 43 -0.99 58.34 36.93
C ILE H 43 0.41 58.93 37.07
N ARG H 44 0.66 59.61 38.19
CA ARG H 44 1.95 60.26 38.39
C ARG H 44 3.10 59.24 38.35
N GLU H 45 2.95 58.14 39.10
CA GLU H 45 4.01 57.15 39.14
C GLU H 45 4.26 56.55 37.76
N ARG H 46 3.20 56.13 37.07
CA ARG H 46 3.34 55.60 35.73
C ARG H 46 4.00 56.61 34.80
N ALA H 47 3.68 57.90 34.96
CA ALA H 47 4.32 58.92 34.16
C ALA H 47 5.79 59.07 34.54
N LYS H 48 6.07 59.19 35.84
CA LYS H 48 7.45 59.22 36.32
C LYS H 48 8.20 57.97 35.89
N PHE H 49 7.51 56.83 35.78
CA PHE H 49 8.15 55.60 35.30
C PHE H 49 8.57 55.73 33.85
N LYS H 50 7.65 56.14 32.97
CA LYS H 50 8.00 56.25 31.55
C LYS H 50 9.00 57.37 31.30
N GLY H 51 8.95 58.44 32.08
CA GLY H 51 9.92 59.52 31.91
C GLY H 51 11.34 59.06 32.15
N GLU H 52 11.58 58.43 33.30
CA GLU H 52 12.91 57.92 33.62
C GLU H 52 13.42 57.00 32.51
N LEU H 53 12.57 56.11 32.01
CA LEU H 53 12.96 55.22 30.93
C LEU H 53 13.40 56.00 29.70
N MET H 54 12.59 56.99 29.28
CA MET H 54 12.93 57.79 28.10
C MET H 54 14.26 58.51 28.29
N ARG H 55 14.42 59.21 29.42
CA ARG H 55 15.64 59.95 29.64
C ARG H 55 16.84 59.01 29.74
N SER H 56 16.65 57.84 30.36
CA SER H 56 17.75 56.90 30.49
C SER H 56 18.11 56.20 29.19
N LEU H 57 17.25 56.28 28.17
CA LEU H 57 17.62 55.83 26.83
C LEU H 57 18.26 56.95 26.00
N GLY H 58 17.85 58.19 26.24
CA GLY H 58 18.42 59.31 25.53
C GLY H 58 18.05 59.34 24.06
N GLY H 59 18.64 60.30 23.37
CA GLY H 59 18.36 60.47 21.95
C GLY H 59 16.89 60.67 21.65
N VAL H 60 16.18 61.39 22.51
CA VAL H 60 14.75 61.58 22.33
C VAL H 60 14.34 62.98 22.76
N ALA H 61 13.75 63.74 21.85
CA ALA H 61 13.24 65.07 22.17
C ALA H 61 11.79 65.03 22.63
N ALA H 62 10.99 64.09 22.12
CA ALA H 62 9.59 63.98 22.47
C ALA H 62 9.15 62.52 22.32
N THR H 63 8.24 62.11 23.20
CA THR H 63 7.66 60.77 23.17
C THR H 63 6.15 60.87 23.35
N SER H 64 5.40 60.54 22.30
CA SER H 64 3.95 60.48 22.38
C SER H 64 3.54 59.46 23.43
N SER H 65 2.73 59.89 24.39
CA SER H 65 2.38 59.11 25.57
C SER H 65 0.87 58.98 25.64
N LEU H 66 0.37 57.75 25.65
CA LEU H 66 -1.06 57.50 25.61
C LEU H 66 -1.65 57.68 27.01
N LEU H 67 -2.65 58.55 27.11
CA LEU H 67 -3.43 58.74 28.31
C LEU H 67 -4.88 58.46 27.96
N GLY H 68 -5.45 57.46 28.62
CA GLY H 68 -6.82 57.07 28.34
C GLY H 68 -7.78 57.82 29.23
N VAL H 69 -8.85 58.32 28.63
CA VAL H 69 -9.90 59.00 29.37
C VAL H 69 -11.21 58.32 28.98
N PRO H 70 -11.54 57.20 29.62
CA PRO H 70 -12.72 56.37 29.27
C PRO H 70 -14.01 57.00 29.76
N LEU H 71 -14.41 58.08 29.10
CA LEU H 71 -15.57 58.88 29.49
C LEU H 71 -16.57 58.88 28.33
N GLY H 72 -17.81 58.51 28.63
CA GLY H 72 -18.82 58.44 27.59
C GLY H 72 -20.12 59.15 27.91
N HIS H 73 -20.26 59.67 29.13
CA HIS H 73 -21.57 60.12 29.60
C HIS H 73 -21.88 61.56 29.24
N HIS H 74 -20.99 62.24 28.51
CA HIS H 74 -21.32 63.54 27.93
C HIS H 74 -21.77 63.43 26.47
N SER H 75 -22.05 62.20 26.02
CA SER H 75 -22.53 61.94 24.66
C SER H 75 -24.04 62.12 24.54
N SER H 76 -24.47 62.57 23.37
CA SER H 76 -25.87 62.87 23.12
C SER H 76 -26.66 61.66 22.60
N PHE H 77 -26.00 60.57 22.21
CA PHE H 77 -26.76 59.48 21.60
C PHE H 77 -26.37 58.11 22.14
N HIS H 78 -25.07 57.86 22.32
CA HIS H 78 -24.61 56.54 22.76
C HIS H 78 -23.25 56.69 23.43
N GLU H 79 -23.07 56.02 24.58
CA GLU H 79 -21.90 56.28 25.43
C GLU H 79 -20.78 55.25 25.26
N GLY H 80 -20.85 54.40 24.23
CA GLY H 80 -19.93 53.29 24.12
C GLY H 80 -18.47 53.66 23.95
N SER H 81 -18.19 54.90 23.55
CA SER H 81 -16.78 55.28 23.44
C SER H 81 -16.06 55.27 24.78
N ALA H 82 -16.80 55.17 25.91
CA ALA H 82 -16.16 54.98 27.21
C ALA H 82 -15.29 53.72 27.25
N PHE H 83 -15.54 52.76 26.37
CA PHE H 83 -14.81 51.49 26.37
C PHE H 83 -13.65 51.47 25.40
N ALA H 84 -13.43 52.57 24.66
CA ALA H 84 -12.50 52.61 23.54
C ALA H 84 -11.02 52.51 23.90
N PRO H 85 -10.50 53.19 24.93
CA PRO H 85 -9.02 53.24 25.10
C PRO H 85 -8.36 51.88 25.19
N PRO H 86 -8.85 50.92 26.01
CA PRO H 86 -8.17 49.61 26.04
C PRO H 86 -8.21 48.88 24.70
N ARG H 87 -9.27 49.07 23.91
CA ARG H 87 -9.37 48.41 22.61
C ARG H 87 -8.45 49.06 21.59
N ILE H 88 -8.25 50.39 21.68
CA ILE H 88 -7.31 51.04 20.77
C ILE H 88 -5.89 50.56 21.04
N ARG H 89 -5.52 50.46 22.32
CA ARG H 89 -4.17 50.02 22.66
C ARG H 89 -3.91 48.60 22.17
N GLU H 90 -4.92 47.74 22.18
CA GLU H 90 -4.72 46.39 21.67
C GLU H 90 -4.55 46.37 20.16
N ALA H 91 -5.41 47.09 19.44
CA ALA H 91 -5.35 47.12 17.98
C ALA H 91 -4.04 47.70 17.48
N ILE H 92 -3.32 48.45 18.31
CA ILE H 92 -2.01 48.91 17.91
C ILE H 92 -1.04 47.73 17.74
N TRP H 93 -1.27 46.62 18.48
CA TRP H 93 -0.42 45.44 18.40
C TRP H 93 -1.17 44.19 17.93
N CYS H 94 -2.24 44.39 17.15
CA CYS H 94 -2.92 43.28 16.50
C CYS H 94 -1.91 42.40 15.77
N ASP H 95 -2.16 41.08 15.78
CA ASP H 95 -1.23 40.13 15.19
C ASP H 95 -1.28 40.09 13.67
N SER H 96 -2.25 40.75 13.05
CA SER H 96 -2.34 40.82 11.60
C SER H 96 -1.50 41.95 11.00
N THR H 97 -0.98 42.85 11.83
CA THR H 97 -0.22 44.00 11.40
C THR H 97 1.24 43.88 11.84
N ASN H 98 2.11 44.62 11.16
CA ASN H 98 3.48 44.81 11.63
C ASN H 98 3.57 46.11 12.44
N SER H 99 4.75 46.39 12.99
CA SER H 99 4.95 47.44 13.97
C SER H 99 5.60 48.70 13.41
N THR H 100 5.54 48.91 12.10
CA THR H 100 6.17 50.06 11.44
C THR H 100 5.09 51.00 10.89
N THR H 101 5.32 52.31 11.01
CA THR H 101 4.37 53.31 10.50
C THR H 101 4.63 53.55 9.01
N GLU H 102 3.70 54.26 8.36
CA GLU H 102 3.76 54.42 6.91
C GLU H 102 5.01 55.17 6.46
N GLU H 103 5.63 55.95 7.35
CA GLU H 103 6.83 56.70 7.00
C GLU H 103 8.05 56.25 7.81
N GLY H 104 8.02 55.02 8.35
CA GLY H 104 9.24 54.32 8.73
C GLY H 104 9.57 54.26 10.20
N LYS H 105 8.76 54.83 11.09
CA LYS H 105 9.08 54.80 12.50
C LYS H 105 8.67 53.46 13.12
N ASN H 106 9.49 52.98 14.05
CA ASN H 106 9.31 51.66 14.65
C ASN H 106 8.60 51.83 15.98
N LEU H 107 7.37 51.33 16.05
CA LEU H 107 6.57 51.46 17.27
C LEU H 107 7.10 50.60 18.41
N ARG H 108 7.97 49.63 18.13
CA ARG H 108 8.58 48.87 19.21
C ARG H 108 9.60 49.70 19.98
N ASP H 109 10.04 50.82 19.43
CA ASP H 109 10.91 51.74 20.14
C ASP H 109 10.08 52.51 21.16
N PRO H 110 10.43 52.47 22.45
CA PRO H 110 9.59 53.18 23.44
C PRO H 110 9.62 54.68 23.28
N ARG H 111 10.70 55.26 22.75
CA ARG H 111 10.76 56.70 22.47
C ARG H 111 9.79 57.14 21.40
N VAL H 112 9.21 56.19 20.65
CA VAL H 112 8.24 56.53 19.62
C VAL H 112 6.84 56.59 20.19
N ILE H 113 6.48 55.65 21.06
CA ILE H 113 5.17 55.63 21.69
C ILE H 113 5.25 54.80 22.96
N THR H 114 4.46 55.17 23.95
CA THR H 114 4.44 54.46 25.23
C THR H 114 3.09 54.73 25.88
N ASN H 115 2.74 53.89 26.85
CA ASN H 115 1.46 53.96 27.54
C ASN H 115 1.66 54.53 28.94
N VAL H 116 0.87 55.54 29.30
CA VAL H 116 0.86 56.00 30.68
C VAL H 116 -0.20 55.20 31.47
N GLY H 117 -1.46 55.36 31.10
CA GLY H 117 -2.54 54.63 31.75
C GLY H 117 -3.88 55.29 31.48
N ASP H 118 -4.90 54.78 32.17
CA ASP H 118 -6.27 55.28 32.04
C ASP H 118 -6.67 56.04 33.30
N VAL H 119 -7.36 57.16 33.12
CA VAL H 119 -8.01 57.82 34.26
C VAL H 119 -9.20 56.99 34.70
N PRO H 120 -9.30 56.58 35.97
CA PRO H 120 -10.44 55.74 36.36
C PRO H 120 -11.74 56.53 36.47
N ILE H 121 -12.27 56.93 35.31
CA ILE H 121 -13.45 57.80 35.26
C ILE H 121 -14.60 57.17 36.01
N GLU H 122 -14.85 55.89 35.75
CA GLU H 122 -16.01 55.22 36.30
C GLU H 122 -15.97 55.19 37.83
N GLU H 123 -14.79 54.89 38.40
CA GLU H 123 -14.65 54.82 39.85
C GLU H 123 -14.77 56.19 40.50
N ILE H 124 -14.25 57.24 39.83
CA ILE H 124 -14.34 58.58 40.39
C ILE H 124 -15.78 59.07 40.35
N ARG H 125 -16.45 58.84 39.23
CA ARG H 125 -17.86 59.21 39.07
C ARG H 125 -18.72 58.52 40.11
N ASP H 126 -18.40 57.27 40.43
CA ASP H 126 -19.14 56.45 41.40
C ASP H 126 -18.97 56.93 42.83
N CYS H 127 -18.09 57.91 43.08
CA CYS H 127 -17.96 58.56 44.38
C CYS H 127 -18.86 59.77 44.53
N GLY H 128 -19.54 60.19 43.48
CA GLY H 128 -20.39 61.36 43.50
C GLY H 128 -19.77 62.62 42.97
N VAL H 129 -18.61 62.53 42.30
CA VAL H 129 -17.90 63.72 41.84
C VAL H 129 -18.68 64.37 40.70
N ASP H 130 -18.84 65.70 40.76
CA ASP H 130 -19.61 66.37 39.73
C ASP H 130 -18.79 66.56 38.46
N ASP H 131 -19.44 67.07 37.41
CA ASP H 131 -18.81 67.12 36.10
C ASP H 131 -17.67 68.15 36.03
N LYS H 132 -17.76 69.23 36.82
CA LYS H 132 -16.70 70.21 36.87
C LYS H 132 -15.44 69.62 37.50
N ARG H 133 -15.58 68.90 38.62
CA ARG H 133 -14.43 68.27 39.25
C ARG H 133 -13.83 67.18 38.36
N LEU H 134 -14.69 66.35 37.74
CA LEU H 134 -14.21 65.33 36.82
C LEU H 134 -13.35 65.95 35.73
N ALA H 135 -13.85 67.02 35.09
CA ALA H 135 -13.06 67.72 34.09
C ALA H 135 -11.73 68.19 34.66
N ASN H 136 -11.72 68.58 35.94
CA ASN H 136 -10.48 69.02 36.59
C ASN H 136 -9.52 67.84 36.77
N VAL H 137 -10.04 66.64 37.04
CA VAL H 137 -9.17 65.47 37.18
C VAL H 137 -8.51 65.13 35.84
N ILE H 138 -9.28 65.25 34.75
CA ILE H 138 -8.73 65.03 33.42
C ILE H 138 -7.62 66.02 33.14
N SER H 139 -7.86 67.31 33.44
CA SER H 139 -6.84 68.34 33.22
C SER H 139 -5.56 68.03 33.97
N GLU H 140 -5.69 67.76 35.27
CA GLU H 140 -4.50 67.50 36.07
C GLU H 140 -3.80 66.23 35.62
N SER H 141 -4.56 65.27 35.09
CA SER H 141 -3.93 64.07 34.55
C SER H 141 -3.05 64.42 33.35
N VAL H 142 -3.57 65.25 32.44
CA VAL H 142 -2.78 65.68 31.29
C VAL H 142 -1.51 66.38 31.76
N LYS H 143 -1.64 67.30 32.72
CA LYS H 143 -0.46 68.02 33.21
C LYS H 143 0.56 67.07 33.83
N LEU H 144 0.09 66.01 34.49
CA LEU H 144 1.01 65.04 35.07
C LEU H 144 1.88 64.40 34.00
N VAL H 145 1.32 64.15 32.81
CA VAL H 145 2.11 63.62 31.71
C VAL H 145 3.13 64.66 31.25
N MET H 146 2.67 65.91 31.05
CA MET H 146 3.55 66.97 30.58
C MET H 146 4.64 67.33 31.58
N ASP H 147 4.41 67.09 32.88
CA ASP H 147 5.42 67.33 33.89
C ASP H 147 6.64 66.44 33.71
N GLU H 148 6.62 65.52 32.75
CA GLU H 148 7.71 64.58 32.55
C GLU H 148 8.32 64.79 31.16
N ASP H 149 9.46 65.44 31.12
CA ASP H 149 10.26 65.45 29.90
C ASP H 149 10.66 64.02 29.55
N PRO H 150 10.54 63.60 28.30
CA PRO H 150 10.03 64.37 27.17
C PRO H 150 8.64 63.92 26.72
N LEU H 151 7.77 63.56 27.66
CA LEU H 151 6.45 63.04 27.31
C LEU H 151 5.53 64.16 26.84
N ARG H 152 4.80 63.88 25.75
CA ARG H 152 3.75 64.76 25.28
C ARG H 152 2.45 63.97 25.15
N PRO H 153 1.31 64.56 25.54
CA PRO H 153 0.08 63.77 25.72
C PRO H 153 -0.63 63.48 24.40
N LEU H 154 -0.99 62.21 24.22
CA LEU H 154 -1.88 61.76 23.14
C LEU H 154 -3.03 61.05 23.83
N VAL H 155 -4.18 61.72 23.96
CA VAL H 155 -5.27 61.23 24.78
C VAL H 155 -6.14 60.31 23.95
N LEU H 156 -6.56 59.20 24.54
CA LEU H 156 -7.50 58.28 23.91
C LEU H 156 -8.86 58.49 24.55
N GLY H 157 -9.81 59.02 23.77
CA GLY H 157 -11.19 59.04 24.20
C GLY H 157 -11.85 57.68 24.03
N GLY H 158 -13.07 57.57 24.55
CA GLY H 158 -13.78 58.67 25.18
C GLY H 158 -14.51 59.53 24.15
N ASP H 159 -15.59 60.19 24.58
CA ASP H 159 -16.30 61.08 23.68
C ASP H 159 -15.56 62.43 23.57
N HIS H 160 -16.03 63.26 22.64
CA HIS H 160 -15.25 64.45 22.30
C HIS H 160 -15.21 65.51 23.40
N SER H 161 -16.04 65.40 24.44
CA SER H 161 -15.99 66.41 25.50
C SER H 161 -14.61 66.52 26.15
N ILE H 162 -13.79 65.46 26.09
CA ILE H 162 -12.50 65.50 26.78
C ILE H 162 -11.52 66.47 26.14
N SER H 163 -11.76 66.88 24.90
CA SER H 163 -10.83 67.82 24.27
C SER H 163 -10.78 69.16 25.01
N PHE H 164 -11.87 69.55 25.68
CA PHE H 164 -11.85 70.84 26.39
C PHE H 164 -10.87 70.80 27.55
N PRO H 165 -11.00 69.92 28.55
CA PRO H 165 -10.03 69.94 29.66
C PRO H 165 -8.63 69.49 29.27
N VAL H 166 -8.46 68.75 28.18
CA VAL H 166 -7.11 68.41 27.73
C VAL H 166 -6.44 69.63 27.14
N VAL H 167 -7.13 70.31 26.22
CA VAL H 167 -6.55 71.49 25.59
C VAL H 167 -6.33 72.57 26.63
N ARG H 168 -7.25 72.72 27.57
CA ARG H 168 -7.03 73.65 28.66
C ARG H 168 -5.74 73.32 29.38
N ALA H 169 -5.55 72.04 29.71
CA ALA H 169 -4.37 71.65 30.49
C ALA H 169 -3.09 71.90 29.70
N VAL H 170 -3.10 71.56 28.41
CA VAL H 170 -1.91 71.80 27.58
C VAL H 170 -1.63 73.31 27.49
N SER H 171 -2.69 74.09 27.28
CA SER H 171 -2.52 75.54 27.11
C SER H 171 -2.03 76.20 28.39
N GLU H 172 -2.54 75.78 29.55
CA GLU H 172 -2.07 76.37 30.81
C GLU H 172 -0.63 75.96 31.10
N LYS H 173 -0.31 74.68 30.91
CA LYS H 173 1.02 74.17 31.21
C LYS H 173 2.10 74.85 30.36
N LEU H 174 1.83 75.01 29.07
CA LEU H 174 2.79 75.68 28.18
C LEU H 174 2.74 77.20 28.31
N GLY H 175 1.77 77.74 29.04
CA GLY H 175 1.68 79.17 29.26
C GLY H 175 1.27 79.99 28.05
N GLY H 176 0.42 79.44 27.19
CA GLY H 176 0.02 80.17 26.00
C GLY H 176 -0.94 79.35 25.18
N ALA H 177 -1.38 79.95 24.08
CA ALA H 177 -2.36 79.34 23.19
C ALA H 177 -1.68 78.41 22.19
N VAL H 178 -2.48 77.55 21.57
CA VAL H 178 -2.02 76.66 20.51
C VAL H 178 -2.86 76.94 19.27
N ASP H 179 -2.43 76.35 18.14
CA ASP H 179 -3.25 76.18 16.96
C ASP H 179 -3.81 74.77 16.97
N ILE H 180 -5.01 74.59 16.43
CA ILE H 180 -5.71 73.30 16.47
C ILE H 180 -6.06 72.85 15.05
N LEU H 181 -5.60 71.66 14.69
CA LEU H 181 -6.12 70.94 13.53
C LEU H 181 -7.19 69.96 14.04
N HIS H 182 -8.42 70.14 13.58
CA HIS H 182 -9.59 69.43 14.10
C HIS H 182 -10.23 68.61 12.99
N PHE H 183 -10.19 67.28 13.12
CA PHE H 183 -10.84 66.37 12.17
C PHE H 183 -12.20 65.97 12.73
N ASP H 184 -13.27 66.30 12.01
CA ASP H 184 -14.60 66.06 12.55
C ASP H 184 -15.66 66.14 11.46
N ALA H 185 -16.75 65.40 11.67
CA ALA H 185 -17.98 65.63 10.90
C ALA H 185 -18.77 66.84 11.40
N HIS H 186 -18.64 67.17 12.70
CA HIS H 186 -19.40 68.19 13.40
C HIS H 186 -18.47 69.26 13.95
N PRO H 187 -18.86 70.54 13.90
CA PRO H 187 -17.97 71.59 14.41
C PRO H 187 -17.76 71.54 15.91
N ASP H 188 -18.66 70.89 16.65
CA ASP H 188 -18.61 70.82 18.12
C ASP H 188 -18.49 72.20 18.74
N LEU H 189 -19.21 73.16 18.17
CA LEU H 189 -19.16 74.57 18.58
C LEU H 189 -20.47 75.05 19.18
N TYR H 190 -21.35 74.14 19.61
CA TYR H 190 -22.61 74.53 20.22
C TYR H 190 -22.35 75.33 21.49
N HIS H 191 -23.04 76.47 21.63
CA HIS H 191 -22.91 77.25 22.86
C HIS H 191 -23.60 76.55 24.03
N ASP H 192 -24.75 75.94 23.78
CA ASP H 192 -25.49 75.23 24.83
C ASP H 192 -26.25 74.09 24.17
N PHE H 193 -25.70 72.88 24.25
CA PHE H 193 -26.33 71.68 23.73
C PHE H 193 -27.09 70.99 24.86
N GLU H 194 -28.42 71.08 24.82
CA GLU H 194 -29.29 70.35 25.75
C GLU H 194 -28.92 70.55 27.21
N GLY H 195 -28.43 71.75 27.55
CA GLY H 195 -28.18 72.09 28.93
C GLY H 195 -26.90 71.55 29.54
N ASN H 196 -26.04 70.91 28.75
CA ASN H 196 -24.81 70.31 29.26
C ASN H 196 -23.65 71.19 28.80
N TYR H 197 -23.10 71.97 29.73
CA TYR H 197 -21.89 72.74 29.48
C TYR H 197 -20.77 71.84 28.97
N TYR H 198 -20.70 70.60 29.44
CA TYR H 198 -19.66 69.66 29.07
C TYR H 198 -20.10 68.69 27.97
N SER H 199 -21.11 69.04 27.18
CA SER H 199 -21.54 68.18 26.08
C SER H 199 -20.41 67.88 25.12
N HIS H 200 -20.43 66.69 24.54
CA HIS H 200 -19.44 66.39 23.51
C HIS H 200 -19.68 67.19 22.24
N ALA H 201 -20.79 67.92 22.14
CA ALA H 201 -21.10 68.80 21.02
C ALA H 201 -20.62 70.24 21.25
N SER H 202 -19.94 70.49 22.37
CA SER H 202 -19.51 71.83 22.72
C SER H 202 -18.04 72.04 23.07
N PRO H 203 -17.15 71.03 23.08
CA PRO H 203 -15.82 71.27 23.69
C PRO H 203 -15.01 72.37 23.02
N PHE H 204 -15.22 72.60 21.73
CA PHE H 204 -14.49 73.68 21.08
C PHE H 204 -15.19 75.03 21.22
N ALA H 205 -16.48 75.05 21.57
CA ALA H 205 -17.04 76.29 22.08
C ALA H 205 -16.32 76.68 23.37
N ARG H 206 -16.13 75.71 24.25
CA ARG H 206 -15.42 75.96 25.51
C ARG H 206 -13.99 76.39 25.26
N ILE H 207 -13.31 75.75 24.30
CA ILE H 207 -11.90 76.06 24.07
C ILE H 207 -11.75 77.47 23.53
N MET H 208 -12.66 77.90 22.65
CA MET H 208 -12.62 79.28 22.19
C MET H 208 -12.99 80.26 23.30
N GLU H 209 -13.81 79.85 24.26
CA GLU H 209 -14.16 80.77 25.34
C GLU H 209 -13.00 80.98 26.30
N GLY H 210 -12.17 79.97 26.50
CA GLY H 210 -10.98 80.18 27.31
C GLY H 210 -9.84 80.82 26.56
N GLY H 211 -9.97 81.01 25.26
CA GLY H 211 -8.92 81.60 24.47
C GLY H 211 -7.73 80.69 24.20
N TYR H 212 -7.88 79.38 24.41
CA TYR H 212 -6.73 78.48 24.35
C TYR H 212 -6.27 78.20 22.92
N ALA H 213 -7.08 78.51 21.92
CA ALA H 213 -6.72 78.31 20.52
C ALA H 213 -6.66 79.66 19.83
N ARG H 214 -5.59 79.87 19.05
CA ARG H 214 -5.56 81.01 18.12
C ARG H 214 -6.32 80.64 16.84
N ARG H 215 -5.80 79.70 16.07
CA ARG H 215 -6.46 79.20 14.88
C ARG H 215 -7.14 77.86 15.17
N LEU H 216 -8.30 77.66 14.58
CA LEU H 216 -9.05 76.40 14.64
C LEU H 216 -9.40 76.03 13.21
N VAL H 217 -8.68 75.06 12.65
CA VAL H 217 -8.92 74.58 11.29
C VAL H 217 -9.65 73.25 11.39
N GLN H 218 -10.88 73.21 10.90
CA GLN H 218 -11.75 72.05 10.99
C GLN H 218 -11.87 71.40 9.61
N VAL H 219 -11.64 70.09 9.54
CA VAL H 219 -11.66 69.36 8.29
C VAL H 219 -12.61 68.18 8.41
N GLY H 220 -13.47 68.00 7.38
CA GLY H 220 -14.44 66.93 7.34
C GLY H 220 -15.87 67.35 7.63
N ILE H 221 -16.12 68.63 7.89
CA ILE H 221 -17.40 69.08 8.40
C ILE H 221 -18.49 68.86 7.36
N ARG H 222 -19.60 68.24 7.78
CA ARG H 222 -20.74 68.03 6.90
C ARG H 222 -22.07 68.07 7.64
N SER H 223 -22.07 68.31 8.95
CA SER H 223 -23.30 68.42 9.74
C SER H 223 -23.11 69.64 10.63
N ILE H 224 -23.77 70.74 10.28
CA ILE H 224 -23.55 72.02 10.93
C ILE H 224 -24.85 72.80 10.90
N THR H 225 -25.25 73.34 12.05
CA THR H 225 -26.49 74.09 12.15
C THR H 225 -26.24 75.57 11.90
N ASN H 226 -27.33 76.29 11.67
CA ASN H 226 -27.18 77.70 11.33
C ASN H 226 -26.74 78.56 12.51
N ASP H 227 -27.00 78.14 13.75
CA ASP H 227 -26.45 78.89 14.88
C ASP H 227 -24.98 78.62 15.08
N VAL H 228 -24.52 77.39 14.82
CA VAL H 228 -23.12 77.10 14.94
C VAL H 228 -22.31 77.78 13.83
N ARG H 229 -22.93 78.08 12.69
CA ARG H 229 -22.26 78.89 11.68
C ARG H 229 -21.98 80.31 12.20
N GLU H 230 -22.89 80.86 13.00
CA GLU H 230 -22.62 82.13 13.66
C GLU H 230 -21.50 82.01 14.67
N GLN H 231 -21.41 80.84 15.33
CA GLN H 231 -20.29 80.58 16.23
C GLN H 231 -18.96 80.53 15.48
N VAL H 232 -18.95 79.93 14.28
CA VAL H 232 -17.72 79.91 13.48
C VAL H 232 -17.32 81.33 13.11
N LYS H 233 -18.28 82.10 12.58
CA LYS H 233 -18.05 83.52 12.30
C LYS H 233 -17.52 84.23 13.53
N LYS H 234 -18.16 84.02 14.69
CA LYS H 234 -17.84 84.76 15.91
C LYS H 234 -16.39 84.59 16.32
N TYR H 235 -15.83 83.40 16.13
CA TYR H 235 -14.49 83.08 16.63
C TYR H 235 -13.45 82.98 15.53
N GLY H 236 -13.81 83.33 14.29
CA GLY H 236 -12.86 83.23 13.19
C GLY H 236 -12.43 81.81 12.84
N VAL H 237 -13.27 80.82 13.11
CA VAL H 237 -12.89 79.45 12.85
C VAL H 237 -12.74 79.22 11.35
N GLU H 238 -11.72 78.46 10.97
CA GLU H 238 -11.54 78.01 9.58
C GLU H 238 -12.27 76.67 9.45
N THR H 239 -13.55 76.72 9.10
CA THR H 239 -14.35 75.51 8.94
C THR H 239 -14.36 75.11 7.47
N HIS H 240 -13.81 73.94 7.18
CA HIS H 240 -13.77 73.42 5.82
C HIS H 240 -14.82 72.31 5.69
N GLU H 241 -15.83 72.58 4.88
CA GLU H 241 -16.92 71.64 4.66
C GLU H 241 -16.61 70.68 3.51
N MET H 242 -17.16 69.48 3.61
CA MET H 242 -16.94 68.46 2.59
C MET H 242 -17.36 68.95 1.21
N ARG H 243 -18.40 69.78 1.12
CA ARG H 243 -18.89 70.18 -0.18
C ARG H 243 -17.89 71.04 -0.96
N THR H 244 -16.80 71.50 -0.33
CA THR H 244 -15.75 72.25 -1.00
C THR H 244 -14.40 71.54 -0.95
N LEU H 245 -14.36 70.27 -0.57
CA LEU H 245 -13.08 69.63 -0.24
C LEU H 245 -12.13 69.60 -1.44
N SER H 246 -12.67 69.47 -2.67
CA SER H 246 -11.80 69.46 -3.84
C SER H 246 -11.00 70.75 -3.94
N ARG H 247 -11.67 71.89 -3.83
CA ARG H 247 -10.98 73.17 -3.91
C ARG H 247 -10.00 73.35 -2.75
N ASP H 248 -10.41 72.97 -1.54
CA ASP H 248 -9.57 73.17 -0.36
C ASP H 248 -8.39 72.23 -0.30
N ARG H 249 -8.38 71.17 -1.10
CA ARG H 249 -7.33 70.16 -0.99
C ARG H 249 -5.92 70.72 -1.12
N PRO H 250 -5.61 71.62 -2.07
CA PRO H 250 -4.26 72.23 -2.06
C PRO H 250 -3.91 72.95 -0.77
N ILE H 251 -4.87 73.63 -0.14
CA ILE H 251 -4.59 74.28 1.14
C ILE H 251 -4.35 73.24 2.22
N LEU H 252 -5.30 72.31 2.37
CA LEU H 252 -5.32 71.43 3.54
C LEU H 252 -4.20 70.39 3.53
N GLU H 253 -3.62 70.10 2.37
CA GLU H 253 -2.52 69.15 2.29
C GLU H 253 -1.16 69.85 2.30
N ASN H 254 -1.12 71.11 2.72
CA ASN H 254 0.11 71.89 2.87
C ASN H 254 -0.04 72.85 4.06
N LEU H 255 -0.34 72.29 5.23
CA LEU H 255 -0.65 73.07 6.41
C LEU H 255 0.59 73.36 7.23
N LYS H 256 0.79 74.64 7.57
CA LYS H 256 1.78 75.08 8.53
C LYS H 256 1.07 75.85 9.63
N LEU H 257 1.20 75.37 10.87
CA LEU H 257 0.49 75.95 12.00
C LEU H 257 1.45 76.11 13.18
N GLY H 258 0.99 76.85 14.18
CA GLY H 258 1.68 76.93 15.44
C GLY H 258 2.88 77.85 15.50
N GLU H 259 3.07 78.70 14.49
CA GLU H 259 4.20 79.64 14.50
C GLU H 259 3.80 80.90 15.26
N GLY H 260 4.58 81.23 16.30
CA GLY H 260 4.26 82.36 17.14
C GLY H 260 3.64 81.94 18.45
N VAL H 261 2.70 80.99 18.37
CA VAL H 261 2.06 80.44 19.56
C VAL H 261 2.83 79.22 20.05
N LYS H 262 2.26 78.49 21.02
CA LYS H 262 3.03 77.51 21.76
C LYS H 262 3.06 76.13 21.11
N GLY H 263 2.36 75.90 20.02
CA GLY H 263 2.42 74.63 19.33
C GLY H 263 1.13 74.34 18.61
N VAL H 264 1.04 73.11 18.10
CA VAL H 264 -0.14 72.62 17.38
C VAL H 264 -0.74 71.47 18.17
N TYR H 265 -2.06 71.49 18.31
CA TYR H 265 -2.83 70.41 18.91
C TYR H 265 -3.73 69.81 17.84
N VAL H 266 -3.76 68.49 17.75
CA VAL H 266 -4.48 67.78 16.69
C VAL H 266 -5.56 66.92 17.34
N SER H 267 -6.82 67.26 17.09
CA SER H 267 -7.95 66.50 17.61
C SER H 267 -8.57 65.70 16.46
N ILE H 268 -8.60 64.37 16.61
CA ILE H 268 -9.06 63.48 15.55
C ILE H 268 -10.32 62.78 16.05
N ASP H 269 -11.47 63.23 15.56
CA ASP H 269 -12.75 62.56 15.83
C ASP H 269 -12.93 61.49 14.76
N VAL H 270 -13.04 60.24 15.18
CA VAL H 270 -13.13 59.13 14.23
C VAL H 270 -14.34 59.25 13.34
N ASP H 271 -15.40 59.95 13.78
CA ASP H 271 -16.56 60.04 12.89
C ASP H 271 -16.37 61.06 11.78
N SER H 272 -15.21 61.72 11.70
CA SER H 272 -14.89 62.49 10.50
C SER H 272 -14.74 61.58 9.27
N LEU H 273 -14.34 60.33 9.47
CA LEU H 273 -14.25 59.37 8.37
C LEU H 273 -15.63 58.93 7.93
N ASP H 274 -15.78 58.63 6.64
CA ASP H 274 -17.06 58.12 6.17
C ASP H 274 -17.43 56.87 6.96
N PRO H 275 -18.71 56.69 7.29
CA PRO H 275 -19.11 55.50 8.07
C PRO H 275 -18.75 54.19 7.38
N SER H 276 -18.64 54.15 6.05
CA SER H 276 -18.20 52.93 5.39
C SER H 276 -16.85 52.46 5.91
N ILE H 277 -16.02 53.38 6.40
CA ILE H 277 -14.66 53.13 6.82
C ILE H 277 -14.58 53.01 8.33
N ALA H 278 -15.41 53.75 9.04
CA ALA H 278 -15.39 53.78 10.50
C ALA H 278 -16.82 53.64 11.01
N PRO H 279 -17.39 52.43 10.93
CA PRO H 279 -18.76 52.23 11.43
C PRO H 279 -18.86 52.29 12.95
N GLY H 280 -17.77 52.05 13.66
CA GLY H 280 -17.81 52.04 15.12
C GLY H 280 -17.73 53.44 15.72
N VAL H 281 -18.75 54.26 15.48
CA VAL H 281 -18.87 55.59 16.07
C VAL H 281 -20.34 55.79 16.42
N SER H 282 -20.60 56.82 17.23
CA SER H 282 -21.98 57.10 17.63
C SER H 282 -22.76 57.84 16.55
N HIS H 283 -22.12 58.75 15.81
CA HIS H 283 -22.82 59.65 14.91
C HIS H 283 -22.37 59.39 13.47
N HIS H 284 -23.12 58.50 12.81
CA HIS H 284 -22.90 58.19 11.41
C HIS H 284 -23.35 59.35 10.53
N GLU H 285 -22.45 59.87 9.71
CA GLU H 285 -22.78 60.97 8.81
C GLU H 285 -22.22 60.66 7.43
N PRO H 286 -23.04 60.16 6.50
CA PRO H 286 -22.54 59.76 5.18
C PRO H 286 -21.85 60.90 4.45
N GLY H 287 -20.84 60.54 3.66
CA GLY H 287 -20.13 61.52 2.87
C GLY H 287 -18.93 62.16 3.56
N GLY H 288 -18.16 61.36 4.29
CA GLY H 288 -17.04 61.84 5.06
C GLY H 288 -15.70 61.64 4.37
N LEU H 289 -14.65 61.80 5.16
CA LEU H 289 -13.30 61.67 4.67
C LEU H 289 -12.96 60.22 4.36
N LEU H 290 -12.11 60.02 3.37
CA LEU H 290 -11.45 58.74 3.23
C LEU H 290 -10.28 58.69 4.21
N PHE H 291 -9.99 57.49 4.70
CA PHE H 291 -8.87 57.35 5.63
C PHE H 291 -7.61 57.93 5.01
N ARG H 292 -7.46 57.80 3.69
CA ARG H 292 -6.34 58.40 2.98
C ARG H 292 -6.37 59.92 3.06
N ASP H 293 -7.57 60.53 3.10
CA ASP H 293 -7.68 61.98 3.19
C ASP H 293 -7.00 62.50 4.46
N ILE H 294 -7.27 61.86 5.60
CA ILE H 294 -6.69 62.30 6.86
C ILE H 294 -5.17 62.16 6.83
N LEU H 295 -4.67 61.02 6.33
CA LEU H 295 -3.22 60.80 6.31
C LEU H 295 -2.50 61.85 5.48
N ASN H 296 -3.06 62.20 4.32
CA ASN H 296 -2.42 63.22 3.48
C ASN H 296 -2.27 64.54 4.22
N ILE H 297 -3.31 64.95 4.94
CA ILE H 297 -3.26 66.19 5.70
C ILE H 297 -2.31 66.07 6.88
N LEU H 298 -2.46 65.00 7.66
CA LEU H 298 -1.63 64.83 8.85
C LEU H 298 -0.17 64.59 8.49
N GLN H 299 0.10 63.65 7.58
CA GLN H 299 1.49 63.35 7.23
C GLN H 299 2.23 64.56 6.68
N ASN H 300 1.51 65.53 6.11
CA ASN H 300 2.12 66.72 5.53
C ASN H 300 2.15 67.91 6.48
N LEU H 301 1.41 67.85 7.57
CA LEU H 301 1.31 68.99 8.48
C LEU H 301 2.67 69.36 9.05
N GLN H 302 3.00 70.65 9.01
CA GLN H 302 4.20 71.18 9.61
C GLN H 302 3.86 71.92 10.89
N GLY H 303 4.76 71.87 11.87
CA GLY H 303 4.58 72.56 13.12
C GLY H 303 4.93 71.74 14.34
N ASP H 304 5.06 72.39 15.49
CA ASP H 304 5.48 71.74 16.74
C ASP H 304 4.25 71.13 17.40
N ILE H 305 4.03 69.84 17.18
CA ILE H 305 2.86 69.15 17.72
C ILE H 305 3.08 68.90 19.21
N VAL H 306 2.28 69.55 20.05
CA VAL H 306 2.45 69.47 21.50
C VAL H 306 1.45 68.54 22.15
N GLY H 307 0.40 68.17 21.45
CA GLY H 307 -0.53 67.20 21.98
C GLY H 307 -1.60 66.88 20.95
N GLY H 308 -2.44 65.94 21.32
CA GLY H 308 -3.52 65.56 20.43
C GLY H 308 -4.34 64.47 21.08
N ASP H 309 -5.44 64.13 20.40
CA ASP H 309 -6.33 63.10 20.91
C ASP H 309 -6.96 62.36 19.76
N VAL H 310 -7.49 61.17 20.07
CA VAL H 310 -8.25 60.35 19.14
C VAL H 310 -9.50 59.91 19.91
N VAL H 311 -10.67 60.37 19.46
CA VAL H 311 -11.90 60.32 20.25
C VAL H 311 -13.03 59.73 19.42
N GLU H 312 -14.09 59.29 20.12
CA GLU H 312 -15.39 58.87 19.59
C GLU H 312 -15.36 57.51 18.90
N TYR H 313 -14.24 56.77 18.96
CA TYR H 313 -14.32 55.36 18.63
C TYR H 313 -15.24 54.66 19.62
N ASN H 314 -16.25 53.96 19.11
CA ASN H 314 -17.28 53.31 19.90
C ASN H 314 -17.24 51.80 19.65
N PRO H 315 -16.62 51.00 20.53
CA PRO H 315 -16.51 49.55 20.24
C PRO H 315 -17.85 48.85 20.18
N GLN H 316 -18.86 49.32 20.92
CA GLN H 316 -20.16 48.69 20.89
C GLN H 316 -20.88 48.89 19.56
N ARG H 317 -20.39 49.75 18.68
CA ARG H 317 -21.01 49.91 17.37
C ARG H 317 -20.10 49.45 16.23
N ASP H 318 -18.99 48.80 16.55
CA ASP H 318 -18.00 48.33 15.59
C ASP H 318 -18.42 46.99 14.99
N THR H 319 -17.79 46.60 13.88
CA THR H 319 -18.04 45.29 13.30
C THR H 319 -17.43 44.20 14.18
N TYR H 320 -17.84 42.96 13.91
CA TYR H 320 -17.39 41.84 14.74
C TYR H 320 -15.87 41.68 14.70
N ASP H 321 -15.26 42.04 13.57
CA ASP H 321 -13.82 41.95 13.36
C ASP H 321 -13.06 43.14 13.95
N GLY H 322 -13.75 44.14 14.48
CA GLY H 322 -13.07 45.29 15.07
C GLY H 322 -12.38 46.22 14.09
N ILE H 323 -12.96 46.44 12.90
CA ILE H 323 -12.28 47.23 11.87
C ILE H 323 -11.98 48.64 12.38
N THR H 324 -12.90 49.22 13.16
CA THR H 324 -12.73 50.60 13.60
C THR H 324 -11.66 50.72 14.68
N ALA H 325 -11.52 49.69 15.53
CA ALA H 325 -10.38 49.68 16.45
C ALA H 325 -9.07 49.75 15.68
N LEU H 326 -9.00 49.05 14.54
CA LEU H 326 -7.81 49.11 13.67
C LEU H 326 -7.69 50.52 13.06
N VAL H 327 -8.80 51.09 12.61
CA VAL H 327 -8.80 52.45 12.08
C VAL H 327 -8.32 53.45 13.14
N ALA H 328 -8.88 53.37 14.34
CA ALA H 328 -8.46 54.27 15.42
C ALA H 328 -6.98 54.07 15.75
N ALA H 329 -6.53 52.81 15.80
CA ALA H 329 -5.13 52.52 16.11
C ALA H 329 -4.19 53.10 15.08
N LYS H 330 -4.52 52.95 13.79
CA LYS H 330 -3.66 53.54 12.77
C LYS H 330 -3.66 55.06 12.89
N LEU H 331 -4.81 55.66 13.21
CA LEU H 331 -4.81 57.11 13.46
C LEU H 331 -3.89 57.47 14.61
N VAL H 332 -3.92 56.70 15.70
CA VAL H 332 -3.00 56.93 16.81
C VAL H 332 -1.56 56.72 16.37
N ARG H 333 -1.30 55.63 15.62
CA ARG H 333 0.05 55.33 15.18
C ARG H 333 0.62 56.47 14.36
N GLU H 334 -0.17 57.02 13.43
CA GLU H 334 0.34 58.06 12.55
C GLU H 334 0.45 59.39 13.28
N LEU H 335 -0.45 59.68 14.22
CA LEU H 335 -0.31 60.89 15.02
C LEU H 335 0.94 60.83 15.89
N ALA H 336 1.21 59.67 16.49
CA ALA H 336 2.43 59.51 17.29
C ALA H 336 3.69 59.68 16.44
N ALA H 337 3.63 59.33 15.16
CA ALA H 337 4.82 59.50 14.32
C ALA H 337 5.15 60.98 14.14
N LYS H 338 4.14 61.82 13.92
CA LYS H 338 4.39 63.23 13.73
C LYS H 338 4.67 63.97 15.04
N MET H 339 4.20 63.47 16.18
CA MET H 339 4.40 64.16 17.45
C MET H 339 5.72 63.80 18.12
N SER H 340 6.13 62.54 18.03
CA SER H 340 7.40 62.11 18.61
C SER H 340 8.56 62.55 17.74
N LYS H 341 9.72 62.73 18.38
CA LYS H 341 10.93 63.15 17.70
C LYS H 341 12.12 63.11 18.66
N PRO I 25 -66.41 36.61 -8.89
CA PRO I 25 -66.56 37.53 -10.03
C PRO I 25 -66.97 38.92 -9.56
N ALA I 26 -68.26 39.10 -9.23
CA ALA I 26 -68.73 40.39 -8.75
C ALA I 26 -68.02 40.80 -7.47
N LEU I 27 -67.73 39.81 -6.63
CA LEU I 27 -67.06 40.05 -5.32
C LEU I 27 -65.70 40.70 -5.59
N LEU I 28 -65.03 40.32 -6.67
CA LEU I 28 -63.70 40.84 -6.92
C LEU I 28 -63.74 42.19 -7.63
N GLU I 29 -64.45 42.27 -8.75
CA GLU I 29 -64.48 43.57 -9.46
C GLU I 29 -64.98 44.68 -8.53
N LYS I 30 -66.13 44.48 -7.89
CA LYS I 30 -66.69 45.55 -7.03
C LYS I 30 -65.78 45.72 -5.82
N ALA I 31 -65.52 44.61 -5.14
CA ALA I 31 -64.75 44.59 -3.88
C ALA I 31 -63.43 45.31 -4.08
N GLN I 32 -62.69 44.98 -5.14
CA GLN I 32 -61.40 45.64 -5.37
C GLN I 32 -61.61 47.14 -5.46
N ASN I 33 -62.57 47.60 -6.24
CA ASN I 33 -62.74 49.06 -6.39
C ASN I 33 -63.04 49.75 -5.06
N ARG I 34 -63.83 49.12 -4.19
CA ARG I 34 -64.13 49.78 -2.91
C ARG I 34 -62.82 50.00 -2.15
N VAL I 35 -62.08 48.92 -1.90
CA VAL I 35 -60.78 49.01 -1.18
C VAL I 35 -59.88 50.04 -1.87
N ILE I 36 -59.74 49.95 -3.17
CA ILE I 36 -58.88 50.93 -3.88
C ILE I 36 -59.39 52.36 -3.65
N ASP I 37 -60.70 52.55 -3.75
CA ASP I 37 -61.29 53.91 -3.57
C ASP I 37 -60.94 54.39 -2.17
N ALA I 38 -61.24 53.60 -1.17
CA ALA I 38 -60.98 54.01 0.21
C ALA I 38 -59.50 54.32 0.41
N ALA I 39 -58.61 53.60 -0.27
CA ALA I 39 -57.18 53.88 -0.11
C ALA I 39 -56.80 55.20 -0.77
N LEU I 40 -57.38 55.50 -1.93
CA LEU I 40 -57.11 56.79 -2.56
C LEU I 40 -57.71 57.93 -1.72
N THR I 41 -58.87 57.70 -1.12
CA THR I 41 -59.51 58.70 -0.27
C THR I 41 -58.60 59.08 0.90
N PHE I 42 -57.90 58.09 1.45
CA PHE I 42 -56.99 58.34 2.56
C PHE I 42 -55.80 59.17 2.11
N ILE I 43 -55.20 58.84 0.97
CA ILE I 43 -54.10 59.64 0.45
C ILE I 43 -54.57 61.06 0.15
N ARG I 44 -55.80 61.20 -0.33
CA ARG I 44 -56.30 62.53 -0.68
C ARG I 44 -56.59 63.36 0.57
N GLU I 45 -57.12 62.74 1.62
CA GLU I 45 -57.33 63.47 2.86
C GLU I 45 -56.00 63.85 3.50
N ARG I 46 -55.00 62.96 3.42
CA ARG I 46 -53.68 63.31 3.93
C ARG I 46 -53.06 64.42 3.11
N ALA I 47 -53.17 64.35 1.79
CA ALA I 47 -52.63 65.41 0.93
C ALA I 47 -53.35 66.73 1.18
N LYS I 48 -54.68 66.68 1.33
CA LYS I 48 -55.45 67.86 1.69
C LYS I 48 -54.96 68.47 3.01
N PHE I 49 -54.70 67.62 4.01
CA PHE I 49 -54.25 68.10 5.32
C PHE I 49 -52.96 68.89 5.19
N LYS I 50 -51.96 68.32 4.52
CA LYS I 50 -50.67 69.01 4.42
C LYS I 50 -50.73 70.18 3.44
N GLY I 51 -51.55 70.09 2.40
CA GLY I 51 -51.68 71.20 1.46
C GLY I 51 -52.25 72.44 2.13
N GLU I 52 -53.33 72.28 2.89
CA GLU I 52 -53.93 73.41 3.58
C GLU I 52 -52.97 73.98 4.63
N LEU I 53 -52.23 73.10 5.30
CA LEU I 53 -51.22 73.51 6.26
C LEU I 53 -50.19 74.43 5.61
N MET I 54 -49.68 74.04 4.44
CA MET I 54 -48.67 74.86 3.77
C MET I 54 -49.23 76.19 3.31
N ARG I 55 -50.44 76.19 2.74
CA ARG I 55 -51.00 77.43 2.22
C ARG I 55 -51.34 78.42 3.33
N SER I 56 -51.60 77.93 4.54
CA SER I 56 -51.82 78.83 5.67
C SER I 56 -50.52 79.40 6.21
N LEU I 57 -49.42 78.67 6.06
CA LEU I 57 -48.13 79.18 6.49
C LEU I 57 -47.61 80.27 5.54
N GLY I 58 -47.84 80.09 4.24
CA GLY I 58 -47.43 81.08 3.26
C GLY I 58 -45.93 81.09 3.01
N GLY I 59 -45.51 81.92 2.05
CA GLY I 59 -44.10 82.06 1.73
C GLY I 59 -43.46 80.76 1.31
N VAL I 60 -44.15 79.98 0.47
CA VAL I 60 -43.61 78.72 0.00
C VAL I 60 -44.06 78.49 -1.44
N ALA I 61 -43.09 78.27 -2.33
CA ALA I 61 -43.38 77.98 -3.73
C ALA I 61 -43.42 76.48 -4.01
N ALA I 62 -42.72 75.66 -3.23
CA ALA I 62 -42.71 74.22 -3.45
C ALA I 62 -42.31 73.52 -2.15
N THR I 63 -42.97 72.42 -1.85
CA THR I 63 -42.68 71.60 -0.67
C THR I 63 -42.52 70.14 -1.07
N SER I 64 -41.38 69.57 -0.75
CA SER I 64 -41.12 68.15 -0.98
C SER I 64 -42.03 67.30 -0.08
N SER I 65 -42.85 66.46 -0.69
CA SER I 65 -43.90 65.72 0.03
C SER I 65 -43.69 64.23 -0.17
N LEU I 66 -43.48 63.52 0.94
CA LEU I 66 -43.05 62.14 0.90
C LEU I 66 -44.24 61.23 0.62
N LEU I 67 -44.14 60.41 -0.43
CA LEU I 67 -45.14 59.42 -0.75
C LEU I 67 -44.43 58.08 -0.83
N GLY I 68 -44.80 57.15 0.05
CA GLY I 68 -44.20 55.83 0.05
C GLY I 68 -44.93 54.91 -0.91
N VAL I 69 -44.15 54.14 -1.65
CA VAL I 69 -44.70 53.05 -2.48
C VAL I 69 -44.00 51.79 -2.02
N PRO I 70 -44.53 51.10 -1.02
CA PRO I 70 -43.84 49.94 -0.42
C PRO I 70 -43.99 48.67 -1.26
N LEU I 71 -43.39 48.69 -2.45
CA LEU I 71 -43.55 47.64 -3.44
C LEU I 71 -42.21 46.98 -3.72
N GLY I 72 -42.11 45.67 -3.50
CA GLY I 72 -40.92 44.94 -3.88
C GLY I 72 -41.14 43.73 -4.78
N HIS I 73 -42.40 43.45 -5.14
CA HIS I 73 -42.68 42.22 -5.85
C HIS I 73 -42.31 42.26 -7.33
N HIS I 74 -41.79 43.38 -7.83
CA HIS I 74 -41.28 43.41 -9.19
C HIS I 74 -39.77 43.26 -9.22
N SER I 75 -39.17 42.85 -8.11
CA SER I 75 -37.72 42.69 -8.05
C SER I 75 -37.32 41.31 -8.54
N SER I 76 -36.12 41.25 -9.12
CA SER I 76 -35.62 40.01 -9.70
C SER I 76 -34.86 39.14 -8.70
N PHE I 77 -34.41 39.70 -7.60
CA PHE I 77 -33.55 38.93 -6.71
C PHE I 77 -34.03 38.92 -5.26
N HIS I 78 -34.49 40.06 -4.74
CA HIS I 78 -34.88 40.17 -3.34
C HIS I 78 -35.88 41.31 -3.21
N GLU I 79 -36.95 41.08 -2.46
CA GLU I 79 -38.06 42.03 -2.40
C GLU I 79 -37.99 42.96 -1.19
N GLY I 80 -36.89 42.95 -0.45
CA GLY I 80 -36.82 43.63 0.83
C GLY I 80 -37.11 45.12 0.79
N SER I 81 -36.92 45.77 -0.36
CA SER I 81 -37.20 47.20 -0.42
C SER I 81 -38.67 47.53 -0.20
N ALA I 82 -39.57 46.54 -0.26
CA ALA I 82 -40.95 46.79 0.12
C ALA I 82 -41.07 47.41 1.51
N PHE I 83 -40.11 47.15 2.40
CA PHE I 83 -40.20 47.62 3.78
C PHE I 83 -39.46 48.94 4.00
N ALA I 84 -38.97 49.56 2.92
CA ALA I 84 -38.07 50.71 3.08
C ALA I 84 -38.75 51.98 3.60
N PRO I 85 -39.91 52.41 3.07
CA PRO I 85 -40.39 53.79 3.34
C PRO I 85 -40.46 54.12 4.84
N PRO I 86 -41.09 53.28 5.69
CA PRO I 86 -41.13 53.65 7.11
C PRO I 86 -39.75 53.76 7.73
N ARG I 87 -38.80 52.93 7.29
CA ARG I 87 -37.45 52.97 7.83
C ARG I 87 -36.74 54.26 7.43
N ILE I 88 -36.96 54.72 6.20
CA ILE I 88 -36.32 55.94 5.73
C ILE I 88 -36.81 57.14 6.54
N ARG I 89 -38.13 57.24 6.72
CA ARG I 89 -38.70 58.38 7.43
C ARG I 89 -38.20 58.45 8.87
N GLU I 90 -38.03 57.29 9.52
CA GLU I 90 -37.48 57.30 10.87
C GLU I 90 -36.06 57.81 10.86
N ALA I 91 -35.24 57.33 9.91
CA ALA I 91 -33.85 57.77 9.86
C ALA I 91 -33.73 59.27 9.59
N ILE I 92 -34.68 59.86 8.87
CA ILE I 92 -34.65 61.30 8.65
C ILE I 92 -34.58 62.04 9.98
N TRP I 93 -35.18 61.49 11.03
CA TRP I 93 -35.24 62.12 12.34
C TRP I 93 -34.46 61.36 13.41
N CYS I 94 -33.49 60.55 12.99
CA CYS I 94 -32.62 59.85 13.94
C CYS I 94 -32.07 60.83 14.98
N ASP I 95 -32.03 60.37 16.24
CA ASP I 95 -31.52 61.20 17.32
C ASP I 95 -30.01 61.44 17.22
N SER I 96 -29.29 60.67 16.41
CA SER I 96 -27.87 60.94 16.24
C SER I 96 -27.62 62.11 15.30
N THR I 97 -28.63 62.59 14.58
CA THR I 97 -28.45 63.65 13.60
C THR I 97 -29.19 64.90 14.05
N ASN I 98 -28.85 66.02 13.42
CA ASN I 98 -29.63 67.24 13.56
C ASN I 98 -30.43 67.48 12.27
N SER I 99 -31.34 68.44 12.34
CA SER I 99 -32.37 68.60 11.34
C SER I 99 -32.04 69.65 10.29
N THR I 100 -30.76 69.94 10.07
CA THR I 100 -30.35 70.91 9.05
C THR I 100 -29.63 70.21 7.92
N THR I 101 -29.98 70.55 6.67
CA THR I 101 -29.31 69.92 5.54
C THR I 101 -27.97 70.60 5.27
N GLU I 102 -27.17 69.99 4.39
CA GLU I 102 -25.78 70.42 4.24
C GLU I 102 -25.66 71.88 3.84
N GLU I 103 -26.59 72.38 3.04
CA GLU I 103 -26.55 73.76 2.56
C GLU I 103 -27.45 74.70 3.36
N GLY I 104 -27.97 74.25 4.51
CA GLY I 104 -28.53 75.15 5.49
C GLY I 104 -30.04 75.16 5.64
N LYS I 105 -30.78 74.24 5.02
CA LYS I 105 -32.23 74.24 5.13
C LYS I 105 -32.67 73.45 6.36
N ASN I 106 -33.74 73.90 7.01
CA ASN I 106 -34.19 73.30 8.26
C ASN I 106 -35.36 72.36 7.98
N LEU I 107 -35.15 71.08 8.25
CA LEU I 107 -36.18 70.08 8.00
C LEU I 107 -37.34 70.16 9.00
N ARG I 108 -37.16 70.87 10.11
CA ARG I 108 -38.29 71.12 11.01
C ARG I 108 -39.27 72.14 10.43
N ASP I 109 -38.82 72.96 9.49
CA ASP I 109 -39.74 73.81 8.73
C ASP I 109 -40.64 72.90 7.89
N PRO I 110 -41.95 72.87 8.14
CA PRO I 110 -42.82 71.97 7.37
C PRO I 110 -42.84 72.29 5.89
N ARG I 111 -42.55 73.54 5.52
CA ARG I 111 -42.52 73.90 4.12
C ARG I 111 -41.32 73.28 3.39
N VAL I 112 -40.32 72.80 4.12
CA VAL I 112 -39.17 72.15 3.50
C VAL I 112 -39.46 70.68 3.20
N ILE I 113 -40.11 69.98 4.12
CA ILE I 113 -40.40 68.56 3.93
C ILE I 113 -41.62 68.21 4.77
N THR I 114 -42.46 67.34 4.23
CA THR I 114 -43.63 66.84 4.94
C THR I 114 -43.93 65.42 4.45
N ASN I 115 -44.55 64.63 5.31
CA ASN I 115 -44.93 63.26 4.96
C ASN I 115 -46.40 63.22 4.60
N VAL I 116 -46.71 62.60 3.46
CA VAL I 116 -48.10 62.39 3.09
C VAL I 116 -48.60 61.03 3.57
N GLY I 117 -47.91 59.97 3.21
CA GLY I 117 -48.26 58.65 3.66
C GLY I 117 -47.79 57.61 2.66
N ASP I 118 -48.24 56.39 2.90
CA ASP I 118 -47.87 55.25 2.08
C ASP I 118 -49.08 54.73 1.33
N VAL I 119 -48.91 54.48 0.03
CA VAL I 119 -49.86 53.72 -0.75
C VAL I 119 -49.88 52.31 -0.18
N PRO I 120 -51.02 51.78 0.22
CA PRO I 120 -51.04 50.43 0.82
C PRO I 120 -51.02 49.32 -0.24
N ILE I 121 -49.83 49.10 -0.80
CA ILE I 121 -49.63 48.13 -1.88
C ILE I 121 -50.05 46.73 -1.44
N GLU I 122 -49.61 46.31 -0.25
CA GLU I 122 -49.86 44.94 0.20
C GLU I 122 -51.35 44.65 0.26
N GLU I 123 -52.13 45.54 0.86
CA GLU I 123 -53.56 45.28 1.03
C GLU I 123 -54.31 45.35 -0.30
N ILE I 124 -53.91 46.22 -1.21
CA ILE I 124 -54.55 46.28 -2.52
C ILE I 124 -54.19 45.05 -3.35
N ARG I 125 -52.92 44.62 -3.28
CA ARG I 125 -52.50 43.40 -3.92
C ARG I 125 -53.26 42.20 -3.37
N ASP I 126 -53.50 42.18 -2.06
CA ASP I 126 -54.21 41.08 -1.41
C ASP I 126 -55.67 41.00 -1.81
N CYS I 127 -56.19 41.99 -2.54
CA CYS I 127 -57.53 41.92 -3.09
C CYS I 127 -57.57 41.27 -4.47
N GLY I 128 -56.44 40.77 -4.95
CA GLY I 128 -56.38 40.19 -6.27
C GLY I 128 -56.23 41.19 -7.40
N VAL I 129 -55.73 42.37 -7.12
CA VAL I 129 -55.55 43.40 -8.14
C VAL I 129 -54.31 43.07 -8.95
N ASP I 130 -54.42 43.19 -10.28
CA ASP I 130 -53.29 42.86 -11.14
C ASP I 130 -52.32 44.05 -11.23
N ASP I 131 -51.19 43.81 -11.90
CA ASP I 131 -50.09 44.78 -11.88
C ASP I 131 -50.42 46.06 -12.65
N LYS I 132 -51.29 45.96 -13.68
CA LYS I 132 -51.70 47.16 -14.42
C LYS I 132 -52.50 48.10 -13.55
N ARG I 133 -53.51 47.54 -12.88
CA ARG I 133 -54.36 48.33 -11.98
C ARG I 133 -53.48 48.88 -10.87
N LEU I 134 -52.62 48.04 -10.31
CA LEU I 134 -51.73 48.44 -9.22
C LEU I 134 -50.90 49.66 -9.61
N ALA I 135 -50.35 49.64 -10.83
CA ALA I 135 -49.59 50.80 -11.32
C ALA I 135 -50.48 52.02 -11.48
N ASN I 136 -51.75 51.83 -11.88
CA ASN I 136 -52.68 52.95 -11.99
C ASN I 136 -52.91 53.63 -10.64
N VAL I 137 -53.02 52.82 -9.57
CA VAL I 137 -53.23 53.36 -8.23
C VAL I 137 -52.02 54.20 -7.81
N ILE I 138 -50.82 53.68 -8.05
CA ILE I 138 -49.61 54.46 -7.80
C ILE I 138 -49.67 55.77 -8.56
N SER I 139 -50.09 55.73 -9.82
CA SER I 139 -50.19 56.95 -10.62
C SER I 139 -51.23 57.90 -10.04
N GLU I 140 -52.40 57.38 -9.65
CA GLU I 140 -53.44 58.25 -9.13
C GLU I 140 -53.02 58.85 -7.79
N SER I 141 -52.27 58.11 -6.97
CA SER I 141 -51.82 58.64 -5.68
C SER I 141 -50.81 59.77 -5.87
N VAL I 142 -49.94 59.65 -6.86
CA VAL I 142 -49.03 60.74 -7.18
C VAL I 142 -49.81 61.96 -7.65
N LYS I 143 -50.89 61.74 -8.40
CA LYS I 143 -51.69 62.86 -8.88
C LYS I 143 -52.41 63.55 -7.72
N LEU I 144 -52.89 62.76 -6.75
CA LEU I 144 -53.55 63.35 -5.59
C LEU I 144 -52.61 64.30 -4.84
N VAL I 145 -51.31 63.99 -4.82
CA VAL I 145 -50.34 64.87 -4.18
C VAL I 145 -50.19 66.16 -4.97
N MET I 146 -50.04 66.04 -6.30
CA MET I 146 -49.79 67.23 -7.12
C MET I 146 -51.01 68.14 -7.21
N ASP I 147 -52.21 67.63 -6.92
CA ASP I 147 -53.43 68.44 -6.95
C ASP I 147 -53.51 69.43 -5.80
N GLU I 148 -52.53 69.43 -4.90
CA GLU I 148 -52.55 70.24 -3.68
C GLU I 148 -51.31 71.13 -3.68
N ASP I 149 -51.43 72.29 -4.33
CA ASP I 149 -50.38 73.30 -4.26
C ASP I 149 -50.05 73.62 -2.82
N PRO I 150 -48.77 73.69 -2.44
CA PRO I 150 -47.62 73.58 -3.33
C PRO I 150 -46.88 72.27 -3.15
N LEU I 151 -47.58 71.16 -2.91
CA LEU I 151 -46.90 69.91 -2.66
C LEU I 151 -46.32 69.34 -3.95
N ARG I 152 -45.08 68.88 -3.87
CA ARG I 152 -44.43 68.21 -4.97
C ARG I 152 -43.97 66.82 -4.54
N PRO I 153 -44.15 65.82 -5.41
CA PRO I 153 -44.00 64.42 -4.96
C PRO I 153 -42.54 64.01 -4.84
N LEU I 154 -42.19 63.44 -3.69
CA LEU I 154 -40.90 62.79 -3.47
C LEU I 154 -41.21 61.38 -2.99
N VAL I 155 -41.09 60.40 -3.90
CA VAL I 155 -41.60 59.06 -3.68
C VAL I 155 -40.54 58.21 -3.01
N LEU I 156 -40.93 57.46 -1.98
CA LEU I 156 -40.04 56.52 -1.31
C LEU I 156 -40.36 55.10 -1.78
N GLY I 157 -39.37 54.44 -2.39
CA GLY I 157 -39.52 53.05 -2.74
C GLY I 157 -39.09 52.14 -1.60
N GLY I 158 -39.31 50.83 -1.79
CA GLY I 158 -39.87 50.28 -3.03
C GLY I 158 -38.77 50.01 -4.04
N ASP I 159 -38.99 49.02 -4.92
CA ASP I 159 -38.01 48.78 -5.96
C ASP I 159 -38.22 49.76 -7.12
N HIS I 160 -37.32 49.71 -8.09
CA HIS I 160 -37.27 50.76 -9.10
C HIS I 160 -38.42 50.72 -10.10
N SER I 161 -39.23 49.65 -10.08
CA SER I 161 -40.39 49.57 -10.95
C SER I 161 -41.32 50.75 -10.76
N ILE I 162 -41.35 51.32 -9.55
CA ILE I 162 -42.34 52.35 -9.23
C ILE I 162 -42.11 53.63 -10.03
N SER I 163 -40.88 53.89 -10.48
CA SER I 163 -40.62 55.11 -11.25
C SER I 163 -41.47 55.23 -12.50
N PHE I 164 -41.87 54.09 -13.11
CA PHE I 164 -42.68 54.19 -14.33
C PHE I 164 -44.05 54.80 -14.04
N PRO I 165 -44.88 54.23 -13.17
CA PRO I 165 -46.16 54.91 -12.88
C PRO I 165 -45.98 56.29 -12.27
N VAL I 166 -44.86 56.55 -11.57
CA VAL I 166 -44.65 57.87 -10.96
C VAL I 166 -44.38 58.91 -12.04
N VAL I 167 -43.40 58.66 -12.90
CA VAL I 167 -43.09 59.62 -13.96
C VAL I 167 -44.25 59.74 -14.94
N ARG I 168 -44.95 58.63 -15.22
CA ARG I 168 -46.13 58.71 -16.07
C ARG I 168 -47.15 59.69 -15.51
N ALA I 169 -47.36 59.66 -14.19
CA ALA I 169 -48.34 60.55 -13.58
C ALA I 169 -47.87 62.00 -13.61
N VAL I 170 -46.60 62.23 -13.31
CA VAL I 170 -46.06 63.60 -13.30
C VAL I 170 -46.17 64.22 -14.69
N SER I 171 -45.75 63.48 -15.71
CA SER I 171 -45.83 63.99 -17.07
C SER I 171 -47.28 64.27 -17.47
N GLU I 172 -48.20 63.38 -17.09
CA GLU I 172 -49.60 63.53 -17.46
C GLU I 172 -50.24 64.71 -16.73
N LYS I 173 -49.85 64.95 -15.47
CA LYS I 173 -50.40 66.08 -14.74
C LYS I 173 -49.83 67.40 -15.25
N LEU I 174 -48.53 67.43 -15.57
CA LEU I 174 -47.88 68.61 -16.11
C LEU I 174 -48.09 68.79 -17.62
N GLY I 175 -48.62 67.78 -18.31
CA GLY I 175 -48.91 67.89 -19.72
C GLY I 175 -47.70 68.04 -20.62
N GLY I 176 -46.72 67.17 -20.46
CA GLY I 176 -45.52 67.25 -21.27
C GLY I 176 -44.41 66.41 -20.67
N ALA I 177 -43.31 66.37 -21.42
CA ALA I 177 -42.15 65.57 -21.02
C ALA I 177 -41.30 66.34 -20.01
N VAL I 178 -40.46 65.59 -19.31
CA VAL I 178 -39.47 66.15 -18.38
C VAL I 178 -38.10 65.63 -18.77
N ASP I 179 -37.07 66.29 -18.25
CA ASP I 179 -35.73 65.73 -18.23
C ASP I 179 -35.59 64.93 -16.93
N ILE I 180 -34.77 63.89 -16.98
CA ILE I 180 -34.60 62.99 -15.85
C ILE I 180 -33.12 62.82 -15.54
N LEU I 181 -32.75 63.06 -14.29
CA LEU I 181 -31.46 62.65 -13.76
C LEU I 181 -31.64 61.34 -13.01
N HIS I 182 -30.83 60.34 -13.37
CA HIS I 182 -31.02 58.97 -12.94
C HIS I 182 -29.70 58.43 -12.40
N PHE I 183 -29.62 58.27 -11.08
CA PHE I 183 -28.46 57.66 -10.42
C PHE I 183 -28.70 56.15 -10.30
N ASP I 184 -27.79 55.36 -10.87
CA ASP I 184 -28.02 53.92 -10.83
C ASP I 184 -26.75 53.16 -11.20
N ALA I 185 -26.64 51.94 -10.64
CA ALA I 185 -25.66 50.98 -11.16
C ALA I 185 -26.12 50.38 -12.47
N HIS I 186 -27.43 50.24 -12.66
CA HIS I 186 -28.04 49.59 -13.80
C HIS I 186 -28.84 50.59 -14.64
N PRO I 187 -28.84 50.46 -15.97
CA PRO I 187 -29.63 51.39 -16.77
C PRO I 187 -31.13 51.20 -16.62
N ASP I 188 -31.58 50.02 -16.17
CA ASP I 188 -33.01 49.70 -16.03
C ASP I 188 -33.75 49.95 -17.33
N LEU I 189 -33.16 49.50 -18.43
CA LEU I 189 -33.68 49.76 -19.77
C LEU I 189 -34.06 48.50 -20.54
N TYR I 190 -34.12 47.35 -19.87
CA TYR I 190 -34.49 46.12 -20.57
C TYR I 190 -35.88 46.26 -21.21
N HIS I 191 -36.00 45.80 -22.45
CA HIS I 191 -37.30 45.82 -23.10
C HIS I 191 -38.22 44.75 -22.54
N ASP I 192 -37.69 43.57 -22.26
CA ASP I 192 -38.46 42.46 -21.70
C ASP I 192 -37.56 41.73 -20.70
N PHE I 193 -37.68 42.08 -19.42
CA PHE I 193 -36.92 41.39 -18.39
C PHE I 193 -37.76 40.25 -17.81
N GLU I 194 -37.45 39.03 -18.23
CA GLU I 194 -38.02 37.81 -17.64
C GLU I 194 -39.55 37.80 -17.71
N GLY I 195 -40.09 38.34 -18.80
CA GLY I 195 -41.52 38.33 -19.02
C GLY I 195 -42.34 39.27 -18.16
N ASN I 196 -41.71 40.20 -17.44
CA ASN I 196 -42.44 41.14 -16.57
C ASN I 196 -42.33 42.53 -17.17
N TYR I 197 -43.43 42.98 -17.78
CA TYR I 197 -43.52 44.35 -18.28
C TYR I 197 -43.15 45.36 -17.20
N TYR I 198 -43.48 45.07 -15.95
CA TYR I 198 -43.30 45.99 -14.83
C TYR I 198 -42.06 45.69 -14.00
N SER I 199 -41.16 44.81 -14.48
CA SER I 199 -39.93 44.50 -13.74
C SER I 199 -39.18 45.76 -13.34
N HIS I 200 -38.49 45.70 -12.21
CA HIS I 200 -37.69 46.85 -11.79
C HIS I 200 -36.48 47.08 -12.69
N ALA I 201 -36.25 46.20 -13.68
CA ALA I 201 -35.16 46.35 -14.63
C ALA I 201 -35.60 46.98 -15.94
N SER I 202 -36.88 47.34 -16.08
CA SER I 202 -37.42 47.96 -17.29
C SER I 202 -38.15 49.30 -17.10
N PRO I 203 -38.18 49.94 -15.92
CA PRO I 203 -39.04 51.13 -15.79
C PRO I 203 -38.70 52.24 -16.78
N PHE I 204 -37.42 52.44 -17.09
CA PHE I 204 -37.06 53.48 -18.02
C PHE I 204 -37.21 53.06 -19.48
N ALA I 205 -37.35 51.76 -19.74
CA ALA I 205 -37.83 51.36 -21.06
C ALA I 205 -39.27 51.83 -21.27
N ARG I 206 -40.11 51.67 -20.24
CA ARG I 206 -41.50 52.09 -20.35
C ARG I 206 -41.62 53.61 -20.46
N ILE I 207 -40.77 54.34 -19.73
CA ILE I 207 -40.82 55.80 -19.75
C ILE I 207 -40.46 56.32 -21.14
N MET I 208 -39.37 55.83 -21.72
CA MET I 208 -39.00 56.27 -23.06
C MET I 208 -39.99 55.77 -24.10
N GLU I 209 -40.56 54.59 -23.89
CA GLU I 209 -41.56 54.09 -24.83
C GLU I 209 -42.78 55.00 -24.87
N GLY I 210 -43.12 55.63 -23.76
CA GLY I 210 -44.24 56.54 -23.68
C GLY I 210 -43.92 58.00 -23.94
N GLY I 211 -42.66 58.31 -24.22
CA GLY I 211 -42.26 59.69 -24.44
C GLY I 211 -42.45 60.59 -23.24
N TYR I 212 -42.52 60.01 -22.04
CA TYR I 212 -42.71 60.80 -20.84
C TYR I 212 -41.45 61.56 -20.42
N ALA I 213 -40.31 61.26 -21.03
CA ALA I 213 -39.06 61.91 -20.71
C ALA I 213 -38.39 62.40 -21.97
N ARG I 214 -37.84 63.62 -21.93
CA ARG I 214 -37.01 64.08 -23.03
C ARG I 214 -35.60 63.53 -22.84
N ARG I 215 -34.79 64.23 -22.05
CA ARG I 215 -33.46 63.73 -21.75
C ARG I 215 -33.51 62.75 -20.58
N LEU I 216 -32.63 61.76 -20.63
CA LEU I 216 -32.39 60.85 -19.52
C LEU I 216 -30.89 60.77 -19.31
N VAL I 217 -30.42 61.38 -18.23
CA VAL I 217 -29.01 61.41 -17.89
C VAL I 217 -28.77 60.40 -16.77
N GLN I 218 -28.00 59.35 -17.05
CA GLN I 218 -27.71 58.29 -16.11
C GLN I 218 -26.28 58.41 -15.59
N VAL I 219 -26.09 58.17 -14.30
CA VAL I 219 -24.82 58.38 -13.62
C VAL I 219 -24.59 57.21 -12.66
N GLY I 220 -23.40 56.60 -12.75
CA GLY I 220 -23.03 55.48 -11.90
C GLY I 220 -23.07 54.13 -12.57
N ILE I 221 -23.39 54.09 -13.86
CA ILE I 221 -23.70 52.83 -14.55
C ILE I 221 -22.45 51.96 -14.60
N ARG I 222 -22.57 50.74 -14.06
CA ARG I 222 -21.46 49.79 -14.10
C ARG I 222 -21.91 48.37 -14.42
N SER I 223 -23.18 48.17 -14.74
CA SER I 223 -23.73 46.84 -15.02
C SER I 223 -24.67 47.02 -16.20
N ILE I 224 -24.21 46.67 -17.41
CA ILE I 224 -24.99 46.94 -18.62
C ILE I 224 -24.63 45.91 -19.69
N THR I 225 -25.66 45.26 -20.24
CA THR I 225 -25.48 44.30 -21.31
C THR I 225 -25.41 44.99 -22.65
N ASN I 226 -25.11 44.22 -23.68
CA ASN I 226 -25.07 44.77 -25.03
C ASN I 226 -26.47 45.01 -25.59
N ASP I 227 -27.44 44.16 -25.24
CA ASP I 227 -28.82 44.42 -25.65
C ASP I 227 -29.29 45.79 -25.18
N VAL I 228 -28.92 46.17 -23.96
CA VAL I 228 -29.37 47.45 -23.42
C VAL I 228 -28.60 48.61 -24.05
N ARG I 229 -27.33 48.39 -24.42
CA ARG I 229 -26.61 49.44 -25.13
C ARG I 229 -27.31 49.85 -26.40
N GLU I 230 -28.05 48.92 -27.03
CA GLU I 230 -28.88 49.24 -28.18
C GLU I 230 -30.14 50.00 -27.77
N GLN I 231 -30.65 49.76 -26.56
CA GLN I 231 -31.73 50.57 -26.04
C GLN I 231 -31.26 51.98 -25.69
N VAL I 232 -29.99 52.12 -25.32
CA VAL I 232 -29.43 53.44 -25.05
C VAL I 232 -29.33 54.25 -26.33
N LYS I 233 -28.80 53.64 -27.40
CA LYS I 233 -28.72 54.33 -28.68
C LYS I 233 -30.11 54.67 -29.20
N LYS I 234 -31.04 53.71 -29.10
CA LYS I 234 -32.35 53.86 -29.72
C LYS I 234 -33.09 55.10 -29.20
N TYR I 235 -33.08 55.30 -27.88
CA TYR I 235 -33.82 56.39 -27.26
C TYR I 235 -32.94 57.62 -26.99
N GLY I 236 -31.69 57.59 -27.45
CA GLY I 236 -30.79 58.70 -27.25
C GLY I 236 -30.62 59.02 -25.78
N VAL I 237 -30.11 58.05 -25.03
CA VAL I 237 -29.92 58.19 -23.58
C VAL I 237 -28.47 58.56 -23.31
N GLU I 238 -28.27 59.39 -22.28
CA GLU I 238 -26.94 59.84 -21.87
C GLU I 238 -26.48 58.97 -20.70
N THR I 239 -25.89 57.83 -21.03
CA THR I 239 -25.47 56.83 -20.04
C THR I 239 -24.00 57.05 -19.72
N HIS I 240 -23.71 57.57 -18.53
CA HIS I 240 -22.35 57.77 -18.07
C HIS I 240 -21.94 56.57 -17.21
N GLU I 241 -20.90 55.87 -17.65
CA GLU I 241 -20.39 54.70 -16.95
C GLU I 241 -19.23 55.09 -16.02
N MET I 242 -19.09 54.32 -14.93
CA MET I 242 -18.08 54.61 -13.91
C MET I 242 -16.66 54.72 -14.49
N ARG I 243 -16.34 53.91 -15.51
CA ARG I 243 -14.97 53.93 -16.00
C ARG I 243 -14.60 55.21 -16.76
N THR I 244 -15.52 56.17 -16.93
CA THR I 244 -15.17 57.49 -17.47
C THR I 244 -15.53 58.60 -16.50
N LEU I 245 -15.60 58.29 -15.19
CA LEU I 245 -16.17 59.24 -14.24
C LEU I 245 -15.29 60.48 -14.07
N SER I 246 -13.97 60.29 -13.94
CA SER I 246 -13.08 61.44 -13.81
C SER I 246 -13.24 62.41 -14.95
N ARG I 247 -13.36 61.90 -16.17
CA ARG I 247 -13.51 62.75 -17.35
C ARG I 247 -14.89 63.39 -17.41
N ASP I 248 -15.94 62.63 -17.05
CA ASP I 248 -17.29 63.16 -17.03
C ASP I 248 -17.53 64.11 -15.87
N ARG I 249 -16.69 64.07 -14.83
CA ARG I 249 -16.95 64.79 -13.59
C ARG I 249 -17.25 66.28 -13.79
N PRO I 250 -16.48 67.06 -14.53
CA PRO I 250 -16.82 68.49 -14.66
C PRO I 250 -18.15 68.72 -15.35
N ILE I 251 -18.55 67.80 -16.21
CA ILE I 251 -19.83 67.92 -16.90
C ILE I 251 -20.97 67.58 -15.95
N LEU I 252 -20.87 66.46 -15.25
CA LEU I 252 -21.99 65.97 -14.44
C LEU I 252 -22.22 66.86 -13.21
N GLU I 253 -21.19 67.51 -12.70
CA GLU I 253 -21.32 68.36 -11.52
C GLU I 253 -21.82 69.76 -11.84
N ASN I 254 -22.27 69.99 -13.07
CA ASN I 254 -22.77 71.29 -13.49
C ASN I 254 -23.88 71.09 -14.51
N LEU I 255 -24.87 70.27 -14.17
CA LEU I 255 -25.95 69.93 -15.08
C LEU I 255 -27.02 71.01 -15.11
N LYS I 256 -27.45 71.38 -16.30
CA LYS I 256 -28.64 72.21 -16.51
C LYS I 256 -29.67 71.34 -17.24
N LEU I 257 -30.78 71.07 -16.56
CA LEU I 257 -31.82 70.21 -17.11
C LEU I 257 -33.17 70.91 -17.12
N GLY I 258 -34.08 70.39 -17.91
CA GLY I 258 -35.45 70.86 -17.93
C GLY I 258 -35.76 72.01 -18.85
N GLU I 259 -34.74 72.70 -19.37
CA GLU I 259 -34.96 73.86 -20.22
C GLU I 259 -35.76 73.52 -21.47
N GLY I 260 -36.99 74.04 -21.56
CA GLY I 260 -37.84 73.81 -22.70
C GLY I 260 -38.86 72.70 -22.54
N VAL I 261 -38.85 72.01 -21.40
CA VAL I 261 -39.83 70.98 -21.08
C VAL I 261 -40.45 71.30 -19.73
N LYS I 262 -41.35 70.43 -19.27
CA LYS I 262 -42.14 70.74 -18.09
C LYS I 262 -41.33 70.76 -16.80
N GLY I 263 -40.09 70.27 -16.80
CA GLY I 263 -39.26 70.33 -15.61
C GLY I 263 -38.30 69.15 -15.56
N VAL I 264 -37.82 68.86 -14.35
CA VAL I 264 -36.79 67.87 -14.10
C VAL I 264 -37.25 66.89 -13.03
N TYR I 265 -36.96 65.61 -13.24
CA TYR I 265 -37.26 64.54 -12.31
C TYR I 265 -35.96 63.86 -11.90
N VAL I 266 -35.80 63.58 -10.61
CA VAL I 266 -34.58 62.99 -10.08
C VAL I 266 -34.91 61.62 -9.50
N SER I 267 -34.32 60.57 -10.08
CA SER I 267 -34.50 59.21 -9.59
C SER I 267 -33.18 58.72 -9.03
N ILE I 268 -33.17 58.36 -7.76
CA ILE I 268 -31.96 57.98 -7.05
C ILE I 268 -32.15 56.54 -6.60
N ASP I 269 -31.51 55.62 -7.31
CA ASP I 269 -31.40 54.24 -6.89
C ASP I 269 -30.24 54.13 -5.91
N VAL I 270 -30.52 53.64 -4.70
CA VAL I 270 -29.47 53.57 -3.69
C VAL I 270 -28.32 52.64 -4.13
N ASP I 271 -28.57 51.64 -4.98
CA ASP I 271 -27.45 50.79 -5.37
C ASP I 271 -26.52 51.45 -6.39
N SER I 272 -26.76 52.71 -6.73
CA SER I 272 -25.76 53.48 -7.47
C SER I 272 -24.50 53.69 -6.63
N LEU I 273 -24.65 53.74 -5.30
CA LEU I 273 -23.53 53.94 -4.38
C LEU I 273 -22.75 52.65 -4.23
N ASP I 274 -21.46 52.78 -3.90
CA ASP I 274 -20.64 51.59 -3.73
C ASP I 274 -21.21 50.73 -2.61
N PRO I 275 -21.16 49.40 -2.73
CA PRO I 275 -21.72 48.57 -1.65
C PRO I 275 -21.05 48.79 -0.30
N SER I 276 -19.81 49.25 -0.26
CA SER I 276 -19.20 49.60 1.01
C SER I 276 -19.99 50.69 1.74
N ILE I 277 -20.63 51.59 0.99
CA ILE I 277 -21.38 52.70 1.56
C ILE I 277 -22.84 52.35 1.78
N ALA I 278 -23.43 51.59 0.86
CA ALA I 278 -24.84 51.24 0.91
C ALA I 278 -24.98 49.73 0.78
N PRO I 279 -24.64 48.98 1.84
CA PRO I 279 -24.81 47.53 1.76
C PRO I 279 -26.27 47.11 1.73
N GLY I 280 -27.18 47.93 2.24
CA GLY I 280 -28.58 47.55 2.28
C GLY I 280 -29.32 47.73 0.97
N VAL I 281 -28.99 46.89 -0.03
CA VAL I 281 -29.62 46.93 -1.34
C VAL I 281 -29.67 45.51 -1.88
N SER I 282 -30.51 45.29 -2.89
CA SER I 282 -30.60 43.94 -3.43
C SER I 282 -29.41 43.60 -4.33
N HIS I 283 -28.87 44.57 -5.07
CA HIS I 283 -27.91 44.31 -6.14
C HIS I 283 -26.58 44.99 -5.84
N HIS I 284 -25.72 44.30 -5.11
CA HIS I 284 -24.36 44.79 -4.91
C HIS I 284 -23.60 44.75 -6.22
N GLU I 285 -23.01 45.90 -6.57
CA GLU I 285 -22.24 46.02 -7.80
C GLU I 285 -21.01 46.84 -7.43
N PRO I 286 -19.91 46.17 -7.06
CA PRO I 286 -18.75 46.90 -6.52
C PRO I 286 -18.15 47.87 -7.54
N GLY I 287 -17.48 48.90 -7.01
CA GLY I 287 -16.92 49.95 -7.84
C GLY I 287 -17.88 51.09 -8.16
N GLY I 288 -18.70 51.49 -7.18
CA GLY I 288 -19.76 52.46 -7.40
C GLY I 288 -19.43 53.86 -6.90
N LEU I 289 -20.47 54.69 -6.81
CA LEU I 289 -20.30 56.09 -6.47
C LEU I 289 -19.96 56.25 -4.99
N LEU I 290 -19.11 57.22 -4.68
CA LEU I 290 -19.04 57.67 -3.29
C LEU I 290 -20.26 58.54 -2.96
N PHE I 291 -20.58 58.62 -1.67
CA PHE I 291 -21.72 59.44 -1.28
C PHE I 291 -21.53 60.89 -1.70
N ARG I 292 -20.31 61.42 -1.55
CA ARG I 292 -20.05 62.79 -1.94
C ARG I 292 -20.19 63.00 -3.45
N ASP I 293 -20.03 61.93 -4.26
CA ASP I 293 -20.22 62.05 -5.71
C ASP I 293 -21.67 62.39 -6.06
N ILE I 294 -22.63 61.76 -5.38
CA ILE I 294 -24.03 62.07 -5.64
C ILE I 294 -24.36 63.48 -5.15
N LEU I 295 -23.80 63.88 -4.00
CA LEU I 295 -24.12 65.21 -3.48
C LEU I 295 -23.54 66.31 -4.37
N ASN I 296 -22.32 66.12 -4.86
CA ASN I 296 -21.74 67.11 -5.77
C ASN I 296 -22.62 67.36 -6.99
N ILE I 297 -23.27 66.30 -7.49
CA ILE I 297 -24.10 66.45 -8.68
C ILE I 297 -25.46 67.05 -8.33
N LEU I 298 -26.12 66.46 -7.33
CA LEU I 298 -27.47 66.89 -6.96
C LEU I 298 -27.47 68.32 -6.44
N GLN I 299 -26.53 68.66 -5.55
CA GLN I 299 -26.52 69.99 -4.97
C GLN I 299 -26.32 71.06 -6.03
N ASN I 300 -25.61 70.74 -7.11
CA ASN I 300 -25.31 71.71 -8.16
C ASN I 300 -26.28 71.65 -9.33
N LEU I 301 -27.23 70.71 -9.32
CA LEU I 301 -28.19 70.59 -10.41
C LEU I 301 -29.02 71.87 -10.53
N GLN I 302 -29.00 72.47 -11.73
CA GLN I 302 -29.86 73.60 -12.05
C GLN I 302 -31.08 73.11 -12.83
N GLY I 303 -32.24 73.63 -12.49
CA GLY I 303 -33.48 73.29 -13.17
C GLY I 303 -34.65 73.15 -12.21
N ASP I 304 -35.86 73.23 -12.76
CA ASP I 304 -37.10 73.18 -11.98
C ASP I 304 -37.45 71.73 -11.66
N ILE I 305 -37.11 71.28 -10.46
CA ILE I 305 -37.37 69.90 -10.06
C ILE I 305 -38.85 69.78 -9.70
N VAL I 306 -39.56 68.90 -10.42
CA VAL I 306 -41.00 68.73 -10.22
C VAL I 306 -41.35 67.42 -9.52
N GLY I 307 -40.39 66.54 -9.28
CA GLY I 307 -40.65 65.31 -8.55
C GLY I 307 -39.40 64.45 -8.55
N GLY I 308 -39.43 63.42 -7.70
CA GLY I 308 -38.30 62.51 -7.63
C GLY I 308 -38.58 61.32 -6.75
N ASP I 309 -37.61 60.39 -6.73
CA ASP I 309 -37.75 59.19 -5.92
C ASP I 309 -36.39 58.74 -5.37
N VAL I 310 -36.46 58.01 -4.26
CA VAL I 310 -35.33 57.30 -3.68
C VAL I 310 -35.78 55.85 -3.51
N VAL I 311 -35.08 54.93 -4.19
CA VAL I 311 -35.58 53.57 -4.37
C VAL I 311 -34.47 52.56 -4.07
N GLU I 312 -34.91 51.32 -3.88
CA GLU I 312 -34.10 50.11 -3.74
C GLU I 312 -33.34 50.02 -2.42
N TYR I 313 -33.61 50.89 -1.44
CA TYR I 313 -33.10 50.63 -0.10
C TYR I 313 -33.78 49.38 0.44
N ASN I 314 -32.97 48.43 0.91
CA ASN I 314 -33.46 47.14 1.36
C ASN I 314 -33.08 46.92 2.82
N PRO I 315 -33.99 47.18 3.77
CA PRO I 315 -33.66 47.00 5.20
C PRO I 315 -33.22 45.58 5.56
N GLN I 316 -33.68 44.57 4.84
CA GLN I 316 -33.36 43.19 5.21
C GLN I 316 -31.93 42.82 4.86
N ARG I 317 -31.24 43.64 4.09
CA ARG I 317 -29.85 43.40 3.74
C ARG I 317 -28.93 44.46 4.32
N ASP I 318 -29.46 45.33 5.17
CA ASP I 318 -28.71 46.40 5.82
C ASP I 318 -27.89 45.86 6.99
N THR I 319 -26.88 46.64 7.41
CA THR I 319 -26.11 46.29 8.59
C THR I 319 -26.95 46.48 9.85
N TYR I 320 -26.49 45.90 10.96
CA TYR I 320 -27.31 45.87 12.17
C TYR I 320 -27.64 47.28 12.66
N ASP I 321 -26.72 48.23 12.50
CA ASP I 321 -26.97 49.61 12.94
C ASP I 321 -27.67 50.46 11.89
N GLY I 322 -28.17 49.86 10.82
CA GLY I 322 -29.00 50.59 9.87
C GLY I 322 -28.31 51.70 9.11
N ILE I 323 -27.04 51.49 8.70
CA ILE I 323 -26.28 52.56 8.06
C ILE I 323 -26.92 52.98 6.74
N THR I 324 -27.53 52.04 6.01
CA THR I 324 -28.10 52.40 4.70
C THR I 324 -29.41 53.17 4.83
N ALA I 325 -30.17 52.93 5.89
CA ALA I 325 -31.34 53.76 6.17
C ALA I 325 -30.94 55.22 6.33
N LEU I 326 -29.80 55.45 6.99
CA LEU I 326 -29.23 56.81 7.14
C LEU I 326 -28.78 57.33 5.77
N VAL I 327 -28.14 56.48 4.97
CA VAL I 327 -27.72 56.86 3.62
C VAL I 327 -28.94 57.30 2.82
N ALA I 328 -30.01 56.51 2.85
CA ALA I 328 -31.20 56.81 2.06
C ALA I 328 -31.86 58.09 2.55
N ALA I 329 -31.97 58.26 3.87
CA ALA I 329 -32.56 59.45 4.45
C ALA I 329 -31.80 60.70 4.02
N LYS I 330 -30.47 60.68 4.16
CA LYS I 330 -29.67 61.82 3.74
C LYS I 330 -29.90 62.13 2.26
N LEU I 331 -30.04 61.10 1.41
CA LEU I 331 -30.40 61.34 0.02
C LEU I 331 -31.75 62.02 -0.09
N VAL I 332 -32.74 61.55 0.67
CA VAL I 332 -34.05 62.20 0.67
C VAL I 332 -33.94 63.63 1.17
N ARG I 333 -33.16 63.83 2.24
CA ARG I 333 -33.00 65.16 2.80
C ARG I 333 -32.38 66.12 1.79
N GLU I 334 -31.37 65.64 1.04
CA GLU I 334 -30.71 66.56 0.13
C GLU I 334 -31.54 66.81 -1.13
N LEU I 335 -32.31 65.82 -1.57
CA LEU I 335 -33.26 66.04 -2.66
C LEU I 335 -34.38 67.00 -2.23
N ALA I 336 -34.92 66.83 -1.03
CA ALA I 336 -35.95 67.75 -0.55
C ALA I 336 -35.46 69.19 -0.58
N ALA I 337 -34.24 69.43 -0.07
CA ALA I 337 -33.69 70.78 -0.03
C ALA I 337 -33.59 71.38 -1.43
N LYS I 338 -33.30 70.55 -2.43
CA LYS I 338 -33.24 71.04 -3.82
C LYS I 338 -34.62 71.22 -4.42
N MET I 339 -35.59 70.37 -4.07
CA MET I 339 -36.91 70.47 -4.66
C MET I 339 -37.77 71.54 -3.98
N SER I 340 -37.71 71.62 -2.66
CA SER I 340 -38.45 72.66 -1.96
C SER I 340 -37.85 74.02 -2.24
N LYS I 341 -38.72 75.04 -2.30
CA LYS I 341 -38.27 76.39 -2.58
C LYS I 341 -39.35 77.38 -2.18
N SER J 24 -22.34 17.58 -30.13
CA SER J 24 -21.73 16.30 -30.46
C SER J 24 -22.12 15.24 -29.43
N PRO J 25 -23.22 14.51 -29.69
CA PRO J 25 -23.85 13.70 -28.63
C PRO J 25 -23.01 12.55 -28.12
N ALA J 26 -22.64 11.62 -29.00
CA ALA J 26 -21.80 10.50 -28.58
C ALA J 26 -20.42 10.98 -28.15
N LEU J 27 -19.95 12.04 -28.79
CA LEU J 27 -18.63 12.64 -28.43
C LEU J 27 -18.71 13.24 -27.02
N LEU J 28 -19.85 13.86 -26.67
CA LEU J 28 -20.01 14.53 -25.35
C LEU J 28 -20.00 13.55 -24.16
N GLU J 29 -20.76 12.45 -24.24
CA GLU J 29 -20.84 11.49 -23.15
C GLU J 29 -19.49 10.81 -22.91
N LYS J 30 -18.70 10.61 -23.96
CA LYS J 30 -17.36 10.06 -23.79
C LYS J 30 -16.47 11.02 -23.02
N ALA J 31 -16.50 12.31 -23.39
CA ALA J 31 -15.71 13.30 -22.69
C ALA J 31 -16.15 13.41 -21.24
N GLN J 32 -17.46 13.40 -21.00
CA GLN J 32 -17.97 13.40 -19.63
C GLN J 32 -17.46 12.18 -18.88
N ASN J 33 -17.44 11.02 -19.54
CA ASN J 33 -17.08 9.80 -18.83
C ASN J 33 -15.61 9.78 -18.43
N ARG J 34 -14.74 10.42 -19.21
CA ARG J 34 -13.32 10.48 -18.82
C ARG J 34 -13.13 11.32 -17.57
N VAL J 35 -13.92 12.39 -17.43
CA VAL J 35 -13.85 13.20 -16.23
C VAL J 35 -14.41 12.44 -15.03
N ILE J 36 -15.58 11.81 -15.20
CA ILE J 36 -16.15 11.04 -14.10
C ILE J 36 -15.21 9.93 -13.66
N ASP J 37 -14.66 9.18 -14.63
CA ASP J 37 -13.78 8.07 -14.27
C ASP J 37 -12.56 8.58 -13.51
N ALA J 38 -12.02 9.72 -13.93
CA ALA J 38 -10.87 10.30 -13.21
C ALA J 38 -11.27 10.70 -11.79
N ALA J 39 -12.48 11.24 -11.63
CA ALA J 39 -12.94 11.61 -10.29
C ALA J 39 -13.13 10.38 -9.41
N LEU J 40 -13.69 9.30 -9.98
CA LEU J 40 -13.81 8.06 -9.22
C LEU J 40 -12.44 7.45 -8.91
N THR J 41 -11.47 7.57 -9.82
CA THR J 41 -10.14 7.02 -9.52
C THR J 41 -9.54 7.72 -8.32
N PHE J 42 -9.72 9.03 -8.23
CA PHE J 42 -9.23 9.76 -7.08
C PHE J 42 -9.83 9.22 -5.77
N ILE J 43 -11.14 8.98 -5.76
CA ILE J 43 -11.77 8.48 -4.54
C ILE J 43 -11.29 7.07 -4.25
N ARG J 44 -11.23 6.21 -5.27
CA ARG J 44 -10.70 4.86 -5.09
C ARG J 44 -9.33 4.89 -4.44
N GLU J 45 -8.41 5.71 -4.96
CA GLU J 45 -7.05 5.74 -4.41
C GLU J 45 -7.02 6.28 -2.99
N ARG J 46 -7.89 7.25 -2.67
CA ARG J 46 -7.91 7.75 -1.29
C ARG J 46 -8.45 6.68 -0.36
N ALA J 47 -9.50 5.97 -0.78
CA ALA J 47 -10.08 4.91 0.04
C ALA J 47 -9.12 3.72 0.15
N LYS J 48 -8.39 3.41 -0.93
CA LYS J 48 -7.44 2.32 -0.86
C LYS J 48 -6.34 2.62 0.15
N PHE J 49 -5.88 3.88 0.19
CA PHE J 49 -4.91 4.32 1.18
C PHE J 49 -5.42 4.11 2.61
N LYS J 50 -6.60 4.66 2.92
CA LYS J 50 -7.08 4.55 4.29
C LYS J 50 -7.45 3.12 4.65
N GLY J 51 -8.01 2.35 3.70
CA GLY J 51 -8.25 0.94 3.94
C GLY J 51 -6.98 0.17 4.28
N GLU J 52 -5.92 0.35 3.48
CA GLU J 52 -4.65 -0.33 3.76
C GLU J 52 -4.09 0.10 5.11
N LEU J 53 -4.20 1.39 5.45
CA LEU J 53 -3.76 1.85 6.76
C LEU J 53 -4.45 1.09 7.88
N MET J 54 -5.78 1.08 7.90
CA MET J 54 -6.48 0.39 8.97
C MET J 54 -6.07 -1.08 9.04
N ARG J 55 -5.97 -1.74 7.88
CA ARG J 55 -5.72 -3.18 7.91
C ARG J 55 -4.30 -3.49 8.41
N SER J 56 -3.35 -2.59 8.18
CA SER J 56 -2.01 -2.79 8.72
C SER J 56 -1.96 -2.54 10.23
N LEU J 57 -2.85 -1.68 10.75
CA LEU J 57 -2.84 -1.39 12.18
C LEU J 57 -3.37 -2.56 12.99
N GLY J 58 -4.36 -3.27 12.47
CA GLY J 58 -4.99 -4.34 13.20
C GLY J 58 -5.93 -3.82 14.26
N GLY J 59 -6.61 -4.74 14.93
CA GLY J 59 -7.48 -4.38 16.03
C GLY J 59 -8.58 -3.42 15.65
N VAL J 60 -9.11 -3.56 14.43
CA VAL J 60 -10.16 -2.67 13.97
C VAL J 60 -11.18 -3.50 13.21
N ALA J 61 -12.46 -3.30 13.54
CA ALA J 61 -13.57 -3.94 12.85
C ALA J 61 -14.34 -3.01 11.95
N ALA J 62 -14.37 -1.72 12.26
CA ALA J 62 -15.09 -0.75 11.45
C ALA J 62 -14.50 0.63 11.71
N THR J 63 -14.30 1.42 10.65
CA THR J 63 -13.70 2.74 10.76
C THR J 63 -14.55 3.74 9.99
N SER J 64 -15.16 4.68 10.71
CA SER J 64 -15.97 5.74 10.11
C SER J 64 -15.12 6.59 9.19
N SER J 65 -15.57 6.73 7.94
CA SER J 65 -14.75 7.31 6.89
C SER J 65 -15.52 8.42 6.21
N LEU J 66 -14.98 9.63 6.27
CA LEU J 66 -15.72 10.81 5.86
C LEU J 66 -15.66 10.90 4.36
N LEU J 67 -16.81 10.98 3.72
CA LEU J 67 -16.89 11.23 2.30
C LEU J 67 -17.77 12.45 2.11
N GLY J 68 -17.22 13.50 1.50
CA GLY J 68 -17.96 14.73 1.33
C GLY J 68 -18.76 14.66 0.04
N VAL J 69 -20.00 15.14 0.11
CA VAL J 69 -20.78 15.27 -1.12
C VAL J 69 -21.25 16.73 -1.18
N PRO J 70 -20.44 17.61 -1.73
CA PRO J 70 -20.72 19.07 -1.67
C PRO J 70 -21.74 19.50 -2.71
N LEU J 71 -22.99 19.11 -2.48
CA LEU J 71 -24.07 19.31 -3.43
C LEU J 71 -25.16 20.12 -2.75
N GLY J 72 -25.55 21.24 -3.34
CA GLY J 72 -26.64 22.01 -2.80
C GLY J 72 -27.76 22.34 -3.77
N HIS J 73 -27.63 21.91 -5.04
CA HIS J 73 -28.54 22.44 -6.05
C HIS J 73 -29.87 21.71 -6.12
N HIS J 74 -30.09 20.68 -5.31
CA HIS J 74 -31.43 20.12 -5.13
C HIS J 74 -32.15 20.75 -3.92
N SER J 75 -31.65 21.87 -3.43
CA SER J 75 -32.27 22.59 -2.31
C SER J 75 -33.41 23.47 -2.80
N SER J 76 -34.43 23.63 -1.96
CA SER J 76 -35.61 24.41 -2.31
C SER J 76 -35.49 25.90 -1.98
N PHE J 77 -34.54 26.30 -1.13
CA PHE J 77 -34.53 27.68 -0.66
C PHE J 77 -33.14 28.32 -0.72
N HIS J 78 -32.10 27.59 -0.34
CA HIS J 78 -30.75 28.13 -0.31
C HIS J 78 -29.78 26.96 -0.47
N GLU J 79 -28.77 27.12 -1.33
CA GLU J 79 -27.87 26.04 -1.73
C GLU J 79 -26.58 25.99 -0.93
N GLY J 80 -26.48 26.76 0.16
CA GLY J 80 -25.19 26.97 0.80
C GLY J 80 -24.60 25.76 1.47
N SER J 81 -25.40 24.74 1.76
CA SER J 81 -24.82 23.52 2.30
C SER J 81 -23.85 22.85 1.34
N ALA J 82 -23.84 23.26 0.07
CA ALA J 82 -22.84 22.73 -0.85
C ALA J 82 -21.42 23.02 -0.39
N PHE J 83 -21.23 24.03 0.47
CA PHE J 83 -19.90 24.38 0.98
C PHE J 83 -19.58 23.76 2.34
N ALA J 84 -20.49 22.97 2.89
CA ALA J 84 -20.33 22.47 4.26
C ALA J 84 -19.13 21.54 4.48
N PRO J 85 -18.90 20.50 3.67
CA PRO J 85 -17.96 19.43 4.10
C PRO J 85 -16.62 19.94 4.58
N PRO J 86 -15.89 20.79 3.84
CA PRO J 86 -14.56 21.17 4.34
C PRO J 86 -14.62 21.98 5.63
N ARG J 87 -15.73 22.68 5.91
CA ARG J 87 -15.83 23.45 7.15
C ARG J 87 -16.08 22.52 8.33
N ILE J 88 -16.86 21.46 8.10
CA ILE J 88 -17.11 20.47 9.13
C ILE J 88 -15.82 19.79 9.52
N ARG J 89 -14.99 19.44 8.53
CA ARG J 89 -13.73 18.76 8.81
C ARG J 89 -12.80 19.66 9.60
N GLU J 90 -12.72 20.95 9.24
CA GLU J 90 -11.89 21.88 10.01
C GLU J 90 -12.39 21.99 11.44
N ALA J 91 -13.71 22.05 11.63
CA ALA J 91 -14.27 22.23 12.96
C ALA J 91 -14.08 21.00 13.83
N ILE J 92 -13.97 19.82 13.22
CA ILE J 92 -13.66 18.61 13.95
C ILE J 92 -12.33 18.77 14.65
N TRP J 93 -11.48 19.68 14.17
CA TRP J 93 -10.14 19.93 14.71
C TRP J 93 -9.92 21.40 15.04
N CYS J 94 -10.98 22.14 15.38
CA CYS J 94 -10.82 23.53 15.75
C CYS J 94 -9.87 23.66 16.94
N ASP J 95 -9.21 24.81 17.03
CA ASP J 95 -8.22 25.06 18.09
C ASP J 95 -8.84 25.34 19.45
N SER J 96 -10.15 25.61 19.51
CA SER J 96 -10.83 25.81 20.79
C SER J 96 -11.26 24.51 21.45
N THR J 97 -11.22 23.39 20.72
CA THR J 97 -11.67 22.08 21.19
C THR J 97 -10.49 21.11 21.33
N ASN J 98 -10.77 19.97 21.97
CA ASN J 98 -9.86 18.83 22.02
C ASN J 98 -10.47 17.68 21.23
N SER J 99 -9.88 16.49 21.38
CA SER J 99 -10.03 15.40 20.41
C SER J 99 -10.59 14.13 21.04
N THR J 100 -11.36 14.26 22.10
CA THR J 100 -11.96 13.13 22.80
C THR J 100 -13.47 13.21 22.68
N THR J 101 -14.12 12.13 22.23
CA THR J 101 -15.58 12.10 22.17
C THR J 101 -16.15 11.91 23.57
N GLU J 102 -17.47 12.12 23.68
CA GLU J 102 -18.11 12.20 24.99
C GLU J 102 -17.95 10.91 25.77
N GLU J 103 -17.95 9.77 25.08
CA GLU J 103 -17.79 8.48 25.75
C GLU J 103 -16.35 7.96 25.67
N GLY J 104 -15.39 8.78 25.24
CA GLY J 104 -13.99 8.52 25.50
C GLY J 104 -13.15 8.03 24.35
N LYS J 105 -13.69 7.93 23.14
CA LYS J 105 -12.89 7.47 22.02
C LYS J 105 -11.95 8.58 21.56
N ASN J 106 -10.82 8.18 20.96
CA ASN J 106 -9.75 9.09 20.60
C ASN J 106 -9.82 9.42 19.11
N LEU J 107 -10.09 10.67 18.79
CA LEU J 107 -10.25 11.03 17.38
C LEU J 107 -8.92 11.16 16.65
N ARG J 108 -7.80 11.22 17.37
CA ARG J 108 -6.50 11.17 16.71
C ARG J 108 -6.12 9.75 16.27
N ASP J 109 -6.92 8.76 16.64
CA ASP J 109 -6.71 7.38 16.22
C ASP J 109 -7.36 7.19 14.86
N PRO J 110 -6.60 6.91 13.79
CA PRO J 110 -7.22 6.78 12.47
C PRO J 110 -8.28 5.71 12.40
N ARG J 111 -8.25 4.73 13.31
CA ARG J 111 -9.28 3.70 13.32
C ARG J 111 -10.61 4.22 13.85
N VAL J 112 -10.62 5.35 14.56
CA VAL J 112 -11.88 5.90 15.04
C VAL J 112 -12.53 6.76 13.96
N ILE J 113 -11.74 7.55 13.25
CA ILE J 113 -12.28 8.45 12.22
C ILE J 113 -11.17 8.72 11.22
N THR J 114 -11.55 8.83 9.95
CA THR J 114 -10.58 9.16 8.91
C THR J 114 -11.32 9.85 7.76
N ASN J 115 -10.58 10.64 6.99
CA ASN J 115 -11.14 11.35 5.85
C ASN J 115 -10.82 10.61 4.54
N VAL J 116 -11.84 10.40 3.71
CA VAL J 116 -11.58 9.91 2.36
C VAL J 116 -11.38 11.10 1.43
N GLY J 117 -12.43 11.89 1.23
CA GLY J 117 -12.33 13.01 0.31
C GLY J 117 -13.71 13.47 -0.10
N ASP J 118 -13.73 14.46 -1.00
CA ASP J 118 -14.97 15.04 -1.50
C ASP J 118 -15.21 14.59 -2.93
N VAL J 119 -16.42 14.16 -3.21
CA VAL J 119 -16.82 13.94 -4.61
C VAL J 119 -16.81 15.29 -5.33
N PRO J 120 -16.14 15.42 -6.46
CA PRO J 120 -16.10 16.76 -7.12
C PRO J 120 -17.38 17.07 -7.90
N ILE J 121 -18.43 17.40 -7.14
CA ILE J 121 -19.77 17.63 -7.71
C ILE J 121 -19.73 18.77 -8.72
N GLU J 122 -19.18 19.92 -8.32
CA GLU J 122 -19.18 21.10 -9.16
C GLU J 122 -18.49 20.85 -10.51
N GLU J 123 -17.34 20.16 -10.50
CA GLU J 123 -16.64 19.91 -11.75
C GLU J 123 -17.43 18.96 -12.66
N ILE J 124 -18.01 17.91 -12.09
CA ILE J 124 -18.77 16.97 -12.91
C ILE J 124 -20.02 17.65 -13.48
N ARG J 125 -20.67 18.49 -12.66
CA ARG J 125 -21.81 19.27 -13.13
C ARG J 125 -21.41 20.16 -14.30
N ASP J 126 -20.27 20.83 -14.18
CA ASP J 126 -19.75 21.70 -15.23
C ASP J 126 -19.44 20.96 -16.52
N CYS J 127 -19.52 19.64 -16.55
CA CYS J 127 -19.35 18.87 -17.79
C CYS J 127 -20.67 18.61 -18.50
N GLY J 128 -21.78 19.11 -18.00
CA GLY J 128 -23.09 18.85 -18.58
C GLY J 128 -23.75 17.59 -18.10
N VAL J 129 -23.21 16.95 -17.07
CA VAL J 129 -23.72 15.66 -16.60
C VAL J 129 -25.08 15.88 -15.95
N ASP J 130 -26.07 15.08 -16.35
CA ASP J 130 -27.42 15.24 -15.82
C ASP J 130 -27.51 14.68 -14.40
N ASP J 131 -28.65 14.95 -13.76
CA ASP J 131 -28.77 14.64 -12.32
C ASP J 131 -28.82 13.16 -12.03
N LYS J 132 -29.35 12.35 -12.94
CA LYS J 132 -29.34 10.90 -12.70
C LYS J 132 -27.91 10.36 -12.68
N ARG J 133 -27.08 10.81 -13.62
CA ARG J 133 -25.68 10.36 -13.67
C ARG J 133 -24.91 10.86 -12.46
N LEU J 134 -25.18 12.10 -12.02
CA LEU J 134 -24.50 12.61 -10.83
C LEU J 134 -24.88 11.82 -9.57
N ALA J 135 -26.17 11.52 -9.41
CA ALA J 135 -26.57 10.63 -8.33
C ALA J 135 -25.86 9.28 -8.44
N ASN J 136 -25.61 8.82 -9.66
CA ASN J 136 -24.90 7.55 -9.81
C ASN J 136 -23.44 7.67 -9.39
N VAL J 137 -22.79 8.78 -9.72
CA VAL J 137 -21.41 9.00 -9.25
C VAL J 137 -21.36 8.99 -7.72
N ILE J 138 -22.37 9.57 -7.07
CA ILE J 138 -22.41 9.57 -5.60
C ILE J 138 -22.50 8.15 -5.07
N SER J 139 -23.43 7.36 -5.63
CA SER J 139 -23.59 5.97 -5.21
C SER J 139 -22.31 5.18 -5.43
N GLU J 140 -21.66 5.37 -6.56
CA GLU J 140 -20.45 4.60 -6.83
C GLU J 140 -19.31 5.01 -5.91
N SER J 141 -19.26 6.29 -5.53
CA SER J 141 -18.25 6.76 -4.58
C SER J 141 -18.42 6.11 -3.22
N VAL J 142 -19.66 6.00 -2.75
CA VAL J 142 -19.94 5.31 -1.49
C VAL J 142 -19.47 3.86 -1.57
N LYS J 143 -19.72 3.18 -2.70
CA LYS J 143 -19.33 1.79 -2.83
C LYS J 143 -17.81 1.63 -2.86
N LEU J 144 -17.10 2.53 -3.55
CA LEU J 144 -15.64 2.52 -3.47
C LEU J 144 -15.16 2.53 -2.02
N VAL J 145 -15.77 3.35 -1.17
CA VAL J 145 -15.38 3.41 0.23
C VAL J 145 -15.68 2.07 0.93
N MET J 146 -16.89 1.54 0.70
CA MET J 146 -17.29 0.29 1.34
C MET J 146 -16.42 -0.89 0.90
N ASP J 147 -15.90 -0.83 -0.32
CA ASP J 147 -15.07 -1.90 -0.85
C ASP J 147 -13.76 -2.06 -0.08
N GLU J 148 -13.30 -1.01 0.61
CA GLU J 148 -11.99 -1.08 1.29
C GLU J 148 -12.23 -1.33 2.78
N ASP J 149 -12.47 -2.58 3.12
CA ASP J 149 -12.63 -2.98 4.51
C ASP J 149 -11.42 -2.52 5.31
N PRO J 150 -11.61 -2.03 6.54
CA PRO J 150 -12.88 -1.98 7.27
C PRO J 150 -13.59 -0.63 7.28
N LEU J 151 -13.44 0.19 6.23
CA LEU J 151 -14.05 1.52 6.22
C LEU J 151 -15.57 1.41 6.08
N ARG J 152 -16.28 2.28 6.80
CA ARG J 152 -17.71 2.42 6.63
C ARG J 152 -18.03 3.89 6.37
N PRO J 153 -18.95 4.18 5.44
CA PRO J 153 -19.12 5.55 4.94
C PRO J 153 -19.89 6.43 5.93
N LEU J 154 -19.30 7.57 6.29
CA LEU J 154 -19.98 8.61 7.05
C LEU J 154 -19.96 9.83 6.13
N VAL J 155 -21.10 10.16 5.52
CA VAL J 155 -21.13 11.12 4.43
C VAL J 155 -21.44 12.51 5.00
N LEU J 156 -20.70 13.51 4.55
CA LEU J 156 -20.94 14.90 4.92
C LEU J 156 -21.64 15.60 3.76
N GLY J 157 -22.86 16.11 3.99
CA GLY J 157 -23.55 16.92 3.01
C GLY J 157 -23.11 18.38 3.06
N GLY J 158 -23.61 19.19 2.12
CA GLY J 158 -24.59 18.77 1.13
C GLY J 158 -26.02 18.84 1.66
N ASP J 159 -26.98 19.03 0.77
CA ASP J 159 -28.36 19.04 1.20
C ASP J 159 -28.87 17.61 1.35
N HIS J 160 -30.10 17.44 1.87
CA HIS J 160 -30.50 16.09 2.24
C HIS J 160 -30.76 15.18 1.04
N SER J 161 -30.81 15.70 -0.18
CA SER J 161 -31.06 14.82 -1.33
C SER J 161 -30.00 13.72 -1.45
N ILE J 162 -28.80 13.95 -0.94
CA ILE J 162 -27.71 12.98 -1.08
C ILE J 162 -28.01 11.68 -0.35
N SER J 163 -28.88 11.69 0.66
CA SER J 163 -29.15 10.45 1.39
C SER J 163 -29.73 9.37 0.49
N PHE J 164 -30.51 9.75 -0.55
CA PHE J 164 -31.01 8.72 -1.48
C PHE J 164 -29.87 7.96 -2.15
N PRO J 165 -29.02 8.58 -2.97
CA PRO J 165 -27.97 7.75 -3.61
C PRO J 165 -27.02 7.09 -2.60
N VAL J 166 -26.85 7.65 -1.40
CA VAL J 166 -25.98 7.03 -0.40
C VAL J 166 -26.61 5.75 0.13
N VAL J 167 -27.86 5.83 0.58
CA VAL J 167 -28.52 4.67 1.14
C VAL J 167 -28.75 3.62 0.06
N ARG J 168 -29.03 4.05 -1.18
CA ARG J 168 -29.15 3.09 -2.27
C ARG J 168 -27.86 2.28 -2.44
N ALA J 169 -26.71 2.97 -2.48
CA ALA J 169 -25.42 2.30 -2.56
C ALA J 169 -25.19 1.35 -1.38
N VAL J 170 -25.41 1.83 -0.15
CA VAL J 170 -25.22 0.97 1.02
C VAL J 170 -26.09 -0.28 0.91
N SER J 171 -27.38 -0.11 0.63
CA SER J 171 -28.27 -1.25 0.56
C SER J 171 -27.88 -2.20 -0.57
N GLU J 172 -27.59 -1.65 -1.75
CA GLU J 172 -27.16 -2.52 -2.85
C GLU J 172 -25.88 -3.25 -2.50
N LYS J 173 -24.92 -2.56 -1.87
CA LYS J 173 -23.63 -3.19 -1.61
C LYS J 173 -23.76 -4.30 -0.57
N LEU J 174 -24.54 -4.08 0.48
CA LEU J 174 -24.71 -5.09 1.51
C LEU J 174 -25.68 -6.19 1.13
N GLY J 175 -26.42 -6.02 0.04
CA GLY J 175 -27.36 -7.06 -0.39
C GLY J 175 -28.67 -7.12 0.36
N GLY J 176 -29.13 -6.01 0.94
CA GLY J 176 -30.42 -6.07 1.60
C GLY J 176 -30.81 -4.74 2.21
N ALA J 177 -31.86 -4.78 3.01
CA ALA J 177 -32.43 -3.57 3.58
C ALA J 177 -31.68 -3.14 4.84
N VAL J 178 -31.82 -1.86 5.16
CA VAL J 178 -31.34 -1.33 6.44
C VAL J 178 -32.52 -0.71 7.16
N ASP J 179 -32.45 -0.69 8.50
CA ASP J 179 -33.28 0.21 9.28
C ASP J 179 -32.62 1.59 9.33
N ILE J 180 -33.44 2.63 9.38
CA ILE J 180 -32.94 4.00 9.31
C ILE J 180 -33.42 4.80 10.52
N LEU J 181 -32.49 5.41 11.24
CA LEU J 181 -32.77 6.42 12.23
C LEU J 181 -32.52 7.78 11.57
N HIS J 182 -33.53 8.65 11.59
CA HIS J 182 -33.55 9.87 10.78
C HIS J 182 -33.91 11.05 11.69
N PHE J 183 -32.96 11.96 11.92
CA PHE J 183 -33.20 13.17 12.70
C PHE J 183 -33.51 14.32 11.74
N ASP J 184 -34.64 15.01 11.96
CA ASP J 184 -35.06 16.02 10.98
C ASP J 184 -36.25 16.81 11.51
N ALA J 185 -36.32 18.11 11.16
CA ALA J 185 -37.58 18.84 11.33
C ALA J 185 -38.63 18.39 10.31
N HIS J 186 -38.19 17.80 9.20
CA HIS J 186 -38.99 17.52 8.02
C HIS J 186 -38.96 16.04 7.70
N PRO J 187 -40.09 15.43 7.32
CA PRO J 187 -40.04 14.01 6.94
C PRO J 187 -39.29 13.74 5.65
N ASP J 188 -39.19 14.72 4.74
CA ASP J 188 -38.53 14.54 3.44
C ASP J 188 -39.12 13.36 2.68
N LEU J 189 -40.45 13.26 2.70
CA LEU J 189 -41.16 12.14 2.11
C LEU J 189 -42.12 12.58 1.01
N TYR J 190 -41.97 13.81 0.51
CA TYR J 190 -42.77 14.25 -0.62
C TYR J 190 -42.55 13.33 -1.81
N HIS J 191 -43.63 12.80 -2.37
CA HIS J 191 -43.48 12.01 -3.58
C HIS J 191 -43.06 12.89 -4.74
N ASP J 192 -43.54 14.13 -4.76
CA ASP J 192 -43.27 15.07 -5.84
C ASP J 192 -43.16 16.44 -5.19
N PHE J 193 -41.92 16.91 -5.01
CA PHE J 193 -41.70 18.28 -4.56
C PHE J 193 -41.26 19.13 -5.75
N GLU J 194 -42.16 20.01 -6.20
CA GLU J 194 -41.89 21.03 -7.23
C GLU J 194 -41.26 20.43 -8.51
N GLY J 195 -41.72 19.24 -8.89
CA GLY J 195 -41.26 18.60 -10.11
C GLY J 195 -39.83 18.12 -10.11
N ASN J 196 -39.16 18.09 -8.96
CA ASN J 196 -37.77 17.66 -8.90
C ASN J 196 -37.72 16.33 -8.18
N TYR J 197 -37.49 15.27 -8.94
CA TYR J 197 -37.36 13.93 -8.40
C TYR J 197 -36.24 13.84 -7.38
N TYR J 198 -35.18 14.64 -7.54
CA TYR J 198 -34.03 14.65 -6.65
C TYR J 198 -34.09 15.74 -5.58
N SER J 199 -35.27 16.31 -5.31
CA SER J 199 -35.42 17.34 -4.29
C SER J 199 -34.90 16.87 -2.94
N HIS J 200 -34.31 17.80 -2.19
CA HIS J 200 -33.87 17.46 -0.84
C HIS J 200 -35.05 17.21 0.08
N ALA J 201 -36.27 17.45 -0.40
CA ALA J 201 -37.51 17.23 0.35
C ALA J 201 -38.16 15.89 0.03
N SER J 202 -37.49 15.04 -0.77
CA SER J 202 -38.00 13.76 -1.22
C SER J 202 -37.07 12.57 -1.05
N PRO J 203 -35.85 12.66 -0.47
CA PRO J 203 -34.96 11.49 -0.57
C PRO J 203 -35.49 10.29 0.18
N PHE J 204 -36.26 10.47 1.26
CA PHE J 204 -36.81 9.30 1.91
C PHE J 204 -38.02 8.74 1.19
N ALA J 205 -38.71 9.54 0.38
CA ALA J 205 -39.64 8.96 -0.59
C ALA J 205 -38.88 8.05 -1.56
N ARG J 206 -37.75 8.55 -2.07
CA ARG J 206 -36.91 7.80 -3.00
C ARG J 206 -36.41 6.52 -2.33
N ILE J 207 -36.04 6.57 -1.05
CA ILE J 207 -35.51 5.41 -0.35
C ILE J 207 -36.61 4.39 -0.11
N MET J 208 -37.77 4.84 0.38
CA MET J 208 -38.88 3.91 0.59
C MET J 208 -39.35 3.29 -0.73
N GLU J 209 -39.41 4.11 -1.79
CA GLU J 209 -39.79 3.57 -3.10
C GLU J 209 -38.79 2.52 -3.57
N GLY J 210 -37.49 2.78 -3.35
CA GLY J 210 -36.46 1.88 -3.84
C GLY J 210 -36.34 0.58 -3.09
N GLY J 211 -37.05 0.42 -1.97
CA GLY J 211 -36.99 -0.83 -1.22
C GLY J 211 -35.72 -1.04 -0.42
N TYR J 212 -34.96 0.03 -0.14
CA TYR J 212 -33.69 -0.08 0.56
C TYR J 212 -33.85 -0.07 2.07
N ALA J 213 -35.03 0.23 2.58
CA ALA J 213 -35.26 0.43 4.01
C ALA J 213 -36.37 -0.45 4.53
N ARG J 214 -36.19 -1.00 5.73
CA ARG J 214 -37.29 -1.65 6.42
C ARG J 214 -37.99 -0.64 7.33
N ARG J 215 -37.45 -0.42 8.53
CA ARG J 215 -37.96 0.61 9.42
C ARG J 215 -37.35 1.96 9.09
N LEU J 216 -38.14 3.02 9.29
CA LEU J 216 -37.64 4.38 9.21
C LEU J 216 -38.19 5.13 10.42
N VAL J 217 -37.29 5.47 11.34
CA VAL J 217 -37.65 6.11 12.59
C VAL J 217 -37.24 7.56 12.48
N GLN J 218 -38.21 8.46 12.48
CA GLN J 218 -37.96 9.87 12.30
C GLN J 218 -38.19 10.60 13.62
N VAL J 219 -37.24 11.45 14.00
CA VAL J 219 -37.25 12.14 15.28
C VAL J 219 -36.97 13.62 15.03
N GLY J 220 -37.73 14.49 15.71
CA GLY J 220 -37.61 15.94 15.61
C GLY J 220 -38.63 16.59 14.71
N ILE J 221 -39.55 15.80 14.13
CA ILE J 221 -40.44 16.28 13.08
C ILE J 221 -41.37 17.37 13.61
N ARG J 222 -41.45 18.47 12.88
CA ARG J 222 -42.34 19.55 13.31
C ARG J 222 -42.87 20.35 12.12
N SER J 223 -42.63 19.89 10.90
CA SER J 223 -43.11 20.52 9.68
C SER J 223 -43.51 19.36 8.77
N ILE J 224 -44.80 19.10 8.65
CA ILE J 224 -45.28 17.96 7.87
C ILE J 224 -46.65 18.29 7.29
N THR J 225 -46.79 18.11 5.99
CA THR J 225 -48.05 18.36 5.30
C THR J 225 -48.97 17.14 5.42
N ASN J 226 -50.24 17.35 5.07
CA ASN J 226 -51.21 16.26 5.19
C ASN J 226 -50.96 15.17 4.14
N ASP J 227 -50.55 15.56 2.93
CA ASP J 227 -50.17 14.57 1.93
C ASP J 227 -49.01 13.70 2.42
N VAL J 228 -48.08 14.28 3.16
CA VAL J 228 -46.96 13.48 3.61
C VAL J 228 -47.34 12.60 4.80
N ARG J 229 -48.29 13.02 5.62
CA ARG J 229 -48.82 12.10 6.64
C ARG J 229 -49.38 10.83 5.99
N GLU J 230 -49.96 10.94 4.80
CA GLU J 230 -50.43 9.73 4.11
C GLU J 230 -49.25 8.87 3.65
N GLN J 231 -48.16 9.50 3.20
CA GLN J 231 -46.95 8.77 2.86
C GLN J 231 -46.43 7.99 4.06
N VAL J 232 -46.35 8.67 5.21
CA VAL J 232 -45.91 8.05 6.47
C VAL J 232 -46.76 6.83 6.77
N LYS J 233 -48.08 7.00 6.71
CA LYS J 233 -48.97 5.88 6.98
C LYS J 233 -48.78 4.76 5.96
N LYS J 234 -48.69 5.11 4.68
CA LYS J 234 -48.63 4.09 3.63
C LYS J 234 -47.39 3.20 3.76
N TYR J 235 -46.23 3.81 3.99
CA TYR J 235 -45.02 3.03 4.11
C TYR J 235 -44.76 2.51 5.53
N GLY J 236 -45.65 2.77 6.48
CA GLY J 236 -45.38 2.35 7.85
C GLY J 236 -44.19 3.04 8.48
N VAL J 237 -43.99 4.32 8.17
CA VAL J 237 -42.89 5.08 8.76
C VAL J 237 -43.22 5.42 10.20
N GLU J 238 -42.22 5.38 11.08
CA GLU J 238 -42.40 5.72 12.50
C GLU J 238 -41.97 7.17 12.70
N THR J 239 -42.90 8.10 12.51
CA THR J 239 -42.62 9.53 12.52
C THR J 239 -42.95 10.10 13.90
N HIS J 240 -41.91 10.44 14.68
CA HIS J 240 -42.09 11.02 16.00
C HIS J 240 -42.03 12.53 15.89
N GLU J 241 -43.11 13.18 16.25
CA GLU J 241 -43.22 14.63 16.17
C GLU J 241 -42.87 15.27 17.50
N MET J 242 -42.42 16.53 17.42
CA MET J 242 -41.99 17.24 18.63
C MET J 242 -43.10 17.32 19.64
N ARG J 243 -44.34 17.53 19.19
CA ARG J 243 -45.41 17.76 20.15
C ARG J 243 -45.65 16.55 21.06
N THR J 244 -45.08 15.38 20.75
CA THR J 244 -45.17 14.24 21.65
C THR J 244 -43.79 13.79 22.15
N LEU J 245 -42.76 14.62 21.98
CA LEU J 245 -41.41 14.20 22.34
C LEU J 245 -41.33 13.72 23.78
N SER J 246 -41.87 14.51 24.71
CA SER J 246 -41.71 14.16 26.11
C SER J 246 -42.35 12.81 26.42
N ARG J 247 -43.44 12.47 25.73
CA ARG J 247 -44.04 11.15 25.91
C ARG J 247 -43.20 10.04 25.28
N ASP J 248 -42.60 10.31 24.12
CA ASP J 248 -41.86 9.28 23.39
C ASP J 248 -40.42 9.10 23.87
N ARG J 249 -39.93 9.97 24.76
CA ARG J 249 -38.53 9.91 25.19
C ARG J 249 -38.08 8.51 25.64
N PRO J 250 -38.85 7.77 26.46
CA PRO J 250 -38.37 6.43 26.86
C PRO J 250 -38.17 5.47 25.70
N ILE J 251 -39.10 5.45 24.73
CA ILE J 251 -38.93 4.57 23.58
C ILE J 251 -37.73 5.01 22.75
N LEU J 252 -37.58 6.33 22.53
CA LEU J 252 -36.57 6.84 21.62
C LEU J 252 -35.15 6.66 22.17
N GLU J 253 -34.99 6.65 23.50
CA GLU J 253 -33.68 6.48 24.11
C GLU J 253 -33.34 5.01 24.40
N ASN J 254 -34.09 4.06 23.83
CA ASN J 254 -33.79 2.63 23.92
C ASN J 254 -34.06 1.96 22.58
N LEU J 255 -33.67 2.61 21.48
CA LEU J 255 -33.89 2.04 20.17
C LEU J 255 -32.97 0.84 19.93
N LYS J 256 -33.51 -0.14 19.23
CA LYS J 256 -32.78 -1.33 18.84
C LYS J 256 -33.18 -1.60 17.40
N LEU J 257 -32.25 -1.42 16.48
CA LEU J 257 -32.55 -1.44 15.06
C LEU J 257 -31.65 -2.45 14.36
N GLY J 258 -32.02 -2.77 13.13
CA GLY J 258 -31.17 -3.55 12.25
C GLY J 258 -31.29 -5.05 12.38
N GLU J 259 -31.90 -5.55 13.44
CA GLU J 259 -31.94 -6.99 13.63
C GLU J 259 -32.81 -7.64 12.57
N GLY J 260 -32.28 -8.67 11.91
CA GLY J 260 -32.98 -9.32 10.84
C GLY J 260 -32.78 -8.70 9.47
N VAL J 261 -32.11 -7.57 9.37
CA VAL J 261 -31.75 -7.00 8.08
C VAL J 261 -30.24 -6.74 8.06
N LYS J 262 -29.77 -5.85 7.18
CA LYS J 262 -28.33 -5.76 6.93
C LYS J 262 -27.62 -4.75 7.81
N GLY J 263 -28.34 -3.96 8.59
CA GLY J 263 -27.69 -3.04 9.51
C GLY J 263 -28.54 -1.80 9.72
N VAL J 264 -27.91 -0.78 10.29
CA VAL J 264 -28.57 0.47 10.64
C VAL J 264 -27.87 1.62 9.92
N TYR J 265 -28.67 2.56 9.39
CA TYR J 265 -28.16 3.79 8.79
C TYR J 265 -28.72 4.99 9.56
N VAL J 266 -27.87 5.95 9.90
CA VAL J 266 -28.27 7.11 10.68
C VAL J 266 -28.10 8.35 9.83
N SER J 267 -29.21 9.05 9.54
CA SER J 267 -29.16 10.31 8.79
C SER J 267 -29.47 11.47 9.73
N ILE J 268 -28.56 12.44 9.81
CA ILE J 268 -28.71 13.56 10.77
C ILE J 268 -28.79 14.85 9.97
N ASP J 269 -29.99 15.39 9.88
CA ASP J 269 -30.21 16.71 9.31
C ASP J 269 -30.00 17.72 10.44
N VAL J 270 -29.05 18.64 10.25
CA VAL J 270 -28.74 19.62 11.26
C VAL J 270 -29.96 20.47 11.60
N ASP J 271 -30.94 20.59 10.70
CA ASP J 271 -32.08 21.43 11.05
C ASP J 271 -33.09 20.71 11.94
N SER J 272 -32.81 19.47 12.35
CA SER J 272 -33.59 18.89 13.43
C SER J 272 -33.37 19.65 14.73
N LEU J 273 -32.19 20.25 14.92
CA LEU J 273 -31.93 21.03 16.12
C LEU J 273 -32.66 22.36 16.04
N ASP J 274 -33.05 22.88 17.21
CA ASP J 274 -33.69 24.19 17.25
C ASP J 274 -32.79 25.23 16.60
N PRO J 275 -33.35 26.16 15.83
CA PRO J 275 -32.52 27.18 15.16
C PRO J 275 -31.68 28.04 16.11
N SER J 276 -32.07 28.15 17.38
CA SER J 276 -31.24 28.87 18.33
C SER J 276 -29.89 28.18 18.51
N ILE J 277 -29.86 26.86 18.35
CA ILE J 277 -28.65 26.07 18.53
C ILE J 277 -27.92 25.87 17.21
N ALA J 278 -28.69 25.72 16.12
CA ALA J 278 -28.14 25.48 14.80
C ALA J 278 -28.71 26.52 13.83
N PRO J 279 -28.23 27.77 13.88
CA PRO J 279 -28.70 28.76 12.90
C PRO J 279 -28.21 28.52 11.48
N GLY J 280 -27.10 27.81 11.30
CA GLY J 280 -26.54 27.65 9.98
C GLY J 280 -27.18 26.50 9.23
N VAL J 281 -28.46 26.66 8.89
CA VAL J 281 -29.20 25.72 8.06
C VAL J 281 -30.06 26.57 7.12
N SER J 282 -30.52 25.95 6.04
CA SER J 282 -31.42 26.65 5.12
C SER J 282 -32.84 26.80 5.66
N HIS J 283 -33.34 25.84 6.45
CA HIS J 283 -34.74 25.83 6.88
C HIS J 283 -34.86 25.95 8.40
N HIS J 284 -35.07 27.17 8.89
CA HIS J 284 -35.33 27.39 10.31
C HIS J 284 -36.74 26.96 10.67
N GLU J 285 -36.87 26.07 11.65
CA GLU J 285 -38.17 25.61 12.09
C GLU J 285 -38.14 25.65 13.61
N PRO J 286 -38.70 26.72 14.22
CA PRO J 286 -38.59 26.89 15.67
C PRO J 286 -39.28 25.77 16.44
N GLY J 287 -38.73 25.49 17.61
CA GLY J 287 -39.27 24.44 18.46
C GLY J 287 -38.65 23.09 18.19
N GLY J 288 -37.33 23.03 18.01
CA GLY J 288 -36.65 21.83 17.60
C GLY J 288 -35.98 21.10 18.74
N LEU J 289 -35.13 20.13 18.37
CA LEU J 289 -34.39 19.36 19.35
C LEU J 289 -33.28 20.17 20.02
N LEU J 290 -33.02 19.85 21.28
CA LEU J 290 -31.78 20.31 21.89
C LEU J 290 -30.66 19.32 21.54
N PHE J 291 -29.41 19.81 21.61
CA PHE J 291 -28.27 18.98 21.25
C PHE J 291 -28.26 17.69 22.05
N ARG J 292 -28.52 17.80 23.36
CA ARG J 292 -28.57 16.63 24.23
C ARG J 292 -29.60 15.60 23.78
N ASP J 293 -30.70 16.06 23.16
CA ASP J 293 -31.74 15.13 22.69
C ASP J 293 -31.17 14.14 21.68
N ILE J 294 -30.46 14.64 20.67
CA ILE J 294 -29.88 13.77 19.65
C ILE J 294 -28.86 12.82 20.28
N LEU J 295 -28.06 13.33 21.23
CA LEU J 295 -26.98 12.51 21.77
C LEU J 295 -27.52 11.40 22.66
N ASN J 296 -28.57 11.68 23.44
CA ASN J 296 -29.20 10.64 24.24
C ASN J 296 -29.63 9.46 23.38
N ILE J 297 -30.26 9.77 22.25
CA ILE J 297 -30.81 8.72 21.39
C ILE J 297 -29.67 8.01 20.65
N LEU J 298 -28.80 8.78 20.01
CA LEU J 298 -27.68 8.22 19.26
C LEU J 298 -26.83 7.30 20.13
N GLN J 299 -26.38 7.77 21.30
CA GLN J 299 -25.44 6.99 22.09
C GLN J 299 -26.05 5.71 22.65
N ASN J 300 -27.35 5.70 22.89
CA ASN J 300 -28.00 4.51 23.43
C ASN J 300 -28.50 3.56 22.35
N LEU J 301 -28.53 4.01 21.11
CA LEU J 301 -28.99 3.20 19.99
C LEU J 301 -28.18 1.91 19.88
N GLN J 302 -28.88 0.78 19.92
CA GLN J 302 -28.27 -0.52 19.69
C GLN J 302 -28.53 -0.94 18.25
N GLY J 303 -27.53 -1.55 17.64
CA GLY J 303 -27.65 -2.03 16.27
C GLY J 303 -26.34 -1.87 15.53
N ASP J 304 -26.21 -2.66 14.47
CA ASP J 304 -25.02 -2.65 13.62
C ASP J 304 -25.10 -1.47 12.66
N ILE J 305 -24.43 -0.36 13.00
CA ILE J 305 -24.46 0.83 12.14
C ILE J 305 -23.52 0.63 10.96
N VAL J 306 -24.07 0.70 9.76
CA VAL J 306 -23.32 0.42 8.53
C VAL J 306 -23.05 1.68 7.72
N GLY J 307 -23.63 2.81 8.09
CA GLY J 307 -23.35 4.06 7.42
C GLY J 307 -24.15 5.18 8.05
N GLY J 308 -23.81 6.41 7.69
CA GLY J 308 -24.60 7.53 8.13
C GLY J 308 -24.27 8.78 7.37
N ASP J 309 -25.01 9.85 7.67
CA ASP J 309 -24.68 11.14 7.09
C ASP J 309 -25.04 12.27 8.04
N VAL J 310 -24.42 13.43 7.82
CA VAL J 310 -24.73 14.67 8.50
C VAL J 310 -24.91 15.70 7.41
N VAL J 311 -26.11 16.25 7.29
CA VAL J 311 -26.48 17.03 6.11
C VAL J 311 -27.12 18.35 6.53
N GLU J 312 -27.18 19.27 5.57
CA GLU J 312 -27.86 20.56 5.62
C GLU J 312 -27.18 21.61 6.50
N TYR J 313 -25.98 21.36 7.03
CA TYR J 313 -25.22 22.48 7.59
C TYR J 313 -24.96 23.48 6.46
N ASN J 314 -25.29 24.75 6.68
CA ASN J 314 -25.17 25.79 5.66
C ASN J 314 -24.25 26.89 6.17
N PRO J 315 -22.97 26.90 5.77
CA PRO J 315 -22.06 27.91 6.34
C PRO J 315 -22.44 29.33 5.98
N GLN J 316 -23.14 29.56 4.88
CA GLN J 316 -23.49 30.93 4.51
C GLN J 316 -24.60 31.52 5.39
N ARG J 317 -25.26 30.71 6.21
CA ARG J 317 -26.27 31.19 7.12
C ARG J 317 -25.86 31.00 8.58
N ASP J 318 -24.59 30.64 8.82
CA ASP J 318 -24.09 30.44 10.17
C ASP J 318 -23.63 31.79 10.75
N THR J 319 -23.40 31.81 12.05
CA THR J 319 -22.94 33.04 12.69
C THR J 319 -21.45 33.25 12.38
N TYR J 320 -20.95 34.47 12.66
CA TYR J 320 -19.58 34.78 12.29
CA TYR J 320 -19.57 34.82 12.33
C TYR J 320 -18.58 33.86 12.99
N ASP J 321 -18.92 33.35 14.17
CA ASP J 321 -18.06 32.43 14.91
C ASP J 321 -18.20 30.98 14.46
N GLY J 322 -19.11 30.68 13.54
CA GLY J 322 -19.30 29.33 13.04
C GLY J 322 -19.78 28.34 14.07
N ILE J 323 -20.77 28.71 14.87
CA ILE J 323 -21.25 27.82 15.92
C ILE J 323 -21.83 26.53 15.33
N THR J 324 -22.50 26.63 14.17
CA THR J 324 -23.14 25.44 13.61
C THR J 324 -22.14 24.47 13.00
N ALA J 325 -20.99 24.98 12.51
CA ALA J 325 -19.89 24.10 12.12
C ALA J 325 -19.45 23.24 13.29
N LEU J 326 -19.32 23.88 14.45
CA LEU J 326 -18.96 23.15 15.70
C LEU J 326 -20.09 22.17 16.02
N VAL J 327 -21.35 22.60 15.87
CA VAL J 327 -22.47 21.71 16.09
C VAL J 327 -22.39 20.50 15.17
N ALA J 328 -22.22 20.72 13.87
CA ALA J 328 -22.15 19.64 12.90
C ALA J 328 -20.92 18.75 13.15
N ALA J 329 -19.78 19.35 13.50
CA ALA J 329 -18.60 18.56 13.80
C ALA J 329 -18.86 17.61 14.97
N LYS J 330 -19.56 18.08 16.01
CA LYS J 330 -19.76 17.23 17.17
C LYS J 330 -20.73 16.09 16.87
N LEU J 331 -21.76 16.34 16.07
CA LEU J 331 -22.62 15.25 15.58
C LEU J 331 -21.81 14.22 14.79
N VAL J 332 -20.90 14.68 13.93
CA VAL J 332 -20.06 13.75 13.18
C VAL J 332 -19.16 12.95 14.12
N ARG J 333 -18.61 13.62 15.15
CA ARG J 333 -17.71 12.96 16.08
C ARG J 333 -18.46 11.88 16.87
N GLU J 334 -19.66 12.20 17.34
CA GLU J 334 -20.44 11.22 18.10
C GLU J 334 -21.02 10.13 17.20
N LEU J 335 -21.34 10.45 15.95
CA LEU J 335 -21.76 9.38 15.04
C LEU J 335 -20.60 8.45 14.73
N ALA J 336 -19.41 8.99 14.47
CA ALA J 336 -18.24 8.14 14.22
C ALA J 336 -17.94 7.24 15.41
N ALA J 337 -18.14 7.74 16.63
CA ALA J 337 -17.87 6.94 17.82
C ALA J 337 -18.78 5.72 17.89
N LYS J 338 -20.04 5.87 17.47
CA LYS J 338 -20.95 4.74 17.48
C LYS J 338 -20.73 3.82 16.30
N MET J 339 -20.32 4.36 15.16
CA MET J 339 -20.15 3.54 13.97
C MET J 339 -18.83 2.78 13.99
N SER J 340 -17.77 3.38 14.52
CA SER J 340 -16.48 2.73 14.61
C SER J 340 -16.47 1.73 15.76
N LYS J 341 -15.76 0.62 15.55
CA LYS J 341 -15.64 -0.45 16.55
C LYS J 341 -14.43 -1.34 16.24
N SER K 24 18.24 49.90 33.30
CA SER K 24 18.10 50.09 34.74
C SER K 24 17.60 48.82 35.42
N PRO K 25 18.52 47.99 35.92
CA PRO K 25 18.15 46.70 36.50
C PRO K 25 17.71 46.76 37.95
N ALA K 26 17.60 47.95 38.53
CA ALA K 26 17.24 48.11 39.93
C ALA K 26 16.17 49.18 40.08
N LEU K 27 16.34 50.30 39.36
CA LEU K 27 15.27 51.28 39.29
C LEU K 27 14.02 50.72 38.64
N LEU K 28 14.12 49.56 37.98
CA LEU K 28 12.93 48.90 37.43
C LEU K 28 12.11 48.26 38.54
N GLU K 29 12.76 47.49 39.42
CA GLU K 29 12.08 46.88 40.55
C GLU K 29 11.46 47.94 41.45
N LYS K 30 12.14 49.07 41.62
CA LYS K 30 11.62 50.16 42.43
C LYS K 30 10.34 50.72 41.83
N ALA K 31 10.35 51.00 40.53
CA ALA K 31 9.15 51.52 39.89
C ALA K 31 8.03 50.50 39.87
N GLN K 32 8.36 49.22 39.67
CA GLN K 32 7.35 48.17 39.84
C GLN K 32 6.70 48.27 41.21
N ASN K 33 7.52 48.36 42.27
CA ASN K 33 6.97 48.44 43.62
C ASN K 33 6.08 49.66 43.79
N ARG K 34 6.48 50.78 43.18
CA ARG K 34 5.75 52.03 43.38
C ARG K 34 4.42 52.01 42.63
N VAL K 35 4.44 51.54 41.38
CA VAL K 35 3.20 51.44 40.61
C VAL K 35 2.24 50.46 41.26
N ILE K 36 2.74 49.27 41.65
CA ILE K 36 1.88 48.32 42.36
C ILE K 36 1.35 48.95 43.65
N ASP K 37 2.24 49.57 44.44
CA ASP K 37 1.83 50.22 45.69
C ASP K 37 0.69 51.20 45.46
N ALA K 38 0.82 52.02 44.42
CA ALA K 38 -0.21 53.00 44.11
C ALA K 38 -1.52 52.34 43.67
N ALA K 39 -1.44 51.23 42.93
CA ALA K 39 -2.65 50.53 42.50
C ALA K 39 -3.40 49.92 43.68
N LEU K 40 -2.67 49.33 44.63
CA LEU K 40 -3.31 48.75 45.80
C LEU K 40 -3.91 49.80 46.72
N THR K 41 -3.33 51.01 46.75
CA THR K 41 -3.91 52.09 47.55
C THR K 41 -5.24 52.54 46.98
N PHE K 42 -5.37 52.53 45.64
CA PHE K 42 -6.63 52.90 45.00
C PHE K 42 -7.75 51.92 45.38
N ILE K 43 -7.46 50.63 45.28
CA ILE K 43 -8.45 49.62 45.66
C ILE K 43 -8.77 49.76 47.15
N ARG K 44 -7.74 49.97 47.97
CA ARG K 44 -7.96 50.10 49.41
C ARG K 44 -8.84 51.31 49.75
N GLU K 45 -8.65 52.42 49.05
CA GLU K 45 -9.48 53.59 49.33
C GLU K 45 -10.92 53.37 48.88
N ARG K 46 -11.10 52.79 47.70
CA ARG K 46 -12.44 52.42 47.23
C ARG K 46 -13.13 51.48 48.20
N ALA K 47 -12.41 50.46 48.68
CA ALA K 47 -13.00 49.50 49.61
C ALA K 47 -13.30 50.14 50.98
N LYS K 48 -12.42 51.03 51.46
CA LYS K 48 -12.69 51.71 52.72
C LYS K 48 -13.94 52.57 52.62
N PHE K 49 -14.08 53.28 51.51
CA PHE K 49 -15.27 54.09 51.28
C PHE K 49 -16.53 53.23 51.31
N LYS K 50 -16.52 52.11 50.60
CA LYS K 50 -17.73 51.28 50.49
C LYS K 50 -18.06 50.58 51.80
N GLY K 51 -17.04 50.11 52.52
CA GLY K 51 -17.28 49.53 53.83
C GLY K 51 -17.88 50.51 54.82
N GLU K 52 -17.27 51.70 54.95
CA GLU K 52 -17.85 52.76 55.79
C GLU K 52 -19.27 53.06 55.37
N LEU K 53 -19.53 53.05 54.06
CA LEU K 53 -20.87 53.31 53.58
C LEU K 53 -21.85 52.27 54.13
N MET K 54 -21.55 50.98 53.94
CA MET K 54 -22.45 49.93 54.39
C MET K 54 -22.61 49.96 55.89
N ARG K 55 -21.52 50.17 56.63
CA ARG K 55 -21.59 50.20 58.09
C ARG K 55 -22.47 51.34 58.59
N SER K 56 -22.50 52.47 57.89
CA SER K 56 -23.35 53.58 58.29
C SER K 56 -24.82 53.34 58.00
N LEU K 57 -25.14 52.48 57.03
CA LEU K 57 -26.53 52.17 56.74
C LEU K 57 -27.13 51.20 57.75
N GLY K 58 -26.34 50.26 58.27
CA GLY K 58 -26.85 49.27 59.20
C GLY K 58 -27.67 48.21 58.48
N GLY K 59 -28.11 47.21 59.25
CA GLY K 59 -28.97 46.17 58.70
C GLY K 59 -28.33 45.41 57.57
N VAL K 60 -27.05 45.06 57.71
CA VAL K 60 -26.34 44.38 56.63
C VAL K 60 -25.33 43.43 57.25
N ALA K 61 -25.35 42.17 56.81
CA ALA K 61 -24.39 41.19 57.25
C ALA K 61 -23.33 40.90 56.19
N ALA K 62 -23.66 41.05 54.92
CA ALA K 62 -22.71 40.81 53.84
C ALA K 62 -23.17 41.58 52.62
N THR K 63 -22.24 42.23 51.94
CA THR K 63 -22.52 43.01 50.73
C THR K 63 -21.59 42.55 49.62
N SER K 64 -22.18 41.98 48.55
CA SER K 64 -21.38 41.55 47.41
C SER K 64 -20.70 42.75 46.77
N SER K 65 -19.38 42.66 46.59
CA SER K 65 -18.58 43.80 46.19
C SER K 65 -17.77 43.42 44.95
N LEU K 66 -17.98 44.17 43.87
CA LEU K 66 -17.42 43.82 42.57
C LEU K 66 -15.96 44.25 42.48
N LEU K 67 -15.08 43.29 42.25
CA LEU K 67 -13.67 43.54 41.95
C LEU K 67 -13.37 43.04 40.54
N GLY K 68 -13.02 43.96 39.65
CA GLY K 68 -12.68 43.57 38.29
C GLY K 68 -11.24 43.11 38.20
N VAL K 69 -11.01 41.97 37.55
CA VAL K 69 -9.65 41.54 37.24
C VAL K 69 -9.56 41.39 35.73
N PRO K 70 -9.30 42.46 34.98
CA PRO K 70 -9.28 42.42 33.50
C PRO K 70 -8.01 41.77 32.94
N LEU K 71 -7.91 40.46 33.11
CA LEU K 71 -6.74 39.68 32.67
C LEU K 71 -7.17 38.70 31.60
N GLY K 72 -6.54 38.78 30.43
CA GLY K 72 -6.85 37.82 29.37
C GLY K 72 -5.67 37.06 28.79
N HIS K 73 -4.44 37.42 29.18
CA HIS K 73 -3.27 36.88 28.51
C HIS K 73 -2.94 35.43 28.90
N HIS K 74 -3.65 34.87 29.87
CA HIS K 74 -3.49 33.46 30.23
C HIS K 74 -4.46 32.56 29.48
N SER K 75 -5.17 33.10 28.51
CA SER K 75 -6.09 32.34 27.66
C SER K 75 -5.32 31.54 26.61
N SER K 76 -5.98 30.49 26.10
CA SER K 76 -5.36 29.60 25.12
C SER K 76 -5.78 29.88 23.69
N PHE K 77 -6.78 30.71 23.47
CA PHE K 77 -7.37 30.84 22.13
C PHE K 77 -7.64 32.31 21.80
N HIS K 78 -8.23 33.05 22.74
CA HIS K 78 -8.63 34.44 22.52
C HIS K 78 -8.61 35.17 23.86
N GLU K 79 -8.02 36.37 23.89
CA GLU K 79 -7.76 37.11 25.13
C GLU K 79 -8.83 38.16 25.45
N GLY K 80 -9.95 38.15 24.73
CA GLY K 80 -10.86 39.29 24.81
C GLY K 80 -11.60 39.46 26.12
N SER K 81 -11.51 38.48 27.03
CA SER K 81 -12.21 38.63 28.31
C SER K 81 -11.53 39.62 29.22
N ALA K 82 -10.32 40.07 28.86
CA ALA K 82 -9.71 41.20 29.55
C ALA K 82 -10.62 42.42 29.55
N PHE K 83 -11.51 42.54 28.55
CA PHE K 83 -12.37 43.71 28.40
C PHE K 83 -13.72 43.55 29.06
N ALA K 84 -13.97 42.41 29.71
CA ALA K 84 -15.31 42.11 30.22
C ALA K 84 -15.74 43.00 31.39
N PRO K 85 -14.94 43.19 32.44
CA PRO K 85 -15.48 43.77 33.69
C PRO K 85 -16.30 45.05 33.47
N PRO K 86 -15.79 46.07 32.75
CA PRO K 86 -16.61 47.30 32.60
C PRO K 86 -17.88 47.07 31.80
N ARG K 87 -17.89 46.12 30.86
CA ARG K 87 -19.10 45.84 30.11
C ARG K 87 -20.15 45.16 30.99
N ILE K 88 -19.70 44.25 31.87
CA ILE K 88 -20.63 43.58 32.78
C ILE K 88 -21.30 44.61 33.68
N ARG K 89 -20.51 45.48 34.31
CA ARG K 89 -21.05 46.51 35.20
C ARG K 89 -22.07 47.39 34.48
N GLU K 90 -21.77 47.79 33.25
CA GLU K 90 -22.75 48.58 32.50
C GLU K 90 -24.03 47.79 32.30
N ALA K 91 -23.92 46.52 31.91
CA ALA K 91 -25.13 45.74 31.63
C ALA K 91 -25.95 45.47 32.89
N ILE K 92 -25.31 45.47 34.07
CA ILE K 92 -26.08 45.39 35.31
C ILE K 92 -27.13 46.49 35.39
N TRP K 93 -26.84 47.68 34.84
CA TRP K 93 -27.75 48.83 34.88
C TRP K 93 -28.29 49.21 33.50
N CYS K 94 -28.34 48.25 32.56
CA CYS K 94 -28.92 48.49 31.25
C CYS K 94 -30.32 49.10 31.37
N ASP K 95 -30.62 50.09 30.51
CA ASP K 95 -31.93 50.75 30.54
C ASP K 95 -33.10 49.81 30.20
N SER K 96 -32.84 48.65 29.59
CA SER K 96 -33.92 47.75 29.24
C SER K 96 -34.36 46.88 30.41
N THR K 97 -33.58 46.83 31.49
CA THR K 97 -33.87 46.00 32.66
C THR K 97 -34.34 46.85 33.81
N ASN K 98 -34.81 46.19 34.87
CA ASN K 98 -35.04 46.86 36.15
C ASN K 98 -34.05 46.31 37.17
N SER K 99 -34.03 46.92 38.34
CA SER K 99 -32.98 46.67 39.34
C SER K 99 -33.38 45.65 40.40
N THR K 100 -34.40 44.84 40.16
CA THR K 100 -34.85 43.84 41.12
C THR K 100 -34.48 42.46 40.60
N THR K 101 -33.89 41.62 41.46
CA THR K 101 -33.47 40.29 41.05
C THR K 101 -34.68 39.34 41.03
N GLU K 102 -34.47 38.12 40.51
CA GLU K 102 -35.62 37.23 40.31
C GLU K 102 -36.37 36.95 41.60
N GLU K 103 -35.68 36.92 42.74
CA GLU K 103 -36.32 36.58 44.00
C GLU K 103 -36.51 37.77 44.92
N GLY K 104 -36.32 38.99 44.42
CA GLY K 104 -36.85 40.18 45.04
C GLY K 104 -35.88 41.14 45.70
N LYS K 105 -34.59 41.00 45.48
CA LYS K 105 -33.64 41.94 46.05
C LYS K 105 -33.46 43.14 45.14
N ASN K 106 -33.37 44.33 45.74
CA ASN K 106 -33.20 45.57 44.98
C ASN K 106 -31.72 45.94 44.87
N LEU K 107 -31.19 45.90 43.65
CA LEU K 107 -29.80 46.21 43.40
C LEU K 107 -29.48 47.68 43.61
N ARG K 108 -30.48 48.55 43.69
CA ARG K 108 -30.23 49.95 44.03
C ARG K 108 -29.95 50.15 45.51
N ASP K 109 -30.19 49.15 46.34
CA ASP K 109 -29.73 49.16 47.72
C ASP K 109 -28.23 48.91 47.74
N PRO K 110 -27.40 49.89 48.13
CA PRO K 110 -25.94 49.66 48.12
C PRO K 110 -25.51 48.46 48.93
N ARG K 111 -26.31 48.07 49.93
CA ARG K 111 -26.03 46.88 50.74
C ARG K 111 -26.20 45.58 49.96
N VAL K 112 -26.91 45.62 48.83
CA VAL K 112 -27.09 44.42 48.02
C VAL K 112 -25.94 44.21 47.04
N ILE K 113 -25.43 45.29 46.44
CA ILE K 113 -24.30 45.17 45.53
C ILE K 113 -23.60 46.53 45.45
N THR K 114 -22.28 46.49 45.33
CA THR K 114 -21.50 47.71 45.17
C THR K 114 -20.26 47.40 44.34
N ASN K 115 -19.70 48.44 43.73
CA ASN K 115 -18.47 48.30 42.97
C ASN K 115 -17.27 48.82 43.76
N VAL K 116 -16.19 48.04 43.79
CA VAL K 116 -14.94 48.51 44.36
C VAL K 116 -14.12 49.14 43.26
N GLY K 117 -13.70 48.34 42.28
CA GLY K 117 -12.92 48.86 41.18
C GLY K 117 -12.27 47.74 40.38
N ASP K 118 -11.40 48.14 39.45
CA ASP K 118 -10.62 47.22 38.63
C ASP K 118 -9.16 47.24 39.07
N VAL K 119 -8.58 46.07 39.28
CA VAL K 119 -7.13 45.89 39.36
C VAL K 119 -6.52 46.31 38.03
N PRO K 120 -5.60 47.28 37.99
CA PRO K 120 -5.05 47.70 36.69
C PRO K 120 -4.01 46.74 36.13
N ILE K 121 -4.49 45.60 35.62
CA ILE K 121 -3.60 44.55 35.13
C ILE K 121 -2.69 45.08 34.03
N GLU K 122 -3.28 45.72 33.01
CA GLU K 122 -2.51 46.14 31.85
C GLU K 122 -1.37 47.06 32.25
N GLU K 123 -1.62 47.97 33.20
CA GLU K 123 -0.60 48.91 33.63
C GLU K 123 0.47 48.24 34.49
N ILE K 124 0.08 47.32 35.36
CA ILE K 124 1.06 46.60 36.17
C ILE K 124 1.90 45.67 35.29
N ARG K 125 1.26 44.97 34.35
CA ARG K 125 1.99 44.10 33.45
C ARG K 125 2.96 44.92 32.59
N ASP K 126 2.56 46.12 32.19
CA ASP K 126 3.42 46.98 31.41
C ASP K 126 4.63 47.49 32.18
N CYS K 127 4.71 47.27 33.49
CA CYS K 127 5.92 47.59 34.25
C CYS K 127 6.91 46.44 34.30
N GLY K 128 6.61 45.33 33.62
CA GLY K 128 7.50 44.18 33.58
C GLY K 128 7.31 43.18 34.69
N VAL K 129 6.24 43.32 35.47
CA VAL K 129 5.95 42.37 36.53
C VAL K 129 5.68 40.99 35.93
N ASP K 130 6.32 39.96 36.49
CA ASP K 130 6.11 38.60 36.03
C ASP K 130 4.79 38.05 36.58
N ASP K 131 4.44 36.85 36.11
CA ASP K 131 3.08 36.36 36.34
C ASP K 131 2.84 36.00 37.80
N LYS K 132 3.85 35.50 38.50
CA LYS K 132 3.70 35.20 39.92
C LYS K 132 3.34 36.46 40.70
N ARG K 133 4.07 37.55 40.44
CA ARG K 133 3.82 38.80 41.15
C ARG K 133 2.45 39.35 40.78
N LEU K 134 2.09 39.26 39.51
CA LEU K 134 0.75 39.67 39.08
C LEU K 134 -0.32 38.89 39.83
N ALA K 135 -0.16 37.57 39.93
CA ALA K 135 -1.08 36.77 40.73
C ALA K 135 -1.12 37.25 42.16
N ASN K 136 0.02 37.72 42.68
CA ASN K 136 0.05 38.21 44.05
C ASN K 136 -0.73 39.52 44.19
N VAL K 137 -0.65 40.40 43.19
CA VAL K 137 -1.42 41.64 43.23
C VAL K 137 -2.91 41.34 43.28
N ILE K 138 -3.35 40.28 42.60
CA ILE K 138 -4.77 39.94 42.58
C ILE K 138 -5.20 39.41 43.95
N SER K 139 -4.41 38.52 44.55
CA SER K 139 -4.75 37.98 45.87
C SER K 139 -4.82 39.09 46.92
N GLU K 140 -3.89 40.04 46.86
CA GLU K 140 -3.89 41.13 47.83
C GLU K 140 -5.10 42.04 47.62
N SER K 141 -5.50 42.26 46.37
CA SER K 141 -6.69 43.06 46.11
C SER K 141 -7.92 42.42 46.72
N VAL K 142 -8.04 41.09 46.61
CA VAL K 142 -9.16 40.41 47.22
C VAL K 142 -9.12 40.57 48.73
N LYS K 143 -7.92 40.48 49.31
CA LYS K 143 -7.80 40.64 50.75
C LYS K 143 -8.23 42.04 51.18
N LEU K 144 -7.94 43.05 50.37
CA LEU K 144 -8.35 44.42 50.71
C LEU K 144 -9.86 44.55 50.74
N VAL K 145 -10.56 43.84 49.85
CA VAL K 145 -12.02 43.86 49.91
C VAL K 145 -12.50 43.21 51.19
N MET K 146 -11.97 42.02 51.50
CA MET K 146 -12.43 41.27 52.67
C MET K 146 -12.16 42.00 53.98
N ASP K 147 -11.08 42.80 54.03
CA ASP K 147 -10.71 43.54 55.23
C ASP K 147 -11.82 44.46 55.72
N GLU K 148 -12.65 44.98 54.81
CA GLU K 148 -13.67 45.96 55.14
C GLU K 148 -14.99 45.23 55.36
N ASP K 149 -15.31 44.95 56.61
CA ASP K 149 -16.63 44.44 56.95
C ASP K 149 -17.68 45.44 56.47
N PRO K 150 -18.77 45.00 55.83
CA PRO K 150 -19.17 43.63 55.48
C PRO K 150 -18.95 43.21 54.02
N LEU K 151 -18.00 43.82 53.32
CA LEU K 151 -17.81 43.52 51.92
C LEU K 151 -17.35 42.08 51.73
N ARG K 152 -17.94 41.39 50.76
CA ARG K 152 -17.49 40.08 50.33
C ARG K 152 -17.20 40.12 48.83
N PRO K 153 -16.10 39.50 48.38
CA PRO K 153 -15.62 39.74 47.02
C PRO K 153 -16.42 38.95 45.98
N LEU K 154 -16.89 39.64 44.95
CA LEU K 154 -17.46 39.02 43.77
C LEU K 154 -16.64 39.53 42.59
N VAL K 155 -15.79 38.67 42.05
CA VAL K 155 -14.75 39.09 41.11
C VAL K 155 -15.27 38.95 39.69
N LEU K 156 -15.07 39.99 38.89
CA LEU K 156 -15.39 39.95 37.46
C LEU K 156 -14.10 39.67 36.68
N GLY K 157 -14.02 38.50 36.05
CA GLY K 157 -12.99 38.25 35.07
C GLY K 157 -13.29 38.93 33.74
N GLY K 158 -12.33 38.82 32.81
CA GLY K 158 -11.10 38.10 33.01
C GLY K 158 -11.24 36.63 32.63
N ASP K 159 -10.14 35.98 32.25
CA ASP K 159 -10.22 34.56 31.95
C ASP K 159 -10.17 33.77 33.25
N HIS K 160 -10.36 32.44 33.15
CA HIS K 160 -10.57 31.66 34.36
C HIS K 160 -9.30 31.49 35.20
N SER K 161 -8.13 31.92 34.72
CA SER K 161 -6.94 31.78 35.55
C SER K 161 -7.07 32.53 36.86
N ILE K 162 -7.89 33.59 36.89
CA ILE K 162 -7.93 34.44 38.07
C ILE K 162 -8.51 33.72 39.28
N SER K 163 -9.26 32.63 39.09
CA SER K 163 -9.87 31.97 40.23
C SER K 163 -8.84 31.46 41.22
N PHE K 164 -7.64 31.10 40.74
CA PHE K 164 -6.62 30.58 41.66
C PHE K 164 -6.17 31.65 42.66
N PRO K 165 -5.64 32.80 42.25
CA PRO K 165 -5.23 33.79 43.27
C PRO K 165 -6.38 34.31 44.09
N VAL K 166 -7.60 34.23 43.57
CA VAL K 166 -8.76 34.72 44.31
C VAL K 166 -9.14 33.74 45.41
N VAL K 167 -9.27 32.46 45.06
CA VAL K 167 -9.62 31.45 46.07
C VAL K 167 -8.50 31.32 47.09
N ARG K 168 -7.24 31.42 46.64
CA ARG K 168 -6.13 31.41 47.58
C ARG K 168 -6.27 32.51 48.60
N ALA K 169 -6.59 33.73 48.12
CA ALA K 169 -6.78 34.85 49.03
C ALA K 169 -7.91 34.57 50.01
N VAL K 170 -9.08 34.19 49.49
CA VAL K 170 -10.24 33.93 50.35
C VAL K 170 -9.89 32.88 51.41
N SER K 171 -9.22 31.81 51.01
CA SER K 171 -8.94 30.73 51.95
C SER K 171 -7.89 31.12 52.97
N GLU K 172 -6.86 31.85 52.54
CA GLU K 172 -5.87 32.37 53.47
C GLU K 172 -6.51 33.34 54.48
N LYS K 173 -7.30 34.29 53.98
CA LYS K 173 -7.87 35.30 54.85
C LYS K 173 -8.86 34.71 55.85
N LEU K 174 -9.65 33.72 55.42
CA LEU K 174 -10.61 33.10 56.32
C LEU K 174 -9.99 32.06 57.24
N GLY K 175 -8.75 31.64 56.98
CA GLY K 175 -8.08 30.68 57.84
C GLY K 175 -8.44 29.23 57.60
N GLY K 176 -8.92 28.86 56.42
CA GLY K 176 -9.24 27.47 56.18
C GLY K 176 -9.78 27.24 54.80
N ALA K 177 -10.34 26.06 54.62
CA ALA K 177 -10.79 25.62 53.32
C ALA K 177 -12.23 26.08 53.06
N VAL K 178 -12.59 26.14 51.78
CA VAL K 178 -13.97 26.37 51.36
C VAL K 178 -14.39 25.21 50.47
N ASP K 179 -15.70 25.09 50.27
CA ASP K 179 -16.26 24.24 49.23
C ASP K 179 -16.55 25.11 48.02
N ILE K 180 -16.41 24.54 46.83
CA ILE K 180 -16.53 25.30 45.60
C ILE K 180 -17.64 24.71 44.75
N LEU K 181 -18.55 25.55 44.29
CA LEU K 181 -19.50 25.21 43.25
C LEU K 181 -19.00 25.87 41.97
N HIS K 182 -18.74 25.05 40.95
CA HIS K 182 -18.00 25.50 39.77
C HIS K 182 -18.81 25.14 38.53
N PHE K 183 -19.26 26.16 37.79
CA PHE K 183 -19.97 25.97 36.53
C PHE K 183 -18.98 26.14 35.39
N ASP K 184 -18.90 25.14 34.50
CA ASP K 184 -17.89 25.18 33.45
C ASP K 184 -18.20 24.13 32.39
N ALA K 185 -17.86 24.43 31.13
CA ALA K 185 -17.85 23.38 30.12
C ALA K 185 -16.64 22.48 30.25
N HIS K 186 -15.56 22.98 30.86
CA HIS K 186 -14.27 22.30 30.99
C HIS K 186 -13.87 22.20 32.47
N PRO K 187 -13.33 21.06 32.90
CA PRO K 187 -12.96 20.92 34.32
C PRO K 187 -11.82 21.83 34.77
N ASP K 188 -11.05 22.41 33.85
CA ASP K 188 -9.96 23.33 34.22
C ASP K 188 -8.99 22.69 35.23
N LEU K 189 -8.67 21.41 35.02
CA LEU K 189 -7.85 20.64 35.95
C LEU K 189 -6.57 20.13 35.32
N TYR K 190 -6.17 20.68 34.16
CA TYR K 190 -4.87 20.31 33.57
C TYR K 190 -3.74 20.62 34.55
N HIS K 191 -2.88 19.63 34.78
CA HIS K 191 -1.69 19.88 35.59
C HIS K 191 -0.71 20.80 34.86
N ASP K 192 -0.57 20.60 33.54
CA ASP K 192 0.36 21.39 32.74
C ASP K 192 -0.28 21.61 31.37
N PHE K 193 -0.87 22.81 31.17
CA PHE K 193 -1.45 23.17 29.88
C PHE K 193 -0.48 24.08 29.13
N GLU K 194 0.09 23.56 28.04
CA GLU K 194 0.99 24.32 27.16
C GLU K 194 2.05 25.09 27.95
N GLY K 195 2.52 24.50 29.06
CA GLY K 195 3.66 25.01 29.80
C GLY K 195 3.38 26.18 30.72
N ASN K 196 2.16 26.70 30.76
CA ASN K 196 1.81 27.90 31.49
C ASN K 196 1.20 27.50 32.83
N TYR K 197 1.94 27.74 33.92
CA TYR K 197 1.46 27.44 35.26
C TYR K 197 0.13 28.15 35.57
N TYR K 198 -0.07 29.36 35.05
CA TYR K 198 -1.29 30.13 35.32
C TYR K 198 -2.28 30.05 34.17
N SER K 199 -2.32 28.95 33.44
CA SER K 199 -3.24 28.84 32.31
C SER K 199 -4.68 28.96 32.78
N HIS K 200 -5.52 29.57 31.95
CA HIS K 200 -6.94 29.58 32.29
C HIS K 200 -7.57 28.19 32.27
N ALA K 201 -6.82 27.15 31.93
CA ALA K 201 -7.32 25.77 31.96
C ALA K 201 -6.71 24.97 33.11
N SER K 202 -5.97 25.61 34.01
CA SER K 202 -5.41 24.93 35.18
C SER K 202 -5.81 25.44 36.58
N PRO K 203 -6.65 26.48 36.72
CA PRO K 203 -6.76 27.12 38.05
C PRO K 203 -7.23 26.17 39.15
N PHE K 204 -8.03 25.16 38.84
CA PHE K 204 -8.47 24.27 39.89
C PHE K 204 -7.49 23.15 40.15
N ALA K 205 -6.55 22.90 39.23
CA ALA K 205 -5.36 22.14 39.58
C ALA K 205 -4.60 22.87 40.68
N ARG K 206 -4.34 24.16 40.48
CA ARG K 206 -3.62 24.95 41.48
C ARG K 206 -4.39 25.00 42.79
N ILE K 207 -5.71 25.14 42.73
CA ILE K 207 -6.52 25.26 43.94
C ILE K 207 -6.42 23.99 44.78
N MET K 208 -6.62 22.83 44.14
CA MET K 208 -6.59 21.56 44.87
C MET K 208 -5.19 21.21 45.34
N GLU K 209 -4.16 21.57 44.57
CA GLU K 209 -2.79 21.36 45.02
C GLU K 209 -2.53 22.06 46.35
N GLY K 210 -3.07 23.27 46.52
CA GLY K 210 -2.88 24.04 47.72
C GLY K 210 -3.75 23.64 48.89
N GLY K 211 -4.77 22.82 48.65
CA GLY K 211 -5.71 22.50 49.71
C GLY K 211 -6.64 23.65 50.07
N TYR K 212 -6.80 24.63 49.18
CA TYR K 212 -7.65 25.77 49.47
C TYR K 212 -9.12 25.42 49.40
N ALA K 213 -9.46 24.27 48.81
CA ALA K 213 -10.83 23.83 48.69
C ALA K 213 -10.94 22.42 49.26
N ARG K 214 -12.06 22.14 49.92
CA ARG K 214 -12.40 20.77 50.30
C ARG K 214 -13.13 20.13 49.12
N ARG K 215 -14.43 20.34 49.02
CA ARG K 215 -15.20 19.79 47.90
C ARG K 215 -15.12 20.72 46.70
N LEU K 216 -15.22 20.13 45.52
CA LEU K 216 -15.26 20.86 44.25
C LEU K 216 -16.37 20.20 43.43
N VAL K 217 -17.53 20.84 43.37
CA VAL K 217 -18.66 20.34 42.59
C VAL K 217 -18.70 21.12 41.28
N GLN K 218 -18.53 20.39 40.17
CA GLN K 218 -18.46 20.97 38.84
C GLN K 218 -19.72 20.61 38.07
N VAL K 219 -20.36 21.62 37.48
CA VAL K 219 -21.61 21.45 36.76
C VAL K 219 -21.43 21.99 35.34
N GLY K 220 -21.92 21.23 34.35
CA GLY K 220 -21.88 21.65 32.96
C GLY K 220 -20.77 21.02 32.14
N ILE K 221 -19.99 20.11 32.71
CA ILE K 221 -18.84 19.56 32.04
C ILE K 221 -19.25 18.79 30.79
N ARG K 222 -18.63 19.14 29.66
CA ARG K 222 -18.84 18.39 28.43
C ARG K 222 -17.57 18.32 27.56
N SER K 223 -16.40 18.68 28.09
CA SER K 223 -15.15 18.66 27.32
C SER K 223 -14.02 18.33 28.29
N ILE K 224 -13.68 17.05 28.37
CA ILE K 224 -12.71 16.55 29.35
C ILE K 224 -11.90 15.44 28.71
N THR K 225 -10.58 15.57 28.79
CA THR K 225 -9.68 14.56 28.25
C THR K 225 -9.51 13.42 29.25
N ASN K 226 -8.99 12.29 28.75
CA ASN K 226 -8.76 11.15 29.63
C ASN K 226 -7.71 11.46 30.69
N ASP K 227 -6.73 12.33 30.37
CA ASP K 227 -5.74 12.73 31.36
C ASP K 227 -6.39 13.49 32.52
N VAL K 228 -7.35 14.36 32.21
CA VAL K 228 -8.04 15.11 33.25
C VAL K 228 -9.02 14.24 34.03
N ARG K 229 -9.48 13.12 33.44
CA ARG K 229 -10.27 12.16 34.22
C ARG K 229 -9.51 11.71 35.45
N GLU K 230 -8.19 11.51 35.32
CA GLU K 230 -7.35 11.06 36.43
C GLU K 230 -7.08 12.17 37.45
N GLN K 231 -7.05 13.43 36.99
CA GLN K 231 -6.97 14.56 37.91
C GLN K 231 -8.23 14.67 38.77
N VAL K 232 -9.40 14.46 38.16
CA VAL K 232 -10.65 14.42 38.91
C VAL K 232 -10.62 13.31 39.96
N LYS K 233 -10.29 12.09 39.53
CA LYS K 233 -10.25 10.96 40.46
C LYS K 233 -9.22 11.18 41.55
N LYS K 234 -8.09 11.84 41.22
CA LYS K 234 -6.99 12.03 42.18
C LYS K 234 -7.42 12.92 43.34
N TYR K 235 -8.05 14.04 43.06
CA TYR K 235 -8.45 15.01 44.08
C TYR K 235 -9.89 14.84 44.54
N GLY K 236 -10.53 13.73 44.18
CA GLY K 236 -11.92 13.50 44.57
C GLY K 236 -12.86 14.60 44.15
N VAL K 237 -12.68 15.13 42.94
CA VAL K 237 -13.57 16.15 42.41
C VAL K 237 -14.90 15.51 42.04
N GLU K 238 -15.99 16.23 42.28
CA GLU K 238 -17.33 15.77 41.93
C GLU K 238 -17.71 16.39 40.59
N THR K 239 -17.35 15.70 39.51
CA THR K 239 -17.60 16.20 38.17
C THR K 239 -18.92 15.66 37.67
N HIS K 240 -19.80 16.57 37.26
CA HIS K 240 -21.12 16.24 36.74
C HIS K 240 -21.14 16.60 35.26
N GLU K 241 -21.18 15.59 34.41
CA GLU K 241 -21.13 15.80 32.98
C GLU K 241 -22.54 16.01 32.44
N MET K 242 -22.62 16.76 31.34
CA MET K 242 -23.92 17.07 30.76
C MET K 242 -24.73 15.82 30.45
N ARG K 243 -24.06 14.72 30.05
CA ARG K 243 -24.82 13.57 29.62
C ARG K 243 -25.54 12.85 30.77
N THR K 244 -25.34 13.26 32.03
CA THR K 244 -26.10 12.71 33.16
C THR K 244 -26.89 13.80 33.89
N LEU K 245 -27.18 14.92 33.22
CA LEU K 245 -27.75 16.07 33.91
C LEU K 245 -29.16 15.81 34.41
N SER K 246 -30.04 15.32 33.54
CA SER K 246 -31.42 15.08 33.97
C SER K 246 -31.45 14.04 35.08
N ARG K 247 -30.54 13.08 35.03
CA ARG K 247 -30.39 12.13 36.12
C ARG K 247 -29.90 12.83 37.39
N ASP K 248 -28.89 13.68 37.28
CA ASP K 248 -28.33 14.34 38.46
C ASP K 248 -29.14 15.54 38.92
N ARG K 249 -30.21 15.90 38.19
CA ARG K 249 -30.86 17.18 38.45
C ARG K 249 -31.38 17.31 39.88
N PRO K 250 -32.09 16.34 40.47
CA PRO K 250 -32.56 16.53 41.85
C PRO K 250 -31.44 16.74 42.86
N ILE K 251 -30.27 16.17 42.62
CA ILE K 251 -29.14 16.38 43.53
C ILE K 251 -28.62 17.81 43.39
N LEU K 252 -28.40 18.25 42.14
CA LEU K 252 -27.74 19.52 41.93
C LEU K 252 -28.60 20.71 42.35
N GLU K 253 -29.92 20.60 42.22
CA GLU K 253 -30.83 21.66 42.61
C GLU K 253 -31.16 21.62 44.09
N ASN K 254 -30.31 20.95 44.86
CA ASN K 254 -30.47 20.83 46.31
C ASN K 254 -29.09 20.69 46.95
N LEU K 255 -28.16 21.54 46.55
CA LEU K 255 -26.81 21.47 47.08
C LEU K 255 -26.73 22.10 48.47
N LYS K 256 -25.94 21.47 49.34
CA LYS K 256 -25.64 21.98 50.67
C LYS K 256 -24.14 21.86 50.87
N LEU K 257 -23.43 23.00 50.81
CA LEU K 257 -21.97 23.03 50.87
C LEU K 257 -21.50 23.86 52.05
N GLY K 258 -20.20 23.74 52.35
CA GLY K 258 -19.52 24.57 53.33
C GLY K 258 -19.64 24.11 54.77
N GLU K 259 -20.30 22.97 55.02
CA GLU K 259 -20.54 22.48 56.37
C GLU K 259 -19.25 21.93 56.95
N GLY K 260 -18.73 22.57 58.00
CA GLY K 260 -17.50 22.16 58.62
C GLY K 260 -16.25 22.85 58.12
N VAL K 261 -16.37 23.67 57.08
CA VAL K 261 -15.25 24.46 56.57
C VAL K 261 -15.62 25.93 56.63
N LYS K 262 -14.82 26.78 55.97
CA LYS K 262 -14.92 28.22 56.18
C LYS K 262 -16.00 28.89 55.35
N GLY K 263 -16.53 28.23 54.33
CA GLY K 263 -17.60 28.82 53.56
C GLY K 263 -17.70 28.18 52.19
N VAL K 264 -18.41 28.87 51.30
CA VAL K 264 -18.69 28.36 49.96
C VAL K 264 -18.30 29.43 48.94
N TYR K 265 -17.62 29.01 47.89
CA TYR K 265 -17.17 29.86 46.81
C TYR K 265 -17.80 29.38 45.50
N VAL K 266 -18.45 30.29 44.78
CA VAL K 266 -19.15 29.97 43.54
C VAL K 266 -18.34 30.55 42.38
N SER K 267 -17.84 29.69 41.50
CA SER K 267 -17.14 30.12 40.29
C SER K 267 -18.02 29.84 39.08
N ILE K 268 -18.34 30.87 38.31
CA ILE K 268 -19.25 30.73 37.16
C ILE K 268 -18.48 31.07 35.89
N ASP K 269 -18.06 30.04 35.15
CA ASP K 269 -17.53 30.25 33.79
C ASP K 269 -18.71 30.41 32.83
N VAL K 270 -18.72 31.51 32.08
CA VAL K 270 -19.86 31.80 31.22
C VAL K 270 -19.96 30.78 30.08
N ASP K 271 -18.85 30.15 29.69
CA ASP K 271 -18.96 29.16 28.63
C ASP K 271 -19.54 27.83 29.12
N SER K 272 -19.90 27.74 30.41
CA SER K 272 -20.70 26.61 30.86
C SER K 272 -22.05 26.60 30.17
N LEU K 273 -22.52 27.77 29.77
CA LEU K 273 -23.78 27.92 29.07
C LEU K 273 -23.64 27.53 27.60
N ASP K 274 -24.76 27.08 27.01
CA ASP K 274 -24.74 26.75 25.60
C ASP K 274 -24.31 27.97 24.79
N PRO K 275 -23.51 27.78 23.75
CA PRO K 275 -23.16 28.91 22.87
C PRO K 275 -24.36 29.64 22.31
N SER K 276 -25.53 28.99 22.21
CA SER K 276 -26.72 29.68 21.74
C SER K 276 -27.13 30.80 22.69
N ILE K 277 -26.91 30.59 24.00
CA ILE K 277 -27.24 31.57 25.05
C ILE K 277 -26.09 32.56 25.28
N ALA K 278 -24.86 32.07 25.23
CA ALA K 278 -23.68 32.86 25.58
C ALA K 278 -22.66 32.77 24.45
N PRO K 279 -22.92 33.43 23.32
CA PRO K 279 -21.95 33.37 22.23
C PRO K 279 -20.66 34.13 22.52
N GLY K 280 -20.70 35.14 23.40
CA GLY K 280 -19.52 35.93 23.70
C GLY K 280 -18.60 35.25 24.70
N VAL K 281 -18.01 34.11 24.30
CA VAL K 281 -17.00 33.41 25.07
C VAL K 281 -15.89 32.97 24.11
N SER K 282 -14.75 32.59 24.67
CA SER K 282 -13.63 32.17 23.83
C SER K 282 -13.79 30.74 23.33
N HIS K 283 -14.41 29.85 24.11
CA HIS K 283 -14.48 28.42 23.79
C HIS K 283 -15.94 27.97 23.74
N HIS K 284 -16.45 27.84 22.52
CA HIS K 284 -17.78 27.30 22.30
C HIS K 284 -17.76 25.80 22.45
N GLU K 285 -18.70 25.27 23.21
CA GLU K 285 -18.80 23.83 23.42
C GLU K 285 -20.30 23.51 23.36
N PRO K 286 -20.78 22.99 22.23
CA PRO K 286 -22.23 22.83 22.06
C PRO K 286 -22.77 21.81 23.04
N GLY K 287 -24.08 21.89 23.27
CA GLY K 287 -24.72 21.05 24.27
C GLY K 287 -24.52 21.53 25.70
N GLY K 288 -24.62 22.83 25.94
CA GLY K 288 -24.34 23.39 27.26
C GLY K 288 -25.57 23.58 28.13
N LEU K 289 -25.32 24.17 29.31
CA LEU K 289 -26.40 24.48 30.24
C LEU K 289 -27.33 25.54 29.67
N LEU K 290 -28.62 25.44 30.03
CA LEU K 290 -29.53 26.55 29.82
C LEU K 290 -29.34 27.54 30.95
N PHE K 291 -29.62 28.81 30.68
CA PHE K 291 -29.48 29.83 31.73
C PHE K 291 -30.26 29.42 32.97
N ARG K 292 -31.46 28.89 32.78
CA ARG K 292 -32.32 28.46 33.88
C ARG K 292 -31.72 27.31 34.67
N ASP K 293 -30.88 26.48 34.04
CA ASP K 293 -30.20 25.41 34.78
C ASP K 293 -29.30 25.98 35.87
N ILE K 294 -28.54 27.03 35.56
CA ILE K 294 -27.67 27.63 36.57
C ILE K 294 -28.50 28.29 37.66
N LEU K 295 -29.50 29.10 37.28
CA LEU K 295 -30.36 29.75 38.27
C LEU K 295 -31.00 28.73 39.20
N ASN K 296 -31.50 27.63 38.64
CA ASN K 296 -32.10 26.57 39.45
C ASN K 296 -31.14 26.11 40.54
N ILE K 297 -29.87 25.92 40.18
CA ILE K 297 -28.88 25.41 41.11
C ILE K 297 -28.44 26.50 42.08
N LEU K 298 -28.13 27.68 41.55
CA LEU K 298 -27.62 28.76 42.39
C LEU K 298 -28.68 29.27 43.36
N GLN K 299 -29.91 29.49 42.88
CA GLN K 299 -30.95 30.03 43.75
C GLN K 299 -31.30 29.07 44.87
N ASN K 300 -31.11 27.77 44.65
CA ASN K 300 -31.46 26.77 45.64
C ASN K 300 -30.27 26.33 46.48
N LEU K 301 -29.10 26.91 46.24
CA LEU K 301 -27.88 26.54 46.95
C LEU K 301 -27.95 26.95 48.42
N GLN K 302 -27.61 26.03 49.32
CA GLN K 302 -27.53 26.31 50.75
C GLN K 302 -26.08 26.27 51.19
N GLY K 303 -25.70 27.25 51.99
CA GLY K 303 -24.34 27.37 52.52
C GLY K 303 -23.88 28.80 52.60
N ASP K 304 -22.87 29.04 53.43
CA ASP K 304 -22.31 30.36 53.66
C ASP K 304 -21.44 30.73 52.47
N ILE K 305 -21.98 31.57 51.57
CA ILE K 305 -21.21 31.98 50.41
C ILE K 305 -20.26 33.08 50.84
N VAL K 306 -18.95 32.83 50.69
CA VAL K 306 -17.92 33.76 51.14
C VAL K 306 -17.26 34.51 49.98
N GLY K 307 -17.51 34.09 48.74
CA GLY K 307 -16.94 34.75 47.59
C GLY K 307 -17.41 34.06 46.33
N GLY K 308 -17.08 34.67 45.20
CA GLY K 308 -17.49 34.12 43.92
C GLY K 308 -16.88 34.91 42.79
N ASP K 309 -17.03 34.38 41.58
CA ASP K 309 -16.52 35.03 40.38
C ASP K 309 -17.38 34.67 39.18
N VAL K 310 -17.37 35.54 38.19
CA VAL K 310 -18.02 35.32 36.90
C VAL K 310 -16.97 35.60 35.83
N VAL K 311 -16.60 34.58 35.07
CA VAL K 311 -15.40 34.67 34.25
C VAL K 311 -15.69 34.23 32.82
N GLU K 312 -14.78 34.63 31.92
CA GLU K 312 -14.67 34.23 30.52
C GLU K 312 -15.75 34.83 29.63
N TYR K 313 -16.50 35.83 30.09
CA TYR K 313 -17.23 36.66 29.15
C TYR K 313 -16.24 37.37 28.25
N ASN K 314 -16.46 37.30 26.94
CA ASN K 314 -15.54 37.88 25.96
C ASN K 314 -16.30 38.84 25.06
N PRO K 315 -16.24 40.15 25.32
CA PRO K 315 -17.00 41.10 24.47
C PRO K 315 -16.65 41.03 22.99
N GLN K 316 -15.42 40.66 22.64
CA GLN K 316 -15.01 40.69 21.24
C GLN K 316 -15.60 39.56 20.43
N ARG K 317 -16.31 38.62 21.06
CA ARG K 317 -16.99 37.52 20.39
C ARG K 317 -18.50 37.53 20.63
N ASP K 318 -19.02 38.61 21.20
CA ASP K 318 -20.44 38.78 21.48
C ASP K 318 -21.19 39.21 20.21
N THR K 319 -22.51 39.13 20.27
CA THR K 319 -23.36 39.65 19.22
C THR K 319 -23.42 41.17 19.32
N TYR K 320 -23.92 41.80 18.26
CA TYR K 320 -23.95 43.26 18.21
C TYR K 320 -24.79 43.84 19.34
N ASP K 321 -25.95 43.24 19.63
CA ASP K 321 -26.78 43.72 20.74
C ASP K 321 -26.17 43.45 22.11
N GLY K 322 -25.02 42.80 22.19
CA GLY K 322 -24.37 42.46 23.45
C GLY K 322 -25.15 41.56 24.38
N ILE K 323 -25.73 40.47 23.85
CA ILE K 323 -26.54 39.58 24.68
C ILE K 323 -25.71 38.92 25.78
N THR K 324 -24.43 38.64 25.53
CA THR K 324 -23.68 37.93 26.55
C THR K 324 -23.32 38.84 27.71
N ALA K 325 -23.17 40.14 27.46
CA ALA K 325 -22.97 41.08 28.57
C ALA K 325 -24.14 41.03 29.53
N LEU K 326 -25.36 41.00 28.97
CA LEU K 326 -26.63 40.88 29.76
C LEU K 326 -26.64 39.55 30.50
N VAL K 327 -26.23 38.47 29.82
CA VAL K 327 -26.13 37.15 30.44
C VAL K 327 -25.15 37.18 31.62
N ALA K 328 -23.97 37.74 31.40
CA ALA K 328 -23.00 37.78 32.49
C ALA K 328 -23.50 38.66 33.63
N ALA K 329 -24.15 39.77 33.29
CA ALA K 329 -24.68 40.67 34.33
C ALA K 329 -25.73 39.96 35.18
N LYS K 330 -26.61 39.16 34.56
CA LYS K 330 -27.65 38.51 35.35
C LYS K 330 -27.08 37.41 36.23
N LEU K 331 -26.02 36.73 35.76
CA LEU K 331 -25.30 35.83 36.65
C LEU K 331 -24.73 36.59 37.85
N VAL K 332 -24.14 37.76 37.60
CA VAL K 332 -23.58 38.56 38.71
C VAL K 332 -24.68 39.02 39.64
N ARG K 333 -25.80 39.48 39.07
CA ARG K 333 -26.93 39.96 39.89
C ARG K 333 -27.49 38.84 40.75
N GLU K 334 -27.62 37.64 40.20
CA GLU K 334 -28.20 36.54 40.95
C GLU K 334 -27.23 35.94 41.95
N LEU K 335 -25.92 35.94 41.64
CA LEU K 335 -24.94 35.53 42.64
C LEU K 335 -24.89 36.53 43.79
N ALA K 336 -24.94 37.82 43.48
CA ALA K 336 -24.97 38.86 44.51
C ALA K 336 -26.16 38.68 45.46
N ALA K 337 -27.32 38.30 44.92
CA ALA K 337 -28.49 38.13 45.76
C ALA K 337 -28.33 36.97 46.72
N LYS K 338 -27.62 35.91 46.32
CA LYS K 338 -27.36 34.81 47.25
C LYS K 338 -26.24 35.14 48.22
N MET K 339 -25.24 35.92 47.78
CA MET K 339 -24.10 36.20 48.65
C MET K 339 -24.38 37.36 49.60
N SER K 340 -25.00 38.43 49.11
CA SER K 340 -25.39 39.54 49.99
C SER K 340 -26.45 39.07 50.99
N LYS K 341 -26.37 39.63 52.19
CA LYS K 341 -27.00 38.99 53.34
C LYS K 341 -27.23 40.01 54.46
N VAL L 23 -53.91 76.26 10.99
CA VAL L 23 -53.17 76.55 12.22
C VAL L 23 -54.09 76.41 13.45
N SER L 24 -55.32 76.92 13.34
CA SER L 24 -56.19 76.99 14.50
C SER L 24 -56.58 75.60 14.99
N PRO L 25 -56.89 75.45 16.29
CA PRO L 25 -57.24 74.12 16.81
C PRO L 25 -58.47 73.50 16.16
N ALA L 26 -59.50 74.31 15.90
CA ALA L 26 -60.75 73.80 15.34
C ALA L 26 -60.53 73.22 13.94
N LEU L 27 -59.74 73.91 13.12
CA LEU L 27 -59.45 73.41 11.79
C LEU L 27 -58.54 72.19 11.86
N LEU L 28 -57.62 72.20 12.82
CA LEU L 28 -56.71 71.05 13.03
C LEU L 28 -57.55 69.83 13.44
N GLU L 29 -58.57 70.04 14.27
CA GLU L 29 -59.38 68.93 14.76
C GLU L 29 -60.28 68.36 13.67
N LYS L 30 -60.86 69.21 12.83
CA LYS L 30 -61.67 68.73 11.73
C LYS L 30 -60.83 67.92 10.76
N ALA L 31 -59.58 68.35 10.55
CA ALA L 31 -58.69 67.65 9.64
C ALA L 31 -58.25 66.31 10.21
N GLN L 32 -57.95 66.26 11.50
CA GLN L 32 -57.74 64.96 12.14
C GLN L 32 -58.95 64.06 11.97
N ASN L 33 -60.15 64.62 12.14
CA ASN L 33 -61.35 63.79 12.06
C ASN L 33 -61.49 63.17 10.68
N ARG L 34 -61.21 63.94 9.64
CA ARG L 34 -61.35 63.42 8.29
C ARG L 34 -60.29 62.36 7.99
N VAL L 35 -59.07 62.56 8.49
CA VAL L 35 -58.03 61.58 8.25
C VAL L 35 -58.36 60.27 8.98
N ILE L 36 -58.81 60.35 10.23
CA ILE L 36 -59.13 59.14 10.97
C ILE L 36 -60.35 58.45 10.37
N ASP L 37 -61.37 59.22 9.98
CA ASP L 37 -62.53 58.60 9.35
C ASP L 37 -62.12 57.82 8.11
N ALA L 38 -61.26 58.39 7.28
CA ALA L 38 -60.79 57.68 6.09
C ALA L 38 -59.96 56.46 6.47
N ALA L 39 -59.17 56.56 7.53
CA ALA L 39 -58.37 55.41 7.95
C ALA L 39 -59.27 54.24 8.36
N LEU L 40 -60.29 54.51 9.15
CA LEU L 40 -61.22 53.46 9.56
C LEU L 40 -62.05 52.94 8.37
N THR L 41 -62.41 53.83 7.44
CA THR L 41 -63.15 53.41 6.26
C THR L 41 -62.36 52.38 5.46
N PHE L 42 -61.05 52.59 5.32
CA PHE L 42 -60.22 51.60 4.66
C PHE L 42 -60.28 50.27 5.41
N ILE L 43 -60.21 50.32 6.74
CA ILE L 43 -60.21 49.08 7.52
C ILE L 43 -61.55 48.38 7.38
N ARG L 44 -62.64 49.14 7.39
CA ARG L 44 -63.97 48.54 7.33
C ARG L 44 -64.22 47.86 5.98
N GLU L 45 -63.75 48.48 4.90
CA GLU L 45 -63.89 47.87 3.58
C GLU L 45 -63.07 46.60 3.48
N ARG L 46 -61.87 46.57 4.10
CA ARG L 46 -61.06 45.36 4.08
C ARG L 46 -61.74 44.25 4.86
N ALA L 47 -62.24 44.56 6.06
CA ALA L 47 -62.98 43.56 6.84
C ALA L 47 -64.23 43.10 6.11
N LYS L 48 -64.94 44.02 5.46
CA LYS L 48 -66.09 43.66 4.63
C LYS L 48 -65.69 42.68 3.52
N PHE L 49 -64.64 43.02 2.77
CA PHE L 49 -64.15 42.13 1.73
C PHE L 49 -63.86 40.73 2.27
N LYS L 50 -63.09 40.63 3.35
CA LYS L 50 -62.74 39.31 3.89
C LYS L 50 -63.95 38.62 4.51
N GLY L 51 -64.83 39.39 5.17
CA GLY L 51 -66.03 38.80 5.73
C GLY L 51 -66.93 38.22 4.65
N GLU L 52 -67.11 38.94 3.55
CA GLU L 52 -67.92 38.43 2.45
C GLU L 52 -67.28 37.22 1.81
N LEU L 53 -65.94 37.16 1.79
CA LEU L 53 -65.24 35.99 1.26
C LEU L 53 -65.51 34.76 2.11
N MET L 54 -65.30 34.87 3.43
CA MET L 54 -65.50 33.70 4.29
C MET L 54 -66.92 33.19 4.19
N ARG L 55 -67.90 34.09 4.26
CA ARG L 55 -69.28 33.65 4.39
C ARG L 55 -69.73 32.91 3.15
N SER L 56 -69.32 33.38 1.97
CA SER L 56 -69.57 32.68 0.72
C SER L 56 -68.79 31.37 0.60
N LEU L 57 -67.72 31.17 1.39
CA LEU L 57 -67.05 29.88 1.32
C LEU L 57 -67.81 28.82 2.11
N GLY L 58 -68.35 29.17 3.28
CA GLY L 58 -69.09 28.23 4.08
C GLY L 58 -68.19 27.32 4.91
N GLY L 59 -68.83 26.52 5.76
CA GLY L 59 -68.13 25.58 6.61
C GLY L 59 -67.14 26.23 7.57
N VAL L 60 -67.55 27.30 8.23
CA VAL L 60 -66.59 28.08 8.99
C VAL L 60 -67.33 28.80 10.12
N ALA L 61 -66.84 28.61 11.35
CA ALA L 61 -67.37 29.34 12.49
C ALA L 61 -66.50 30.52 12.88
N ALA L 62 -65.19 30.42 12.67
CA ALA L 62 -64.27 31.50 13.07
C ALA L 62 -63.03 31.50 12.21
N THR L 63 -62.61 32.71 11.81
CA THR L 63 -61.39 32.91 11.04
C THR L 63 -60.50 33.91 11.77
N SER L 64 -59.30 33.47 12.13
CA SER L 64 -58.28 34.38 12.64
C SER L 64 -57.92 35.41 11.57
N SER L 65 -58.02 36.68 11.93
CA SER L 65 -57.95 37.78 10.97
C SER L 65 -56.94 38.81 11.45
N LEU L 66 -55.87 38.99 10.67
CA LEU L 66 -54.72 39.77 11.13
C LEU L 66 -54.99 41.25 11.00
N LEU L 67 -54.81 41.98 12.10
CA LEU L 67 -54.84 43.43 12.13
C LEU L 67 -53.51 43.89 12.67
N GLY L 68 -52.75 44.61 11.84
CA GLY L 68 -51.49 45.15 12.29
C GLY L 68 -51.70 46.46 13.04
N VAL L 69 -51.02 46.61 14.17
CA VAL L 69 -51.02 47.89 14.86
C VAL L 69 -49.56 48.30 14.98
N PRO L 70 -49.00 48.96 13.97
CA PRO L 70 -47.55 49.29 13.94
C PRO L 70 -47.22 50.49 14.83
N LEU L 71 -47.18 50.23 16.14
CA LEU L 71 -47.04 51.25 17.16
C LEU L 71 -45.88 50.90 18.08
N GLY L 72 -44.90 51.80 18.20
CA GLY L 72 -43.76 51.54 19.06
C GLY L 72 -43.42 52.66 20.04
N HIS L 73 -44.13 53.79 19.95
CA HIS L 73 -43.71 54.95 20.75
C HIS L 73 -44.14 54.88 22.20
N HIS L 74 -44.81 53.81 22.64
CA HIS L 74 -45.02 53.61 24.08
C HIS L 74 -44.00 52.66 24.69
N SER L 75 -42.90 52.39 23.98
CA SER L 75 -41.83 51.56 24.47
C SER L 75 -40.89 52.36 25.35
N SER L 76 -40.29 51.68 26.33
CA SER L 76 -39.37 52.32 27.26
C SER L 76 -37.92 52.28 26.80
N PHE L 77 -37.58 51.45 25.81
CA PHE L 77 -36.17 51.30 25.46
C PHE L 77 -35.92 51.40 23.96
N HIS L 78 -36.78 50.81 23.14
CA HIS L 78 -36.54 50.80 21.71
C HIS L 78 -37.88 50.62 20.99
N GLU L 79 -38.10 51.39 19.94
CA GLU L 79 -39.42 51.51 19.31
C GLU L 79 -39.57 50.63 18.06
N GLY L 80 -38.65 49.70 17.83
CA GLY L 80 -38.57 49.03 16.55
C GLY L 80 -39.70 48.04 16.27
N SER L 81 -40.39 47.56 17.30
CA SER L 81 -41.54 46.70 17.07
C SER L 81 -42.64 47.40 16.26
N ALA L 82 -42.56 48.73 16.10
CA ALA L 82 -43.50 49.40 15.20
C ALA L 82 -43.37 48.89 13.78
N PHE L 83 -42.22 48.34 13.39
CA PHE L 83 -42.03 47.88 12.03
C PHE L 83 -42.38 46.39 11.81
N ALA L 84 -42.87 45.72 12.85
CA ALA L 84 -43.03 44.27 12.87
C ALA L 84 -44.15 43.71 11.99
N PRO L 85 -45.37 44.28 11.97
CA PRO L 85 -46.51 43.57 11.33
C PRO L 85 -46.22 43.14 9.90
N PRO L 86 -45.71 44.01 9.02
CA PRO L 86 -45.42 43.54 7.65
C PRO L 86 -44.34 42.47 7.58
N ARG L 87 -43.37 42.47 8.50
CA ARG L 87 -42.35 41.42 8.46
C ARG L 87 -42.91 40.10 8.93
N ILE L 88 -43.84 40.13 9.89
CA ILE L 88 -44.48 38.91 10.37
C ILE L 88 -45.31 38.29 9.25
N ARG L 89 -46.10 39.11 8.55
CA ARG L 89 -46.90 38.57 7.46
C ARG L 89 -46.03 37.95 6.38
N GLU L 90 -44.92 38.60 6.01
CA GLU L 90 -44.02 38.02 5.03
C GLU L 90 -43.50 36.66 5.49
N ALA L 91 -43.08 36.58 6.76
CA ALA L 91 -42.49 35.35 7.27
C ALA L 91 -43.51 34.21 7.35
N ILE L 92 -44.79 34.54 7.52
CA ILE L 92 -45.84 33.53 7.49
C ILE L 92 -45.78 32.73 6.20
N TRP L 93 -45.37 33.37 5.10
CA TRP L 93 -45.31 32.74 3.79
C TRP L 93 -43.88 32.61 3.27
N CYS L 94 -42.89 32.60 4.16
CA CYS L 94 -41.50 32.38 3.77
C CYS L 94 -41.35 31.20 2.81
N ASP L 95 -40.46 31.34 1.84
CA ASP L 95 -40.29 30.25 0.89
C ASP L 95 -39.59 29.04 1.50
N SER L 96 -39.00 29.17 2.68
CA SER L 96 -38.38 28.03 3.35
C SER L 96 -39.37 27.20 4.15
N THR L 97 -40.62 27.66 4.33
CA THR L 97 -41.61 26.95 5.12
C THR L 97 -42.71 26.41 4.21
N ASN L 98 -43.44 25.40 4.70
CA ASN L 98 -44.69 25.01 4.06
C ASN L 98 -45.86 25.61 4.84
N SER L 99 -47.06 25.54 4.25
CA SER L 99 -48.22 26.28 4.74
C SER L 99 -49.11 25.46 5.68
N THR L 100 -48.60 24.37 6.23
CA THR L 100 -49.36 23.55 7.15
C THR L 100 -48.87 23.79 8.57
N THR L 101 -49.81 23.90 9.51
CA THR L 101 -49.44 24.10 10.91
C THR L 101 -49.10 22.75 11.55
N GLU L 102 -48.49 22.79 12.75
CA GLU L 102 -47.99 21.57 13.36
C GLU L 102 -49.06 20.49 13.50
N GLU L 103 -50.31 20.88 13.74
CA GLU L 103 -51.37 19.92 13.98
C GLU L 103 -52.27 19.73 12.76
N GLY L 104 -51.89 20.27 11.61
CA GLY L 104 -52.48 19.86 10.35
C GLY L 104 -53.39 20.86 9.68
N LYS L 105 -53.53 22.06 10.21
CA LYS L 105 -54.39 23.00 9.51
C LYS L 105 -53.62 23.66 8.38
N ASN L 106 -54.35 23.99 7.30
CA ASN L 106 -53.75 24.49 6.07
C ASN L 106 -53.99 25.98 5.97
N LEU L 107 -52.90 26.74 6.01
CA LEU L 107 -52.98 28.20 6.03
C LEU L 107 -53.36 28.80 4.69
N ARG L 108 -53.28 28.01 3.62
CA ARG L 108 -53.75 28.48 2.32
C ARG L 108 -55.27 28.56 2.26
N ASP L 109 -55.96 27.90 3.18
CA ASP L 109 -57.42 28.03 3.31
C ASP L 109 -57.73 29.39 3.92
N PRO L 110 -58.42 30.29 3.21
CA PRO L 110 -58.73 31.60 3.79
C PRO L 110 -59.51 31.50 5.09
N ARG L 111 -60.28 30.43 5.27
CA ARG L 111 -61.05 30.26 6.49
C ARG L 111 -60.17 30.04 7.71
N VAL L 112 -58.90 29.69 7.49
CA VAL L 112 -57.96 29.41 8.57
C VAL L 112 -57.22 30.68 8.99
N ILE L 113 -56.80 31.50 8.05
CA ILE L 113 -56.11 32.75 8.36
C ILE L 113 -56.31 33.71 7.19
N THR L 114 -56.46 35.00 7.51
CA THR L 114 -56.64 36.01 6.48
C THR L 114 -56.13 37.34 7.00
N ASN L 115 -55.73 38.22 6.09
CA ASN L 115 -55.17 39.53 6.43
C ASN L 115 -56.23 40.61 6.26
N VAL L 116 -56.36 41.48 7.26
CA VAL L 116 -57.27 42.61 7.15
C VAL L 116 -56.48 43.83 6.72
N GLY L 117 -55.60 44.31 7.60
CA GLY L 117 -54.73 45.42 7.24
C GLY L 117 -54.02 45.97 8.46
N ASP L 118 -53.33 47.08 8.23
CA ASP L 118 -52.59 47.78 9.26
C ASP L 118 -53.30 49.07 9.62
N VAL L 119 -53.44 49.34 10.90
CA VAL L 119 -53.91 50.65 11.35
C VAL L 119 -52.80 51.65 11.04
N PRO L 120 -53.06 52.69 10.23
CA PRO L 120 -51.98 53.64 9.89
C PRO L 120 -51.61 54.55 11.05
N ILE L 121 -50.92 53.98 12.04
CA ILE L 121 -50.58 54.70 13.27
C ILE L 121 -49.68 55.89 12.98
N GLU L 122 -48.68 55.69 12.13
CA GLU L 122 -47.75 56.77 11.83
C GLU L 122 -48.47 57.97 11.25
N GLU L 123 -49.38 57.73 10.31
CA GLU L 123 -50.04 58.84 9.62
C GLU L 123 -51.02 59.56 10.54
N ILE L 124 -51.65 58.84 11.47
CA ILE L 124 -52.60 59.48 12.37
C ILE L 124 -51.87 60.28 13.45
N ARG L 125 -50.80 59.71 14.00
CA ARG L 125 -49.93 60.47 14.89
C ARG L 125 -49.46 61.76 14.22
N ASP L 126 -49.06 61.69 12.95
CA ASP L 126 -48.52 62.84 12.24
C ASP L 126 -49.54 63.96 12.06
N CYS L 127 -50.81 63.71 12.34
CA CYS L 127 -51.82 64.75 12.38
C CYS L 127 -51.97 65.39 13.76
N GLY L 128 -51.06 65.09 14.68
CA GLY L 128 -51.15 65.65 16.01
C GLY L 128 -52.18 65.02 16.92
N VAL L 129 -52.80 63.93 16.47
CA VAL L 129 -53.72 63.19 17.32
C VAL L 129 -53.02 62.76 18.60
N ASP L 130 -53.74 62.79 19.72
CA ASP L 130 -53.12 62.48 21.00
C ASP L 130 -53.27 60.99 21.28
N ASP L 131 -52.66 60.54 22.38
CA ASP L 131 -52.51 59.10 22.63
C ASP L 131 -53.84 58.46 23.03
N LYS L 132 -54.68 59.19 23.77
CA LYS L 132 -56.01 58.69 24.09
C LYS L 132 -56.81 58.40 22.81
N ARG L 133 -56.77 59.34 21.86
CA ARG L 133 -57.53 59.17 20.63
C ARG L 133 -56.96 58.04 19.78
N LEU L 134 -55.64 57.90 19.78
CA LEU L 134 -55.00 56.82 19.05
C LEU L 134 -55.42 55.46 19.60
N ALA L 135 -55.44 55.32 20.93
CA ALA L 135 -55.96 54.09 21.52
C ALA L 135 -57.40 53.86 21.08
N ASN L 136 -58.20 54.93 21.01
CA ASN L 136 -59.59 54.79 20.56
C ASN L 136 -59.66 54.31 19.12
N VAL L 137 -58.76 54.80 18.26
CA VAL L 137 -58.74 54.35 16.86
C VAL L 137 -58.36 52.88 16.79
N ILE L 138 -57.45 52.44 17.66
CA ILE L 138 -57.11 51.02 17.76
C ILE L 138 -58.33 50.22 18.16
N SER L 139 -59.03 50.68 19.20
CA SER L 139 -60.20 49.94 19.68
C SER L 139 -61.30 49.83 18.62
N GLU L 140 -61.59 50.93 17.92
CA GLU L 140 -62.60 50.88 16.88
C GLU L 140 -62.17 49.95 15.74
N SER L 141 -60.88 49.90 15.44
CA SER L 141 -60.41 49.04 14.37
C SER L 141 -60.67 47.57 14.68
N VAL L 142 -60.38 47.16 15.92
CA VAL L 142 -60.67 45.79 16.34
C VAL L 142 -62.15 45.50 16.18
N LYS L 143 -63.01 46.45 16.57
CA LYS L 143 -64.45 46.24 16.49
C LYS L 143 -64.92 46.10 15.05
N LEU L 144 -64.31 46.86 14.13
CA LEU L 144 -64.66 46.72 12.71
C LEU L 144 -64.38 45.30 12.21
N VAL L 145 -63.31 44.67 12.71
CA VAL L 145 -63.07 43.28 12.38
C VAL L 145 -64.14 42.40 12.98
N MET L 146 -64.43 42.60 14.27
CA MET L 146 -65.41 41.78 14.95
C MET L 146 -66.81 41.97 14.38
N ASP L 147 -67.04 43.06 13.64
CA ASP L 147 -68.36 43.34 13.07
C ASP L 147 -68.71 42.33 11.99
N GLU L 148 -67.70 41.86 11.26
CA GLU L 148 -67.88 41.01 10.08
C GLU L 148 -67.74 39.57 10.53
N ASP L 149 -68.87 38.89 10.68
CA ASP L 149 -68.87 37.46 10.93
C ASP L 149 -68.29 36.72 9.72
N PRO L 150 -67.42 35.72 9.93
CA PRO L 150 -66.93 35.15 11.18
C PRO L 150 -65.50 35.54 11.57
N LEU L 151 -65.06 36.75 11.24
CA LEU L 151 -63.70 37.15 11.56
C LEU L 151 -63.51 37.30 13.07
N ARG L 152 -62.35 36.87 13.55
CA ARG L 152 -61.95 37.14 14.91
C ARG L 152 -60.54 37.73 14.91
N PRO L 153 -60.30 38.73 15.76
CA PRO L 153 -59.09 39.56 15.61
C PRO L 153 -57.85 38.87 16.18
N LEU L 154 -56.83 38.80 15.35
CA LEU L 154 -55.48 38.42 15.77
C LEU L 154 -54.60 39.63 15.46
N VAL L 155 -54.15 40.33 16.49
CA VAL L 155 -53.54 41.63 16.33
C VAL L 155 -52.03 41.43 16.28
N LEU L 156 -51.38 42.06 15.31
CA LEU L 156 -49.92 42.04 15.24
C LEU L 156 -49.36 43.36 15.74
N GLY L 157 -48.57 43.29 16.82
CA GLY L 157 -47.85 44.44 17.31
C GLY L 157 -46.55 44.68 16.55
N GLY L 158 -45.90 45.80 16.86
CA GLY L 158 -46.35 46.76 17.85
C GLY L 158 -45.83 46.38 19.22
N ASP L 159 -45.67 47.36 20.12
CA ASP L 159 -45.29 47.03 21.49
C ASP L 159 -46.53 46.63 22.28
N HIS L 160 -46.31 46.19 23.52
CA HIS L 160 -47.37 45.56 24.28
C HIS L 160 -48.43 46.54 24.78
N SER L 161 -48.21 47.85 24.65
CA SER L 161 -49.25 48.80 25.04
C SER L 161 -50.57 48.52 24.30
N ILE L 162 -50.49 47.93 23.10
CA ILE L 162 -51.69 47.78 22.27
C ILE L 162 -52.70 46.81 22.87
N SER L 163 -52.26 45.91 23.76
CA SER L 163 -53.18 44.93 24.32
C SER L 163 -54.35 45.59 25.06
N PHE L 164 -54.11 46.74 25.71
CA PHE L 164 -55.22 47.39 26.43
C PHE L 164 -56.34 47.83 25.51
N PRO L 165 -56.12 48.68 24.50
CA PRO L 165 -57.24 49.03 23.63
C PRO L 165 -57.82 47.85 22.84
N VAL L 166 -57.06 46.78 22.61
CA VAL L 166 -57.61 45.61 21.92
C VAL L 166 -58.52 44.81 22.85
N VAL L 167 -58.00 44.45 24.03
CA VAL L 167 -58.82 43.72 25.00
C VAL L 167 -60.03 44.56 25.40
N ARG L 168 -59.85 45.86 25.61
CA ARG L 168 -60.99 46.73 25.91
C ARG L 168 -62.06 46.60 24.82
N ALA L 169 -61.64 46.61 23.55
CA ALA L 169 -62.61 46.56 22.46
C ALA L 169 -63.26 45.19 22.36
N VAL L 170 -62.46 44.13 22.54
CA VAL L 170 -63.01 42.78 22.54
C VAL L 170 -64.03 42.62 23.66
N SER L 171 -63.72 43.16 24.84
CA SER L 171 -64.64 43.06 25.97
C SER L 171 -65.91 43.84 25.71
N GLU L 172 -65.76 45.10 25.27
CA GLU L 172 -66.94 45.92 25.05
C GLU L 172 -67.81 45.36 23.93
N LYS L 173 -67.20 44.81 22.87
CA LYS L 173 -68.00 44.26 21.79
C LYS L 173 -68.73 42.99 22.23
N LEU L 174 -68.09 42.18 23.06
CA LEU L 174 -68.71 40.95 23.54
C LEU L 174 -69.59 41.17 24.76
N GLY L 175 -69.55 42.34 25.39
CA GLY L 175 -70.43 42.61 26.51
C GLY L 175 -70.09 41.85 27.78
N GLY L 176 -68.81 41.64 28.05
CA GLY L 176 -68.40 40.95 29.25
C GLY L 176 -66.88 40.80 29.27
N ALA L 177 -66.40 40.16 30.35
CA ALA L 177 -64.97 39.94 30.54
C ALA L 177 -64.52 38.70 29.77
N VAL L 178 -63.20 38.59 29.60
CA VAL L 178 -62.57 37.39 29.10
C VAL L 178 -61.55 36.93 30.13
N ASP L 179 -61.17 35.66 30.01
CA ASP L 179 -59.96 35.15 30.64
C ASP L 179 -58.81 35.35 29.66
N ILE L 180 -57.62 35.63 30.21
CA ILE L 180 -56.46 35.95 29.39
C ILE L 180 -55.32 35.02 29.74
N LEU L 181 -54.74 34.39 28.73
CA LEU L 181 -53.48 33.68 28.81
C LEU L 181 -52.39 34.60 28.26
N HIS L 182 -51.38 34.89 29.07
CA HIS L 182 -50.43 35.96 28.81
C HIS L 182 -49.01 35.41 28.92
N PHE L 183 -48.30 35.33 27.80
CA PHE L 183 -46.90 34.92 27.78
C PHE L 183 -46.05 36.18 27.78
N ASP L 184 -45.15 36.28 28.77
CA ASP L 184 -44.33 37.47 28.89
C ASP L 184 -43.18 37.18 29.85
N ALA L 185 -42.02 37.80 29.59
CA ALA L 185 -41.00 37.93 30.63
C ALA L 185 -41.42 38.88 31.76
N HIS L 186 -42.27 39.87 31.47
CA HIS L 186 -42.64 40.93 32.40
C HIS L 186 -44.14 40.92 32.67
N PRO L 187 -44.58 41.22 33.91
CA PRO L 187 -46.03 41.22 34.17
C PRO L 187 -46.78 42.33 33.45
N ASP L 188 -46.11 43.43 33.07
CA ASP L 188 -46.75 44.59 32.44
C ASP L 188 -47.91 45.09 33.27
N LEU L 189 -47.70 45.18 34.59
CA LEU L 189 -48.72 45.57 35.55
C LEU L 189 -48.36 46.85 36.29
N TYR L 190 -47.39 47.62 35.80
CA TYR L 190 -47.00 48.86 36.46
C TYR L 190 -48.17 49.82 36.56
N HIS L 191 -48.46 50.27 37.78
CA HIS L 191 -49.47 51.30 37.95
C HIS L 191 -49.11 52.56 37.18
N ASP L 192 -47.86 52.98 37.27
CA ASP L 192 -47.40 54.21 36.62
C ASP L 192 -45.95 53.99 36.23
N PHE L 193 -45.71 53.69 34.96
CA PHE L 193 -44.35 53.51 34.46
C PHE L 193 -43.92 54.80 33.78
N GLU L 194 -43.04 55.56 34.45
CA GLU L 194 -42.41 56.74 33.86
C GLU L 194 -43.43 57.77 33.35
N GLY L 195 -44.57 57.88 34.03
CA GLY L 195 -45.52 58.92 33.68
C GLY L 195 -46.32 58.72 32.39
N ASN L 196 -46.30 57.52 31.82
CA ASN L 196 -47.04 57.24 30.58
C ASN L 196 -48.14 56.24 30.92
N TYR L 197 -49.38 56.74 31.02
CA TYR L 197 -50.56 55.91 31.18
C TYR L 197 -50.60 54.76 30.17
N TYR L 198 -50.14 55.00 28.94
CA TYR L 198 -50.15 53.99 27.89
C TYR L 198 -48.82 53.27 27.72
N SER L 199 -47.99 53.23 28.77
CA SER L 199 -46.71 52.53 28.67
C SER L 199 -46.91 51.09 28.27
N HIS L 200 -46.00 50.55 27.44
CA HIS L 200 -46.04 49.12 27.13
C HIS L 200 -45.80 48.26 28.37
N ALA L 201 -45.43 48.88 29.49
CA ALA L 201 -45.20 48.22 30.76
C ALA L 201 -46.44 48.21 31.65
N SER L 202 -47.56 48.79 31.18
CA SER L 202 -48.78 48.90 31.97
C SER L 202 -50.07 48.33 31.34
N PRO L 203 -50.07 47.68 30.17
CA PRO L 203 -51.39 47.39 29.56
C PRO L 203 -52.26 46.51 30.43
N PHE L 204 -51.66 45.58 31.19
CA PHE L 204 -52.50 44.70 31.97
C PHE L 204 -52.95 45.34 33.27
N ALA L 205 -52.25 46.37 33.74
CA ALA L 205 -52.82 47.18 34.82
C ALA L 205 -54.09 47.89 34.34
N ARG L 206 -54.05 48.47 33.14
CA ARG L 206 -55.24 49.12 32.60
C ARG L 206 -56.35 48.11 32.35
N ILE L 207 -56.01 46.90 31.90
CA ILE L 207 -57.03 45.90 31.65
C ILE L 207 -57.69 45.48 32.95
N MET L 208 -56.90 45.27 34.01
CA MET L 208 -57.51 44.85 35.28
C MET L 208 -58.22 46.01 35.97
N GLU L 209 -57.75 47.25 35.77
CA GLU L 209 -58.48 48.41 36.26
C GLU L 209 -59.86 48.51 35.64
N GLY L 210 -59.98 48.24 34.33
CA GLY L 210 -61.26 48.38 33.67
C GLY L 210 -62.21 47.22 33.85
N GLY L 211 -61.76 46.12 34.47
CA GLY L 211 -62.60 44.95 34.61
C GLY L 211 -62.74 44.12 33.35
N TYR L 212 -61.88 44.34 32.36
CA TYR L 212 -62.07 43.67 31.08
C TYR L 212 -61.66 42.21 31.12
N ALA L 213 -60.91 41.79 32.14
CA ALA L 213 -60.46 40.41 32.28
C ALA L 213 -60.89 39.86 33.64
N ARG L 214 -61.27 38.58 33.67
CA ARG L 214 -61.48 37.92 34.95
C ARG L 214 -60.17 37.29 35.40
N ARG L 215 -59.82 36.14 34.83
CA ARG L 215 -58.53 35.53 35.09
C ARG L 215 -57.47 36.10 34.15
N LEU L 216 -56.29 36.35 34.70
CA LEU L 216 -55.11 36.72 33.93
C LEU L 216 -54.04 35.71 34.31
N VAL L 217 -53.70 34.83 33.37
CA VAL L 217 -52.75 33.74 33.62
C VAL L 217 -51.47 34.09 32.87
N GLN L 218 -50.42 34.43 33.62
CA GLN L 218 -49.15 34.86 33.06
C GLN L 218 -48.10 33.76 33.13
N VAL L 219 -47.37 33.56 32.04
CA VAL L 219 -46.38 32.49 31.90
C VAL L 219 -45.09 33.06 31.32
N GLY L 220 -43.95 32.63 31.88
CA GLY L 220 -42.65 33.07 31.44
C GLY L 220 -42.01 34.12 32.33
N ILE L 221 -42.74 34.58 33.37
CA ILE L 221 -42.34 35.77 34.10
C ILE L 221 -41.00 35.57 34.78
N ARG L 222 -40.08 36.51 34.57
CA ARG L 222 -38.77 36.43 35.22
C ARG L 222 -38.17 37.80 35.52
N SER L 223 -38.90 38.90 35.29
CA SER L 223 -38.43 40.25 35.61
C SER L 223 -39.61 40.97 36.26
N ILE L 224 -39.61 41.04 37.58
CA ILE L 224 -40.74 41.58 38.31
C ILE L 224 -40.26 42.29 39.56
N THR L 225 -40.72 43.53 39.75
CA THR L 225 -40.39 44.34 40.92
C THR L 225 -41.37 44.07 42.05
N ASN L 226 -40.96 44.44 43.26
CA ASN L 226 -41.79 44.16 44.43
C ASN L 226 -43.04 45.02 44.47
N ASP L 227 -43.02 46.20 43.85
CA ASP L 227 -44.26 46.96 43.72
C ASP L 227 -45.24 46.27 42.78
N VAL L 228 -44.74 45.54 41.79
CA VAL L 228 -45.62 44.85 40.86
C VAL L 228 -46.11 43.54 41.48
N ARG L 229 -45.33 42.92 42.37
CA ARG L 229 -45.84 41.78 43.13
C ARG L 229 -47.10 42.16 43.89
N GLU L 230 -47.17 43.40 44.39
CA GLU L 230 -48.37 43.85 45.09
C GLU L 230 -49.51 44.13 44.12
N GLN L 231 -49.22 44.63 42.91
CA GLN L 231 -50.23 44.67 41.84
C GLN L 231 -50.79 43.28 41.56
N VAL L 232 -49.92 42.27 41.50
CA VAL L 232 -50.34 40.90 41.16
C VAL L 232 -51.37 40.39 42.17
N LYS L 233 -51.04 40.43 43.46
CA LYS L 233 -51.98 39.87 44.42
C LYS L 233 -53.19 40.77 44.62
N LYS L 234 -53.07 42.06 44.32
CA LYS L 234 -54.21 42.97 44.44
C LYS L 234 -55.31 42.61 43.45
N TYR L 235 -54.95 42.18 42.23
CA TYR L 235 -55.93 41.79 41.23
C TYR L 235 -56.07 40.28 41.10
N GLY L 236 -55.53 39.52 42.05
CA GLY L 236 -55.56 38.07 41.99
C GLY L 236 -55.00 37.52 40.69
N VAL L 237 -53.93 38.14 40.17
CA VAL L 237 -53.32 37.64 38.95
C VAL L 237 -52.60 36.34 39.25
N GLU L 238 -52.70 35.39 38.33
CA GLU L 238 -52.01 34.10 38.44
C GLU L 238 -50.68 34.22 37.70
N THR L 239 -49.65 34.69 38.40
CA THR L 239 -48.35 34.96 37.81
C THR L 239 -47.43 33.76 38.04
N HIS L 240 -47.13 33.03 36.97
CA HIS L 240 -46.24 31.89 37.01
C HIS L 240 -44.83 32.33 36.64
N GLU L 241 -43.91 32.22 37.60
CA GLU L 241 -42.53 32.64 37.42
C GLU L 241 -41.68 31.48 36.89
N MET L 242 -40.69 31.83 36.06
CA MET L 242 -39.80 30.82 35.49
C MET L 242 -39.19 29.91 36.54
N ARG L 243 -38.93 30.42 37.74
CA ARG L 243 -38.28 29.63 38.77
C ARG L 243 -39.16 28.50 39.32
N THR L 244 -40.44 28.43 38.94
CA THR L 244 -41.31 27.33 39.35
C THR L 244 -41.93 26.59 38.18
N LEU L 245 -41.33 26.68 36.98
CA LEU L 245 -41.99 26.17 35.77
C LEU L 245 -42.12 24.66 35.79
N SER L 246 -41.10 23.94 36.28
CA SER L 246 -41.22 22.49 36.39
C SER L 246 -42.39 22.09 37.28
N ARG L 247 -42.53 22.75 38.43
CA ARG L 247 -43.67 22.51 39.31
C ARG L 247 -44.98 22.80 38.60
N ASP L 248 -45.03 23.89 37.83
CA ASP L 248 -46.26 24.35 37.20
C ASP L 248 -46.57 23.64 35.88
N ARG L 249 -45.61 22.91 35.30
CA ARG L 249 -45.80 22.38 33.95
C ARG L 249 -47.07 21.54 33.78
N PRO L 250 -47.40 20.58 34.66
CA PRO L 250 -48.64 19.81 34.45
C PRO L 250 -49.89 20.67 34.46
N ILE L 251 -49.91 21.74 35.25
CA ILE L 251 -51.07 22.62 35.28
C ILE L 251 -51.17 23.42 33.99
N LEU L 252 -50.06 24.02 33.57
CA LEU L 252 -50.03 24.95 32.44
C LEU L 252 -50.18 24.27 31.08
N GLU L 253 -49.88 22.98 30.99
CA GLU L 253 -50.06 22.25 29.74
C GLU L 253 -51.42 21.57 29.68
N ASN L 254 -52.34 22.01 30.54
CA ASN L 254 -53.70 21.47 30.65
C ASN L 254 -54.65 22.57 31.09
N LEU L 255 -54.49 23.77 30.53
CA LEU L 255 -55.31 24.91 30.93
C LEU L 255 -56.72 24.80 30.35
N LYS L 256 -57.70 25.24 31.14
CA LYS L 256 -59.05 25.48 30.64
C LYS L 256 -59.48 26.85 31.11
N LEU L 257 -59.73 27.75 30.16
CA LEU L 257 -60.05 29.13 30.44
C LEU L 257 -61.40 29.48 29.81
N GLY L 258 -61.98 30.61 30.25
CA GLY L 258 -63.12 31.20 29.60
C GLY L 258 -64.48 30.74 30.10
N GLU L 259 -64.55 29.67 30.88
CA GLU L 259 -65.84 29.10 31.26
C GLU L 259 -66.56 30.01 32.25
N GLY L 260 -67.74 30.49 31.87
CA GLY L 260 -68.48 31.43 32.69
C GLY L 260 -68.34 32.88 32.28
N VAL L 261 -67.43 33.20 31.35
CA VAL L 261 -67.33 34.55 30.81
C VAL L 261 -67.43 34.48 29.28
N LYS L 262 -67.05 35.56 28.60
CA LYS L 262 -67.29 35.66 27.17
C LYS L 262 -66.26 34.92 26.30
N GLY L 263 -65.16 34.45 26.86
CA GLY L 263 -64.18 33.75 26.05
C GLY L 263 -62.76 33.99 26.55
N VAL L 264 -61.81 33.56 25.74
CA VAL L 264 -60.39 33.54 26.11
C VAL L 264 -59.61 34.42 25.14
N TYR L 265 -58.71 35.22 25.69
CA TYR L 265 -57.84 36.09 24.92
C TYR L 265 -56.39 35.69 25.17
N VAL L 266 -55.60 35.58 24.11
CA VAL L 266 -54.23 35.09 24.23
C VAL L 266 -53.29 36.20 23.79
N SER L 267 -52.51 36.73 24.74
CA SER L 267 -51.47 37.70 24.44
C SER L 267 -50.10 37.04 24.51
N ILE L 268 -49.34 37.10 23.42
CA ILE L 268 -48.02 36.46 23.34
C ILE L 268 -47.00 37.57 23.13
N ASP L 269 -46.25 37.87 24.18
CA ASP L 269 -45.11 38.78 24.04
C ASP L 269 -43.91 37.93 23.63
N VAL L 270 -43.29 38.29 22.51
CA VAL L 270 -42.21 37.49 21.98
C VAL L 270 -41.02 37.43 22.95
N ASP L 271 -40.87 38.43 23.84
CA ASP L 271 -39.74 38.38 24.77
C ASP L 271 -39.95 37.41 25.93
N SER L 272 -41.10 36.75 25.97
CA SER L 272 -41.26 35.60 26.86
C SER L 272 -40.29 34.48 26.49
N LEU L 273 -39.90 34.41 25.22
CA LEU L 273 -38.93 33.43 24.79
C LEU L 273 -37.53 33.82 25.22
N ASP L 274 -36.71 32.83 25.51
CA ASP L 274 -35.31 33.10 25.81
C ASP L 274 -34.70 33.92 24.68
N PRO L 275 -33.85 34.91 24.97
CA PRO L 275 -33.24 35.70 23.89
C PRO L 275 -32.40 34.86 22.94
N SER L 276 -31.96 33.66 23.34
CA SER L 276 -31.29 32.77 22.41
C SER L 276 -32.21 32.33 21.28
N ILE L 277 -33.51 32.27 21.57
CA ILE L 277 -34.51 31.88 20.58
C ILE L 277 -35.07 33.09 19.83
N ALA L 278 -35.29 34.20 20.53
CA ALA L 278 -35.87 35.40 19.95
C ALA L 278 -35.00 36.59 20.27
N PRO L 279 -33.87 36.76 19.58
CA PRO L 279 -33.06 37.96 19.82
C PRO L 279 -33.75 39.23 19.38
N GLY L 280 -34.73 39.14 18.49
CA GLY L 280 -35.36 40.31 17.91
C GLY L 280 -36.46 40.91 18.77
N VAL L 281 -36.08 41.45 19.93
CA VAL L 281 -37.01 42.06 20.88
C VAL L 281 -36.26 43.20 21.56
N SER L 282 -37.01 44.13 22.15
CA SER L 282 -36.37 45.24 22.87
C SER L 282 -35.78 44.84 24.21
N HIS L 283 -36.39 43.89 24.93
CA HIS L 283 -36.01 43.61 26.30
C HIS L 283 -35.52 42.18 26.44
N HIS L 284 -34.21 41.99 26.27
CA HIS L 284 -33.58 40.70 26.50
C HIS L 284 -33.58 40.37 27.98
N GLU L 285 -34.12 39.21 28.32
CA GLU L 285 -34.19 38.75 29.70
C GLU L 285 -33.78 37.28 29.71
N PRO L 286 -32.53 36.98 30.03
CA PRO L 286 -32.03 35.60 29.93
C PRO L 286 -32.79 34.67 30.86
N GLY L 287 -32.88 33.40 30.46
CA GLY L 287 -33.58 32.40 31.26
C GLY L 287 -35.07 32.27 30.98
N GLY L 288 -35.47 32.37 29.71
CA GLY L 288 -36.87 32.40 29.34
C GLY L 288 -37.37 31.06 28.80
N LEU L 289 -38.56 31.13 28.20
CA LEU L 289 -39.21 29.93 27.70
C LEU L 289 -38.52 29.41 26.43
N LEU L 290 -38.57 28.10 26.27
CA LEU L 290 -38.27 27.50 24.96
C LEU L 290 -39.51 27.62 24.08
N PHE L 291 -39.30 27.68 22.77
CA PHE L 291 -40.43 27.82 21.86
C PHE L 291 -41.45 26.70 22.05
N ARG L 292 -40.96 25.48 22.30
CA ARG L 292 -41.83 24.35 22.57
C ARG L 292 -42.60 24.52 23.90
N ASP L 293 -42.10 25.32 24.84
CA ASP L 293 -42.88 25.60 26.04
C ASP L 293 -44.19 26.30 25.69
N ILE L 294 -44.12 27.33 24.84
CA ILE L 294 -45.33 28.03 24.40
C ILE L 294 -46.25 27.09 23.64
N LEU L 295 -45.71 26.30 22.70
CA LEU L 295 -46.57 25.47 21.88
C LEU L 295 -47.31 24.43 22.71
N ASN L 296 -46.60 23.78 23.65
CA ASN L 296 -47.27 22.80 24.50
C ASN L 296 -48.48 23.42 25.21
N ILE L 297 -48.29 24.60 25.81
CA ILE L 297 -49.37 25.27 26.51
C ILE L 297 -50.48 25.66 25.55
N LEU L 298 -50.11 26.31 24.45
CA LEU L 298 -51.08 26.88 23.53
C LEU L 298 -51.82 25.79 22.73
N GLN L 299 -51.10 24.79 22.25
CA GLN L 299 -51.75 23.71 21.50
C GLN L 299 -52.71 22.92 22.37
N ASN L 300 -52.48 22.88 23.68
CA ASN L 300 -53.35 22.13 24.59
C ASN L 300 -54.38 23.00 25.31
N LEU L 301 -54.44 24.29 25.02
CA LEU L 301 -55.38 25.18 25.70
C LEU L 301 -56.83 24.90 25.28
N GLN L 302 -57.70 24.65 26.27
CA GLN L 302 -59.14 24.53 26.03
C GLN L 302 -59.85 25.83 26.36
N GLY L 303 -60.80 26.19 25.51
CA GLY L 303 -61.63 27.36 25.72
C GLY L 303 -61.89 28.06 24.39
N ASP L 304 -62.91 28.91 24.39
CA ASP L 304 -63.33 29.64 23.20
C ASP L 304 -62.41 30.84 23.01
N ILE L 305 -61.42 30.72 22.14
CA ILE L 305 -60.53 31.84 21.89
C ILE L 305 -61.26 32.88 21.06
N VAL L 306 -61.36 34.11 21.60
CA VAL L 306 -62.10 35.18 20.94
C VAL L 306 -61.18 36.24 20.36
N GLY L 307 -59.90 36.19 20.68
CA GLY L 307 -58.97 37.12 20.09
C GLY L 307 -57.60 36.85 20.66
N GLY L 308 -56.62 37.51 20.08
CA GLY L 308 -55.30 37.47 20.69
C GLY L 308 -54.36 38.37 19.95
N ASP L 309 -53.09 38.35 20.40
CA ASP L 309 -52.09 39.22 19.82
C ASP L 309 -50.71 38.60 19.98
N VAL L 310 -49.79 39.07 19.15
CA VAL L 310 -48.39 38.67 19.17
C VAL L 310 -47.61 39.97 19.06
N VAL L 311 -46.88 40.31 20.12
CA VAL L 311 -46.32 41.65 20.27
C VAL L 311 -44.84 41.58 20.60
N GLU L 312 -44.20 42.73 20.44
CA GLU L 312 -42.81 43.03 20.81
C GLU L 312 -41.77 42.38 19.91
N TYR L 313 -42.16 41.76 18.77
CA TYR L 313 -41.15 41.43 17.78
C TYR L 313 -40.55 42.72 17.25
N ASN L 314 -39.23 42.81 17.24
CA ASN L 314 -38.53 44.04 16.91
C ASN L 314 -37.56 43.72 15.79
N PRO L 315 -37.94 43.94 14.54
CA PRO L 315 -37.04 43.59 13.42
C PRO L 315 -35.69 44.31 13.46
N GLN L 316 -35.61 45.50 14.07
CA GLN L 316 -34.32 46.21 14.09
C GLN L 316 -33.31 45.59 15.04
N ARG L 317 -33.71 44.60 15.84
CA ARG L 317 -32.78 43.88 16.69
C ARG L 317 -32.71 42.40 16.33
N ASP L 318 -33.28 42.01 15.20
CA ASP L 318 -33.26 40.62 14.79
C ASP L 318 -31.90 40.33 14.16
N THR L 319 -31.61 39.04 13.99
CA THR L 319 -30.39 38.67 13.29
C THR L 319 -30.59 38.84 11.78
N TYR L 320 -29.50 38.83 11.02
CA TYR L 320 -29.59 39.12 9.58
CA TYR L 320 -29.60 39.13 9.59
C TYR L 320 -30.49 38.13 8.86
N ASP L 321 -30.61 36.92 9.43
CA ASP L 321 -31.40 35.82 8.81
C ASP L 321 -32.88 35.91 9.21
N GLY L 322 -33.27 36.94 9.98
CA GLY L 322 -34.65 37.10 10.40
C GLY L 322 -35.24 35.95 11.19
N ILE L 323 -34.44 35.31 12.05
CA ILE L 323 -34.94 34.16 12.80
C ILE L 323 -36.14 34.55 13.65
N THR L 324 -36.12 35.75 14.26
CA THR L 324 -37.22 36.11 15.15
C THR L 324 -38.50 36.40 14.37
N ALA L 325 -38.37 36.84 13.11
CA ALA L 325 -39.57 37.02 12.29
C ALA L 325 -40.29 35.70 12.07
N LEU L 326 -39.51 34.64 11.84
CA LEU L 326 -40.06 33.26 11.68
C LEU L 326 -40.66 32.79 13.01
N VAL L 327 -39.99 33.07 14.13
CA VAL L 327 -40.49 32.74 15.46
C VAL L 327 -41.86 33.39 15.67
N ALA L 328 -41.94 34.69 15.40
CA ALA L 328 -43.20 35.41 15.56
C ALA L 328 -44.27 34.86 14.63
N ALA L 329 -43.87 34.56 13.38
CA ALA L 329 -44.82 34.01 12.41
C ALA L 329 -45.36 32.66 12.86
N LYS L 330 -44.50 31.78 13.37
CA LYS L 330 -45.00 30.50 13.84
C LYS L 330 -45.89 30.66 15.07
N LEU L 331 -45.64 31.67 15.91
CA LEU L 331 -46.56 31.94 17.01
C LEU L 331 -47.93 32.34 16.47
N VAL L 332 -47.95 33.27 15.52
CA VAL L 332 -49.20 33.67 14.85
C VAL L 332 -49.86 32.46 14.22
N ARG L 333 -49.09 31.67 13.46
CA ARG L 333 -49.64 30.51 12.76
C ARG L 333 -50.30 29.53 13.73
N GLU L 334 -49.65 29.27 14.87
CA GLU L 334 -50.23 28.32 15.80
C GLU L 334 -51.35 28.93 16.61
N LEU L 335 -51.28 30.22 16.93
CA LEU L 335 -52.43 30.90 17.54
C LEU L 335 -53.63 30.82 16.60
N ALA L 336 -53.43 31.17 15.32
CA ALA L 336 -54.52 31.13 14.36
C ALA L 336 -55.10 29.74 14.22
N ALA L 337 -54.28 28.69 14.40
CA ALA L 337 -54.82 27.33 14.28
C ALA L 337 -55.82 27.05 15.39
N LYS L 338 -55.54 27.55 16.59
CA LYS L 338 -56.39 27.35 17.75
C LYS L 338 -57.61 28.25 17.73
N MET L 339 -57.48 29.47 17.19
CA MET L 339 -58.59 30.40 17.19
C MET L 339 -59.58 30.13 16.07
N SER L 340 -59.08 29.78 14.87
CA SER L 340 -59.98 29.45 13.78
C SER L 340 -60.64 28.09 14.01
N LYS L 341 -61.87 27.94 13.52
CA LYS L 341 -62.58 26.68 13.70
C LYS L 341 -63.78 26.58 12.78
#